data_9KQ6
#
_entry.id   9KQ6
#
_cell.length_a   69.758
_cell.length_b   134.923
_cell.length_c   234.270
_cell.angle_alpha   90.00
_cell.angle_beta   98.55
_cell.angle_gamma   90.00
#
_symmetry.space_group_name_H-M   'P 1 2 1'
#
loop_
_entity.id
_entity.type
_entity.pdbx_description
1 polymer 'Asparagine synthetase domain-containing protein'
2 water water
#
_entity_poly.entity_id   1
_entity_poly.type   'polypeptide(L)'
_entity_poly.pdbx_seq_one_letter_code
;MTNQYSVKPQLVMFTGGRDSTLAACYLMLQGIPVHLWSGNSGCSLHRGILSHRVEEMKNRFGDLVVGHTVADISGAFRSI
AIEALEQDILKYRKNLVLLGEKLAIHAHLVDFCRRNDINTINDGITHYQMEFPEQRLVAKTFLMEMMAQYDINYQSPVYE
FAQSADDVKYRLLQLGISTKSLEGISIFADSFSTPSDDVVLAYLREKAPLAHNIVNFLAGETLNPPVLNNSAAA
;
_entity_poly.pdbx_strand_id   N,H,D,C,L,A,M,J,F,K,E,I,B,G
#
# COMPACT_ATOMS: atom_id res chain seq x y z
N TYR A 5 3.90 -2.71 32.16
CA TYR A 5 4.09 -1.24 31.93
C TYR A 5 5.11 -1.03 30.80
N SER A 6 6.36 -0.71 31.14
CA SER A 6 7.33 -0.37 30.07
C SER A 6 8.08 -1.60 29.57
N VAL A 7 9.13 -1.38 28.79
CA VAL A 7 9.86 -2.52 28.19
C VAL A 7 11.31 -2.42 28.65
N LYS A 8 12.06 -3.51 28.54
CA LYS A 8 13.50 -3.46 28.86
C LYS A 8 14.14 -2.51 27.86
N PRO A 9 14.85 -1.46 28.32
CA PRO A 9 15.58 -0.59 27.40
C PRO A 9 16.50 -1.34 26.47
N GLN A 10 16.75 -0.77 25.29
CA GLN A 10 17.61 -1.34 24.29
C GLN A 10 18.54 -0.24 23.82
N LEU A 11 19.69 -0.60 23.26
CA LEU A 11 20.67 0.38 22.87
C LEU A 11 20.54 0.66 21.38
N VAL A 12 20.82 1.89 20.99
CA VAL A 12 20.82 2.29 19.57
C VAL A 12 22.20 2.88 19.30
N MET A 13 22.88 2.40 18.26
CA MET A 13 24.20 2.94 17.88
C MET A 13 23.93 4.27 17.21
N PHE A 14 24.03 5.35 17.98
CA PHE A 14 23.62 6.68 17.47
C PHE A 14 24.79 7.54 17.15
N THR A 15 24.77 8.11 15.95
CA THR A 15 25.83 9.00 15.51
C THR A 15 25.35 10.44 15.43
N GLY A 16 24.03 10.66 15.49
CA GLY A 16 23.49 11.97 15.15
C GLY A 16 23.02 12.03 13.69
N GLY A 17 23.29 11.00 12.92
CA GLY A 17 22.80 10.96 11.54
C GLY A 17 21.34 10.62 11.45
N ARG A 18 20.71 11.01 10.36
CA ARG A 18 19.26 10.78 10.17
C ARG A 18 18.88 9.31 10.33
N ASP A 19 19.73 8.42 9.83
CA ASP A 19 19.37 6.98 9.83
C ASP A 19 19.32 6.48 11.28
N SER A 20 20.34 6.81 12.08
CA SER A 20 20.33 6.24 13.44
C SER A 20 19.38 7.08 14.31
N THR A 21 19.24 8.37 14.00
CA THR A 21 18.14 9.15 14.61
C THR A 21 16.79 8.46 14.40
N LEU A 22 16.50 8.09 13.15
CA LEU A 22 15.19 7.51 12.82
C LEU A 22 15.04 6.18 13.52
N ALA A 23 16.11 5.41 13.60
CA ALA A 23 16.02 4.08 14.19
C ALA A 23 15.61 4.22 15.64
N ALA A 24 16.27 5.15 16.33
CA ALA A 24 15.95 5.41 17.74
C ALA A 24 14.52 5.92 17.86
N CYS A 25 14.13 6.91 17.05
CA CYS A 25 12.74 7.40 17.10
C CYS A 25 11.73 6.28 16.84
N TYR A 26 12.01 5.41 15.86
CA TYR A 26 11.08 4.36 15.50
C TYR A 26 10.89 3.44 16.68
N LEU A 27 11.98 3.06 17.38
CA LEU A 27 11.80 2.20 18.54
C LEU A 27 10.97 2.90 19.60
N MET A 28 11.21 4.20 19.81
CA MET A 28 10.52 4.91 20.89
C MET A 28 9.04 5.04 20.57
N LEU A 29 8.69 5.25 19.29
CA LEU A 29 7.30 5.31 18.87
C LEU A 29 6.56 4.04 19.29
N GLN A 30 7.29 2.93 19.40
CA GLN A 30 6.63 1.69 19.78
C GLN A 30 6.61 1.53 21.29
N GLY A 31 7.18 2.48 22.03
CA GLY A 31 7.22 2.36 23.48
C GLY A 31 8.44 1.59 23.99
N ILE A 32 9.50 1.54 23.19
CA ILE A 32 10.75 0.90 23.58
C ILE A 32 11.72 1.99 24.02
N PRO A 33 12.12 2.00 25.31
CA PRO A 33 13.12 2.97 25.75
C PRO A 33 14.48 2.67 25.10
N VAL A 34 15.19 3.70 24.67
CA VAL A 34 16.46 3.49 24.08
C VAL A 34 17.54 4.23 24.87
N HIS A 35 18.66 3.53 25.08
CA HIS A 35 19.93 4.09 25.50
C HIS A 35 20.71 4.46 24.23
N LEU A 36 20.93 5.74 24.00
CA LEU A 36 21.66 6.20 22.83
C LEU A 36 23.17 6.06 23.14
N TRP A 37 23.93 5.35 22.25
CA TRP A 37 25.34 5.12 22.48
C TRP A 37 26.14 5.66 21.30
N SER A 38 27.06 6.61 21.58
CA SER A 38 27.97 7.21 20.61
C SER A 38 29.41 6.86 20.96
N GLY A 39 30.19 6.42 19.97
CA GLY A 39 31.61 6.10 20.11
C GLY A 39 32.44 7.29 19.65
N ASN A 40 33.37 7.76 20.48
CA ASN A 40 34.31 8.78 20.08
C ASN A 40 35.69 8.14 19.95
N SER A 41 36.23 8.16 18.74
CA SER A 41 37.36 7.34 18.33
C SER A 41 38.62 8.18 18.35
N GLY A 42 38.46 9.48 18.63
CA GLY A 42 39.59 10.35 18.85
C GLY A 42 40.01 11.12 17.59
N CYS A 43 39.39 10.77 16.44
CA CYS A 43 39.75 11.40 15.18
C CYS A 43 38.54 12.01 14.49
N SER A 44 37.50 12.33 15.26
CA SER A 44 36.28 12.94 14.73
C SER A 44 36.35 14.45 14.89
N LEU A 45 35.92 15.20 13.89
CA LEU A 45 35.95 16.65 13.96
C LEU A 45 34.52 17.17 14.07
N HIS A 46 34.38 18.33 14.73
CA HIS A 46 33.14 19.11 14.79
C HIS A 46 31.99 18.26 15.29
N ARG A 47 32.14 17.67 16.48
CA ARG A 47 31.15 16.80 17.07
C ARG A 47 30.12 17.55 17.91
N GLY A 48 30.29 18.85 18.14
CA GLY A 48 29.43 19.52 19.12
C GLY A 48 27.93 19.43 18.78
N ILE A 49 27.64 19.48 17.48
CA ILE A 49 26.28 19.60 16.98
C ILE A 49 25.48 18.33 17.31
N LEU A 50 26.14 17.27 17.72
CA LEU A 50 25.45 16.06 18.17
C LEU A 50 24.41 16.37 19.28
N SER A 51 24.79 17.22 20.23
CA SER A 51 23.94 17.46 21.39
C SER A 51 22.64 18.17 20.98
N HIS A 52 22.67 19.01 19.94
CA HIS A 52 21.45 19.59 19.40
C HIS A 52 20.48 18.48 19.03
N ARG A 53 20.98 17.41 18.41
CA ARG A 53 20.13 16.33 17.93
C ARG A 53 19.57 15.55 19.12
N VAL A 54 20.40 15.30 20.14
CA VAL A 54 19.94 14.58 21.33
C VAL A 54 18.80 15.37 21.98
N GLU A 55 18.92 16.70 21.99
CA GLU A 55 17.92 17.57 22.63
C GLU A 55 16.57 17.43 21.91
N GLU A 56 16.56 17.56 20.58
CA GLU A 56 15.36 17.32 19.78
C GLU A 56 14.64 16.04 20.22
N MET A 57 15.40 14.97 20.46
CA MET A 57 14.80 13.66 20.70
C MET A 57 14.23 13.62 22.12
N LYS A 58 14.93 14.19 23.10
CA LYS A 58 14.42 14.33 24.46
C LYS A 58 13.08 15.12 24.45
N ASN A 59 13.10 16.25 23.72
CA ASN A 59 11.93 17.09 23.55
C ASN A 59 10.76 16.26 23.01
N ARG A 60 11.02 15.38 22.02
CA ARG A 60 9.93 14.70 21.33
C ARG A 60 9.50 13.43 22.07
N PHE A 61 10.38 12.75 22.80
CA PHE A 61 10.06 11.44 23.37
C PHE A 61 10.17 11.36 24.89
N GLY A 62 10.77 12.39 25.55
CA GLY A 62 10.88 12.44 26.99
C GLY A 62 11.66 11.26 27.58
N ASP A 63 11.02 10.58 28.53
CA ASP A 63 11.64 9.53 29.35
C ASP A 63 12.07 8.32 28.54
N LEU A 64 11.64 8.22 27.28
CA LEU A 64 11.94 7.03 26.49
C LEU A 64 13.40 7.08 26.02
N VAL A 65 13.98 8.27 25.93
CA VAL A 65 15.43 8.43 25.87
C VAL A 65 15.96 8.23 27.30
N VAL A 66 16.46 7.03 27.59
CA VAL A 66 16.90 6.71 28.93
C VAL A 66 18.32 7.25 29.18
N GLY A 67 19.10 7.53 28.13
CA GLY A 67 20.39 8.15 28.30
C GLY A 67 21.12 8.32 26.97
N HIS A 68 22.19 9.14 27.04
CA HIS A 68 23.16 9.27 25.96
C HIS A 68 24.56 9.03 26.55
N THR A 69 25.23 7.94 26.12
CA THR A 69 26.61 7.64 26.48
C THR A 69 27.51 7.98 25.29
N VAL A 70 28.54 8.82 25.53
CA VAL A 70 29.64 9.01 24.60
C VAL A 70 30.84 8.26 25.17
N ALA A 71 31.28 7.17 24.49
CA ALA A 71 32.40 6.41 25.02
C ALA A 71 33.70 6.76 24.33
N ASP A 72 34.78 6.90 25.11
CA ASP A 72 36.11 7.07 24.54
C ASP A 72 36.56 5.70 24.03
N ILE A 73 36.65 5.50 22.72
CA ILE A 73 37.06 4.22 22.18
C ILE A 73 38.39 4.39 21.46
N SER A 74 39.03 5.55 21.61
CA SER A 74 40.24 5.87 20.90
C SER A 74 41.34 4.82 21.06
N GLY A 75 41.39 4.13 22.21
CA GLY A 75 42.47 3.17 22.45
C GLY A 75 42.28 1.86 21.70
N ALA A 76 41.09 1.30 21.78
CA ALA A 76 40.70 0.13 21.02
C ALA A 76 40.83 0.40 19.52
N PHE A 77 40.45 1.59 19.09
CA PHE A 77 40.53 1.98 17.70
C PHE A 77 41.98 1.99 17.26
N ARG A 78 42.83 2.66 18.04
CA ARG A 78 44.26 2.68 17.82
C ARG A 78 44.80 1.26 17.66
N SER A 79 44.47 0.37 18.61
CA SER A 79 45.06 -0.96 18.63
C SER A 79 44.65 -1.77 17.39
N ILE A 80 43.40 -1.59 16.95
CA ILE A 80 42.80 -2.46 15.96
C ILE A 80 43.17 -1.97 14.56
N ALA A 81 43.20 -0.65 14.36
CA ALA A 81 43.16 -0.09 13.03
C ALA A 81 44.28 0.89 12.72
N ILE A 82 44.98 1.43 13.71
CA ILE A 82 45.96 2.46 13.41
C ILE A 82 47.38 1.94 13.61
N GLU A 83 47.58 1.08 14.61
CA GLU A 83 48.93 0.70 15.02
C GLU A 83 49.66 0.03 13.85
N ALA A 84 48.97 -0.85 13.14
CA ALA A 84 49.49 -1.60 12.02
C ALA A 84 49.00 -1.05 10.67
N LEU A 85 48.94 0.27 10.54
CA LEU A 85 48.30 0.90 9.38
C LEU A 85 49.10 0.60 8.10
N GLU A 86 50.42 0.65 8.17
CA GLU A 86 51.27 0.30 7.06
C GLU A 86 50.98 -1.13 6.61
N GLN A 87 51.14 -2.08 7.53
CA GLN A 87 50.97 -3.48 7.21
C GLN A 87 49.57 -3.69 6.62
N ASP A 88 48.56 -3.07 7.25
CA ASP A 88 47.18 -3.27 6.85
C ASP A 88 46.99 -2.84 5.40
N ILE A 89 47.53 -1.68 5.03
CA ILE A 89 47.25 -1.10 3.73
C ILE A 89 48.06 -1.83 2.67
N LEU A 90 49.33 -2.12 2.97
CA LEU A 90 50.17 -2.86 2.05
C LEU A 90 49.59 -4.25 1.79
N LYS A 91 48.94 -4.86 2.79
CA LYS A 91 48.42 -6.19 2.61
C LYS A 91 47.14 -6.12 1.78
N TYR A 92 46.14 -5.37 2.25
CA TYR A 92 44.83 -5.39 1.62
C TYR A 92 44.73 -4.40 0.46
N ARG A 93 45.68 -3.50 0.34
CA ARG A 93 45.69 -2.54 -0.78
C ARG A 93 44.54 -1.56 -0.58
N LYS A 94 43.99 -1.53 0.63
CA LYS A 94 42.87 -0.63 0.93
C LYS A 94 42.92 -0.06 2.35
N ASN A 95 42.66 1.23 2.52
CA ASN A 95 42.49 1.88 3.80
C ASN A 95 41.17 1.45 4.40
N LEU A 96 41.22 0.48 5.33
CA LEU A 96 40.03 -0.03 5.98
C LEU A 96 39.90 0.51 7.42
N VAL A 97 40.51 1.66 7.70
CA VAL A 97 40.50 2.19 9.05
C VAL A 97 39.09 2.26 9.67
N LEU A 98 38.08 2.68 8.88
CA LEU A 98 36.74 2.87 9.40
C LEU A 98 36.05 1.54 9.63
N LEU A 99 36.51 0.49 9.00
CA LEU A 99 36.00 -0.84 9.31
C LEU A 99 36.55 -1.32 10.66
N GLY A 100 37.81 -1.06 10.86
CA GLY A 100 38.44 -1.20 12.18
C GLY A 100 37.68 -0.42 13.28
N GLU A 101 37.36 0.84 13.00
CA GLU A 101 36.61 1.63 13.97
C GLU A 101 35.35 0.88 14.39
N LYS A 102 34.68 0.24 13.44
CA LYS A 102 33.40 -0.38 13.74
C LYS A 102 33.63 -1.63 14.59
N LEU A 103 34.71 -2.32 14.37
CA LEU A 103 35.07 -3.44 15.24
C LEU A 103 35.42 -2.96 16.67
N ALA A 104 36.16 -1.85 16.78
CA ALA A 104 36.39 -1.21 18.08
C ALA A 104 35.07 -0.85 18.77
N ILE A 105 34.10 -0.31 18.01
CA ILE A 105 32.79 0.02 18.55
C ILE A 105 32.15 -1.22 19.14
N HIS A 106 32.18 -2.34 18.42
CA HIS A 106 31.51 -3.56 18.85
C HIS A 106 32.19 -4.20 20.09
N ALA A 107 33.53 -4.08 20.19
CA ALA A 107 34.24 -4.55 21.37
C ALA A 107 33.75 -3.76 22.61
N HIS A 108 33.75 -2.46 22.50
CA HIS A 108 33.18 -1.62 23.54
C HIS A 108 31.73 -1.93 23.88
N LEU A 109 30.91 -2.33 22.89
CA LEU A 109 29.50 -2.54 23.14
C LEU A 109 29.28 -3.85 23.91
N VAL A 110 30.16 -4.84 23.70
CA VAL A 110 30.06 -6.07 24.50
C VAL A 110 30.22 -5.67 25.97
N ASP A 111 31.26 -4.89 26.26
CA ASP A 111 31.54 -4.53 27.63
C ASP A 111 30.39 -3.69 28.20
N PHE A 112 29.95 -2.70 27.41
CA PHE A 112 28.85 -1.84 27.83
C PHE A 112 27.59 -2.65 28.09
N CYS A 113 27.24 -3.58 27.19
CA CYS A 113 26.01 -4.32 27.36
C CYS A 113 26.10 -5.22 28.57
N ARG A 114 27.23 -5.85 28.81
CA ARG A 114 27.29 -6.84 29.93
C ARG A 114 27.24 -6.08 31.27
N ARG A 115 27.74 -4.85 31.28
CA ARG A 115 27.82 -4.08 32.54
C ARG A 115 26.51 -3.30 32.77
N ASN A 116 25.70 -3.06 31.73
CA ASN A 116 24.45 -2.36 31.99
C ASN A 116 23.21 -3.21 31.72
N ASP A 117 23.36 -4.53 31.64
CA ASP A 117 22.23 -5.40 31.43
C ASP A 117 21.39 -4.99 30.20
N ILE A 118 22.07 -4.79 29.07
CA ILE A 118 21.44 -4.57 27.79
C ILE A 118 21.78 -5.78 26.94
N ASN A 119 20.74 -6.35 26.31
CA ASN A 119 21.06 -7.49 25.45
C ASN A 119 20.47 -7.34 24.05
N THR A 120 19.99 -6.14 23.68
CA THR A 120 19.57 -5.86 22.33
C THR A 120 20.22 -4.55 21.90
N ILE A 121 20.98 -4.56 20.80
CA ILE A 121 21.54 -3.35 20.20
C ILE A 121 20.91 -3.17 18.82
N ASN A 122 20.90 -1.91 18.34
CA ASN A 122 20.22 -1.60 17.10
C ASN A 122 21.13 -0.59 16.38
N ASP A 123 21.20 -0.78 15.02
CA ASP A 123 21.75 0.26 14.20
C ASP A 123 20.68 0.87 13.30
N GLY A 124 21.12 1.86 12.52
CA GLY A 124 20.26 2.58 11.62
C GLY A 124 20.55 2.25 10.16
N ILE A 125 20.79 0.97 9.84
CA ILE A 125 20.75 0.57 8.44
C ILE A 125 19.34 0.81 7.94
N THR A 126 19.21 1.53 6.81
CA THR A 126 17.93 1.83 6.23
C THR A 126 17.78 1.23 4.83
N HIS A 127 18.00 2.11 3.84
CA HIS A 127 18.20 1.78 2.43
C HIS A 127 19.68 1.51 2.11
N TYR A 128 19.93 0.88 0.93
CA TYR A 128 21.24 0.76 0.32
C TYR A 128 22.05 2.07 0.18
N GLN A 129 23.09 2.19 0.99
CA GLN A 129 24.16 3.17 0.85
C GLN A 129 25.50 2.46 0.55
N MET A 130 26.09 2.66 -0.63
CA MET A 130 27.24 1.86 -1.04
C MET A 130 28.50 2.14 -0.21
N GLU A 131 28.60 3.33 0.38
CA GLU A 131 29.84 3.86 0.96
C GLU A 131 30.28 3.01 2.17
N PHE A 132 29.35 2.28 2.81
CA PHE A 132 29.50 1.80 4.17
C PHE A 132 29.74 0.31 4.03
N PRO A 133 31.02 -0.14 4.01
CA PRO A 133 31.36 -1.56 3.99
C PRO A 133 30.66 -2.38 5.06
N GLU A 134 30.57 -1.83 6.26
CA GLU A 134 29.95 -2.47 7.41
C GLU A 134 28.47 -2.75 7.18
N GLN A 135 27.83 -2.21 6.13
CA GLN A 135 26.41 -2.44 5.87
C GLN A 135 26.14 -3.54 4.83
N ARG A 136 27.21 -4.05 4.19
CA ARG A 136 27.08 -5.22 3.33
C ARG A 136 26.88 -6.47 4.18
N LEU A 137 26.11 -7.40 3.61
CA LEU A 137 25.71 -8.61 4.30
C LEU A 137 26.91 -9.28 4.96
N VAL A 138 28.08 -9.28 4.28
CA VAL A 138 29.17 -10.08 4.81
C VAL A 138 29.65 -9.49 6.15
N ALA A 139 29.74 -8.14 6.24
CA ALA A 139 30.16 -7.46 7.45
C ALA A 139 29.08 -7.58 8.52
N LYS A 140 27.82 -7.48 8.13
CA LYS A 140 26.74 -7.54 9.13
C LYS A 140 26.67 -8.96 9.70
N THR A 141 26.84 -9.96 8.84
CA THR A 141 26.79 -11.35 9.31
C THR A 141 27.94 -11.58 10.30
N PHE A 142 29.12 -11.03 10.01
CA PHE A 142 30.24 -11.19 10.92
C PHE A 142 29.90 -10.54 12.29
N LEU A 143 29.36 -9.31 12.24
CA LEU A 143 29.14 -8.54 13.45
C LEU A 143 27.99 -9.12 14.30
N MET A 144 27.03 -9.77 13.61
CA MET A 144 25.94 -10.40 14.36
C MET A 144 26.48 -11.58 15.12
N GLU A 145 27.41 -12.32 14.48
CA GLU A 145 27.99 -13.51 15.08
C GLU A 145 28.79 -13.05 16.28
N MET A 146 29.61 -12.01 16.10
CA MET A 146 30.41 -11.52 17.19
C MET A 146 29.49 -11.19 18.38
N MET A 147 28.39 -10.44 18.14
CA MET A 147 27.57 -10.02 19.26
C MET A 147 26.83 -11.21 19.87
N ALA A 148 26.50 -12.19 19.06
CA ALA A 148 25.76 -13.34 19.54
C ALA A 148 26.64 -14.22 20.41
N GLN A 149 27.98 -14.15 20.23
CA GLN A 149 28.86 -14.95 21.06
C GLN A 149 28.72 -14.54 22.53
N TYR A 150 28.34 -13.24 22.74
CA TYR A 150 28.12 -12.72 24.08
C TYR A 150 26.64 -12.59 24.41
N ASP A 151 25.80 -13.38 23.72
CA ASP A 151 24.36 -13.43 23.94
C ASP A 151 23.77 -12.03 23.76
N ILE A 152 24.28 -11.25 22.81
CA ILE A 152 23.71 -9.95 22.50
C ILE A 152 23.06 -9.99 21.10
N ASN A 153 21.80 -9.55 21.08
CA ASN A 153 20.92 -9.57 19.93
C ASN A 153 21.14 -8.26 19.18
N TYR A 154 21.49 -8.38 17.89
CA TYR A 154 21.78 -7.24 17.03
C TYR A 154 20.68 -7.13 15.99
N GLN A 155 19.96 -5.99 15.99
CA GLN A 155 18.78 -5.75 15.16
C GLN A 155 19.00 -4.50 14.31
N SER A 156 18.23 -4.47 13.21
CA SER A 156 18.19 -3.35 12.31
C SER A 156 16.71 -2.95 12.14
N PRO A 157 16.13 -2.23 13.10
CA PRO A 157 14.67 -2.13 13.16
C PRO A 157 14.00 -1.36 12.00
N VAL A 158 14.78 -0.51 11.34
CA VAL A 158 14.32 0.37 10.29
C VAL A 158 15.00 0.03 8.97
N TYR A 159 15.53 -1.19 8.85
CA TYR A 159 15.99 -1.78 7.60
C TYR A 159 14.89 -1.87 6.52
N GLU A 160 15.09 -1.06 5.49
CA GLU A 160 14.17 -0.92 4.34
C GLU A 160 12.83 -0.32 4.76
N PHE A 161 12.86 0.50 5.80
CA PHE A 161 11.70 1.19 6.31
C PHE A 161 11.39 2.41 5.47
N ALA A 162 12.48 3.12 5.05
CA ALA A 162 12.57 4.09 3.96
C ALA A 162 13.41 3.66 2.72
N GLN A 163 12.95 3.99 1.49
CA GLN A 163 13.62 3.50 0.32
C GLN A 163 14.70 4.46 -0.15
N SER A 164 14.70 5.70 0.38
CA SER A 164 15.70 6.67 -0.06
C SER A 164 16.12 7.62 1.06
N ALA A 165 17.18 8.39 0.88
CA ALA A 165 17.60 9.38 1.82
C ALA A 165 16.48 10.40 2.06
N ASP A 166 15.80 10.86 1.01
CA ASP A 166 14.68 11.79 1.18
C ASP A 166 13.59 11.16 2.05
N ASP A 167 13.39 9.86 1.93
CA ASP A 167 12.34 9.24 2.71
C ASP A 167 12.73 9.27 4.16
N VAL A 168 13.99 9.11 4.58
CA VAL A 168 14.38 9.15 5.97
C VAL A 168 14.17 10.57 6.51
N LYS A 169 14.67 11.58 5.78
CA LYS A 169 14.49 12.96 6.13
C LYS A 169 13.03 13.27 6.47
N TYR A 170 12.11 12.97 5.57
CA TYR A 170 10.72 13.47 5.79
C TYR A 170 9.95 12.61 6.76
N ARG A 171 10.50 11.48 7.16
CA ARG A 171 9.82 10.71 8.22
C ARG A 171 10.22 11.36 9.55
N LEU A 172 11.42 11.96 9.57
CA LEU A 172 11.89 12.66 10.77
C LEU A 172 11.13 13.98 10.85
N LEU A 173 10.90 14.60 9.70
CA LEU A 173 10.18 15.86 9.67
C LEU A 173 8.79 15.64 10.23
N GLN A 174 8.18 14.49 9.93
CA GLN A 174 6.85 14.18 10.42
C GLN A 174 6.84 14.00 11.91
N LEU A 175 8.01 13.80 12.52
CA LEU A 175 8.12 13.63 13.96
C LEU A 175 8.47 14.96 14.61
N GLY A 176 8.70 16.00 13.85
CA GLY A 176 9.07 17.30 14.34
C GLY A 176 10.55 17.36 14.73
N ILE A 177 11.35 16.46 14.13
CA ILE A 177 12.81 16.50 14.22
C ILE A 177 13.38 16.98 12.91
N SER A 178 14.46 17.73 12.99
CA SER A 178 15.18 18.25 11.83
C SER A 178 15.75 17.12 10.96
N THR A 179 16.05 17.47 9.72
CA THR A 179 16.30 16.49 8.67
C THR A 179 17.80 16.29 8.46
N LYS A 180 18.61 17.12 9.14
CA LYS A 180 20.02 17.24 8.83
C LYS A 180 20.77 16.13 9.57
N SER A 181 21.94 15.75 9.04
CA SER A 181 22.82 14.80 9.67
C SER A 181 23.77 15.58 10.57
N LEU A 182 23.49 15.58 11.86
CA LEU A 182 24.21 16.44 12.78
C LEU A 182 25.17 15.54 13.55
N GLU A 183 26.22 15.11 12.85
CA GLU A 183 27.21 14.19 13.38
C GLU A 183 28.58 14.80 13.09
N GLY A 184 29.60 14.32 13.82
CA GLY A 184 30.97 14.75 13.55
C GLY A 184 31.49 14.07 12.29
N ILE A 185 32.54 14.62 11.71
CA ILE A 185 33.20 14.06 10.56
C ILE A 185 34.46 13.34 11.00
N SER A 186 34.65 12.10 10.52
CA SER A 186 35.93 11.40 10.67
C SER A 186 36.94 12.11 9.81
N ILE A 187 38.16 12.24 10.34
CA ILE A 187 39.26 12.81 9.57
C ILE A 187 39.57 11.85 8.42
N PHE A 188 39.14 10.59 8.53
CA PHE A 188 39.38 9.61 7.48
C PHE A 188 38.27 9.56 6.43
N ALA A 189 37.28 10.45 6.50
CA ALA A 189 36.18 10.39 5.54
C ALA A 189 36.70 10.57 4.12
N ASP A 190 36.32 9.67 3.21
CA ASP A 190 36.72 9.76 1.81
C ASP A 190 38.24 9.72 1.70
N SER A 191 38.85 8.80 2.46
CA SER A 191 40.28 8.57 2.41
C SER A 191 40.60 7.15 1.96
N PHE A 192 39.59 6.48 1.40
CA PHE A 192 39.70 5.09 0.97
C PHE A 192 39.04 4.94 -0.39
N SER A 193 39.45 3.89 -1.12
CA SER A 193 38.74 3.39 -2.28
C SER A 193 37.89 2.21 -1.83
N THR A 194 36.98 1.76 -2.72
CA THR A 194 36.03 0.72 -2.40
C THR A 194 36.68 -0.65 -2.35
N PRO A 195 36.51 -1.42 -1.25
CA PRO A 195 37.02 -2.75 -1.16
C PRO A 195 36.00 -3.83 -1.56
N SER A 196 36.55 -4.98 -1.96
CA SER A 196 35.74 -6.16 -2.20
C SER A 196 35.28 -6.77 -0.89
N ASP A 197 34.22 -7.56 -0.98
CA ASP A 197 33.75 -8.41 0.10
C ASP A 197 34.84 -9.31 0.64
N ASP A 198 35.66 -9.92 -0.24
CA ASP A 198 36.65 -10.86 0.23
C ASP A 198 37.56 -10.15 1.22
N VAL A 199 37.93 -8.92 0.87
CA VAL A 199 38.87 -8.11 1.60
C VAL A 199 38.26 -7.64 2.91
N VAL A 200 36.97 -7.28 2.88
CA VAL A 200 36.28 -6.82 4.07
C VAL A 200 36.24 -7.95 5.08
N LEU A 201 35.90 -9.16 4.63
CA LEU A 201 35.76 -10.28 5.54
C LEU A 201 37.12 -10.72 6.11
N ALA A 202 38.16 -10.59 5.30
CA ALA A 202 39.48 -11.07 5.71
C ALA A 202 40.05 -10.13 6.77
N TYR A 203 39.81 -8.81 6.62
CA TYR A 203 40.23 -7.79 7.57
C TYR A 203 39.56 -8.03 8.91
N LEU A 204 38.24 -8.20 8.86
CA LEU A 204 37.45 -8.49 10.04
C LEU A 204 38.02 -9.72 10.77
N ARG A 205 38.25 -10.81 10.02
CA ARG A 205 38.70 -12.06 10.62
C ARG A 205 40.11 -11.96 11.21
N GLU A 206 40.95 -11.13 10.59
CA GLU A 206 42.31 -10.90 11.08
C GLU A 206 42.32 -10.01 12.34
N LYS A 207 41.42 -9.02 12.43
CA LYS A 207 41.37 -8.12 13.59
C LYS A 207 40.50 -8.68 14.73
N ALA A 208 39.69 -9.70 14.45
CA ALA A 208 38.78 -10.18 15.47
C ALA A 208 39.51 -10.58 16.74
N PRO A 209 40.62 -11.38 16.70
CA PRO A 209 41.33 -11.77 17.91
C PRO A 209 41.67 -10.59 18.81
N LEU A 210 42.18 -9.50 18.21
CA LEU A 210 42.44 -8.28 18.94
C LEU A 210 41.16 -7.73 19.59
N ALA A 211 40.03 -7.77 18.85
CA ALA A 211 38.80 -7.21 19.37
C ALA A 211 38.36 -8.00 20.59
N HIS A 212 38.41 -9.33 20.49
CA HIS A 212 37.95 -10.17 21.57
C HIS A 212 38.87 -10.04 22.78
N ASN A 213 40.14 -9.75 22.53
CA ASN A 213 41.12 -9.62 23.58
C ASN A 213 40.81 -8.36 24.39
N ILE A 214 40.47 -7.27 23.66
CA ILE A 214 40.08 -6.01 24.27
C ILE A 214 38.81 -6.21 25.09
N VAL A 215 37.89 -7.04 24.64
CA VAL A 215 36.73 -7.37 25.43
C VAL A 215 37.16 -8.02 26.76
N ASN A 216 38.06 -8.98 26.66
CA ASN A 216 38.55 -9.71 27.83
C ASN A 216 39.23 -8.75 28.83
N PHE A 217 40.04 -7.83 28.33
CA PHE A 217 40.66 -6.81 29.16
C PHE A 217 39.60 -5.95 29.86
N LEU A 218 38.64 -5.39 29.09
CA LEU A 218 37.62 -4.51 29.64
C LEU A 218 36.79 -5.24 30.68
N ALA A 219 36.73 -6.56 30.64
CA ALA A 219 35.97 -7.31 31.63
C ALA A 219 36.86 -7.69 32.84
N GLY A 220 38.11 -7.26 32.82
CA GLY A 220 39.05 -7.56 33.89
C GLY A 220 39.46 -9.03 33.94
N GLU A 221 39.54 -9.71 32.78
CA GLU A 221 39.85 -11.14 32.76
C GLU A 221 41.29 -11.41 32.36
N THR A 222 41.93 -10.51 31.59
CA THR A 222 43.35 -10.68 31.26
C THR A 222 43.99 -9.32 31.00
N LEU A 223 45.32 -9.30 31.10
CA LEU A 223 46.18 -8.21 30.65
C LEU A 223 46.93 -8.59 29.37
N ASN A 224 47.17 -9.90 29.24
CA ASN A 224 48.07 -10.40 28.18
C ASN A 224 47.48 -10.22 26.79
N PRO A 225 48.35 -9.99 25.80
CA PRO A 225 47.89 -9.72 24.43
C PRO A 225 47.32 -10.98 23.82
N PRO A 226 46.70 -10.89 22.64
CA PRO A 226 46.25 -12.09 21.92
C PRO A 226 47.46 -12.71 21.24
N SER B 6 37.42 -9.96 45.71
CA SER B 6 36.28 -9.70 46.62
C SER B 6 35.87 -8.22 46.60
N VAL B 7 34.67 -7.90 47.08
CA VAL B 7 34.23 -6.49 47.16
C VAL B 7 34.94 -5.83 48.35
N LYS B 8 35.74 -6.61 49.08
CA LYS B 8 36.53 -6.06 50.20
C LYS B 8 37.63 -5.20 49.59
N PRO B 9 37.72 -3.92 49.94
CA PRO B 9 38.70 -3.06 49.30
C PRO B 9 40.12 -3.53 49.53
N GLN B 10 41.01 -3.17 48.62
CA GLN B 10 42.42 -3.51 48.70
C GLN B 10 43.18 -2.22 48.44
N LEU B 11 44.42 -2.15 48.93
CA LEU B 11 45.19 -0.93 48.81
C LEU B 11 46.13 -1.07 47.63
N VAL B 12 46.44 0.06 47.01
CA VAL B 12 47.41 0.10 45.92
C VAL B 12 48.40 1.21 46.25
N MET B 13 49.69 0.87 46.16
CA MET B 13 50.75 1.85 46.31
C MET B 13 50.79 2.64 45.02
N PHE B 14 50.24 3.84 45.08
CA PHE B 14 49.96 4.59 43.90
C PHE B 14 50.81 5.84 43.85
N THR B 15 51.59 5.98 42.77
CA THR B 15 52.50 7.11 42.63
C THR B 15 52.00 8.09 41.58
N GLY B 16 51.03 7.69 40.75
CA GLY B 16 50.70 8.43 39.56
C GLY B 16 51.42 7.87 38.32
N GLY B 17 52.35 6.95 38.50
CA GLY B 17 53.03 6.35 37.34
C GLY B 17 52.12 5.42 36.57
N ARG B 18 52.48 5.11 35.33
CA ARG B 18 51.66 4.24 34.46
C ARG B 18 51.50 2.87 35.10
N ASP B 19 52.58 2.37 35.69
CA ASP B 19 52.56 0.99 36.22
C ASP B 19 51.60 0.89 37.40
N SER B 20 51.63 1.84 38.34
CA SER B 20 50.75 1.68 39.48
C SER B 20 49.33 2.10 39.09
N THR B 21 49.22 3.07 38.17
CA THR B 21 47.92 3.37 37.56
C THR B 21 47.28 2.11 36.98
N LEU B 22 48.05 1.36 36.16
CA LEU B 22 47.48 0.19 35.48
C LEU B 22 47.09 -0.85 36.53
N ALA B 23 47.93 -1.01 37.56
CA ALA B 23 47.67 -2.03 38.55
C ALA B 23 46.33 -1.76 39.22
N ALA B 24 46.14 -0.50 39.61
CA ALA B 24 44.88 -0.08 40.24
C ALA B 24 43.71 -0.27 39.27
N CYS B 25 43.84 0.20 38.02
CA CYS B 25 42.77 0.01 37.04
C CYS B 25 42.46 -1.49 36.83
N TYR B 26 43.49 -2.31 36.75
CA TYR B 26 43.28 -3.72 36.49
C TYR B 26 42.47 -4.33 37.63
N LEU B 27 42.80 -4.00 38.88
CA LEU B 27 42.02 -4.52 40.00
C LEU B 27 40.56 -4.04 39.89
N MET B 28 40.36 -2.79 39.52
CA MET B 28 39.00 -2.23 39.48
C MET B 28 38.17 -2.90 38.37
N LEU B 29 38.81 -3.20 37.23
CA LEU B 29 38.15 -3.92 36.15
C LEU B 29 37.59 -5.24 36.65
N GLN B 30 38.19 -5.81 37.68
CA GLN B 30 37.70 -7.08 38.22
C GLN B 30 36.61 -6.85 39.27
N GLY B 31 36.30 -5.59 39.56
CA GLY B 31 35.32 -5.31 40.59
C GLY B 31 35.90 -5.22 41.99
N ILE B 32 37.23 -5.00 42.09
CA ILE B 32 37.89 -4.87 43.38
C ILE B 32 38.07 -3.39 43.68
N PRO B 33 37.41 -2.86 44.73
CA PRO B 33 37.60 -1.46 45.09
C PRO B 33 39.01 -1.23 45.58
N VAL B 34 39.63 -0.12 45.18
CA VAL B 34 40.98 0.15 45.63
C VAL B 34 41.04 1.45 46.40
N HIS B 35 41.77 1.37 47.52
CA HIS B 35 42.19 2.52 48.31
C HIS B 35 43.57 2.92 47.79
N LEU B 36 43.67 4.08 47.16
CA LEU B 36 44.91 4.55 46.59
C LEU B 36 45.74 5.18 47.73
N TRP B 37 47.00 4.74 47.88
CA TRP B 37 47.85 5.20 48.95
C TRP B 37 49.14 5.75 48.35
N SER B 38 49.40 7.05 48.60
CA SER B 38 50.62 7.73 48.19
C SER B 38 51.44 8.11 49.42
N GLY B 39 52.74 7.75 49.38
CA GLY B 39 53.69 8.09 50.42
C GLY B 39 54.49 9.31 49.99
N ASN B 40 54.52 10.33 50.86
CA ASN B 40 55.30 11.53 50.61
C ASN B 40 56.45 11.54 51.62
N SER B 41 57.67 11.47 51.09
CA SER B 41 58.87 11.15 51.84
C SER B 41 59.61 12.44 52.14
N GLY B 42 59.10 13.55 51.62
CA GLY B 42 59.61 14.86 51.93
C GLY B 42 60.61 15.38 50.92
N CYS B 43 61.04 14.53 49.99
CA CYS B 43 62.03 14.93 48.99
C CYS B 43 61.53 14.72 47.56
N SER B 44 60.20 14.76 47.35
CA SER B 44 59.64 14.65 46.01
C SER B 44 59.36 16.03 45.43
N LEU B 45 59.63 16.22 44.14
CA LEU B 45 59.40 17.51 43.50
C LEU B 45 58.22 17.38 42.53
N HIS B 46 57.50 18.50 42.34
CA HIS B 46 56.48 18.66 41.32
C HIS B 46 55.44 17.55 41.39
N ARG B 47 54.80 17.41 42.56
CA ARG B 47 53.82 16.38 42.79
C ARG B 47 52.40 16.79 42.37
N GLY B 48 52.18 18.06 42.00
CA GLY B 48 50.81 18.51 41.74
C GLY B 48 50.08 17.69 40.66
N ILE B 49 50.84 17.26 39.63
CA ILE B 49 50.28 16.62 38.44
C ILE B 49 49.60 15.29 38.80
N LEU B 50 49.92 14.77 40.00
CA LEU B 50 49.28 13.55 40.48
C LEU B 50 47.75 13.66 40.43
N SER B 51 47.18 14.81 40.83
CA SER B 51 45.73 14.92 40.94
C SER B 51 45.04 14.79 39.57
N HIS B 52 45.69 15.23 38.49
CA HIS B 52 45.15 14.97 37.14
C HIS B 52 44.93 13.47 36.94
N ARG B 53 45.90 12.65 37.40
CA ARG B 53 45.81 11.21 37.19
C ARG B 53 44.68 10.62 38.05
N VAL B 54 44.56 11.09 39.30
CA VAL B 54 43.52 10.58 40.18
C VAL B 54 42.15 10.88 39.56
N GLU B 55 42.02 12.04 38.91
CA GLU B 55 40.74 12.45 38.33
C GLU B 55 40.37 11.49 37.20
N GLU B 56 41.29 11.24 36.26
CA GLU B 56 41.07 10.25 35.20
C GLU B 56 40.48 8.96 35.78
N MET B 57 41.00 8.49 36.91
CA MET B 57 40.63 7.19 37.42
C MET B 57 39.24 7.23 38.05
N LYS B 58 38.93 8.31 38.76
CA LYS B 58 37.57 8.53 39.29
C LYS B 58 36.56 8.57 38.14
N ASN B 59 36.90 9.33 37.10
CA ASN B 59 36.09 9.46 35.91
C ASN B 59 35.80 8.07 35.33
N ARG B 60 36.82 7.18 35.29
CA ARG B 60 36.68 5.92 34.59
C ARG B 60 36.04 4.84 35.45
N PHE B 61 36.23 4.88 36.78
CA PHE B 61 35.81 3.77 37.64
C PHE B 61 34.81 4.16 38.73
N GLY B 62 34.64 5.46 39.00
CA GLY B 62 33.66 5.94 39.97
C GLY B 62 33.91 5.42 41.40
N ASP B 63 32.89 4.76 41.98
CA ASP B 63 32.86 4.30 43.36
C ASP B 63 33.98 3.32 43.71
N LEU B 64 34.60 2.71 42.70
CA LEU B 64 35.55 1.65 42.93
C LEU B 64 36.87 2.24 43.41
N VAL B 65 37.14 3.52 43.08
CA VAL B 65 38.14 4.31 43.78
C VAL B 65 37.55 4.72 45.14
N VAL B 66 37.88 3.99 46.20
CA VAL B 66 37.25 4.20 47.49
C VAL B 66 37.92 5.33 48.24
N GLY B 67 39.16 5.71 47.89
CA GLY B 67 39.87 6.76 48.59
C GLY B 67 41.25 7.03 48.03
N HIS B 68 41.80 8.23 48.25
CA HIS B 68 43.20 8.53 48.05
C HIS B 68 43.80 9.12 49.33
N THR B 69 44.71 8.38 49.99
CA THR B 69 45.45 8.84 51.16
C THR B 69 46.88 9.23 50.77
N VAL B 70 47.26 10.47 51.10
CA VAL B 70 48.62 10.94 51.01
C VAL B 70 49.24 10.96 52.41
N ALA B 71 50.21 10.11 52.68
CA ALA B 71 50.78 10.03 54.02
C ALA B 71 52.14 10.68 54.04
N ASP B 72 52.38 11.46 55.11
CA ASP B 72 53.70 11.96 55.43
C ASP B 72 54.52 10.81 55.99
N ILE B 73 55.52 10.34 55.26
CA ILE B 73 56.36 9.25 55.75
C ILE B 73 57.78 9.78 55.93
N SER B 74 57.96 11.08 55.86
CA SER B 74 59.29 11.67 55.88
C SER B 74 60.09 11.29 57.14
N GLY B 75 59.42 10.99 58.27
CA GLY B 75 60.10 10.66 59.51
C GLY B 75 60.75 9.26 59.49
N ALA B 76 59.93 8.27 59.10
CA ALA B 76 60.40 6.92 58.90
C ALA B 76 61.49 6.85 57.83
N PHE B 77 61.33 7.64 56.78
CA PHE B 77 62.29 7.67 55.69
C PHE B 77 63.61 8.20 56.20
N ARG B 78 63.56 9.34 56.92
CA ARG B 78 64.72 9.92 57.55
C ARG B 78 65.43 8.88 58.42
N SER B 79 64.68 8.18 59.28
CA SER B 79 65.30 7.29 60.23
C SER B 79 66.01 6.12 59.55
N ILE B 80 65.42 5.63 58.46
CA ILE B 80 65.85 4.38 57.86
C ILE B 80 67.00 4.65 56.90
N ALA B 81 66.93 5.77 56.16
CA ALA B 81 67.72 5.92 54.95
C ALA B 81 68.56 7.18 54.91
N ILE B 82 68.25 8.20 55.72
CA ILE B 82 68.98 9.46 55.61
C ILE B 82 69.92 9.65 56.79
N GLU B 83 69.53 9.19 57.99
CA GLU B 83 70.23 9.58 59.21
C GLU B 83 71.68 9.10 59.14
N ALA B 84 71.88 7.85 58.67
CA ALA B 84 73.18 7.22 58.60
C ALA B 84 73.67 7.14 57.14
N LEU B 85 73.37 8.17 56.35
CA LEU B 85 73.69 8.15 54.90
C LEU B 85 75.18 7.94 54.70
N GLU B 86 75.99 8.77 55.34
CA GLU B 86 77.47 8.68 55.18
C GLU B 86 77.91 7.22 55.38
N GLN B 87 77.48 6.61 56.47
CA GLN B 87 77.92 5.23 56.77
C GLN B 87 77.33 4.29 55.73
N ASP B 88 76.02 4.38 55.49
CA ASP B 88 75.35 3.52 54.54
C ASP B 88 76.14 3.47 53.24
N ILE B 89 76.58 4.63 52.74
CA ILE B 89 77.18 4.71 51.43
C ILE B 89 78.62 4.19 51.51
N LEU B 90 79.35 4.55 52.56
CA LEU B 90 80.71 4.05 52.76
C LEU B 90 80.70 2.52 52.89
N LYS B 91 79.65 1.94 53.46
CA LYS B 91 79.61 0.51 53.62
C LYS B 91 79.27 -0.15 52.28
N TYR B 92 78.13 0.20 51.70
CA TYR B 92 77.62 -0.51 50.54
C TYR B 92 78.15 0.06 49.23
N ARG B 93 78.77 1.23 49.26
CA ARG B 93 79.31 1.87 48.05
C ARG B 93 78.19 2.22 47.07
N LYS B 94 76.97 2.36 47.59
CA LYS B 94 75.83 2.68 46.75
C LYS B 94 74.86 3.57 47.54
N ASN B 95 74.32 4.56 46.85
CA ASN B 95 73.17 5.31 47.30
C ASN B 95 71.93 4.43 47.17
N LEU B 96 71.52 3.85 48.30
CA LEU B 96 70.36 3.01 48.37
C LEU B 96 69.18 3.71 49.06
N VAL B 97 69.19 5.04 49.03
CA VAL B 97 68.14 5.81 49.68
C VAL B 97 66.73 5.36 49.23
N LEU B 98 66.54 5.08 47.93
CA LEU B 98 65.20 4.79 47.43
C LEU B 98 64.78 3.39 47.83
N LEU B 99 65.73 2.53 48.18
CA LEU B 99 65.34 1.22 48.70
C LEU B 99 64.87 1.38 50.16
N GLY B 100 65.58 2.21 50.92
CA GLY B 100 65.11 2.66 52.21
C GLY B 100 63.71 3.24 52.16
N GLU B 101 63.46 4.14 51.20
CA GLU B 101 62.15 4.74 51.08
C GLU B 101 61.09 3.65 51.02
N LYS B 102 61.36 2.58 50.25
CA LYS B 102 60.33 1.58 50.02
C LYS B 102 60.12 0.77 51.31
N LEU B 103 61.18 0.56 52.10
CA LEU B 103 61.00 -0.09 53.39
C LEU B 103 60.18 0.83 54.34
N ALA B 104 60.47 2.14 54.35
CA ALA B 104 59.66 3.10 55.10
C ALA B 104 58.20 3.04 54.69
N ILE B 105 57.94 2.92 53.36
CA ILE B 105 56.57 2.83 52.87
C ILE B 105 55.90 1.63 53.50
N HIS B 106 56.57 0.48 53.49
CA HIS B 106 55.96 -0.77 53.94
C HIS B 106 55.75 -0.78 55.47
N ALA B 107 56.63 -0.13 56.24
CA ALA B 107 56.44 0.01 57.68
C ALA B 107 55.16 0.80 57.93
N HIS B 108 55.02 1.96 57.29
CA HIS B 108 53.79 2.70 57.38
C HIS B 108 52.55 1.92 56.94
N LEU B 109 52.68 1.01 55.96
CA LEU B 109 51.52 0.31 55.45
C LEU B 109 51.05 -0.77 56.43
N VAL B 110 51.96 -1.34 57.22
CA VAL B 110 51.54 -2.26 58.27
C VAL B 110 50.58 -1.52 59.19
N ASP B 111 51.02 -0.34 59.64
CA ASP B 111 50.19 0.44 60.54
C ASP B 111 48.86 0.82 59.90
N PHE B 112 48.94 1.32 58.66
CA PHE B 112 47.76 1.75 57.92
C PHE B 112 46.82 0.58 57.74
N CYS B 113 47.32 -0.60 57.35
CA CYS B 113 46.44 -1.73 57.07
C CYS B 113 45.77 -2.19 58.35
N ARG B 114 46.54 -2.27 59.46
CA ARG B 114 45.93 -2.76 60.68
C ARG B 114 44.87 -1.78 61.17
N ARG B 115 45.08 -0.48 60.98
CA ARG B 115 44.14 0.50 61.50
C ARG B 115 42.94 0.70 60.56
N ASN B 116 43.00 0.30 59.28
CA ASN B 116 41.85 0.48 58.39
C ASN B 116 41.31 -0.82 57.81
N ASP B 117 41.61 -1.96 58.45
CA ASP B 117 41.00 -3.23 58.03
C ASP B 117 41.29 -3.52 56.55
N ILE B 118 42.55 -3.38 56.14
CA ILE B 118 42.99 -3.78 54.81
C ILE B 118 44.01 -4.90 55.02
N ASN B 119 43.93 -5.99 54.29
CA ASN B 119 44.95 -7.02 54.42
C ASN B 119 45.50 -7.46 53.07
N THR B 120 45.24 -6.71 51.98
CA THR B 120 45.90 -6.95 50.71
C THR B 120 46.42 -5.62 50.19
N ILE B 121 47.74 -5.52 49.94
CA ILE B 121 48.33 -4.34 49.33
C ILE B 121 48.92 -4.72 47.98
N ASN B 122 49.01 -3.74 47.08
CA ASN B 122 49.41 -4.00 45.70
C ASN B 122 50.29 -2.85 45.25
N ASP B 123 51.31 -3.12 44.46
CA ASP B 123 52.03 -2.01 43.83
C ASP B 123 52.08 -2.24 42.32
N GLY B 124 52.78 -1.36 41.60
CA GLY B 124 53.02 -1.54 40.19
C GLY B 124 54.48 -1.76 39.88
N ILE B 125 55.11 -2.67 40.63
CA ILE B 125 56.43 -3.15 40.24
C ILE B 125 56.25 -3.88 38.91
N THR B 126 57.08 -3.52 37.93
CA THR B 126 57.11 -4.17 36.63
C THR B 126 58.49 -4.80 36.37
N HIS B 127 58.44 -5.97 35.72
CA HIS B 127 59.60 -6.66 35.19
C HIS B 127 60.58 -5.73 34.49
N TYR B 128 60.09 -4.82 33.62
CA TYR B 128 60.95 -4.01 32.76
C TYR B 128 61.72 -2.97 33.57
N GLN B 129 61.41 -2.80 34.87
CA GLN B 129 62.12 -1.86 35.74
C GLN B 129 62.96 -2.53 36.84
N MET B 130 63.42 -3.75 36.58
CA MET B 130 64.22 -4.53 37.56
C MET B 130 65.53 -3.82 37.97
N GLU B 131 66.11 -3.00 37.10
CA GLU B 131 67.34 -2.29 37.41
C GLU B 131 67.23 -1.48 38.71
N PHE B 132 66.00 -1.14 39.16
CA PHE B 132 65.82 -0.38 40.38
C PHE B 132 65.59 -1.35 41.56
N PRO B 133 66.36 -1.20 42.67
CA PRO B 133 66.34 -2.16 43.78
C PRO B 133 64.95 -2.50 44.29
N GLU B 134 64.08 -1.47 44.41
CA GLU B 134 62.76 -1.64 44.97
C GLU B 134 61.89 -2.54 44.08
N GLN B 135 62.30 -2.79 42.83
CA GLN B 135 61.50 -3.55 41.88
C GLN B 135 62.13 -4.91 41.58
N ARG B 136 63.30 -5.19 42.12
CA ARG B 136 63.92 -6.49 41.92
C ARG B 136 63.21 -7.55 42.72
N LEU B 137 63.19 -8.77 42.17
CA LEU B 137 62.60 -9.91 42.85
C LEU B 137 63.14 -10.03 44.28
N VAL B 138 64.42 -9.75 44.50
CA VAL B 138 64.99 -10.02 45.79
C VAL B 138 64.35 -9.10 46.84
N ALA B 139 64.15 -7.81 46.49
CA ALA B 139 63.50 -6.86 47.35
C ALA B 139 62.04 -7.20 47.54
N LYS B 140 61.38 -7.57 46.46
CA LYS B 140 59.97 -7.92 46.50
C LYS B 140 59.78 -9.11 47.42
N THR B 141 60.62 -10.14 47.29
CA THR B 141 60.49 -11.36 48.08
C THR B 141 60.69 -11.03 49.56
N PHE B 142 61.65 -10.17 49.85
CA PHE B 142 61.91 -9.77 51.23
C PHE B 142 60.67 -9.08 51.80
N LEU B 143 60.09 -8.16 51.02
CA LEU B 143 58.99 -7.34 51.51
C LEU B 143 57.71 -8.18 51.59
N MET B 144 57.56 -9.23 50.80
CA MET B 144 56.40 -10.10 50.92
C MET B 144 56.48 -10.85 52.24
N GLU B 145 57.69 -11.26 52.61
CA GLU B 145 57.91 -12.00 53.85
C GLU B 145 57.58 -11.04 55.00
N MET B 146 58.13 -9.82 54.93
CA MET B 146 57.87 -8.84 55.95
C MET B 146 56.36 -8.64 56.10
N MET B 147 55.63 -8.46 54.99
CA MET B 147 54.22 -8.14 55.08
C MET B 147 53.44 -9.36 55.58
N ALA B 148 53.92 -10.56 55.24
CA ALA B 148 53.22 -11.77 55.67
C ALA B 148 53.37 -11.99 57.18
N GLN B 149 54.44 -11.45 57.79
CA GLN B 149 54.61 -11.58 59.22
C GLN B 149 53.47 -10.86 59.95
N TYR B 150 52.86 -9.85 59.31
CA TYR B 150 51.71 -9.14 59.87
C TYR B 150 50.41 -9.55 59.18
N ASP B 151 50.38 -10.75 58.57
CA ASP B 151 49.20 -11.28 57.94
C ASP B 151 48.68 -10.32 56.87
N ILE B 152 49.59 -9.65 56.17
CA ILE B 152 49.25 -8.78 55.07
C ILE B 152 49.75 -9.42 53.76
N ASN B 153 48.83 -9.53 52.79
CA ASN B 153 49.12 -10.10 51.49
C ASN B 153 49.64 -9.00 50.58
N TYR B 154 50.86 -9.16 50.06
CA TYR B 154 51.52 -8.19 49.22
C TYR B 154 51.60 -8.77 47.80
N GLN B 155 50.94 -8.11 46.83
CA GLN B 155 50.79 -8.59 45.47
C GLN B 155 51.32 -7.50 44.52
N SER B 156 51.70 -7.92 43.33
CA SER B 156 52.18 -7.03 42.29
C SER B 156 51.44 -7.38 41.00
N PRO B 157 50.19 -6.90 40.83
CA PRO B 157 49.29 -7.50 39.84
C PRO B 157 49.69 -7.35 38.39
N VAL B 158 50.59 -6.41 38.07
CA VAL B 158 51.04 -6.12 36.72
C VAL B 158 52.51 -6.50 36.50
N TYR B 159 53.08 -7.30 37.41
CA TYR B 159 54.50 -7.59 37.41
C TYR B 159 54.89 -8.48 36.23
N GLU B 160 54.20 -9.62 36.09
CA GLU B 160 54.43 -10.58 35.03
C GLU B 160 54.08 -10.03 33.66
N PHE B 161 53.14 -9.09 33.59
CA PHE B 161 52.55 -8.72 32.31
C PHE B 161 53.46 -7.69 31.66
N ALA B 162 53.97 -6.77 32.46
CA ALA B 162 54.66 -5.61 31.91
C ALA B 162 56.11 -5.96 31.55
N GLN B 163 56.31 -6.47 30.32
CA GLN B 163 57.64 -6.77 29.83
C GLN B 163 58.29 -5.54 29.22
N SER B 164 57.50 -4.50 28.96
CA SER B 164 58.02 -3.24 28.42
C SER B 164 57.11 -2.08 28.84
N ALA B 165 57.59 -0.85 28.69
CA ALA B 165 56.75 0.30 28.97
C ALA B 165 55.52 0.32 28.02
N ASP B 166 55.76 0.00 26.75
CA ASP B 166 54.74 0.10 25.72
C ASP B 166 53.53 -0.77 26.08
N ASP B 167 53.79 -1.94 26.74
CA ASP B 167 52.70 -2.81 27.08
C ASP B 167 51.68 -2.08 27.97
N VAL B 168 52.16 -1.41 29.01
CA VAL B 168 51.25 -0.78 29.99
C VAL B 168 50.60 0.45 29.37
N LYS B 169 51.35 1.18 28.58
CA LYS B 169 50.84 2.43 28.01
C LYS B 169 49.58 2.18 27.17
N TYR B 170 49.59 1.15 26.34
CA TYR B 170 48.46 0.99 25.39
C TYR B 170 47.29 0.28 26.03
N ARG B 171 47.53 -0.47 27.10
CA ARG B 171 46.41 -1.07 27.85
C ARG B 171 45.70 0.07 28.61
N LEU B 172 46.41 1.13 28.94
CA LEU B 172 45.82 2.28 29.66
C LEU B 172 45.08 3.13 28.62
N LEU B 173 45.65 3.22 27.42
CA LEU B 173 45.00 3.94 26.36
C LEU B 173 43.64 3.30 26.06
N GLN B 174 43.58 1.98 26.12
CA GLN B 174 42.33 1.29 25.84
C GLN B 174 41.29 1.57 26.93
N LEU B 175 41.72 2.09 28.07
CA LEU B 175 40.82 2.39 29.17
C LEU B 175 40.42 3.86 29.12
N GLY B 176 41.00 4.62 28.19
CA GLY B 176 40.69 6.02 28.05
C GLY B 176 41.42 6.86 29.09
N ILE B 177 42.52 6.31 29.60
CA ILE B 177 43.45 6.99 30.49
C ILE B 177 44.72 7.29 29.71
N SER B 178 45.31 8.45 29.99
CA SER B 178 46.56 8.88 29.39
C SER B 178 47.70 7.92 29.76
N THR B 179 48.77 7.98 28.95
CA THR B 179 49.80 6.95 28.97
C THR B 179 51.01 7.43 29.75
N LYS B 180 50.98 8.70 30.18
CA LYS B 180 52.12 9.38 30.75
C LYS B 180 52.28 8.99 32.21
N SER B 181 53.50 9.12 32.73
CA SER B 181 53.77 8.98 34.16
C SER B 181 53.59 10.34 34.80
N LEU B 182 52.47 10.54 35.47
CA LEU B 182 52.15 11.87 36.00
C LEU B 182 52.37 11.79 37.50
N GLU B 183 53.65 11.71 37.87
CA GLU B 183 54.07 11.49 39.24
C GLU B 183 55.11 12.55 39.56
N GLY B 184 55.36 12.76 40.86
CA GLY B 184 56.44 13.64 41.27
C GLY B 184 57.79 12.97 41.01
N ILE B 185 58.86 13.76 40.96
CA ILE B 185 60.19 13.22 40.83
C ILE B 185 60.88 13.29 42.20
N SER B 186 61.53 12.19 42.60
CA SER B 186 62.41 12.17 43.73
C SER B 186 63.62 13.04 43.40
N ILE B 187 64.10 13.81 44.39
CA ILE B 187 65.31 14.57 44.22
C ILE B 187 66.48 13.59 44.05
N PHE B 188 66.28 12.35 44.48
CA PHE B 188 67.32 11.32 44.38
C PHE B 188 67.24 10.54 43.05
N ALA B 189 66.34 10.91 42.13
CA ALA B 189 66.27 10.25 40.84
C ALA B 189 67.60 10.42 40.10
N ASP B 190 68.15 9.31 39.61
CA ASP B 190 69.39 9.35 38.83
C ASP B 190 70.51 9.93 39.69
N SER B 191 70.55 9.51 40.95
CA SER B 191 71.62 9.89 41.87
C SER B 191 72.34 8.64 42.37
N PHE B 192 72.11 7.50 41.71
CA PHE B 192 72.67 6.24 42.17
C PHE B 192 73.20 5.47 40.97
N SER B 193 74.16 4.59 41.24
CA SER B 193 74.58 3.55 40.33
C SER B 193 73.84 2.27 40.74
N THR B 194 73.88 1.27 39.85
CA THR B 194 73.15 0.03 40.03
C THR B 194 73.85 -0.85 41.07
N PRO B 195 73.12 -1.33 42.10
CA PRO B 195 73.67 -2.25 43.07
C PRO B 195 73.42 -3.72 42.70
N SER B 196 74.22 -4.61 43.27
CA SER B 196 73.97 -6.04 43.18
C SER B 196 72.81 -6.43 44.09
N ASP B 197 72.21 -7.58 43.77
CA ASP B 197 71.23 -8.23 44.62
C ASP B 197 71.79 -8.49 46.02
N ASP B 198 73.04 -8.89 46.14
CA ASP B 198 73.58 -9.22 47.45
C ASP B 198 73.48 -8.00 48.35
N VAL B 199 73.80 -6.83 47.77
CA VAL B 199 73.85 -5.56 48.46
C VAL B 199 72.45 -5.10 48.80
N VAL B 200 71.48 -5.32 47.89
CA VAL B 200 70.10 -4.96 48.11
C VAL B 200 69.58 -5.72 49.33
N LEU B 201 69.83 -7.03 49.36
CA LEU B 201 69.32 -7.87 50.43
C LEU B 201 69.98 -7.54 51.78
N ALA B 202 71.26 -7.16 51.75
CA ALA B 202 72.00 -6.93 52.97
C ALA B 202 71.53 -5.62 53.60
N TYR B 203 71.25 -4.60 52.78
CA TYR B 203 70.75 -3.31 53.22
C TYR B 203 69.38 -3.49 53.87
N LEU B 204 68.52 -4.28 53.25
CA LEU B 204 67.15 -4.46 53.79
C LEU B 204 67.21 -5.18 55.15
N ARG B 205 68.13 -6.14 55.29
CA ARG B 205 68.23 -6.94 56.53
C ARG B 205 68.85 -6.09 57.65
N GLU B 206 69.69 -5.13 57.30
CA GLU B 206 70.30 -4.23 58.30
C GLU B 206 69.26 -3.20 58.73
N LYS B 207 68.41 -2.76 57.80
CA LYS B 207 67.44 -1.73 58.15
C LYS B 207 66.13 -2.34 58.68
N ALA B 208 65.92 -3.64 58.51
CA ALA B 208 64.65 -4.22 58.91
C ALA B 208 64.34 -3.95 60.39
N PRO B 209 65.29 -4.18 61.34
CA PRO B 209 65.01 -3.92 62.75
C PRO B 209 64.44 -2.53 63.02
N LEU B 210 65.02 -1.52 62.38
CA LEU B 210 64.51 -0.16 62.43
C LEU B 210 63.07 -0.09 61.91
N ALA B 211 62.79 -0.80 60.81
CA ALA B 211 61.47 -0.74 60.20
C ALA B 211 60.47 -1.32 61.16
N HIS B 212 60.78 -2.46 61.75
CA HIS B 212 59.85 -3.14 62.63
C HIS B 212 59.63 -2.33 63.91
N ASN B 213 60.66 -1.57 64.30
CA ASN B 213 60.59 -0.77 65.50
C ASN B 213 59.60 0.38 65.27
N ILE B 214 59.71 0.99 64.08
CA ILE B 214 58.81 2.06 63.65
C ILE B 214 57.37 1.55 63.60
N VAL B 215 57.18 0.31 63.18
CA VAL B 215 55.85 -0.29 63.22
C VAL B 215 55.33 -0.34 64.66
N ASN B 216 56.19 -0.80 65.56
CA ASN B 216 55.84 -0.93 66.96
C ASN B 216 55.47 0.42 67.57
N PHE B 217 56.22 1.46 67.25
CA PHE B 217 55.95 2.81 67.71
C PHE B 217 54.59 3.28 67.19
N LEU B 218 54.36 3.18 65.88
CA LEU B 218 53.11 3.64 65.27
C LEU B 218 51.92 2.90 65.86
N ALA B 219 52.11 1.71 66.39
CA ALA B 219 51.01 0.97 67.02
C ALA B 219 50.87 1.31 68.50
N GLY B 220 51.71 2.21 69.01
CA GLY B 220 51.73 2.57 70.41
C GLY B 220 52.15 1.42 71.34
N GLU B 221 53.10 0.60 70.90
CA GLU B 221 53.55 -0.54 71.69
C GLU B 221 54.89 -0.27 72.37
N THR B 222 55.70 0.67 71.84
CA THR B 222 56.94 1.05 72.50
C THR B 222 57.35 2.45 72.05
N LEU B 223 58.23 3.07 72.86
CA LEU B 223 58.98 4.27 72.51
C LEU B 223 60.45 3.94 72.28
N ASN B 224 60.92 2.78 72.79
CA ASN B 224 62.35 2.50 72.85
C ASN B 224 62.87 2.07 71.49
N PRO B 225 64.16 2.35 71.21
CA PRO B 225 64.84 1.86 70.02
C PRO B 225 64.91 0.34 69.92
N PRO B 226 65.28 -0.21 68.73
CA PRO B 226 65.35 -1.64 68.51
C PRO B 226 66.27 -2.28 69.54
N VAL B 227 66.00 -3.52 69.98
CA VAL B 227 66.93 -4.20 70.88
C VAL B 227 68.23 -4.55 70.13
N LEU B 228 68.09 -5.00 68.86
CA LEU B 228 69.14 -5.40 67.90
C LEU B 228 70.32 -6.15 68.53
N ASN B 229 69.99 -7.30 69.16
CA ASN B 229 70.96 -8.28 69.62
C ASN B 229 70.69 -9.63 68.92
N VAL C 7 5.16 -59.81 -39.24
CA VAL C 7 4.69 -58.61 -40.01
C VAL C 7 5.57 -57.42 -39.55
N LYS C 8 6.31 -57.68 -38.48
CA LYS C 8 6.95 -56.63 -37.70
C LYS C 8 8.07 -55.98 -38.51
N PRO C 9 8.04 -54.64 -38.71
CA PRO C 9 9.13 -54.01 -39.45
C PRO C 9 10.48 -54.16 -38.78
N GLN C 10 11.55 -54.15 -39.59
CA GLN C 10 12.91 -54.20 -39.10
C GLN C 10 13.68 -53.07 -39.78
N LEU C 11 14.79 -52.65 -39.20
CA LEU C 11 15.55 -51.52 -39.72
C LEU C 11 16.72 -52.05 -40.51
N VAL C 12 17.15 -51.27 -41.52
CA VAL C 12 18.33 -51.59 -42.28
C VAL C 12 19.22 -50.36 -42.33
N MET C 13 20.50 -50.55 -41.99
CA MET C 13 21.49 -49.48 -42.10
C MET C 13 21.80 -49.33 -43.58
N PHE C 14 21.23 -48.30 -44.17
CA PHE C 14 21.17 -48.21 -45.61
C PHE C 14 21.98 -47.00 -46.07
N THR C 15 22.96 -47.26 -46.94
CA THR C 15 23.85 -46.22 -47.41
C THR C 15 23.57 -45.85 -48.85
N GLY C 16 22.83 -46.70 -49.56
CA GLY C 16 22.66 -46.50 -51.01
C GLY C 16 23.58 -47.47 -51.74
N GLY C 17 24.38 -48.20 -50.99
CA GLY C 17 25.32 -49.18 -51.56
C GLY C 17 24.64 -50.46 -51.94
N ARG C 18 25.25 -51.20 -52.87
CA ARG C 18 24.68 -52.47 -53.35
C ARG C 18 24.46 -53.44 -52.21
N ASP C 19 25.41 -53.47 -51.29
CA ASP C 19 25.36 -54.45 -50.18
C ASP C 19 24.18 -54.13 -49.25
N SER C 20 23.99 -52.87 -48.92
CA SER C 20 22.90 -52.57 -47.99
C SER C 20 21.59 -52.52 -48.78
N THR C 21 21.65 -52.08 -50.05
CA THR C 21 20.49 -52.22 -50.91
C THR C 21 20.02 -53.66 -50.95
N LEU C 22 20.95 -54.61 -51.21
CA LEU C 22 20.57 -56.01 -51.37
C LEU C 22 20.01 -56.53 -50.07
N ALA C 23 20.61 -56.13 -48.94
CA ALA C 23 20.17 -56.66 -47.65
C ALA C 23 18.73 -56.27 -47.44
N ALA C 24 18.42 -55.00 -47.70
CA ALA C 24 17.04 -54.52 -47.59
C ALA C 24 16.13 -55.25 -48.56
N CYS C 25 16.51 -55.35 -49.82
CA CYS C 25 15.69 -56.08 -50.82
C CYS C 25 15.47 -57.54 -50.38
N TYR C 26 16.52 -58.20 -49.87
CA TYR C 26 16.39 -59.59 -49.50
C TYR C 26 15.37 -59.74 -48.40
N LEU C 27 15.40 -58.87 -47.40
CA LEU C 27 14.39 -58.92 -46.34
C LEU C 27 12.99 -58.71 -46.91
N MET C 28 12.85 -57.76 -47.82
CA MET C 28 11.53 -57.43 -48.36
C MET C 28 10.98 -58.59 -49.21
N LEU C 29 11.87 -59.30 -49.94
CA LEU C 29 11.46 -60.46 -50.70
C LEU C 29 10.80 -61.47 -49.81
N GLN C 30 11.17 -61.49 -48.52
CA GLN C 30 10.57 -62.45 -47.60
C GLN C 30 9.28 -61.91 -47.04
N GLY C 31 8.91 -60.68 -47.36
CA GLY C 31 7.73 -60.05 -46.78
C GLY C 31 8.04 -59.40 -45.43
N ILE C 32 9.29 -59.01 -45.18
CA ILE C 32 9.65 -58.25 -44.00
C ILE C 32 9.73 -56.76 -44.36
N PRO C 33 8.84 -55.92 -43.78
CA PRO C 33 8.91 -54.48 -44.05
C PRO C 33 10.16 -53.88 -43.46
N VAL C 34 10.82 -52.98 -44.17
CA VAL C 34 12.05 -52.42 -43.66
C VAL C 34 11.92 -50.91 -43.59
N HIS C 35 12.41 -50.39 -42.44
CA HIS C 35 12.67 -48.97 -42.27
C HIS C 35 14.12 -48.72 -42.68
N LEU C 36 14.33 -47.96 -43.75
CA LEU C 36 15.66 -47.65 -44.22
C LEU C 36 16.22 -46.50 -43.37
N TRP C 37 17.42 -46.67 -42.80
CA TRP C 37 18.02 -45.68 -41.92
C TRP C 37 19.40 -45.30 -42.43
N SER C 38 19.60 -44.02 -42.76
CA SER C 38 20.87 -43.43 -43.19
C SER C 38 21.36 -42.43 -42.15
N GLY C 39 22.63 -42.55 -41.76
CA GLY C 39 23.28 -41.64 -40.85
C GLY C 39 24.09 -40.64 -41.65
N ASN C 40 23.89 -39.35 -41.40
CA ASN C 40 24.68 -38.32 -42.02
C ASN C 40 25.56 -37.68 -40.94
N SER C 41 26.87 -37.79 -41.16
CA SER C 41 27.85 -37.54 -40.11
C SER C 41 28.45 -36.17 -40.30
N GLY C 42 28.04 -35.51 -41.39
CA GLY C 42 28.42 -34.12 -41.62
C GLY C 42 29.65 -33.94 -42.47
N CYS C 43 30.30 -35.05 -42.80
CA CYS C 43 31.51 -35.01 -43.64
C CYS C 43 31.35 -35.91 -44.87
N SER C 44 30.11 -36.14 -45.33
CA SER C 44 29.85 -36.89 -46.54
C SER C 44 29.74 -35.97 -47.74
N LEU C 45 30.31 -36.40 -48.88
CA LEU C 45 30.19 -35.59 -50.07
C LEU C 45 29.24 -36.29 -51.05
N HIS C 46 28.53 -35.47 -51.83
CA HIS C 46 27.74 -35.89 -52.99
C HIS C 46 26.77 -37.01 -52.63
N ARG C 47 25.82 -36.72 -51.75
CA ARG C 47 24.89 -37.78 -51.30
C ARG C 47 23.54 -37.67 -52.04
N GLY C 48 23.42 -36.76 -53.00
CA GLY C 48 22.10 -36.62 -53.62
C GLY C 48 21.62 -37.91 -54.29
N ILE C 49 22.55 -38.67 -54.90
CA ILE C 49 22.25 -39.82 -55.72
C ILE C 49 21.58 -40.92 -54.87
N LEU C 50 21.66 -40.82 -53.56
CA LEU C 50 20.99 -41.78 -52.68
C LEU C 50 19.49 -41.88 -52.99
N SER C 51 18.82 -40.73 -53.25
CA SER C 51 17.38 -40.75 -53.42
C SER C 51 16.98 -41.52 -54.69
N HIS C 52 17.81 -41.49 -55.73
CA HIS C 52 17.57 -42.32 -56.92
C HIS C 52 17.46 -43.79 -56.50
N ARG C 53 18.31 -44.23 -55.58
CA ARG C 53 18.30 -45.65 -55.19
C ARG C 53 17.03 -45.93 -54.38
N VAL C 54 16.68 -45.04 -53.46
CA VAL C 54 15.50 -45.26 -52.64
C VAL C 54 14.28 -45.39 -53.57
N GLU C 55 14.24 -44.61 -54.65
CA GLU C 55 13.12 -44.64 -55.60
C GLU C 55 13.02 -46.01 -56.27
N GLU C 56 14.12 -46.52 -56.80
CA GLU C 56 14.17 -47.88 -57.35
C GLU C 56 13.51 -48.88 -56.41
N MET C 57 13.83 -48.80 -55.12
CA MET C 57 13.32 -49.80 -54.15
C MET C 57 11.82 -49.62 -53.90
N LYS C 58 11.36 -48.39 -53.77
CA LYS C 58 9.94 -48.13 -53.64
C LYS C 58 9.19 -48.70 -54.86
N ASN C 59 9.71 -48.43 -56.05
CA ASN C 59 9.17 -48.93 -57.30
C ASN C 59 9.06 -50.46 -57.25
N ARG C 60 10.09 -51.15 -56.72
CA ARG C 60 10.14 -52.61 -56.77
C ARG C 60 9.34 -53.26 -55.63
N PHE C 61 9.26 -52.62 -54.44
CA PHE C 61 8.69 -53.29 -53.27
C PHE C 61 7.46 -52.57 -52.69
N GLY C 62 7.20 -51.32 -53.07
CA GLY C 62 6.02 -50.57 -52.61
C GLY C 62 5.98 -50.38 -51.09
N ASP C 63 4.90 -50.83 -50.46
CA ASP C 63 4.64 -50.54 -49.03
C ASP C 63 5.61 -51.25 -48.11
N LEU C 64 6.44 -52.15 -48.63
CA LEU C 64 7.36 -52.90 -47.79
C LEU C 64 8.52 -52.00 -47.37
N VAL C 65 8.82 -50.97 -48.17
CA VAL C 65 9.63 -49.85 -47.72
C VAL C 65 8.75 -48.97 -46.86
N VAL C 66 8.86 -49.10 -45.53
CA VAL C 66 8.00 -48.38 -44.60
C VAL C 66 8.46 -46.93 -44.44
N GLY C 67 9.72 -46.62 -44.72
CA GLY C 67 10.25 -45.27 -44.59
C GLY C 67 11.75 -45.22 -44.89
N HIS C 68 12.25 -44.00 -45.12
CA HIS C 68 13.65 -43.67 -45.16
C HIS C 68 13.91 -42.49 -44.20
N THR C 69 14.68 -42.76 -43.11
CA THR C 69 15.14 -41.75 -42.18
C THR C 69 16.62 -41.42 -42.46
N VAL C 70 16.92 -40.14 -42.65
CA VAL C 70 18.27 -39.61 -42.67
C VAL C 70 18.49 -38.89 -41.33
N ALA C 71 19.38 -39.42 -40.47
CA ALA C 71 19.59 -38.80 -39.18
C ALA C 71 20.87 -37.97 -39.17
N ASP C 72 20.78 -36.76 -38.58
CA ASP C 72 21.94 -35.92 -38.36
C ASP C 72 22.68 -36.52 -37.18
N ILE C 73 23.85 -37.14 -37.40
CA ILE C 73 24.59 -37.74 -36.31
C ILE C 73 25.89 -36.98 -36.15
N SER C 74 26.03 -35.84 -36.82
CA SER C 74 27.28 -35.11 -36.82
C SER C 74 27.75 -34.74 -35.41
N GLY C 75 26.84 -34.57 -34.44
CA GLY C 75 27.24 -34.17 -33.09
C GLY C 75 27.86 -35.31 -32.29
N ALA C 76 27.19 -36.46 -32.27
CA ALA C 76 27.74 -37.69 -31.70
C ALA C 76 29.07 -38.07 -32.36
N PHE C 77 29.21 -37.83 -33.66
CA PHE C 77 30.46 -38.16 -34.39
C PHE C 77 31.59 -37.28 -33.92
N ARG C 78 31.39 -35.97 -33.96
CA ARG C 78 32.43 -35.02 -33.51
C ARG C 78 32.83 -35.34 -32.08
N SER C 79 31.88 -35.71 -31.24
CA SER C 79 32.16 -35.93 -29.80
C SER C 79 32.96 -37.22 -29.58
N ILE C 80 32.73 -38.22 -30.41
CA ILE C 80 33.36 -39.52 -30.22
C ILE C 80 34.71 -39.55 -30.92
N ALA C 81 34.79 -38.93 -32.11
CA ALA C 81 35.86 -39.25 -33.05
C ALA C 81 36.64 -38.03 -33.52
N ILE C 82 36.10 -36.83 -33.43
CA ILE C 82 36.78 -35.67 -34.01
C ILE C 82 37.39 -34.78 -32.94
N GLU C 83 36.70 -34.66 -31.80
CA GLU C 83 37.08 -33.70 -30.77
C GLU C 83 38.51 -33.95 -30.29
N ALA C 84 38.84 -35.23 -30.07
CA ALA C 84 40.18 -35.62 -29.58
C ALA C 84 41.02 -36.27 -30.69
N LEU C 85 40.97 -35.69 -31.90
CA LEU C 85 41.55 -36.33 -33.06
C LEU C 85 43.09 -36.44 -32.94
N GLU C 86 43.73 -35.38 -32.42
CA GLU C 86 45.16 -35.41 -32.19
C GLU C 86 45.50 -36.55 -31.23
N GLN C 87 44.89 -36.53 -30.04
CA GLN C 87 45.18 -37.50 -29.01
C GLN C 87 44.95 -38.90 -29.56
N ASP C 88 43.83 -39.08 -30.27
CA ASP C 88 43.46 -40.39 -30.80
C ASP C 88 44.55 -40.92 -31.74
N ILE C 89 45.04 -40.08 -32.62
CA ILE C 89 45.94 -40.52 -33.67
C ILE C 89 47.34 -40.74 -33.06
N LEU C 90 47.77 -39.80 -32.22
CA LEU C 90 49.06 -39.93 -31.54
C LEU C 90 49.10 -41.18 -30.66
N LYS C 91 47.95 -41.57 -30.08
CA LYS C 91 47.93 -42.72 -29.20
C LYS C 91 47.98 -43.99 -30.05
N TYR C 92 47.01 -44.15 -30.94
CA TYR C 92 46.87 -45.41 -31.65
C TYR C 92 47.72 -45.48 -32.91
N ARG C 93 48.26 -44.35 -33.32
CA ARG C 93 49.08 -44.32 -34.56
C ARG C 93 48.23 -44.75 -35.74
N LYS C 94 46.91 -44.51 -35.71
CA LYS C 94 46.00 -44.78 -36.80
C LYS C 94 44.84 -43.79 -36.78
N ASN C 95 44.45 -43.34 -37.97
CA ASN C 95 43.22 -42.61 -38.18
C ASN C 95 42.07 -43.59 -38.10
N LEU C 96 41.40 -43.62 -36.94
CA LEU C 96 40.26 -44.49 -36.71
C LEU C 96 38.95 -43.72 -36.72
N VAL C 97 38.92 -42.58 -37.41
CA VAL C 97 37.72 -41.75 -37.44
C VAL C 97 36.47 -42.54 -37.83
N LEU C 98 36.60 -43.41 -38.85
CA LEU C 98 35.44 -44.11 -39.38
C LEU C 98 34.97 -45.21 -38.42
N LEU C 99 35.83 -45.64 -37.52
CA LEU C 99 35.38 -46.58 -36.50
C LEU C 99 34.55 -45.84 -35.45
N GLY C 100 35.01 -44.65 -35.10
CA GLY C 100 34.21 -43.72 -34.31
C GLY C 100 32.84 -43.44 -34.94
N GLU C 101 32.83 -43.16 -36.24
CA GLU C 101 31.57 -42.92 -36.92
C GLU C 101 30.61 -44.07 -36.67
N LYS C 102 31.11 -45.30 -36.68
CA LYS C 102 30.22 -46.44 -36.59
C LYS C 102 29.69 -46.57 -35.16
N LEU C 103 30.49 -46.19 -34.19
CA LEU C 103 30.01 -46.12 -32.81
C LEU C 103 28.90 -45.02 -32.67
N ALA C 104 29.12 -43.86 -33.28
CA ALA C 104 28.11 -42.82 -33.33
C ALA C 104 26.80 -43.32 -33.97
N ILE C 105 26.93 -44.10 -35.06
CA ILE C 105 25.78 -44.65 -35.74
C ILE C 105 24.98 -45.51 -34.75
N HIS C 106 25.67 -46.37 -34.03
CA HIS C 106 25.03 -47.35 -33.16
C HIS C 106 24.41 -46.69 -31.92
N ALA C 107 25.01 -45.61 -31.41
CA ALA C 107 24.40 -44.83 -30.33
C ALA C 107 23.07 -44.27 -30.79
N HIS C 108 23.06 -43.62 -31.94
CA HIS C 108 21.82 -43.15 -32.53
C HIS C 108 20.79 -44.24 -32.75
N LEU C 109 21.22 -45.45 -33.10
CA LEU C 109 20.25 -46.49 -33.45
C LEU C 109 19.58 -47.06 -32.20
N VAL C 110 20.30 -47.04 -31.04
CA VAL C 110 19.66 -47.44 -29.80
C VAL C 110 18.46 -46.53 -29.55
N ASP C 111 18.71 -45.22 -29.67
CA ASP C 111 17.67 -44.26 -29.41
C ASP C 111 16.52 -44.44 -30.40
N PHE C 112 16.88 -44.54 -31.70
CA PHE C 112 15.90 -44.69 -32.75
C PHE C 112 15.07 -45.96 -32.53
N CYS C 113 15.72 -47.08 -32.20
CA CYS C 113 14.99 -48.33 -32.08
C CYS C 113 14.06 -48.27 -30.88
N ARG C 114 14.52 -47.73 -29.76
CA ARG C 114 13.68 -47.68 -28.58
C ARG C 114 12.49 -46.78 -28.83
N ARG C 115 12.68 -45.69 -29.57
CA ARG C 115 11.58 -44.74 -29.75
C ARG C 115 10.63 -45.17 -30.88
N ASN C 116 11.01 -46.10 -31.78
CA ASN C 116 10.09 -46.53 -32.82
C ASN C 116 9.75 -48.02 -32.74
N ASP C 117 9.97 -48.65 -31.59
CA ASP C 117 9.57 -50.03 -31.37
C ASP C 117 10.13 -50.95 -32.46
N ILE C 118 11.43 -50.85 -32.71
CA ILE C 118 12.17 -51.73 -33.59
C ILE C 118 13.17 -52.46 -32.70
N ASN C 119 13.27 -53.77 -32.87
CA ASN C 119 14.27 -54.47 -32.08
C ASN C 119 15.17 -55.37 -32.94
N THR C 120 15.12 -55.22 -34.27
CA THR C 120 16.04 -55.92 -35.16
C THR C 120 16.60 -54.89 -36.13
N ILE C 121 17.94 -54.74 -36.16
CA ILE C 121 18.61 -53.91 -37.14
C ILE C 121 19.46 -54.81 -38.04
N ASN C 122 19.72 -54.34 -39.25
CA ASN C 122 20.42 -55.13 -40.26
C ASN C 122 21.36 -54.20 -41.00
N ASP C 123 22.57 -54.68 -41.33
CA ASP C 123 23.39 -53.91 -42.26
C ASP C 123 23.72 -54.78 -43.47
N GLY C 124 24.51 -54.23 -44.39
CA GLY C 124 24.98 -54.99 -45.52
C GLY C 124 26.48 -55.29 -45.47
N ILE C 125 26.98 -55.68 -44.32
CA ILE C 125 28.37 -56.08 -44.26
C ILE C 125 28.49 -57.36 -45.05
N THR C 126 29.49 -57.38 -45.96
CA THR C 126 29.81 -58.52 -46.80
C THR C 126 31.23 -59.01 -46.51
N HIS C 127 31.39 -60.35 -46.59
CA HIS C 127 32.71 -61.02 -46.53
C HIS C 127 33.77 -60.30 -47.38
N TYR C 128 33.42 -59.95 -48.64
CA TYR C 128 34.41 -59.47 -49.60
C TYR C 128 34.89 -58.07 -49.24
N GLN C 129 34.29 -57.41 -48.23
CA GLN C 129 34.69 -56.06 -47.84
C GLN C 129 35.31 -55.99 -46.44
N MET C 130 35.91 -57.11 -45.99
CA MET C 130 36.37 -57.20 -44.60
C MET C 130 37.48 -56.19 -44.21
N GLU C 131 38.24 -55.65 -45.18
CA GLU C 131 39.49 -54.95 -44.89
C GLU C 131 39.30 -53.66 -44.09
N PHE C 132 38.09 -53.08 -44.07
CA PHE C 132 37.81 -51.83 -43.40
C PHE C 132 37.35 -52.06 -41.96
N PRO C 133 37.95 -51.35 -40.97
CA PRO C 133 37.71 -51.62 -39.56
C PRO C 133 36.26 -51.72 -39.14
N GLU C 134 35.41 -50.84 -39.68
CA GLU C 134 33.99 -50.81 -39.34
C GLU C 134 33.27 -52.11 -39.76
N GLN C 135 33.89 -52.90 -40.64
CA GLN C 135 33.27 -54.09 -41.21
C GLN C 135 33.99 -55.36 -40.76
N ARG C 136 35.08 -55.22 -39.98
CA ARG C 136 35.81 -56.37 -39.48
C ARG C 136 34.99 -57.06 -38.41
N LEU C 137 35.15 -58.39 -38.34
CA LEU C 137 34.43 -59.19 -37.39
C LEU C 137 34.61 -58.63 -35.97
N VAL C 138 35.79 -58.12 -35.65
CA VAL C 138 36.04 -57.73 -34.28
C VAL C 138 35.15 -56.54 -33.91
N ALA C 139 35.00 -55.57 -34.83
CA ALA C 139 34.14 -54.41 -34.60
C ALA C 139 32.66 -54.84 -34.60
N LYS C 140 32.30 -55.72 -35.51
CA LYS C 140 30.93 -56.19 -35.60
C LYS C 140 30.56 -56.91 -34.31
N THR C 141 31.44 -57.77 -33.80
CA THR C 141 31.18 -58.54 -32.58
C THR C 141 30.99 -57.58 -31.40
N PHE C 142 31.81 -56.53 -31.34
CA PHE C 142 31.70 -55.54 -30.28
C PHE C 142 30.31 -54.86 -30.38
N LEU C 143 29.91 -54.48 -31.59
CA LEU C 143 28.69 -53.74 -31.81
C LEU C 143 27.45 -54.62 -31.64
N MET C 144 27.56 -55.92 -31.84
CA MET C 144 26.45 -56.80 -31.55
C MET C 144 26.23 -56.86 -30.06
N GLU C 145 27.31 -56.77 -29.30
CA GLU C 145 27.20 -56.82 -27.82
C GLU C 145 26.55 -55.52 -27.32
N MET C 146 26.99 -54.38 -27.83
CA MET C 146 26.38 -53.09 -27.45
C MET C 146 24.88 -53.17 -27.71
N MET C 147 24.48 -53.57 -28.91
CA MET C 147 23.04 -53.56 -29.26
C MET C 147 22.32 -54.59 -28.40
N ALA C 148 22.98 -55.71 -28.09
CA ALA C 148 22.29 -56.70 -27.29
C ALA C 148 22.07 -56.20 -25.86
N GLN C 149 22.91 -55.28 -25.39
CA GLN C 149 22.75 -54.73 -24.05
C GLN C 149 21.43 -53.95 -23.98
N TYR C 150 20.94 -53.45 -25.12
CA TYR C 150 19.66 -52.76 -25.21
C TYR C 150 18.55 -53.65 -25.79
N ASP C 151 18.76 -54.96 -25.77
CA ASP C 151 17.81 -55.94 -26.30
C ASP C 151 17.51 -55.64 -27.77
N ILE C 152 18.53 -55.21 -28.51
CA ILE C 152 18.40 -55.02 -29.95
C ILE C 152 19.22 -56.08 -30.69
N ASN C 153 18.56 -56.78 -31.61
CA ASN C 153 19.14 -57.86 -32.39
C ASN C 153 19.80 -57.27 -33.62
N TYR C 154 21.12 -57.50 -33.78
CA TYR C 154 21.88 -56.97 -34.90
C TYR C 154 22.25 -58.12 -35.83
N GLN C 155 21.79 -58.05 -37.08
CA GLN C 155 21.93 -59.13 -38.07
C GLN C 155 22.58 -58.56 -39.34
N SER C 156 23.19 -59.45 -40.12
CA SER C 156 23.87 -59.07 -41.35
C SER C 156 23.42 -59.99 -42.48
N PRO C 157 22.24 -59.78 -43.05
CA PRO C 157 21.56 -60.83 -43.83
C PRO C 157 22.24 -61.23 -45.13
N VAL C 158 23.23 -60.49 -45.63
CA VAL C 158 23.84 -60.83 -46.94
C VAL C 158 25.33 -61.17 -46.75
N TYR C 159 25.79 -61.39 -45.52
CA TYR C 159 27.25 -61.58 -45.28
C TYR C 159 27.71 -62.94 -45.79
N GLU C 160 26.96 -63.98 -45.48
CA GLU C 160 27.38 -65.36 -45.84
C GLU C 160 27.26 -65.58 -47.34
N PHE C 161 26.67 -64.63 -48.05
CA PHE C 161 26.39 -64.90 -49.46
C PHE C 161 27.43 -64.16 -50.29
N ALA C 162 27.76 -62.93 -49.88
CA ALA C 162 28.53 -62.07 -50.74
C ALA C 162 30.03 -62.40 -50.69
N GLN C 163 30.45 -63.31 -51.57
CA GLN C 163 31.86 -63.65 -51.70
C GLN C 163 32.57 -62.68 -52.65
N SER C 164 31.81 -61.93 -53.44
CA SER C 164 32.39 -60.96 -54.36
C SER C 164 31.38 -59.85 -54.64
N ALA C 165 31.84 -58.74 -55.21
CA ALA C 165 30.95 -57.66 -55.57
C ALA C 165 29.97 -58.14 -56.64
N ASP C 166 30.46 -58.92 -57.61
CA ASP C 166 29.66 -59.34 -58.75
C ASP C 166 28.44 -60.12 -58.28
N ASP C 167 28.57 -60.89 -57.18
CA ASP C 167 27.44 -61.66 -56.71
C ASP C 167 26.27 -60.74 -56.36
N VAL C 168 26.56 -59.65 -55.64
CA VAL C 168 25.56 -58.72 -55.15
C VAL C 168 24.96 -57.98 -56.34
N LYS C 169 25.82 -57.46 -57.22
CA LYS C 169 25.39 -56.76 -58.42
C LYS C 169 24.31 -57.54 -59.18
N TYR C 170 24.52 -58.83 -59.40
CA TYR C 170 23.73 -59.55 -60.40
C TYR C 170 22.44 -59.95 -59.71
N ARG C 171 22.43 -60.05 -58.40
CA ARG C 171 21.19 -60.27 -57.66
C ARG C 171 20.34 -59.00 -57.72
N LEU C 172 20.97 -57.83 -57.73
CA LEU C 172 20.23 -56.59 -57.81
C LEU C 172 19.61 -56.49 -59.19
N LEU C 173 20.38 -56.89 -60.19
CA LEU C 173 19.94 -56.80 -61.58
C LEU C 173 18.70 -57.70 -61.74
N GLN C 174 18.67 -58.84 -61.07
CA GLN C 174 17.55 -59.75 -61.17
C GLN C 174 16.30 -59.16 -60.55
N LEU C 175 16.47 -58.11 -59.74
CA LEU C 175 15.35 -57.46 -59.09
C LEU C 175 14.92 -56.25 -59.90
N GLY C 176 15.64 -55.92 -60.98
CA GLY C 176 15.32 -54.79 -61.80
C GLY C 176 15.81 -53.49 -61.18
N ILE C 177 16.80 -53.60 -60.28
CA ILE C 177 17.47 -52.46 -59.66
C ILE C 177 18.88 -52.37 -60.23
N SER C 178 19.38 -51.16 -60.37
CA SER C 178 20.72 -50.88 -60.86
C SER C 178 21.79 -51.46 -59.93
N THR C 179 23.00 -51.63 -60.46
CA THR C 179 24.04 -52.42 -59.81
C THR C 179 25.05 -51.49 -59.13
N LYS C 180 24.89 -50.17 -59.32
CA LYS C 180 25.90 -49.21 -58.95
C LYS C 180 25.78 -48.88 -57.45
N SER C 181 26.88 -48.46 -56.83
CA SER C 181 26.85 -48.00 -55.45
C SER C 181 26.53 -46.50 -55.46
N LEU C 182 25.30 -46.14 -55.16
CA LEU C 182 24.87 -44.76 -55.29
C LEU C 182 24.79 -44.18 -53.89
N GLU C 183 25.97 -43.95 -53.32
CA GLU C 183 26.09 -43.49 -51.94
C GLU C 183 27.01 -42.28 -51.94
N GLY C 184 26.97 -41.50 -50.87
CA GLY C 184 27.89 -40.38 -50.70
C GLY C 184 29.24 -40.92 -50.29
N ILE C 185 30.30 -40.13 -50.52
CA ILE C 185 31.63 -40.51 -50.09
C ILE C 185 31.99 -39.71 -48.84
N SER C 186 32.53 -40.44 -47.83
CA SER C 186 33.18 -39.80 -46.71
C SER C 186 34.41 -39.04 -47.19
N ILE C 187 34.61 -37.85 -46.63
CA ILE C 187 35.81 -37.09 -46.91
C ILE C 187 37.01 -37.86 -46.33
N PHE C 188 36.75 -38.78 -45.39
CA PHE C 188 37.81 -39.56 -44.78
C PHE C 188 38.10 -40.87 -45.53
N ALA C 189 37.44 -41.12 -46.66
CA ALA C 189 37.67 -42.35 -47.40
C ALA C 189 39.12 -42.33 -47.87
N ASP C 190 39.81 -43.46 -47.64
CA ASP C 190 41.18 -43.65 -48.10
C ASP C 190 42.07 -42.57 -47.47
N SER C 191 41.85 -42.30 -46.18
CA SER C 191 42.66 -41.38 -45.39
C SER C 191 43.32 -42.10 -44.22
N PHE C 192 43.32 -43.43 -44.26
CA PHE C 192 43.84 -44.24 -43.16
C PHE C 192 44.65 -45.38 -43.76
N SER C 193 45.57 -45.92 -42.97
CA SER C 193 46.19 -47.21 -43.22
C SER C 193 45.49 -48.23 -42.34
N THR C 194 45.79 -49.52 -42.57
CA THR C 194 45.12 -50.61 -41.89
C THR C 194 45.59 -50.75 -40.44
N PRO C 195 44.65 -50.78 -39.47
CA PRO C 195 44.99 -51.01 -38.08
C PRO C 195 44.90 -52.47 -37.66
N SER C 196 45.59 -52.82 -36.58
CA SER C 196 45.46 -54.14 -36.00
C SER C 196 44.13 -54.25 -35.23
N ASP C 197 43.70 -55.50 -35.04
CA ASP C 197 42.58 -55.81 -34.16
C ASP C 197 42.81 -55.27 -32.75
N ASP C 198 44.02 -55.35 -32.20
CA ASP C 198 44.25 -54.90 -30.84
C ASP C 198 43.82 -53.44 -30.73
N VAL C 199 44.21 -52.66 -31.75
CA VAL C 199 44.00 -51.22 -31.81
C VAL C 199 42.51 -50.90 -32.00
N VAL C 200 41.83 -51.69 -32.83
CA VAL C 200 40.43 -51.50 -33.10
C VAL C 200 39.66 -51.70 -31.81
N LEU C 201 39.97 -52.77 -31.09
CA LEU C 201 39.23 -53.11 -29.87
C LEU C 201 39.50 -52.09 -28.77
N ALA C 202 40.72 -51.55 -28.72
CA ALA C 202 41.09 -50.65 -27.66
C ALA C 202 40.39 -49.31 -27.84
N TYR C 203 40.28 -48.85 -29.10
CA TYR C 203 39.60 -47.62 -29.46
C TYR C 203 38.13 -47.71 -29.10
N LEU C 204 37.51 -48.82 -29.46
CA LEU C 204 36.08 -49.01 -29.15
C LEU C 204 35.88 -48.98 -27.63
N ARG C 205 36.74 -49.65 -26.89
CA ARG C 205 36.56 -49.76 -25.42
C ARG C 205 36.80 -48.39 -24.76
N GLU C 206 37.66 -47.57 -25.35
CA GLU C 206 37.95 -46.21 -24.81
C GLU C 206 36.79 -45.25 -25.17
N LYS C 207 36.15 -45.44 -26.33
CA LYS C 207 35.09 -44.53 -26.72
C LYS C 207 33.71 -45.05 -26.28
N ALA C 208 33.61 -46.29 -25.86
CA ALA C 208 32.30 -46.85 -25.53
C ALA C 208 31.59 -46.01 -24.46
N PRO C 209 32.24 -45.62 -23.33
CA PRO C 209 31.58 -44.78 -22.34
C PRO C 209 30.91 -43.54 -22.92
N LEU C 210 31.60 -42.84 -23.82
CA LEU C 210 31.04 -41.72 -24.57
C LEU C 210 29.80 -42.15 -25.36
N ALA C 211 29.85 -43.33 -26.01
CA ALA C 211 28.73 -43.76 -26.82
C ALA C 211 27.52 -43.98 -25.94
N HIS C 212 27.72 -44.67 -24.84
CA HIS C 212 26.61 -45.00 -23.95
C HIS C 212 26.05 -43.75 -23.27
N ASN C 213 26.92 -42.76 -23.10
CA ASN C 213 26.52 -41.52 -22.47
C ASN C 213 25.59 -40.78 -23.42
N ILE C 214 25.94 -40.75 -24.70
CA ILE C 214 25.14 -40.16 -25.75
C ILE C 214 23.78 -40.84 -25.84
N VAL C 215 23.75 -42.16 -25.64
CA VAL C 215 22.48 -42.86 -25.58
C VAL C 215 21.63 -42.32 -24.44
N ASN C 216 22.26 -42.18 -23.26
CA ASN C 216 21.59 -41.69 -22.06
C ASN C 216 21.02 -40.29 -22.27
N PHE C 217 21.81 -39.41 -22.90
CA PHE C 217 21.35 -38.06 -23.22
C PHE C 217 20.15 -38.11 -24.16
N LEU C 218 20.26 -38.84 -25.28
CA LEU C 218 19.20 -38.89 -26.28
C LEU C 218 17.93 -39.46 -25.68
N ALA C 219 18.02 -40.23 -24.60
CA ALA C 219 16.83 -40.77 -23.95
C ALA C 219 16.30 -39.80 -22.88
N GLY C 220 16.95 -38.64 -22.71
CA GLY C 220 16.60 -37.68 -21.68
C GLY C 220 16.83 -38.16 -20.25
N GLU C 221 17.88 -38.98 -20.03
CA GLU C 221 18.13 -39.54 -18.70
C GLU C 221 19.25 -38.81 -17.95
N THR C 222 20.16 -38.13 -18.67
CA THR C 222 21.17 -37.30 -18.03
C THR C 222 21.62 -36.23 -19.02
N LEU C 223 22.25 -35.17 -18.45
CA LEU C 223 23.00 -34.17 -19.19
C LEU C 223 24.49 -34.33 -18.93
N ASN C 224 24.88 -35.05 -17.88
CA ASN C 224 26.27 -35.04 -17.43
C ASN C 224 27.14 -35.92 -18.29
N PRO C 225 28.43 -35.55 -18.46
CA PRO C 225 29.41 -36.40 -19.16
C PRO C 225 29.64 -37.75 -18.49
N PRO C 226 30.29 -38.69 -19.21
CA PRO C 226 30.55 -40.03 -18.70
C PRO C 226 31.28 -40.02 -17.35
N VAL C 227 32.54 -39.55 -17.29
CA VAL C 227 33.23 -39.55 -16.01
C VAL C 227 32.75 -38.28 -15.26
N LEU C 228 32.68 -37.13 -15.97
CA LEU C 228 32.68 -35.80 -15.36
C LEU C 228 33.98 -35.63 -14.58
N TYR D 5 -18.48 29.02 59.03
CA TYR D 5 -19.79 28.95 58.33
C TYR D 5 -20.84 28.74 59.43
N SER D 6 -20.82 29.67 60.41
CA SER D 6 -22.01 29.94 61.19
C SER D 6 -23.15 30.28 60.23
N VAL D 7 -23.02 31.39 59.51
CA VAL D 7 -24.18 31.93 58.80
C VAL D 7 -23.89 31.76 57.33
N LYS D 8 -24.92 31.41 56.54
CA LYS D 8 -24.79 31.30 55.10
C LYS D 8 -24.47 32.66 54.49
N PRO D 9 -23.39 32.81 53.71
CA PRO D 9 -23.09 34.08 53.08
C PRO D 9 -24.19 34.55 52.15
N GLN D 10 -24.31 35.87 52.00
CA GLN D 10 -25.29 36.49 51.15
C GLN D 10 -24.56 37.51 50.32
N LEU D 11 -25.14 37.88 49.18
CA LEU D 11 -24.47 38.79 48.27
C LEU D 11 -25.07 40.19 48.50
N VAL D 12 -24.25 41.20 48.22
CA VAL D 12 -24.69 42.55 48.24
C VAL D 12 -24.25 43.19 46.92
N MET D 13 -25.22 43.87 46.27
CA MET D 13 -24.91 44.64 45.09
C MET D 13 -24.22 45.90 45.55
N PHE D 14 -22.89 45.93 45.40
CA PHE D 14 -22.09 46.93 46.03
C PHE D 14 -21.45 47.84 45.00
N THR D 15 -21.70 49.15 45.09
CA THR D 15 -21.19 50.10 44.13
C THR D 15 -20.08 50.95 44.72
N GLY D 16 -19.91 50.92 46.04
CA GLY D 16 -19.08 51.91 46.71
C GLY D 16 -19.89 53.09 47.24
N GLY D 17 -21.18 53.18 46.87
CA GLY D 17 -22.01 54.26 47.37
C GLY D 17 -22.32 54.09 48.86
N ARG D 18 -22.67 55.17 49.54
CA ARG D 18 -22.97 55.09 50.98
C ARG D 18 -24.10 54.11 51.25
N ASP D 19 -25.04 53.98 50.34
CA ASP D 19 -26.25 53.21 50.58
C ASP D 19 -25.91 51.73 50.59
N SER D 20 -25.17 51.27 49.57
CA SER D 20 -24.88 49.84 49.48
C SER D 20 -23.77 49.50 50.48
N THR D 21 -22.87 50.45 50.74
CA THR D 21 -21.95 50.30 51.86
C THR D 21 -22.71 50.00 53.15
N LEU D 22 -23.72 50.80 53.47
CA LEU D 22 -24.45 50.64 54.73
C LEU D 22 -25.17 49.31 54.74
N ALA D 23 -25.73 48.91 53.60
CA ALA D 23 -26.49 47.69 53.56
C ALA D 23 -25.59 46.52 53.91
N ALA D 24 -24.41 46.51 53.30
CA ALA D 24 -23.43 45.46 53.56
C ALA D 24 -22.98 45.52 55.02
N CYS D 25 -22.62 46.71 55.53
CA CYS D 25 -22.23 46.82 56.95
C CYS D 25 -23.33 46.31 57.87
N TYR D 26 -24.60 46.70 57.58
CA TYR D 26 -25.68 46.34 58.46
C TYR D 26 -25.81 44.83 58.51
N LEU D 27 -25.72 44.13 57.36
CA LEU D 27 -25.81 42.68 57.41
C LEU D 27 -24.64 42.10 58.22
N MET D 28 -23.44 42.65 58.07
CA MET D 28 -22.27 42.09 58.74
C MET D 28 -22.39 42.30 60.27
N LEU D 29 -22.94 43.45 60.69
CA LEU D 29 -23.17 43.71 62.10
C LEU D 29 -24.03 42.62 62.71
N GLN D 30 -24.85 41.97 61.91
CA GLN D 30 -25.70 40.91 62.42
C GLN D 30 -24.97 39.59 62.39
N GLY D 31 -23.75 39.55 61.89
CA GLY D 31 -23.04 38.29 61.70
C GLY D 31 -23.40 37.56 60.40
N ILE D 32 -23.86 38.28 59.39
CA ILE D 32 -24.08 37.68 58.08
C ILE D 32 -22.90 37.97 57.16
N PRO D 33 -22.12 36.97 56.74
CA PRO D 33 -21.02 37.21 55.81
C PRO D 33 -21.53 37.66 54.46
N VAL D 34 -20.88 38.65 53.84
CA VAL D 34 -21.37 39.14 52.59
C VAL D 34 -20.26 38.97 51.55
N HIS D 35 -20.71 38.51 50.37
CA HIS D 35 -19.95 38.60 49.14
C HIS D 35 -20.32 39.91 48.46
N LEU D 36 -19.35 40.84 48.34
CA LEU D 36 -19.58 42.09 47.68
C LEU D 36 -19.48 41.87 46.16
N TRP D 37 -20.50 42.29 45.40
CA TRP D 37 -20.55 42.11 43.96
C TRP D 37 -20.73 43.46 43.27
N SER D 38 -19.77 43.86 42.42
CA SER D 38 -19.79 45.07 41.60
C SER D 38 -19.84 44.69 40.12
N GLY D 39 -20.77 45.30 39.37
CA GLY D 39 -20.92 45.15 37.96
C GLY D 39 -20.22 46.29 37.23
N ASN D 40 -19.37 45.94 36.27
CA ASN D 40 -18.72 46.92 35.42
C ASN D 40 -19.31 46.80 34.01
N SER D 41 -19.96 47.85 33.55
CA SER D 41 -20.82 47.82 32.39
C SER D 41 -20.06 48.41 31.20
N GLY D 42 -18.86 48.89 31.46
CA GLY D 42 -17.97 49.35 30.41
C GLY D 42 -18.05 50.87 30.17
N CYS D 43 -18.99 51.53 30.84
CA CYS D 43 -19.24 52.95 30.63
C CYS D 43 -19.07 53.77 31.91
N SER D 44 -18.36 53.25 32.92
CA SER D 44 -18.20 53.91 34.19
C SER D 44 -16.89 54.69 34.21
N LEU D 45 -16.92 55.91 34.77
CA LEU D 45 -15.73 56.71 34.85
C LEU D 45 -15.24 56.74 36.28
N HIS D 46 -13.90 56.78 36.43
CA HIS D 46 -13.21 57.05 37.70
C HIS D 46 -13.69 56.08 38.79
N ARG D 47 -13.46 54.80 38.52
CA ARG D 47 -13.86 53.71 39.41
C ARG D 47 -12.80 53.40 40.47
N GLY D 48 -11.60 53.96 40.37
CA GLY D 48 -10.51 53.52 41.23
C GLY D 48 -10.83 53.64 42.73
N ILE D 49 -11.55 54.72 43.09
CA ILE D 49 -11.78 55.08 44.50
C ILE D 49 -12.61 54.01 45.20
N LEU D 50 -13.24 53.11 44.43
CA LEU D 50 -13.97 52.00 45.02
C LEU D 50 -13.10 51.19 45.99
N SER D 51 -11.82 50.94 45.65
CA SER D 51 -10.99 50.08 46.48
C SER D 51 -10.71 50.70 47.86
N HIS D 52 -10.63 52.04 47.94
CA HIS D 52 -10.55 52.71 49.25
C HIS D 52 -11.73 52.28 50.13
N ARG D 53 -12.93 52.20 49.53
CA ARG D 53 -14.12 51.87 50.30
C ARG D 53 -14.09 50.43 50.75
N VAL D 54 -13.66 49.52 49.86
CA VAL D 54 -13.58 48.09 50.19
C VAL D 54 -12.62 47.93 51.37
N GLU D 55 -11.52 48.71 51.39
CA GLU D 55 -10.51 48.58 52.43
C GLU D 55 -11.09 48.95 53.79
N GLU D 56 -11.75 50.11 53.83
CA GLU D 56 -12.45 50.55 55.06
C GLU D 56 -13.33 49.43 55.61
N MET D 57 -14.08 48.73 54.77
CA MET D 57 -15.05 47.72 55.26
C MET D 57 -14.33 46.48 55.79
N LYS D 58 -13.24 46.09 55.14
CA LYS D 58 -12.45 44.90 55.58
C LYS D 58 -11.80 45.24 56.92
N ASN D 59 -11.20 46.42 57.02
CA ASN D 59 -10.65 46.90 58.27
C ASN D 59 -11.68 46.73 59.38
N ARG D 60 -12.97 47.09 59.11
CA ARG D 60 -13.97 47.17 60.16
C ARG D 60 -14.61 45.81 60.45
N PHE D 61 -14.71 44.91 59.44
CA PHE D 61 -15.47 43.68 59.64
C PHE D 61 -14.65 42.40 59.46
N GLY D 62 -13.46 42.50 58.85
CA GLY D 62 -12.57 41.34 58.69
C GLY D 62 -13.16 40.24 57.84
N ASP D 63 -13.20 39.03 58.40
CA ASP D 63 -13.62 37.80 57.71
C ASP D 63 -15.05 37.84 57.19
N LEU D 64 -15.85 38.79 57.65
CA LEU D 64 -17.27 38.80 57.30
C LEU D 64 -17.45 39.33 55.87
N VAL D 65 -16.47 40.12 55.38
CA VAL D 65 -16.30 40.36 53.97
C VAL D 65 -15.66 39.11 53.36
N VAL D 66 -16.46 38.25 52.74
CA VAL D 66 -15.99 36.99 52.20
C VAL D 66 -15.32 37.21 50.85
N GLY D 67 -15.62 38.30 50.14
CA GLY D 67 -15.02 38.57 48.84
C GLY D 67 -15.56 39.84 48.21
N HIS D 68 -14.83 40.38 47.21
CA HIS D 68 -15.30 41.38 46.29
C HIS D 68 -15.09 40.86 44.85
N THR D 69 -16.21 40.65 44.12
CA THR D 69 -16.23 40.31 42.71
C THR D 69 -16.57 41.57 41.89
N VAL D 70 -15.71 41.90 40.92
CA VAL D 70 -16.02 42.87 39.87
C VAL D 70 -16.32 42.08 38.59
N ALA D 71 -17.56 42.08 38.12
CA ALA D 71 -17.90 41.34 36.92
C ALA D 71 -17.99 42.24 35.69
N ASP D 72 -17.42 41.76 34.58
CA ASP D 72 -17.54 42.43 33.29
C ASP D 72 -18.93 42.11 32.79
N ILE D 73 -19.85 43.07 32.77
CA ILE D 73 -21.19 42.80 32.28
C ILE D 73 -21.42 43.61 31.01
N SER D 74 -20.38 44.21 30.47
CA SER D 74 -20.50 45.09 29.32
C SER D 74 -21.18 44.41 28.12
N GLY D 75 -21.08 43.07 27.98
CA GLY D 75 -21.68 42.38 26.85
C GLY D 75 -23.20 42.27 26.94
N ALA D 76 -23.68 41.79 28.08
CA ALA D 76 -25.09 41.76 28.42
C ALA D 76 -25.71 43.16 28.37
N PHE D 77 -24.94 44.19 28.71
CA PHE D 77 -25.44 45.58 28.71
C PHE D 77 -25.67 46.05 27.29
N ARG D 78 -24.68 45.86 26.41
CA ARG D 78 -24.81 46.24 24.98
C ARG D 78 -26.00 45.50 24.37
N SER D 79 -26.13 44.23 24.66
CA SER D 79 -27.19 43.41 24.04
C SER D 79 -28.57 43.88 24.51
N ILE D 80 -28.68 44.34 25.75
CA ILE D 80 -29.99 44.63 26.31
C ILE D 80 -30.34 46.08 25.99
N ALA D 81 -29.38 46.98 26.07
CA ALA D 81 -29.65 48.40 26.25
C ALA D 81 -28.99 49.29 25.22
N ILE D 82 -27.93 48.84 24.56
CA ILE D 82 -27.19 49.76 23.68
C ILE D 82 -27.41 49.41 22.22
N GLU D 83 -27.55 48.13 21.89
CA GLU D 83 -27.53 47.71 20.48
C GLU D 83 -28.68 48.37 19.73
N ALA D 84 -29.87 48.40 20.37
CA ALA D 84 -31.08 48.96 19.80
C ALA D 84 -31.42 50.33 20.42
N LEU D 85 -30.41 51.17 20.63
CA LEU D 85 -30.59 52.41 21.36
C LEU D 85 -31.49 53.38 20.60
N GLU D 86 -31.33 53.46 19.28
CA GLU D 86 -32.20 54.26 18.46
C GLU D 86 -33.66 53.81 18.62
N GLN D 87 -33.92 52.53 18.33
CA GLN D 87 -35.25 51.97 18.39
C GLN D 87 -35.83 52.23 19.76
N ASP D 88 -35.03 51.97 20.80
CA ASP D 88 -35.49 52.08 22.19
C ASP D 88 -35.97 53.51 22.48
N ILE D 89 -35.21 54.50 22.05
CA ILE D 89 -35.47 55.88 22.43
C ILE D 89 -36.65 56.41 21.58
N LEU D 90 -36.63 56.09 20.29
CA LEU D 90 -37.73 56.49 19.40
C LEU D 90 -39.04 55.87 19.87
N LYS D 91 -39.01 54.66 20.44
CA LYS D 91 -40.24 54.02 20.85
C LYS D 91 -40.73 54.65 22.16
N TYR D 92 -39.92 54.58 23.21
CA TYR D 92 -40.41 55.03 24.53
C TYR D 92 -40.18 56.52 24.74
N ARG D 93 -39.51 57.17 23.80
CA ARG D 93 -39.22 58.61 23.94
C ARG D 93 -38.48 58.85 25.25
N LYS D 94 -37.73 57.86 25.71
CA LYS D 94 -36.98 58.01 26.98
C LYS D 94 -35.68 57.18 26.97
N ASN D 95 -34.56 57.80 27.32
CA ASN D 95 -33.31 57.10 27.51
C ASN D 95 -33.43 56.25 28.75
N LEU D 96 -33.69 54.95 28.55
CA LEU D 96 -33.80 54.00 29.66
C LEU D 96 -32.56 53.10 29.73
N VAL D 97 -31.43 53.58 29.23
CA VAL D 97 -30.21 52.79 29.27
C VAL D 97 -29.89 52.22 30.66
N LEU D 98 -30.05 53.04 31.71
CA LEU D 98 -29.67 52.60 33.05
C LEU D 98 -30.67 51.60 33.62
N LEU D 99 -31.86 51.55 33.07
CA LEU D 99 -32.77 50.50 33.46
C LEU D 99 -32.35 49.16 32.84
N GLY D 100 -31.97 49.23 31.58
CA GLY D 100 -31.30 48.11 30.92
C GLY D 100 -30.09 47.61 31.70
N GLU D 101 -29.23 48.55 32.13
CA GLU D 101 -28.06 48.14 32.91
C GLU D 101 -28.48 47.27 34.08
N LYS D 102 -29.57 47.64 34.73
CA LYS D 102 -29.95 46.94 35.96
C LYS D 102 -30.48 45.55 35.61
N LEU D 103 -31.12 45.41 34.48
CA LEU D 103 -31.52 44.09 34.01
C LEU D 103 -30.29 43.21 33.63
N ALA D 104 -29.30 43.81 32.98
CA ALA D 104 -28.02 43.13 32.75
C ALA D 104 -27.38 42.67 34.06
N ILE D 105 -27.44 43.53 35.10
CA ILE D 105 -26.87 43.19 36.40
C ILE D 105 -27.56 41.95 36.93
N HIS D 106 -28.88 41.91 36.86
CA HIS D 106 -29.66 40.82 37.44
C HIS D 106 -29.51 39.50 36.67
N ALA D 107 -29.32 39.58 35.35
CA ALA D 107 -29.02 38.39 34.54
C ALA D 107 -27.72 37.75 35.04
N HIS D 108 -26.68 38.57 35.14
CA HIS D 108 -25.42 38.08 35.66
C HIS D 108 -25.54 37.56 37.08
N LEU D 109 -26.43 38.12 37.93
CA LEU D 109 -26.50 37.69 39.31
C LEU D 109 -27.17 36.32 39.44
N VAL D 110 -28.11 36.00 38.51
CA VAL D 110 -28.69 34.66 38.51
C VAL D 110 -27.56 33.66 38.32
N ASP D 111 -26.72 33.90 37.32
CA ASP D 111 -25.64 32.99 37.00
C ASP D 111 -24.68 32.90 38.17
N PHE D 112 -24.30 34.07 38.71
CA PHE D 112 -23.36 34.13 39.84
C PHE D 112 -23.93 33.38 41.03
N CYS D 113 -25.20 33.60 41.35
CA CYS D 113 -25.78 32.96 42.52
C CYS D 113 -25.86 31.46 42.34
N ARG D 114 -26.27 31.01 41.17
CA ARG D 114 -26.39 29.57 40.93
C ARG D 114 -25.01 28.91 41.02
N ARG D 115 -23.98 29.60 40.54
CA ARG D 115 -22.65 28.99 40.51
C ARG D 115 -21.92 29.12 41.85
N ASN D 116 -22.34 30.00 42.76
CA ASN D 116 -21.66 30.12 44.07
C ASN D 116 -22.56 29.79 45.25
N ASP D 117 -23.70 29.11 45.01
CA ASP D 117 -24.56 28.66 46.08
C ASP D 117 -24.98 29.83 46.98
N ILE D 118 -25.43 30.92 46.38
CA ILE D 118 -25.98 32.07 47.08
C ILE D 118 -27.43 32.15 46.65
N ASN D 119 -28.34 32.32 47.60
CA ASN D 119 -29.72 32.48 47.23
C ASN D 119 -30.37 33.71 47.86
N THR D 120 -29.58 34.61 48.45
CA THR D 120 -30.11 35.88 48.94
C THR D 120 -29.19 36.99 48.42
N ILE D 121 -29.76 37.93 47.65
CA ILE D 121 -29.03 39.10 47.19
C ILE D 121 -29.64 40.34 47.84
N ASN D 122 -28.83 41.39 47.99
CA ASN D 122 -29.24 42.58 48.72
C ASN D 122 -28.71 43.78 47.97
N ASP D 123 -29.47 44.86 47.89
CA ASP D 123 -28.89 46.10 47.40
C ASP D 123 -29.09 47.20 48.43
N GLY D 124 -28.66 48.41 48.10
CA GLY D 124 -28.88 49.58 48.91
C GLY D 124 -29.84 50.55 48.27
N ILE D 125 -30.93 50.06 47.71
CA ILE D 125 -31.96 50.98 47.23
C ILE D 125 -32.55 51.66 48.46
N THR D 126 -32.61 53.00 48.38
CA THR D 126 -33.15 53.82 49.45
C THR D 126 -34.37 54.60 48.97
N HIS D 127 -35.34 54.72 49.89
CA HIS D 127 -36.52 55.59 49.74
C HIS D 127 -36.15 56.95 49.14
N TYR D 128 -35.09 57.61 49.66
CA TYR D 128 -34.79 58.99 49.33
C TYR D 128 -34.25 59.10 47.91
N GLN D 129 -34.02 58.00 47.21
CA GLN D 129 -33.49 58.01 45.84
C GLN D 129 -34.51 57.53 44.77
N MET D 130 -35.82 57.59 45.12
CA MET D 130 -36.82 56.92 44.29
C MET D 130 -36.98 57.47 42.86
N GLU D 131 -36.55 58.70 42.56
CA GLU D 131 -36.71 59.32 41.26
C GLU D 131 -36.05 58.56 40.10
N PHE D 132 -35.08 57.69 40.39
CA PHE D 132 -34.37 56.92 39.38
C PHE D 132 -35.05 55.58 39.13
N PRO D 133 -35.34 55.22 37.85
CA PRO D 133 -36.12 54.04 37.51
C PRO D 133 -35.67 52.75 38.18
N GLU D 134 -34.36 52.55 38.26
CA GLU D 134 -33.78 51.35 38.86
C GLU D 134 -34.13 51.22 40.35
N GLN D 135 -34.60 52.29 40.98
CA GLN D 135 -34.87 52.24 42.44
C GLN D 135 -36.38 52.46 42.70
N ARG D 136 -37.14 52.84 41.66
CA ARG D 136 -38.62 53.00 41.77
C ARG D 136 -39.28 51.64 41.99
N LEU D 137 -40.14 51.53 43.00
CA LEU D 137 -40.75 50.24 43.37
C LEU D 137 -41.21 49.41 42.16
N VAL D 138 -41.64 50.04 41.07
CA VAL D 138 -42.17 49.22 40.00
C VAL D 138 -41.03 48.33 39.42
N ALA D 139 -39.83 48.90 39.28
CA ALA D 139 -38.67 48.16 38.79
C ALA D 139 -38.22 47.14 39.82
N LYS D 140 -38.22 47.54 41.10
CA LYS D 140 -37.81 46.64 42.16
C LYS D 140 -38.75 45.44 42.19
N THR D 141 -40.06 45.67 42.10
CA THR D 141 -41.05 44.60 42.17
C THR D 141 -40.85 43.65 40.99
N PHE D 142 -40.56 44.20 39.81
CA PHE D 142 -40.33 43.38 38.64
C PHE D 142 -39.11 42.49 38.89
N LEU D 143 -38.02 43.08 39.41
CA LEU D 143 -36.77 42.38 39.58
C LEU D 143 -36.86 41.37 40.71
N MET D 144 -37.71 41.58 41.71
CA MET D 144 -37.90 40.58 42.75
C MET D 144 -38.56 39.34 42.15
N GLU D 145 -39.51 39.58 41.24
CA GLU D 145 -40.25 38.50 40.60
C GLU D 145 -39.26 37.72 39.74
N MET D 146 -38.47 38.45 38.95
CA MET D 146 -37.47 37.83 38.12
C MET D 146 -36.57 36.96 38.98
N MET D 147 -36.06 37.49 40.10
CA MET D 147 -35.09 36.74 40.90
C MET D 147 -35.78 35.55 41.56
N ALA D 148 -37.04 35.70 41.90
CA ALA D 148 -37.76 34.62 42.56
C ALA D 148 -38.03 33.45 41.60
N GLN D 149 -38.06 33.73 40.30
CA GLN D 149 -38.28 32.66 39.33
C GLN D 149 -37.09 31.69 39.38
N TYR D 150 -35.91 32.17 39.81
CA TYR D 150 -34.74 31.32 39.98
C TYR D 150 -34.47 31.00 41.45
N ASP D 151 -35.50 31.08 42.28
CA ASP D 151 -35.42 30.75 43.71
C ASP D 151 -34.35 31.64 44.38
N ILE D 152 -34.21 32.89 43.94
CA ILE D 152 -33.31 33.82 44.56
C ILE D 152 -34.10 34.91 45.27
N ASN D 153 -33.78 35.10 46.56
CA ASN D 153 -34.45 36.07 47.44
C ASN D 153 -33.74 37.40 47.28
N TYR D 154 -34.50 38.43 46.90
CA TYR D 154 -33.98 39.77 46.65
C TYR D 154 -34.50 40.69 47.76
N GLN D 155 -33.58 41.27 48.55
CA GLN D 155 -33.91 42.07 49.72
C GLN D 155 -33.23 43.43 49.58
N SER D 156 -33.78 44.43 50.26
CA SER D 156 -33.26 45.78 50.24
C SER D 156 -33.12 46.28 51.68
N PRO D 157 -32.08 45.85 52.43
CA PRO D 157 -32.10 45.95 53.89
C PRO D 157 -32.11 47.35 54.47
N VAL D 158 -31.77 48.38 53.68
CA VAL D 158 -31.76 49.75 54.18
C VAL D 158 -32.85 50.63 53.53
N TYR D 159 -33.85 49.99 52.91
CA TYR D 159 -34.82 50.68 52.08
C TYR D 159 -35.76 51.55 52.93
N GLU D 160 -36.38 50.90 53.96
CA GLU D 160 -37.30 51.55 54.87
C GLU D 160 -36.61 52.61 55.72
N PHE D 161 -35.32 52.44 56.01
CA PHE D 161 -34.68 53.22 57.07
C PHE D 161 -34.25 54.55 56.45
N ALA D 162 -33.75 54.50 55.22
CA ALA D 162 -33.08 55.65 54.66
C ALA D 162 -34.10 56.66 54.10
N GLN D 163 -34.53 57.58 54.96
CA GLN D 163 -35.45 58.64 54.56
C GLN D 163 -34.67 59.83 54.00
N SER D 164 -33.36 59.87 54.27
CA SER D 164 -32.53 60.97 53.76
C SER D 164 -31.08 60.48 53.65
N ALA D 165 -30.26 61.22 52.90
CA ALA D 165 -28.86 60.87 52.80
C ALA D 165 -28.20 60.96 54.18
N ASP D 166 -28.53 62.00 54.97
CA ASP D 166 -27.89 62.24 56.24
C ASP D 166 -28.01 61.04 57.18
N ASP D 167 -29.19 60.36 57.10
CA ASP D 167 -29.38 59.21 57.97
C ASP D 167 -28.29 58.15 57.73
N VAL D 168 -28.02 57.85 56.45
CA VAL D 168 -27.10 56.79 56.06
C VAL D 168 -25.68 57.23 56.42
N LYS D 169 -25.32 58.46 56.10
CA LYS D 169 -23.95 58.96 56.33
C LYS D 169 -23.48 58.87 57.79
N TYR D 170 -24.33 59.18 58.76
CA TYR D 170 -23.85 59.26 60.17
C TYR D 170 -23.92 57.91 60.82
N ARG D 171 -24.69 57.00 60.25
CA ARG D 171 -24.69 55.61 60.76
C ARG D 171 -23.39 54.95 60.25
N LEU D 172 -22.89 55.39 59.10
CA LEU D 172 -21.59 54.90 58.60
C LEU D 172 -20.50 55.51 59.46
N LEU D 173 -20.64 56.77 59.80
CA LEU D 173 -19.66 57.46 60.63
C LEU D 173 -19.55 56.74 61.97
N GLN D 174 -20.66 56.25 62.49
CA GLN D 174 -20.66 55.56 63.77
C GLN D 174 -19.92 54.23 63.66
N LEU D 175 -19.68 53.75 62.44
CA LEU D 175 -18.96 52.51 62.24
C LEU D 175 -17.50 52.79 61.95
N GLY D 176 -17.13 54.04 61.84
CA GLY D 176 -15.77 54.42 61.53
C GLY D 176 -15.47 54.29 60.04
N ILE D 177 -16.52 54.30 59.22
CA ILE D 177 -16.43 54.38 57.77
C ILE D 177 -16.79 55.78 57.30
N SER D 178 -16.10 56.27 56.29
CA SER D 178 -16.32 57.56 55.67
C SER D 178 -17.73 57.65 55.06
N THR D 179 -18.20 58.87 54.85
CA THR D 179 -19.60 59.13 54.57
C THR D 179 -19.80 59.39 53.09
N LYS D 180 -18.69 59.42 52.33
CA LYS D 180 -18.73 59.82 50.93
C LYS D 180 -19.19 58.65 50.07
N SER D 181 -19.76 58.94 48.90
CA SER D 181 -20.08 57.95 47.88
C SER D 181 -18.83 57.80 47.01
N LEU D 182 -18.09 56.72 47.22
CA LEU D 182 -16.83 56.54 46.52
C LEU D 182 -17.07 55.49 45.44
N GLU D 183 -17.85 55.91 44.42
CA GLU D 183 -18.27 55.01 43.35
C GLU D 183 -17.91 55.69 42.04
N GLY D 184 -17.83 54.89 40.97
CA GLY D 184 -17.59 55.43 39.65
C GLY D 184 -18.88 56.09 39.14
N ILE D 185 -18.75 57.01 38.17
CA ILE D 185 -19.90 57.62 37.57
C ILE D 185 -20.17 57.01 36.20
N SER D 186 -21.44 56.65 35.94
CA SER D 186 -21.88 56.31 34.61
C SER D 186 -21.74 57.51 33.70
N ILE D 187 -21.30 57.26 32.47
CA ILE D 187 -21.23 58.30 31.46
C ILE D 187 -22.66 58.72 31.12
N PHE D 188 -23.64 57.88 31.44
CA PHE D 188 -25.04 58.20 31.16
C PHE D 188 -25.72 58.90 32.32
N ALA D 189 -24.99 59.25 33.35
CA ALA D 189 -25.58 60.00 34.46
C ALA D 189 -26.13 61.33 33.95
N ASP D 190 -27.38 61.64 34.28
CA ASP D 190 -27.95 62.95 33.90
C ASP D 190 -28.07 63.02 32.39
N SER D 191 -28.50 61.92 31.77
CA SER D 191 -28.64 61.86 30.30
C SER D 191 -30.09 61.50 29.98
N PHE D 192 -30.94 61.53 31.00
CA PHE D 192 -32.32 61.12 30.79
C PHE D 192 -33.22 62.09 31.55
N SER D 193 -34.46 62.18 31.08
CA SER D 193 -35.56 62.80 31.80
C SER D 193 -36.35 61.68 32.49
N THR D 194 -37.30 62.08 33.35
CA THR D 194 -38.04 61.13 34.16
C THR D 194 -39.09 60.40 33.32
N PRO D 195 -39.10 59.04 33.38
CA PRO D 195 -40.12 58.27 32.68
C PRO D 195 -41.30 57.93 33.57
N SER D 196 -42.46 57.65 32.97
CA SER D 196 -43.58 57.11 33.72
C SER D 196 -43.33 55.65 34.06
N ASP D 197 -44.02 55.17 35.11
CA ASP D 197 -44.03 53.76 35.46
C ASP D 197 -44.52 52.91 34.29
N ASP D 198 -45.51 53.36 33.53
CA ASP D 198 -46.02 52.53 32.44
C ASP D 198 -44.86 52.19 31.48
N VAL D 199 -44.04 53.21 31.21
CA VAL D 199 -42.94 53.15 30.27
C VAL D 199 -41.82 52.26 30.82
N VAL D 200 -41.55 52.39 32.12
CA VAL D 200 -40.51 51.61 32.78
C VAL D 200 -40.87 50.13 32.69
N LEU D 201 -42.12 49.81 32.98
CA LEU D 201 -42.55 48.42 33.01
C LEU D 201 -42.59 47.82 31.61
N ALA D 202 -42.91 48.64 30.60
CA ALA D 202 -43.03 48.15 29.24
C ALA D 202 -41.62 47.80 28.70
N TYR D 203 -40.62 48.63 29.03
CA TYR D 203 -39.24 48.44 28.65
C TYR D 203 -38.71 47.14 29.26
N LEU D 204 -39.00 46.98 30.55
CA LEU D 204 -38.51 45.79 31.26
C LEU D 204 -39.15 44.52 30.66
N ARG D 205 -40.42 44.57 30.29
CA ARG D 205 -41.13 43.36 29.78
C ARG D 205 -40.68 43.09 28.33
N GLU D 206 -40.27 44.12 27.61
CA GLU D 206 -39.75 43.94 26.27
C GLU D 206 -38.32 43.37 26.29
N LYS D 207 -37.46 43.77 27.25
CA LYS D 207 -36.08 43.32 27.32
C LYS D 207 -35.95 42.05 28.15
N ALA D 208 -36.99 41.65 28.88
CA ALA D 208 -36.88 40.49 29.74
C ALA D 208 -36.43 39.25 28.94
N PRO D 209 -37.05 38.91 27.79
CA PRO D 209 -36.62 37.75 27.01
C PRO D 209 -35.12 37.70 26.75
N LEU D 210 -34.54 38.83 26.35
CA LEU D 210 -33.10 38.96 26.21
C LEU D 210 -32.38 38.64 27.53
N ALA D 211 -32.91 39.12 28.65
CA ALA D 211 -32.24 38.91 29.92
C ALA D 211 -32.21 37.43 30.24
N HIS D 212 -33.34 36.78 30.07
CA HIS D 212 -33.46 35.37 30.41
C HIS D 212 -32.60 34.52 29.48
N ASN D 213 -32.44 35.01 28.25
CA ASN D 213 -31.66 34.30 27.25
C ASN D 213 -30.20 34.31 27.65
N ILE D 214 -29.74 35.49 28.11
CA ILE D 214 -28.39 35.67 28.60
C ILE D 214 -28.11 34.77 29.79
N VAL D 215 -29.11 34.61 30.65
CA VAL D 215 -28.99 33.65 31.75
C VAL D 215 -28.75 32.25 31.21
N ASN D 216 -29.55 31.86 30.23
CA ASN D 216 -29.49 30.52 29.64
C ASN D 216 -28.15 30.26 28.98
N PHE D 217 -27.60 31.26 28.27
CA PHE D 217 -26.28 31.16 27.69
C PHE D 217 -25.23 30.97 28.79
N LEU D 218 -25.23 31.85 29.83
CA LEU D 218 -24.21 31.81 30.87
C LEU D 218 -24.27 30.49 31.61
N ALA D 219 -25.41 29.79 31.59
CA ALA D 219 -25.52 28.50 32.24
C ALA D 219 -25.12 27.36 31.28
N GLY D 220 -24.71 27.70 30.06
CA GLY D 220 -24.35 26.72 29.04
C GLY D 220 -25.52 25.89 28.53
N GLU D 221 -26.73 26.47 28.47
CA GLU D 221 -27.91 25.72 28.07
C GLU D 221 -28.32 25.99 26.61
N THR D 222 -27.94 27.14 26.06
CA THR D 222 -28.20 27.44 24.66
C THR D 222 -27.15 28.44 24.15
N LEU D 223 -27.05 28.49 22.81
CA LEU D 223 -26.37 29.56 22.09
C LEU D 223 -27.37 30.45 21.36
N ASN D 224 -28.61 29.96 21.15
CA ASN D 224 -29.52 30.63 20.23
C ASN D 224 -30.15 31.86 20.87
N PRO D 225 -30.47 32.89 20.06
CA PRO D 225 -31.22 34.05 20.54
C PRO D 225 -32.61 33.71 21.04
N PRO D 226 -33.28 34.64 21.75
CA PRO D 226 -34.61 34.37 22.30
C PRO D 226 -35.61 33.73 21.30
N TYR E 5 20.28 17.10 90.91
CA TYR E 5 21.00 17.69 92.07
C TYR E 5 21.06 19.22 91.98
N SER E 6 20.28 19.82 91.06
CA SER E 6 20.17 21.27 90.99
C SER E 6 19.71 21.82 92.34
N VAL E 7 20.40 22.86 92.83
CA VAL E 7 20.10 23.43 94.14
C VAL E 7 19.26 24.67 93.93
N LYS E 8 18.42 25.01 94.92
CA LYS E 8 17.56 26.17 94.86
C LYS E 8 18.37 27.47 94.70
N PRO E 9 18.13 28.28 93.64
CA PRO E 9 18.88 29.50 93.49
C PRO E 9 18.66 30.47 94.65
N GLN E 10 19.67 31.32 94.89
CA GLN E 10 19.60 32.32 95.93
C GLN E 10 20.00 33.64 95.29
N LEU E 11 19.65 34.74 95.94
CA LEU E 11 19.89 36.05 95.37
C LEU E 11 21.11 36.64 96.06
N VAL E 12 21.83 37.48 95.34
CA VAL E 12 22.94 38.20 95.89
C VAL E 12 22.75 39.68 95.53
N MET E 13 22.87 40.54 96.56
CA MET E 13 22.82 41.98 96.33
C MET E 13 24.15 42.38 95.75
N PHE E 14 24.15 42.59 94.44
CA PHE E 14 25.39 42.67 93.68
C PHE E 14 25.56 44.05 93.12
N THR E 15 26.67 44.69 93.46
CA THR E 15 26.93 46.06 93.04
C THR E 15 28.03 46.12 91.99
N GLY E 16 28.76 45.01 91.79
CA GLY E 16 29.98 45.05 91.02
C GLY E 16 31.21 45.26 91.91
N GLY E 17 31.02 45.55 93.21
CA GLY E 17 32.15 45.72 94.10
C GLY E 17 32.86 44.39 94.36
N ARG E 18 34.11 44.47 94.83
CA ARG E 18 34.89 43.28 95.13
C ARG E 18 34.11 42.35 96.04
N ASP E 19 33.48 42.96 97.04
CA ASP E 19 32.94 42.25 98.18
C ASP E 19 31.75 41.42 97.72
N SER E 20 30.83 42.04 96.98
CA SER E 20 29.62 41.33 96.57
C SER E 20 29.96 40.39 95.43
N THR E 21 30.93 40.76 94.60
CA THR E 21 31.48 39.82 93.63
C THR E 21 31.93 38.54 94.34
N LEU E 22 32.73 38.67 95.39
CA LEU E 22 33.29 37.50 96.07
C LEU E 22 32.16 36.68 96.68
N ALA E 23 31.16 37.36 97.25
CA ALA E 23 30.09 36.66 97.92
C ALA E 23 29.36 35.76 96.93
N ALA E 24 29.07 36.34 95.76
CA ALA E 24 28.40 35.58 94.71
C ALA E 24 29.29 34.43 94.23
N CYS E 25 30.57 34.72 93.94
CA CYS E 25 31.49 33.66 93.52
C CYS E 25 31.58 32.54 94.56
N TYR E 26 31.67 32.91 95.84
CA TYR E 26 31.83 31.91 96.88
C TYR E 26 30.63 31.00 96.91
N LEU E 27 29.42 31.55 96.80
CA LEU E 27 28.24 30.68 96.76
C LEU E 27 28.29 29.76 95.55
N MET E 28 28.70 30.28 94.38
CA MET E 28 28.69 29.49 93.17
C MET E 28 29.72 28.34 93.26
N LEU E 29 30.89 28.61 93.88
CA LEU E 29 31.89 27.58 94.09
C LEU E 29 31.29 26.40 94.83
N GLN E 30 30.26 26.65 95.65
CA GLN E 30 29.65 25.58 96.42
C GLN E 30 28.56 24.91 95.62
N GLY E 31 28.29 25.39 94.40
CA GLY E 31 27.24 24.81 93.59
C GLY E 31 25.86 25.44 93.87
N ILE E 32 25.84 26.67 94.42
CA ILE E 32 24.61 27.38 94.65
C ILE E 32 24.41 28.38 93.52
N PRO E 33 23.37 28.22 92.67
CA PRO E 33 23.13 29.17 91.61
C PRO E 33 22.71 30.52 92.20
N VAL E 34 23.21 31.62 91.64
CA VAL E 34 22.85 32.91 92.17
C VAL E 34 22.16 33.75 91.10
N HIS E 35 21.08 34.41 91.55
CA HIS E 35 20.44 35.49 90.82
C HIS E 35 21.08 36.80 91.31
N LEU E 36 21.80 37.50 90.43
CA LEU E 36 22.45 38.74 90.76
C LEU E 36 21.41 39.86 90.69
N TRP E 37 21.28 40.65 91.78
CA TRP E 37 20.30 41.72 91.84
C TRP E 37 21.00 43.04 92.13
N SER E 38 20.87 44.00 91.20
CA SER E 38 21.42 45.34 91.33
C SER E 38 20.30 46.38 91.43
N GLY E 39 20.39 47.26 92.42
CA GLY E 39 19.43 48.34 92.61
C GLY E 39 19.96 49.63 92.02
N ASN E 40 19.16 50.27 91.20
CA ASN E 40 19.50 51.59 90.67
C ASN E 40 18.53 52.61 91.30
N SER E 41 19.10 53.53 92.07
CA SER E 41 18.35 54.37 92.99
C SER E 41 18.18 55.74 92.34
N GLY E 42 18.78 55.92 91.16
CA GLY E 42 18.58 57.12 90.37
C GLY E 42 19.67 58.16 90.57
N CYS E 43 20.56 57.92 91.55
CA CYS E 43 21.61 58.87 91.86
C CYS E 43 23.00 58.23 91.78
N SER E 44 23.16 57.14 91.01
CA SER E 44 24.46 56.51 90.83
C SER E 44 25.12 57.01 89.57
N LEU E 45 26.43 57.25 89.62
CA LEU E 45 27.13 57.72 88.44
C LEU E 45 28.03 56.61 87.90
N HIS E 46 28.22 56.62 86.57
CA HIS E 46 29.22 55.81 85.86
C HIS E 46 29.07 54.33 86.22
N ARG E 47 27.88 53.80 85.93
CA ARG E 47 27.52 52.43 86.26
C ARG E 47 27.89 51.46 85.14
N GLY E 48 28.33 51.94 83.97
CA GLY E 48 28.50 51.07 82.82
C GLY E 48 29.47 49.91 83.09
N ILE E 49 30.53 50.17 83.89
CA ILE E 49 31.61 49.22 84.09
C ILE E 49 31.10 47.97 84.80
N LEU E 50 29.91 48.04 85.38
CA LEU E 50 29.29 46.87 86.01
C LEU E 50 29.23 45.69 85.05
N SER E 51 28.87 45.91 83.77
CA SER E 51 28.64 44.81 82.85
C SER E 51 29.95 44.05 82.57
N HIS E 52 31.10 44.74 82.58
CA HIS E 52 32.38 44.05 82.49
C HIS E 52 32.49 43.00 83.60
N ARG E 53 32.05 43.36 84.82
CA ARG E 53 32.18 42.47 85.96
C ARG E 53 31.23 41.29 85.82
N VAL E 54 30.00 41.54 85.36
CA VAL E 54 29.02 40.47 85.16
C VAL E 54 29.58 39.47 84.16
N GLU E 55 30.26 39.96 83.13
CA GLU E 55 30.80 39.09 82.08
C GLU E 55 31.86 38.17 82.63
N GLU E 56 32.83 38.74 83.36
CA GLU E 56 33.89 37.95 84.02
C GLU E 56 33.28 36.78 84.78
N MET E 57 32.20 37.01 85.51
CA MET E 57 31.64 35.95 86.38
C MET E 57 30.90 34.90 85.56
N LYS E 58 30.15 35.29 84.55
CA LYS E 58 29.52 34.29 83.66
C LYS E 58 30.63 33.45 83.04
N ASN E 59 31.67 34.08 82.49
CA ASN E 59 32.82 33.39 81.95
C ASN E 59 33.31 32.34 82.95
N ARG E 60 33.36 32.68 84.25
CA ARG E 60 33.98 31.81 85.25
C ARG E 60 33.01 30.75 85.77
N PHE E 61 31.69 31.03 85.81
CA PHE E 61 30.76 30.12 86.47
C PHE E 61 29.64 29.60 85.56
N GLY E 62 29.44 30.21 84.37
CA GLY E 62 28.47 29.72 83.39
C GLY E 62 27.04 29.73 83.91
N ASP E 63 26.36 28.57 83.86
CA ASP E 63 24.93 28.47 84.17
C ASP E 63 24.58 28.79 85.62
N LEU E 64 25.60 28.87 86.49
CA LEU E 64 25.35 29.09 87.91
C LEU E 64 24.95 30.55 88.15
N VAL E 65 25.38 31.46 87.25
CA VAL E 65 24.79 32.79 87.16
C VAL E 65 23.44 32.63 86.45
N VAL E 66 22.35 32.58 87.22
CA VAL E 66 21.05 32.34 86.65
C VAL E 66 20.44 33.61 86.08
N GLY E 67 20.92 34.79 86.48
CA GLY E 67 20.47 36.04 85.89
C GLY E 67 21.09 37.27 86.57
N HIS E 68 20.93 38.41 85.92
CA HIS E 68 21.25 39.72 86.47
C HIS E 68 20.04 40.64 86.27
N THR E 69 19.40 41.04 87.38
CA THR E 69 18.31 42.02 87.40
C THR E 69 18.84 43.38 87.86
N VAL E 70 18.63 44.42 87.04
CA VAL E 70 18.87 45.81 87.44
C VAL E 70 17.51 46.46 87.70
N ALA E 71 17.21 46.81 88.93
CA ALA E 71 15.87 47.25 89.28
C ALA E 71 15.87 48.76 89.52
N ASP E 72 14.87 49.45 88.94
CA ASP E 72 14.67 50.86 89.20
C ASP E 72 14.03 50.95 90.59
N ILE E 73 14.76 51.46 91.58
CA ILE E 73 14.21 51.59 92.92
C ILE E 73 14.16 53.07 93.27
N SER E 74 14.34 53.94 92.28
CA SER E 74 14.39 55.36 92.53
C SER E 74 13.13 55.90 93.23
N GLY E 75 11.98 55.28 93.05
CA GLY E 75 10.74 55.75 93.63
C GLY E 75 10.64 55.46 95.14
N ALA E 76 10.89 54.23 95.52
CA ALA E 76 10.98 53.82 96.91
C ALA E 76 12.07 54.61 97.64
N PHE E 77 13.20 54.83 96.96
CA PHE E 77 14.29 55.58 97.53
C PHE E 77 13.85 57.01 97.82
N ARG E 78 13.19 57.63 96.85
CA ARG E 78 12.70 59.01 97.02
C ARG E 78 11.67 59.07 98.16
N SER E 79 10.81 58.08 98.23
CA SER E 79 9.77 58.17 99.23
C SER E 79 10.35 58.05 100.65
N ILE E 80 11.39 57.21 100.79
CA ILE E 80 11.88 56.87 102.11
C ILE E 80 12.88 57.92 102.57
N ALA E 81 13.71 58.44 101.67
CA ALA E 81 14.95 59.07 102.05
C ALA E 81 15.14 60.47 101.48
N ILE E 82 14.40 60.86 100.44
CA ILE E 82 14.69 62.19 99.83
C ILE E 82 13.51 63.17 100.01
N GLU E 83 12.29 62.66 100.04
CA GLU E 83 11.09 63.54 100.09
C GLU E 83 11.16 64.42 101.34
N ALA E 84 11.56 63.84 102.46
CA ALA E 84 11.62 64.56 103.73
C ALA E 84 13.09 64.82 104.13
N LEU E 85 13.94 65.19 103.16
CA LEU E 85 15.37 65.29 103.40
C LEU E 85 15.67 66.42 104.38
N GLU E 86 14.98 67.57 104.27
CA GLU E 86 15.16 68.64 105.24
C GLU E 86 14.84 68.14 106.65
N GLN E 87 13.61 67.65 106.84
CA GLN E 87 13.15 67.21 108.13
C GLN E 87 14.12 66.16 108.68
N ASP E 88 14.52 65.21 107.83
CA ASP E 88 15.38 64.11 108.25
C ASP E 88 16.70 64.64 108.79
N ILE E 89 17.31 65.59 108.09
CA ILE E 89 18.66 66.03 108.42
C ILE E 89 18.58 66.97 109.63
N LEU E 90 17.59 67.87 109.65
CA LEU E 90 17.40 68.75 110.79
C LEU E 90 17.13 67.94 112.06
N LYS E 91 16.45 66.80 111.95
CA LYS E 91 16.14 66.01 113.12
C LYS E 91 17.39 65.26 113.58
N TYR E 92 17.97 64.44 112.70
CA TYR E 92 19.03 63.54 113.11
C TYR E 92 20.41 64.20 113.04
N ARG E 93 20.53 65.35 112.37
CA ARG E 93 21.80 66.04 112.21
C ARG E 93 22.78 65.19 111.37
N LYS E 94 22.23 64.26 110.59
CA LYS E 94 23.04 63.41 109.75
C LYS E 94 22.34 63.13 108.42
N ASN E 95 23.14 63.18 107.35
CA ASN E 95 22.74 62.67 106.06
C ASN E 95 22.78 61.15 106.12
N LEU E 96 21.60 60.55 106.30
CA LEU E 96 21.41 59.13 106.35
C LEU E 96 20.77 58.60 105.07
N VAL E 97 20.91 59.35 103.97
CA VAL E 97 20.23 58.98 102.74
C VAL E 97 20.58 57.54 102.32
N LEU E 98 21.86 57.13 102.47
CA LEU E 98 22.30 55.84 101.98
C LEU E 98 21.79 54.73 102.89
N LEU E 99 21.41 55.04 104.12
CA LEU E 99 20.77 54.05 104.96
C LEU E 99 19.34 53.84 104.49
N GLY E 100 18.65 54.95 104.18
CA GLY E 100 17.39 54.90 103.48
C GLY E 100 17.44 54.05 102.21
N GLU E 101 18.47 54.28 101.37
CA GLU E 101 18.61 53.51 100.15
C GLU E 101 18.55 52.04 100.46
N LYS E 102 19.21 51.62 101.55
CA LYS E 102 19.34 50.19 101.82
C LYS E 102 17.99 49.65 102.29
N LEU E 103 17.20 50.46 102.99
CA LEU E 103 15.85 50.07 103.36
C LEU E 103 14.96 49.96 102.10
N ALA E 104 15.07 50.92 101.17
CA ALA E 104 14.41 50.81 99.87
C ALA E 104 14.80 49.52 99.14
N ILE E 105 16.09 49.16 99.17
CA ILE E 105 16.57 47.95 98.53
C ILE E 105 15.82 46.76 99.13
N HIS E 106 15.73 46.69 100.45
CA HIS E 106 15.15 45.53 101.12
C HIS E 106 13.61 45.45 100.91
N ALA E 107 12.92 46.59 100.80
CA ALA E 107 11.51 46.60 100.47
C ALA E 107 11.32 45.98 99.08
N HIS E 108 12.07 46.45 98.11
CA HIS E 108 12.02 45.85 96.78
C HIS E 108 12.37 44.36 96.78
N LEU E 109 13.26 43.90 97.67
CA LEU E 109 13.69 42.50 97.63
C LEU E 109 12.60 41.61 98.20
N VAL E 110 11.77 42.11 99.14
CA VAL E 110 10.64 41.31 99.61
C VAL E 110 9.77 41.00 98.39
N ASP E 111 9.44 42.03 97.63
CA ASP E 111 8.59 41.85 96.46
C ASP E 111 9.24 40.89 95.45
N PHE E 112 10.52 41.15 95.17
CA PHE E 112 11.26 40.35 94.21
C PHE E 112 11.31 38.89 94.66
N CYS E 113 11.62 38.64 95.94
CA CYS E 113 11.74 37.28 96.43
C CYS E 113 10.41 36.57 96.36
N ARG E 114 9.31 37.22 96.76
CA ARG E 114 8.03 36.55 96.77
C ARG E 114 7.62 36.22 95.34
N ARG E 115 7.95 37.10 94.38
CA ARG E 115 7.47 36.89 93.02
C ARG E 115 8.39 35.94 92.25
N ASN E 116 9.64 35.69 92.69
CA ASN E 116 10.52 34.79 91.96
C ASN E 116 10.97 33.59 92.78
N ASP E 117 10.24 33.24 93.83
CA ASP E 117 10.51 32.03 94.57
C ASP E 117 11.95 31.97 95.07
N ILE E 118 12.41 33.06 95.69
CA ILE E 118 13.70 33.13 96.34
C ILE E 118 13.40 33.35 97.82
N ASN E 119 14.06 32.62 98.70
CA ASN E 119 13.87 32.87 100.11
C ASN E 119 15.19 32.98 100.85
N THR E 120 16.31 33.11 100.12
CA THR E 120 17.61 33.43 100.74
C THR E 120 18.23 34.56 99.93
N ILE E 121 18.56 35.69 100.59
CA ILE E 121 19.29 36.77 99.96
C ILE E 121 20.65 36.90 100.65
N ASN E 122 21.62 37.46 99.92
CA ASN E 122 22.99 37.52 100.39
C ASN E 122 23.56 38.87 99.97
N ASP E 123 24.36 39.50 100.80
CA ASP E 123 25.11 40.66 100.33
C ASP E 123 26.59 40.45 100.57
N GLY E 124 27.38 41.46 100.23
CA GLY E 124 28.81 41.45 100.50
C GLY E 124 29.19 42.49 101.53
N ILE E 125 28.44 42.57 102.61
CA ILE E 125 28.88 43.41 103.72
C ILE E 125 30.12 42.77 104.29
N THR E 126 31.17 43.57 104.47
CA THR E 126 32.42 43.13 105.07
C THR E 126 32.73 43.87 106.37
N HIS E 127 33.29 43.13 107.33
CA HIS E 127 33.87 43.66 108.56
C HIS E 127 34.69 44.94 108.34
N TYR E 128 35.57 44.96 107.33
CA TYR E 128 36.52 46.06 107.14
C TYR E 128 35.80 47.34 106.67
N GLN E 129 34.50 47.24 106.39
CA GLN E 129 33.78 48.42 105.84
C GLN E 129 32.75 48.93 106.87
N MET E 130 32.87 48.54 108.13
CA MET E 130 31.85 48.89 109.15
C MET E 130 31.66 50.42 109.25
N GLU E 131 32.65 51.22 108.86
CA GLU E 131 32.54 52.68 109.01
C GLU E 131 31.28 53.20 108.29
N PHE E 132 30.57 52.34 107.57
CA PHE E 132 29.42 52.77 106.80
C PHE E 132 28.12 52.26 107.45
N PRO E 133 27.12 53.15 107.71
CA PRO E 133 25.92 52.80 108.46
C PRO E 133 25.21 51.54 107.97
N GLU E 134 25.11 51.39 106.66
CA GLU E 134 24.39 50.27 106.06
C GLU E 134 25.08 48.94 106.35
N GLN E 135 26.32 48.97 106.84
CA GLN E 135 27.11 47.76 107.06
C GLN E 135 27.35 47.52 108.56
N ARG E 136 26.85 48.39 109.43
CA ARG E 136 26.96 48.19 110.87
C ARG E 136 26.07 47.04 111.32
N LEU E 137 26.52 46.32 112.34
CA LEU E 137 25.75 45.24 112.91
C LEU E 137 24.33 45.69 113.26
N VAL E 138 24.17 46.92 113.73
CA VAL E 138 22.87 47.32 114.22
C VAL E 138 21.88 47.39 113.04
N ALA E 139 22.33 47.92 111.89
CA ALA E 139 21.52 48.00 110.69
C ALA E 139 21.26 46.60 110.12
N LYS E 140 22.30 45.77 110.12
CA LYS E 140 22.20 44.42 109.59
C LYS E 140 21.18 43.65 110.40
N THR E 141 21.26 43.75 111.74
CA THR E 141 20.36 43.01 112.63
C THR E 141 18.91 43.46 112.40
N PHE E 142 18.71 44.77 112.21
CA PHE E 142 17.38 45.29 111.94
C PHE E 142 16.85 44.68 110.63
N LEU E 143 17.68 44.67 109.58
CA LEU E 143 17.27 44.24 108.28
C LEU E 143 17.08 42.72 108.23
N MET E 144 17.77 41.95 109.06
CA MET E 144 17.53 40.52 109.12
C MET E 144 16.15 40.26 109.71
N GLU E 145 15.78 41.06 110.71
CA GLU E 145 14.50 40.93 111.38
C GLU E 145 13.43 41.26 110.35
N MET E 146 13.61 42.39 109.65
CA MET E 146 12.68 42.78 108.63
C MET E 146 12.48 41.64 107.63
N MET E 147 13.58 41.06 107.12
CA MET E 147 13.46 40.06 106.07
C MET E 147 12.85 38.78 106.64
N ALA E 148 13.09 38.49 107.91
CA ALA E 148 12.57 37.28 108.52
C ALA E 148 11.05 37.39 108.73
N GLN E 149 10.52 38.61 108.83
CA GLN E 149 9.09 38.79 108.98
C GLN E 149 8.38 38.28 107.71
N TYR E 150 9.08 38.27 106.56
CA TYR E 150 8.55 37.75 105.32
C TYR E 150 9.14 36.38 104.98
N ASP E 151 9.65 35.66 106.00
CA ASP E 151 10.21 34.33 105.82
C ASP E 151 11.34 34.36 104.79
N ILE E 152 12.12 35.43 104.79
CA ILE E 152 13.27 35.53 103.91
C ILE E 152 14.54 35.52 104.76
N ASN E 153 15.47 34.62 104.40
CA ASN E 153 16.73 34.43 105.11
C ASN E 153 17.77 35.39 104.53
N TYR E 154 18.33 36.23 105.37
CA TYR E 154 19.32 37.25 104.96
C TYR E 154 20.69 36.84 105.53
N GLN E 155 21.65 36.59 104.62
CA GLN E 155 22.99 36.09 104.98
C GLN E 155 24.02 37.04 104.41
N SER E 156 25.21 37.03 105.00
CA SER E 156 26.31 37.86 104.56
C SER E 156 27.56 36.97 104.43
N PRO E 157 27.69 36.18 103.35
CA PRO E 157 28.59 35.03 103.35
C PRO E 157 30.07 35.34 103.47
N VAL E 158 30.49 36.59 103.20
CA VAL E 158 31.89 36.99 103.24
C VAL E 158 32.17 37.98 104.40
N TYR E 159 31.24 38.09 105.35
CA TYR E 159 31.29 39.11 106.39
C TYR E 159 32.42 38.85 107.38
N GLU E 160 32.46 37.64 107.93
CA GLU E 160 33.44 37.27 108.95
C GLU E 160 34.84 37.17 108.34
N PHE E 161 34.94 36.87 107.04
CA PHE E 161 36.23 36.47 106.48
C PHE E 161 36.98 37.75 106.11
N ALA E 162 36.27 38.75 105.59
CA ALA E 162 36.93 39.90 105.03
C ALA E 162 37.35 40.88 106.11
N GLN E 163 38.56 40.68 106.65
CA GLN E 163 39.11 41.58 107.66
C GLN E 163 39.83 42.75 106.99
N SER E 164 40.10 42.65 105.69
CA SER E 164 40.74 43.72 104.94
C SER E 164 40.34 43.62 103.46
N ALA E 165 40.58 44.68 102.70
CA ALA E 165 40.29 44.64 101.27
C ALA E 165 41.18 43.58 100.60
N ASP E 166 42.45 43.48 101.00
CA ASP E 166 43.42 42.62 100.38
C ASP E 166 42.93 41.16 100.44
N ASP E 167 42.23 40.78 101.53
CA ASP E 167 41.78 39.41 101.63
C ASP E 167 40.84 39.06 100.45
N VAL E 168 39.90 39.97 100.17
CA VAL E 168 38.90 39.75 99.16
C VAL E 168 39.56 39.76 97.78
N LYS E 169 40.39 40.77 97.52
CA LYS E 169 41.11 40.89 96.28
C LYS E 169 41.79 39.58 95.88
N TYR E 170 42.56 38.97 96.78
CA TYR E 170 43.40 37.79 96.38
C TYR E 170 42.53 36.61 96.04
N ARG E 171 41.38 36.48 96.70
CA ARG E 171 40.56 35.28 96.47
C ARG E 171 39.90 35.45 95.10
N LEU E 172 39.68 36.69 94.69
CA LEU E 172 39.09 36.96 93.37
C LEU E 172 40.16 36.69 92.33
N LEU E 173 41.41 37.06 92.66
CA LEU E 173 42.49 36.83 91.73
C LEU E 173 42.64 35.32 91.50
N GLN E 174 42.47 34.53 92.55
CA GLN E 174 42.59 33.09 92.44
C GLN E 174 41.48 32.51 91.58
N LEU E 175 40.41 33.29 91.32
CA LEU E 175 39.31 32.83 90.52
C LEU E 175 39.47 33.31 89.09
N GLY E 176 40.49 34.11 88.83
CA GLY E 176 40.70 34.68 87.51
C GLY E 176 39.77 35.85 87.23
N ILE E 177 39.29 36.46 88.31
CA ILE E 177 38.47 37.67 88.26
C ILE E 177 39.32 38.83 88.75
N SER E 178 39.14 39.99 88.10
CA SER E 178 39.84 41.22 88.44
C SER E 178 39.49 41.67 89.86
N THR E 179 40.38 42.50 90.43
CA THR E 179 40.36 42.74 91.87
C THR E 179 39.69 44.08 92.17
N LYS E 180 39.36 44.82 91.10
CA LYS E 180 38.88 46.19 91.21
C LYS E 180 37.40 46.18 91.56
N SER E 181 36.95 47.28 92.16
CA SER E 181 35.53 47.51 92.42
C SER E 181 34.94 48.21 91.20
N LEU E 182 34.24 47.46 90.37
CA LEU E 182 33.76 47.99 89.10
C LEU E 182 32.27 48.24 89.28
N GLU E 183 31.97 49.28 90.06
CA GLU E 183 30.64 49.64 90.47
C GLU E 183 30.48 51.13 90.21
N GLY E 184 29.23 51.59 90.16
CA GLY E 184 28.97 53.00 90.04
C GLY E 184 29.23 53.69 91.37
N ILE E 185 29.36 55.00 91.32
CA ILE E 185 29.49 55.79 92.54
C ILE E 185 28.17 56.50 92.82
N SER E 186 27.70 56.41 94.07
CA SER E 186 26.62 57.27 94.53
C SER E 186 27.08 58.71 94.54
N ILE E 187 26.17 59.60 94.12
CA ILE E 187 26.44 61.03 94.20
C ILE E 187 26.56 61.42 95.68
N PHE E 188 26.01 60.58 96.58
CA PHE E 188 26.07 60.85 98.00
C PHE E 188 27.33 60.28 98.67
N ALA E 189 28.25 59.68 97.92
CA ALA E 189 29.47 59.16 98.51
C ALA E 189 30.28 60.29 99.14
N ASP E 190 30.67 60.11 100.39
CA ASP E 190 31.47 61.08 101.13
C ASP E 190 30.71 62.41 101.21
N SER E 191 29.40 62.32 101.48
CA SER E 191 28.57 63.49 101.70
C SER E 191 27.95 63.45 103.10
N PHE E 192 28.48 62.57 103.95
CA PHE E 192 27.93 62.38 105.28
C PHE E 192 29.11 62.29 106.25
N SER E 193 28.81 62.62 107.50
CA SER E 193 29.66 62.30 108.63
C SER E 193 29.08 61.05 109.28
N THR E 194 29.86 60.47 110.21
CA THR E 194 29.50 59.21 110.85
C THR E 194 28.39 59.42 111.87
N PRO E 195 27.31 58.64 111.81
CA PRO E 195 26.26 58.67 112.81
C PRO E 195 26.44 57.66 113.93
N SER E 196 25.82 57.91 115.07
CA SER E 196 25.78 56.92 116.14
C SER E 196 24.81 55.80 115.80
N ASP E 197 24.98 54.66 116.43
CA ASP E 197 24.05 53.55 116.39
C ASP E 197 22.66 54.00 116.84
N ASP E 198 22.53 54.84 117.86
CA ASP E 198 21.22 55.23 118.36
C ASP E 198 20.45 55.88 117.22
N VAL E 199 21.16 56.73 116.46
CA VAL E 199 20.60 57.51 115.38
C VAL E 199 20.24 56.60 114.19
N VAL E 200 21.04 55.56 113.99
CA VAL E 200 20.79 54.60 112.88
C VAL E 200 19.48 53.84 113.17
N LEU E 201 19.29 53.39 114.40
CA LEU E 201 18.09 52.56 114.74
C LEU E 201 16.83 53.43 114.73
N ALA E 202 16.95 54.69 115.12
CA ALA E 202 15.81 55.62 115.16
C ALA E 202 15.36 55.95 113.74
N TYR E 203 16.31 56.13 112.84
CA TYR E 203 15.98 56.41 111.45
C TYR E 203 15.29 55.21 110.82
N LEU E 204 15.88 54.03 111.06
CA LEU E 204 15.33 52.80 110.45
C LEU E 204 13.95 52.50 111.03
N ARG E 205 13.69 52.90 112.27
CA ARG E 205 12.38 52.54 112.88
C ARG E 205 11.36 53.56 112.41
N GLU E 206 11.80 54.78 112.20
CA GLU E 206 10.92 55.83 111.70
C GLU E 206 10.52 55.57 110.23
N LYS E 207 11.44 55.06 109.40
CA LYS E 207 11.17 54.83 107.99
C LYS E 207 10.57 53.45 107.75
N ALA E 208 10.62 52.55 108.73
CA ALA E 208 10.13 51.21 108.51
C ALA E 208 8.68 51.20 108.01
N PRO E 209 7.72 51.93 108.64
CA PRO E 209 6.34 51.94 108.18
C PRO E 209 6.20 52.23 106.69
N LEU E 210 6.94 53.24 106.21
CA LEU E 210 6.99 53.56 104.80
C LEU E 210 7.48 52.35 103.98
N ALA E 211 8.52 51.66 104.48
CA ALA E 211 9.10 50.56 103.75
C ALA E 211 8.06 49.46 103.61
N HIS E 212 7.40 49.13 104.71
CA HIS E 212 6.45 48.03 104.70
C HIS E 212 5.24 48.38 103.83
N ASN E 213 4.93 49.67 103.76
CA ASN E 213 3.80 50.13 102.98
C ASN E 213 4.10 49.92 101.50
N ILE E 214 5.33 50.27 101.09
CA ILE E 214 5.81 50.08 99.74
C ILE E 214 5.80 48.59 99.37
N VAL E 215 6.11 47.73 100.33
CA VAL E 215 5.98 46.29 100.09
C VAL E 215 4.53 45.93 99.76
N ASN E 216 3.61 46.47 100.57
CA ASN E 216 2.20 46.20 100.41
C ASN E 216 1.68 46.67 99.05
N PHE E 217 2.12 47.86 98.62
CA PHE E 217 1.78 48.40 97.32
C PHE E 217 2.31 47.49 96.22
N LEU E 218 3.61 47.13 96.25
CA LEU E 218 4.22 46.32 95.21
C LEU E 218 3.54 44.97 95.11
N ALA E 219 2.90 44.50 96.18
CA ALA E 219 2.17 43.24 96.13
C ALA E 219 0.72 43.43 95.67
N GLY E 220 0.34 44.67 95.35
CA GLY E 220 -1.02 45.01 94.93
C GLY E 220 -2.05 44.85 96.05
N GLU E 221 -1.67 45.10 97.31
CA GLU E 221 -2.58 44.88 98.44
C GLU E 221 -3.19 46.20 98.93
N THR E 222 -2.53 47.33 98.68
CA THR E 222 -3.10 48.63 98.99
C THR E 222 -2.51 49.69 98.05
N LEU E 223 -3.18 50.84 98.00
CA LEU E 223 -2.66 52.02 97.28
C LEU E 223 -2.50 53.08 98.37
N ASN E 224 -3.05 52.84 99.55
CA ASN E 224 -3.10 53.87 100.61
C ASN E 224 -1.78 54.03 101.36
N PRO E 225 -1.52 55.23 101.90
CA PRO E 225 -0.26 55.53 102.62
C PRO E 225 -0.21 54.80 103.95
N PRO E 226 0.95 54.77 104.61
CA PRO E 226 1.08 54.13 105.94
C PRO E 226 0.03 54.73 106.87
N SER F 6 -4.79 32.35 83.71
CA SER F 6 -5.81 31.86 84.65
C SER F 6 -6.72 32.97 85.18
N VAL F 7 -6.32 34.25 85.27
CA VAL F 7 -7.25 35.24 85.78
C VAL F 7 -7.87 35.95 84.58
N LYS F 8 -9.17 36.19 84.67
CA LYS F 8 -9.92 36.72 83.53
C LYS F 8 -9.47 38.14 83.24
N PRO F 9 -9.03 38.47 82.00
CA PRO F 9 -8.67 39.84 81.69
C PRO F 9 -9.81 40.82 81.90
N GLN F 10 -9.46 42.07 82.22
CA GLN F 10 -10.41 43.13 82.42
C GLN F 10 -9.90 44.30 81.60
N LEU F 11 -10.82 45.18 81.21
CA LEU F 11 -10.47 46.28 80.33
C LEU F 11 -10.24 47.53 81.18
N VAL F 12 -9.35 48.41 80.69
CA VAL F 12 -9.10 49.67 81.32
C VAL F 12 -9.22 50.75 80.25
N MET F 13 -10.01 51.79 80.55
CA MET F 13 -10.09 52.97 79.70
C MET F 13 -8.79 53.76 79.87
N PHE F 14 -7.91 53.62 78.90
CA PHE F 14 -6.54 54.07 79.04
C PHE F 14 -6.25 55.21 78.08
N THR F 15 -5.82 56.34 78.63
CA THR F 15 -5.55 57.53 77.82
C THR F 15 -4.07 57.81 77.72
N GLY F 16 -3.26 57.17 78.53
CA GLY F 16 -1.87 57.59 78.71
C GLY F 16 -1.68 58.51 79.91
N GLY F 17 -2.77 58.92 80.53
CA GLY F 17 -2.67 59.77 81.71
C GLY F 17 -2.17 59.01 82.90
N ARG F 18 -1.57 59.72 83.84
CA ARG F 18 -1.06 59.08 85.07
C ARG F 18 -2.16 58.28 85.74
N ASP F 19 -3.37 58.83 85.80
CA ASP F 19 -4.44 58.17 86.57
C ASP F 19 -4.82 56.85 85.93
N SER F 20 -5.04 56.84 84.62
CA SER F 20 -5.47 55.58 84.01
C SER F 20 -4.28 54.63 83.93
N THR F 21 -3.06 55.19 83.75
CA THR F 21 -1.86 54.40 83.89
C THR F 21 -1.84 53.69 85.25
N LEU F 22 -2.05 54.43 86.34
CA LEU F 22 -1.96 53.87 87.69
C LEU F 22 -3.04 52.81 87.86
N ALA F 23 -4.23 53.08 87.35
CA ALA F 23 -5.33 52.16 87.55
C ALA F 23 -4.97 50.80 86.93
N ALA F 24 -4.46 50.86 85.69
CA ALA F 24 -4.06 49.65 85.00
C ALA F 24 -2.91 48.97 85.75
N CYS F 25 -1.88 49.72 86.14
CA CYS F 25 -0.77 49.14 86.91
C CYS F 25 -1.26 48.48 88.19
N TYR F 26 -2.18 49.15 88.91
CA TYR F 26 -2.62 48.63 90.19
C TYR F 26 -3.32 47.31 89.96
N LEU F 27 -4.18 47.21 88.94
CA LEU F 27 -4.83 45.92 88.66
C LEU F 27 -3.78 44.84 88.34
N MET F 28 -2.76 45.20 87.56
CA MET F 28 -1.76 44.22 87.15
C MET F 28 -0.95 43.72 88.34
N LEU F 29 -0.63 44.63 89.28
CA LEU F 29 0.08 44.26 90.50
C LEU F 29 -0.67 43.17 91.24
N GLN F 30 -1.99 43.12 91.08
CA GLN F 30 -2.77 42.10 91.78
C GLN F 30 -2.84 40.82 90.94
N GLY F 31 -2.24 40.82 89.75
CA GLY F 31 -2.30 39.65 88.90
C GLY F 31 -3.52 39.63 87.99
N ILE F 32 -4.12 40.79 87.74
CA ILE F 32 -5.26 40.90 86.84
C ILE F 32 -4.77 41.40 85.50
N PRO F 33 -4.85 40.58 84.42
CA PRO F 33 -4.44 41.04 83.11
C PRO F 33 -5.36 42.14 82.62
N VAL F 34 -4.80 43.17 81.98
CA VAL F 34 -5.64 44.23 81.50
C VAL F 34 -5.47 44.36 79.98
N HIS F 35 -6.63 44.52 79.35
CA HIS F 35 -6.76 44.96 77.97
C HIS F 35 -6.88 46.48 77.99
N LEU F 36 -5.87 47.17 77.45
CA LEU F 36 -5.88 48.62 77.40
C LEU F 36 -6.75 49.06 76.23
N TRP F 37 -7.72 49.96 76.48
CA TRP F 37 -8.63 50.44 75.46
C TRP F 37 -8.57 51.97 75.40
N SER F 38 -8.19 52.52 74.24
CA SER F 38 -8.14 53.95 73.97
C SER F 38 -9.20 54.33 72.92
N GLY F 39 -9.99 55.34 73.24
CA GLY F 39 -11.00 55.89 72.34
C GLY F 39 -10.44 57.13 71.67
N ASN F 40 -10.49 57.17 70.35
CA ASN F 40 -10.07 58.32 69.57
C ASN F 40 -11.32 58.93 68.97
N SER F 41 -11.59 60.18 69.36
CA SER F 41 -12.88 60.82 69.20
C SER F 41 -12.77 61.76 68.00
N GLY F 42 -11.57 61.90 67.46
CA GLY F 42 -11.38 62.67 66.24
C GLY F 42 -10.93 64.08 66.48
N CYS F 43 -10.91 64.52 67.75
CA CYS F 43 -10.52 65.89 68.07
C CYS F 43 -9.31 65.97 69.01
N SER F 44 -8.50 64.93 69.07
CA SER F 44 -7.36 64.89 69.99
C SER F 44 -6.07 65.32 69.31
N LEU F 45 -5.25 66.12 69.99
CA LEU F 45 -4.02 66.62 69.39
C LEU F 45 -2.82 65.97 70.06
N HIS F 46 -1.74 65.79 69.28
CA HIS F 46 -0.44 65.35 69.78
C HIS F 46 -0.55 64.08 70.62
N ARG F 47 -1.07 63.02 69.99
CA ARG F 47 -1.32 61.75 70.64
C ARG F 47 -0.09 60.83 70.60
N GLY F 48 0.97 61.17 69.84
CA GLY F 48 2.04 60.23 69.61
C GLY F 48 2.69 59.68 70.89
N ILE F 49 2.83 60.58 71.89
CA ILE F 49 3.59 60.29 73.10
C ILE F 49 2.94 59.16 73.90
N LEU F 50 1.70 58.80 73.56
CA LEU F 50 1.02 57.67 74.19
C LEU F 50 1.89 56.40 74.12
N SER F 51 2.54 56.13 72.98
CA SER F 51 3.27 54.89 72.80
C SER F 51 4.45 54.75 73.76
N HIS F 52 5.10 55.89 74.11
CA HIS F 52 6.14 55.87 75.15
C HIS F 52 5.55 55.29 76.44
N ARG F 53 4.32 55.68 76.78
CA ARG F 53 3.72 55.25 78.04
C ARG F 53 3.38 53.75 77.97
N VAL F 54 2.85 53.29 76.82
CA VAL F 54 2.52 51.88 76.66
C VAL F 54 3.79 51.05 76.83
N GLU F 55 4.92 51.55 76.33
CA GLU F 55 6.18 50.82 76.39
C GLU F 55 6.62 50.62 77.84
N GLU F 56 6.64 51.72 78.64
CA GLU F 56 6.93 51.63 80.06
C GLU F 56 6.13 50.49 80.71
N MET F 57 4.84 50.35 80.35
CA MET F 57 3.96 49.43 81.04
C MET F 57 4.24 47.99 80.64
N LYS F 58 4.52 47.77 79.35
CA LYS F 58 4.94 46.45 78.87
C LYS F 58 6.24 46.04 79.56
N ASN F 59 7.18 46.97 79.67
CA ASN F 59 8.47 46.67 80.35
C ASN F 59 8.24 46.32 81.83
N ARG F 60 7.22 46.90 82.48
CA ARG F 60 7.03 46.66 83.94
C ARG F 60 6.15 45.44 84.20
N PHE F 61 5.19 45.12 83.34
CA PHE F 61 4.25 44.01 83.69
C PHE F 61 4.31 42.85 82.71
N GLY F 62 4.77 43.12 81.48
CA GLY F 62 4.86 42.09 80.44
C GLY F 62 3.55 41.44 80.05
N ASP F 63 3.38 40.15 80.31
CA ASP F 63 2.20 39.36 79.87
C ASP F 63 0.87 39.92 80.38
N LEU F 64 0.90 40.67 81.47
CA LEU F 64 -0.37 41.17 82.07
C LEU F 64 -0.98 42.21 81.12
N VAL F 65 -0.17 43.00 80.41
CA VAL F 65 -0.73 43.81 79.37
C VAL F 65 -1.12 42.87 78.20
N VAL F 66 -2.39 42.51 78.12
CA VAL F 66 -2.84 41.54 77.14
C VAL F 66 -3.05 42.19 75.78
N GLY F 67 -3.22 43.51 75.72
CA GLY F 67 -3.43 44.18 74.43
C GLY F 67 -3.72 45.66 74.55
N HIS F 68 -3.59 46.38 73.43
CA HIS F 68 -3.96 47.78 73.34
C HIS F 68 -4.85 48.00 72.12
N THR F 69 -6.13 48.31 72.30
CA THR F 69 -7.07 48.65 71.23
C THR F 69 -7.30 50.17 71.16
N VAL F 70 -7.06 50.75 69.97
CA VAL F 70 -7.39 52.13 69.68
C VAL F 70 -8.65 52.16 68.83
N ALA F 71 -9.79 52.64 69.37
CA ALA F 71 -11.03 52.61 68.64
C ALA F 71 -11.38 53.99 68.09
N ASP F 72 -11.84 54.00 66.83
CA ASP F 72 -12.43 55.20 66.23
C ASP F 72 -13.83 55.37 66.83
N ILE F 73 -14.03 56.37 67.70
CA ILE F 73 -15.34 56.58 68.28
C ILE F 73 -15.92 57.90 67.77
N SER F 74 -15.27 58.50 66.78
CA SER F 74 -15.64 59.82 66.31
C SER F 74 -17.12 59.93 65.90
N GLY F 75 -17.75 58.83 65.43
CA GLY F 75 -19.12 58.86 64.94
C GLY F 75 -20.14 58.97 66.09
N ALA F 76 -20.00 58.09 67.07
CA ALA F 76 -20.81 58.11 68.27
C ALA F 76 -20.62 59.46 69.02
N PHE F 77 -19.38 59.96 69.04
CA PHE F 77 -19.09 61.20 69.70
C PHE F 77 -19.82 62.34 69.00
N ARG F 78 -19.70 62.39 67.68
CA ARG F 78 -20.42 63.34 66.85
C ARG F 78 -21.91 63.29 67.13
N SER F 79 -22.51 62.11 67.15
CA SER F 79 -23.97 62.01 67.25
C SER F 79 -24.45 62.48 68.63
N ILE F 80 -23.63 62.24 69.66
CA ILE F 80 -24.06 62.46 71.03
C ILE F 80 -23.85 63.90 71.40
N ALA F 81 -22.72 64.47 70.97
CA ALA F 81 -22.18 65.67 71.59
C ALA F 81 -21.94 66.81 70.61
N ILE F 82 -21.82 66.54 69.31
CA ILE F 82 -21.47 67.62 68.39
C ILE F 82 -22.67 68.02 67.53
N GLU F 83 -23.52 67.07 67.17
CA GLU F 83 -24.55 67.30 66.16
C GLU F 83 -25.50 68.42 66.64
N ALA F 84 -25.87 68.36 67.93
CA ALA F 84 -26.80 69.26 68.55
C ALA F 84 -26.09 70.30 69.44
N LEU F 85 -24.92 70.78 69.01
CA LEU F 85 -24.07 71.57 69.89
C LEU F 85 -24.72 72.91 70.20
N GLU F 86 -25.39 73.52 69.22
CA GLU F 86 -26.17 74.73 69.46
C GLU F 86 -27.22 74.50 70.56
N GLN F 87 -28.12 73.56 70.32
CA GLN F 87 -29.20 73.27 71.24
C GLN F 87 -28.61 72.96 72.61
N ASP F 88 -27.55 72.14 72.65
CA ASP F 88 -26.96 71.70 73.90
C ASP F 88 -26.49 72.91 74.71
N ILE F 89 -25.80 73.85 74.07
CA ILE F 89 -25.16 74.93 74.79
C ILE F 89 -26.21 75.97 75.19
N LEU F 90 -27.14 76.28 74.27
CA LEU F 90 -28.23 77.18 74.57
C LEU F 90 -29.08 76.65 75.73
N LYS F 91 -29.23 75.34 75.85
CA LYS F 91 -30.05 74.77 76.91
C LYS F 91 -29.29 74.82 78.22
N TYR F 92 -28.12 74.19 78.26
CA TYR F 92 -27.44 73.95 79.53
C TYR F 92 -26.53 75.13 79.88
N ARG F 93 -26.23 76.00 78.93
CA ARG F 93 -25.35 77.17 79.13
C ARG F 93 -23.92 76.68 79.35
N LYS F 94 -23.66 75.42 79.02
CA LYS F 94 -22.34 74.82 79.28
C LYS F 94 -21.88 73.91 78.13
N ASN F 95 -20.61 74.00 77.73
CA ASN F 95 -20.05 73.04 76.75
C ASN F 95 -19.82 71.73 77.49
N LEU F 96 -20.67 70.75 77.22
CA LEU F 96 -20.55 69.44 77.90
C LEU F 96 -20.04 68.38 76.92
N VAL F 97 -19.25 68.80 75.93
CA VAL F 97 -18.78 67.87 74.85
C VAL F 97 -17.98 66.72 75.48
N LEU F 98 -17.21 67.01 76.51
CA LEU F 98 -16.35 65.95 77.05
C LEU F 98 -17.15 65.00 77.90
N LEU F 99 -18.31 65.42 78.38
CA LEU F 99 -19.18 64.48 79.07
C LEU F 99 -19.86 63.57 78.05
N GLY F 100 -20.30 64.16 76.94
CA GLY F 100 -20.73 63.41 75.79
C GLY F 100 -19.70 62.37 75.35
N GLU F 101 -18.44 62.81 75.21
CA GLU F 101 -17.40 61.89 74.79
C GLU F 101 -17.42 60.66 75.69
N LYS F 102 -17.59 60.84 77.01
CA LYS F 102 -17.46 59.73 77.91
C LYS F 102 -18.67 58.80 77.77
N LEU F 103 -19.85 59.36 77.46
CA LEU F 103 -21.00 58.52 77.16
C LEU F 103 -20.75 57.73 75.86
N ALA F 104 -20.19 58.37 74.81
CA ALA F 104 -19.82 57.68 73.60
C ALA F 104 -18.84 56.54 73.90
N ILE F 105 -17.85 56.79 74.80
CA ILE F 105 -16.90 55.76 75.17
C ILE F 105 -17.65 54.56 75.71
N HIS F 106 -18.58 54.78 76.64
CA HIS F 106 -19.28 53.69 77.30
C HIS F 106 -20.24 52.93 76.36
N ALA F 107 -20.86 53.62 75.37
CA ALA F 107 -21.68 52.96 74.37
C ALA F 107 -20.81 51.99 73.57
N HIS F 108 -19.68 52.47 73.06
CA HIS F 108 -18.72 51.62 72.39
C HIS F 108 -18.25 50.44 73.27
N LEU F 109 -18.13 50.64 74.57
CA LEU F 109 -17.57 49.59 75.42
C LEU F 109 -18.58 48.47 75.66
N VAL F 110 -19.87 48.80 75.64
CA VAL F 110 -20.89 47.75 75.71
C VAL F 110 -20.65 46.80 74.53
N ASP F 111 -20.54 47.38 73.33
CA ASP F 111 -20.37 46.57 72.15
C ASP F 111 -19.07 45.78 72.22
N PHE F 112 -17.99 46.47 72.59
CA PHE F 112 -16.67 45.85 72.70
C PHE F 112 -16.71 44.72 73.70
N CYS F 113 -17.30 44.92 74.86
CA CYS F 113 -17.31 43.90 75.90
C CYS F 113 -18.12 42.69 75.47
N ARG F 114 -19.26 42.92 74.83
CA ARG F 114 -20.13 41.81 74.40
C ARG F 114 -19.41 40.99 73.34
N ARG F 115 -18.64 41.67 72.50
CA ARG F 115 -18.00 40.95 71.36
C ARG F 115 -16.63 40.35 71.75
N ASN F 116 -16.05 40.74 72.88
CA ASN F 116 -14.78 40.14 73.27
C ASN F 116 -14.83 39.47 74.64
N ASP F 117 -16.00 39.12 75.14
CA ASP F 117 -16.11 38.37 76.38
C ASP F 117 -15.37 39.06 77.53
N ILE F 118 -15.58 40.37 77.70
CA ILE F 118 -15.08 41.12 78.83
C ILE F 118 -16.29 41.59 79.61
N ASN F 119 -16.30 41.46 80.93
CA ASN F 119 -17.45 41.95 81.68
C ASN F 119 -17.05 42.83 82.86
N THR F 120 -15.80 43.29 82.92
CA THR F 120 -15.37 44.28 83.90
C THR F 120 -14.57 45.33 83.15
N ILE F 121 -15.00 46.61 83.23
CA ILE F 121 -14.26 47.74 82.69
C ILE F 121 -13.83 48.64 83.84
N ASN F 122 -12.75 49.39 83.64
CA ASN F 122 -12.13 50.19 84.67
C ASN F 122 -11.67 51.50 84.05
N ASP F 123 -11.78 52.62 84.73
CA ASP F 123 -11.12 53.83 84.25
C ASP F 123 -10.22 54.40 85.35
N GLY F 124 -9.60 55.55 85.10
CA GLY F 124 -8.81 56.22 86.12
C GLY F 124 -9.42 57.57 86.52
N ILE F 125 -10.75 57.59 86.69
CA ILE F 125 -11.36 58.78 87.27
C ILE F 125 -10.84 58.94 88.69
N THR F 126 -10.39 60.16 89.01
CA THR F 126 -9.90 60.46 90.36
C THR F 126 -10.73 61.51 91.10
N HIS F 127 -10.90 61.34 92.41
CA HIS F 127 -11.48 62.32 93.33
C HIS F 127 -10.98 63.75 93.07
N TYR F 128 -9.68 63.95 92.88
CA TYR F 128 -9.09 65.29 92.77
C TYR F 128 -9.47 65.95 91.46
N GLN F 129 -10.12 65.24 90.54
CA GLN F 129 -10.52 65.79 89.24
C GLN F 129 -12.05 65.81 89.10
N MET F 130 -12.79 65.78 90.20
CA MET F 130 -14.25 65.80 90.25
C MET F 130 -14.86 67.05 89.58
N GLU F 131 -14.14 68.17 89.49
CA GLU F 131 -14.52 69.36 88.76
C GLU F 131 -14.80 69.11 87.28
N PHE F 132 -14.32 68.00 86.70
CA PHE F 132 -14.65 67.60 85.34
C PHE F 132 -15.88 66.69 85.34
N PRO F 133 -16.89 66.99 84.48
CA PRO F 133 -18.16 66.29 84.49
C PRO F 133 -18.07 64.78 84.48
N GLU F 134 -17.15 64.27 83.65
CA GLU F 134 -17.00 62.83 83.46
C GLU F 134 -16.57 62.14 84.74
N GLN F 135 -16.04 62.90 85.73
CA GLN F 135 -15.47 62.33 86.91
C GLN F 135 -16.28 62.62 88.14
N ARG F 136 -17.43 63.34 88.01
CA ARG F 136 -18.26 63.55 89.18
C ARG F 136 -18.96 62.28 89.60
N LEU F 137 -19.21 62.10 90.88
CA LEU F 137 -19.89 60.93 91.39
C LEU F 137 -21.22 60.73 90.64
N VAL F 138 -21.90 61.83 90.28
CA VAL F 138 -23.19 61.71 89.68
C VAL F 138 -23.06 61.02 88.30
N ALA F 139 -22.05 61.39 87.52
CA ALA F 139 -21.75 60.79 86.23
C ALA F 139 -21.34 59.33 86.38
N LYS F 140 -20.48 59.08 87.37
CA LYS F 140 -20.00 57.75 87.61
C LYS F 140 -21.16 56.83 87.95
N THR F 141 -22.04 57.29 88.85
CA THR F 141 -23.16 56.48 89.33
C THR F 141 -24.10 56.18 88.14
N PHE F 142 -24.31 57.17 87.27
CA PHE F 142 -25.16 56.98 86.13
C PHE F 142 -24.55 55.89 85.22
N LEU F 143 -23.25 55.99 84.97
CA LEU F 143 -22.57 55.11 84.04
C LEU F 143 -22.46 53.69 84.61
N MET F 144 -22.41 53.54 85.93
CA MET F 144 -22.39 52.20 86.50
C MET F 144 -23.73 51.52 86.24
N GLU F 145 -24.81 52.31 86.36
CA GLU F 145 -26.16 51.81 86.17
C GLU F 145 -26.27 51.39 84.71
N MET F 146 -25.85 52.28 83.80
CA MET F 146 -25.89 52.00 82.39
C MET F 146 -25.16 50.68 82.11
N MET F 147 -23.94 50.52 82.64
CA MET F 147 -23.15 49.37 82.29
C MET F 147 -23.75 48.11 82.93
N ALA F 148 -24.39 48.25 84.07
CA ALA F 148 -24.98 47.10 84.73
C ALA F 148 -26.20 46.60 84.00
N GLN F 149 -26.86 47.48 83.21
CA GLN F 149 -28.00 47.05 82.43
C GLN F 149 -27.56 46.01 81.38
N TYR F 150 -26.29 46.04 80.98
CA TYR F 150 -25.73 45.06 80.06
C TYR F 150 -24.85 44.02 80.77
N ASP F 151 -25.06 43.86 82.08
CA ASP F 151 -24.30 42.89 82.87
C ASP F 151 -22.80 43.15 82.77
N ILE F 152 -22.42 44.43 82.71
CA ILE F 152 -21.02 44.81 82.71
C ILE F 152 -20.69 45.54 84.01
N ASN F 153 -19.63 45.14 84.70
CA ASN F 153 -19.17 45.75 85.92
C ASN F 153 -18.26 46.92 85.61
N TYR F 154 -18.62 48.14 86.05
CA TYR F 154 -17.82 49.34 85.80
C TYR F 154 -17.22 49.78 87.13
N GLN F 155 -15.87 49.80 87.22
CA GLN F 155 -15.13 50.09 88.43
C GLN F 155 -14.16 51.22 88.15
N SER F 156 -13.75 51.90 89.21
CA SER F 156 -12.81 53.00 89.14
C SER F 156 -11.74 52.81 90.20
N PRO F 157 -10.73 51.96 89.92
CA PRO F 157 -9.87 51.42 90.97
C PRO F 157 -9.01 52.43 91.72
N VAL F 158 -8.81 53.64 91.17
CA VAL F 158 -7.97 54.63 91.84
C VAL F 158 -8.78 55.85 92.30
N TYR F 159 -10.11 55.71 92.34
CA TYR F 159 -11.00 56.84 92.57
C TYR F 159 -10.92 57.38 94.00
N GLU F 160 -11.10 56.50 94.97
CA GLU F 160 -11.04 56.83 96.40
C GLU F 160 -9.64 57.25 96.83
N PHE F 161 -8.60 56.72 96.17
CA PHE F 161 -7.25 56.81 96.75
C PHE F 161 -6.67 58.16 96.34
N ALA F 162 -6.94 58.59 95.10
CA ALA F 162 -6.26 59.75 94.56
C ALA F 162 -6.96 61.02 95.06
N GLN F 163 -6.52 61.53 96.20
CA GLN F 163 -7.02 62.78 96.77
C GLN F 163 -6.25 63.96 96.19
N SER F 164 -5.11 63.71 95.54
CA SER F 164 -4.32 64.76 94.91
C SER F 164 -3.52 64.17 93.75
N ALA F 165 -3.01 65.01 92.86
CA ALA F 165 -2.18 64.54 91.77
C ALA F 165 -0.93 63.83 92.32
N ASP F 166 -0.33 64.44 93.35
CA ASP F 166 0.90 63.97 93.95
C ASP F 166 0.76 62.53 94.40
N ASP F 167 -0.42 62.13 94.89
CA ASP F 167 -0.59 60.76 95.35
C ASP F 167 -0.32 59.77 94.23
N VAL F 168 -0.92 60.05 93.04
CA VAL F 168 -0.82 59.17 91.89
C VAL F 168 0.61 59.16 91.39
N LYS F 169 1.20 60.34 91.23
CA LYS F 169 2.56 60.48 90.79
C LYS F 169 3.52 59.58 91.55
N TYR F 170 3.44 59.57 92.89
CA TYR F 170 4.56 59.02 93.66
C TYR F 170 4.39 57.50 93.65
N ARG F 171 3.15 57.04 93.48
CA ARG F 171 2.91 55.61 93.36
C ARG F 171 3.44 55.12 92.00
N LEU F 172 3.35 55.96 90.97
CA LEU F 172 3.86 55.58 89.67
C LEU F 172 5.37 55.50 89.75
N LEU F 173 5.96 56.45 90.45
CA LEU F 173 7.41 56.53 90.56
C LEU F 173 7.91 55.27 91.24
N GLN F 174 7.17 54.75 92.21
CA GLN F 174 7.59 53.55 92.92
C GLN F 174 7.55 52.34 92.02
N LEU F 175 6.86 52.44 90.88
CA LEU F 175 6.77 51.34 89.92
C LEU F 175 7.82 51.50 88.83
N GLY F 176 8.56 52.61 88.86
CA GLY F 176 9.58 52.88 87.88
C GLY F 176 8.98 53.44 86.60
N ILE F 177 7.74 53.96 86.70
CA ILE F 177 7.05 54.62 85.60
C ILE F 177 7.04 56.12 85.84
N SER F 178 7.22 56.87 84.74
CA SER F 178 7.25 58.33 84.77
C SER F 178 5.92 58.90 85.29
N THR F 179 5.99 60.15 85.77
CA THR F 179 4.90 60.69 86.57
C THR F 179 4.03 61.62 85.72
N LYS F 180 4.47 61.87 84.48
CA LYS F 180 3.84 62.82 83.59
C LYS F 180 2.64 62.17 82.91
N SER F 181 1.68 63.01 82.51
CA SER F 181 0.53 62.56 81.72
C SER F 181 0.91 62.60 80.25
N LEU F 182 1.16 61.43 79.68
CA LEU F 182 1.67 61.39 78.30
C LEU F 182 0.51 60.96 77.41
N GLU F 183 -0.45 61.87 77.26
CA GLU F 183 -1.70 61.65 76.57
C GLU F 183 -1.87 62.81 75.60
N GLY F 184 -2.74 62.64 74.62
CA GLY F 184 -3.08 63.73 73.73
C GLY F 184 -3.96 64.76 74.45
N ILE F 185 -4.01 65.99 73.89
CA ILE F 185 -4.96 66.95 74.41
C ILE F 185 -6.18 67.04 73.47
N SER F 186 -7.37 67.06 74.08
CA SER F 186 -8.58 67.45 73.40
C SER F 186 -8.48 68.88 72.92
N ILE F 187 -8.97 69.14 71.70
CA ILE F 187 -9.08 70.50 71.20
C ILE F 187 -10.07 71.28 72.10
N PHE F 188 -10.91 70.56 72.85
CA PHE F 188 -11.86 71.15 73.75
C PHE F 188 -11.27 71.43 75.16
N ALA F 189 -10.00 71.17 75.40
CA ALA F 189 -9.41 71.38 76.70
C ALA F 189 -9.49 72.85 77.09
N ASP F 190 -10.04 73.13 78.27
CA ASP F 190 -10.15 74.50 78.77
C ASP F 190 -11.00 75.34 77.83
N SER F 191 -12.09 74.74 77.32
CA SER F 191 -13.05 75.44 76.46
C SER F 191 -14.44 75.41 77.13
N PHE F 192 -14.49 75.07 78.42
CA PHE F 192 -15.74 74.94 79.11
C PHE F 192 -15.57 75.59 80.48
N SER F 193 -16.71 76.02 81.03
CA SER F 193 -16.80 76.35 82.44
C SER F 193 -17.40 75.12 83.14
N THR F 194 -17.27 75.12 84.46
CA THR F 194 -17.65 74.00 85.29
C THR F 194 -19.18 73.99 85.44
N PRO F 195 -19.82 72.83 85.21
CA PRO F 195 -21.23 72.67 85.41
C PRO F 195 -21.61 72.14 86.79
N SER F 196 -22.87 72.37 87.17
CA SER F 196 -23.42 71.76 88.36
C SER F 196 -23.72 70.28 88.12
N ASP F 197 -23.81 69.53 89.20
CA ASP F 197 -24.25 68.15 89.21
C ASP F 197 -25.62 68.01 88.52
N ASP F 198 -26.55 68.93 88.79
CA ASP F 198 -27.89 68.81 88.25
C ASP F 198 -27.79 68.76 86.73
N VAL F 199 -26.94 69.62 86.18
CA VAL F 199 -26.75 69.83 84.77
C VAL F 199 -26.04 68.62 84.14
N VAL F 200 -25.07 68.07 84.85
CA VAL F 200 -24.34 66.89 84.39
C VAL F 200 -25.32 65.73 84.23
N LEU F 201 -26.17 65.52 85.25
CA LEU F 201 -27.08 64.40 85.25
C LEU F 201 -28.16 64.58 84.18
N ALA F 202 -28.58 65.82 83.94
CA ALA F 202 -29.67 66.08 83.02
C ALA F 202 -29.20 65.85 81.59
N TYR F 203 -27.94 66.22 81.29
CA TYR F 203 -27.33 66.01 79.98
C TYR F 203 -27.22 64.52 79.69
N LEU F 204 -26.71 63.78 80.64
CA LEU F 204 -26.56 62.36 80.54
C LEU F 204 -27.91 61.71 80.28
N ARG F 205 -28.95 62.09 81.01
CA ARG F 205 -30.27 61.43 80.85
C ARG F 205 -30.90 61.82 79.51
N GLU F 206 -30.62 63.01 79.03
CA GLU F 206 -31.13 63.45 77.74
C GLU F 206 -30.43 62.72 76.59
N LYS F 207 -29.10 62.45 76.69
CA LYS F 207 -28.36 61.79 75.64
C LYS F 207 -28.43 60.27 75.76
N ALA F 208 -28.89 59.73 76.87
CA ALA F 208 -28.88 58.31 77.08
C ALA F 208 -29.62 57.57 75.97
N PRO F 209 -30.80 58.00 75.48
CA PRO F 209 -31.53 57.24 74.45
C PRO F 209 -30.67 57.07 73.19
N LEU F 210 -30.00 58.13 72.78
CA LEU F 210 -29.10 58.10 71.61
C LEU F 210 -27.93 57.14 71.88
N ALA F 211 -27.44 57.08 73.11
CA ALA F 211 -26.32 56.18 73.45
C ALA F 211 -26.77 54.73 73.38
N HIS F 212 -27.95 54.44 73.91
CA HIS F 212 -28.44 53.09 73.87
C HIS F 212 -28.77 52.67 72.43
N ASN F 213 -29.14 53.65 71.62
CA ASN F 213 -29.53 53.40 70.24
C ASN F 213 -28.27 53.00 69.47
N ILE F 214 -27.17 53.73 69.71
CA ILE F 214 -25.88 53.44 69.11
C ILE F 214 -25.41 52.04 69.52
N VAL F 215 -25.68 51.64 70.76
CA VAL F 215 -25.38 50.28 71.19
C VAL F 215 -26.15 49.28 70.32
N ASN F 216 -27.44 49.55 70.14
CA ASN F 216 -28.32 48.68 69.38
C ASN F 216 -27.85 48.55 67.92
N PHE F 217 -27.44 49.66 67.32
CA PHE F 217 -26.90 49.67 65.97
C PHE F 217 -25.62 48.84 65.91
N LEU F 218 -24.65 49.08 66.79
CA LEU F 218 -23.38 48.36 66.78
C LEU F 218 -23.60 46.87 66.98
N ALA F 219 -24.72 46.45 67.56
CA ALA F 219 -25.03 45.04 67.73
C ALA F 219 -25.80 44.49 66.53
N GLY F 220 -26.05 45.32 65.52
CA GLY F 220 -26.84 44.95 64.36
C GLY F 220 -28.31 44.68 64.64
N GLU F 221 -28.93 45.33 65.65
CA GLU F 221 -30.29 45.04 66.03
C GLU F 221 -31.30 46.08 65.52
N THR F 222 -30.77 47.25 65.14
CA THR F 222 -31.63 48.30 64.57
C THR F 222 -30.81 49.24 63.72
N LEU F 223 -31.49 49.99 62.87
CA LEU F 223 -30.85 51.03 62.04
C LEU F 223 -31.63 52.33 62.34
N ASN F 224 -32.83 52.20 62.91
CA ASN F 224 -33.71 53.39 63.12
C ASN F 224 -33.30 54.20 64.35
N PRO F 225 -33.52 55.54 64.33
CA PRO F 225 -33.17 56.44 65.42
C PRO F 225 -33.97 56.14 66.69
N PRO F 226 -33.56 56.73 67.84
CA PRO F 226 -34.36 56.57 69.06
C PRO F 226 -35.77 57.17 68.82
N VAL F 227 -36.84 56.73 69.54
CA VAL F 227 -38.18 57.35 69.36
C VAL F 227 -38.14 58.73 70.05
N SER G 6 -20.14 -18.41 -18.06
CA SER G 6 -20.05 -17.11 -18.76
C SER G 6 -21.00 -16.12 -18.07
N VAL G 7 -20.56 -14.87 -18.02
CA VAL G 7 -21.18 -13.83 -17.22
C VAL G 7 -21.98 -12.96 -18.18
N LYS G 8 -23.04 -12.33 -17.67
CA LYS G 8 -23.89 -11.48 -18.47
C LYS G 8 -23.13 -10.28 -19.02
N PRO G 9 -23.11 -10.05 -20.36
CA PRO G 9 -22.40 -8.91 -20.90
C PRO G 9 -22.93 -7.58 -20.37
N GLN G 10 -22.04 -6.59 -20.34
CA GLN G 10 -22.37 -5.26 -19.89
C GLN G 10 -21.89 -4.29 -20.95
N LEU G 11 -22.43 -3.09 -20.97
CA LEU G 11 -22.08 -2.11 -21.99
C LEU G 11 -21.07 -1.14 -21.39
N VAL G 12 -20.21 -0.60 -22.25
CA VAL G 12 -19.30 0.44 -21.88
C VAL G 12 -19.46 1.59 -22.86
N MET G 13 -19.66 2.79 -22.32
CA MET G 13 -19.70 4.03 -23.13
C MET G 13 -18.26 4.22 -23.58
N PHE G 14 -17.99 3.95 -24.84
CA PHE G 14 -16.61 3.85 -25.31
C PHE G 14 -16.36 4.88 -26.39
N THR G 15 -15.39 5.75 -26.15
CA THR G 15 -15.10 6.84 -27.08
C THR G 15 -13.82 6.60 -27.85
N GLY G 16 -13.02 5.60 -27.44
CA GLY G 16 -11.67 5.47 -27.92
C GLY G 16 -10.65 6.16 -27.01
N GLY G 17 -11.13 6.93 -26.02
CA GLY G 17 -10.22 7.63 -25.13
C GLY G 17 -9.60 6.64 -24.14
N ARG G 18 -8.45 7.03 -23.58
CA ARG G 18 -7.74 6.15 -22.62
C ARG G 18 -8.63 5.72 -21.46
N ASP G 19 -9.44 6.63 -20.93
CA ASP G 19 -10.27 6.34 -19.73
C ASP G 19 -11.33 5.28 -20.04
N SER G 20 -12.07 5.41 -21.14
CA SER G 20 -13.12 4.43 -21.39
C SER G 20 -12.51 3.13 -21.93
N THR G 21 -11.38 3.25 -22.63
CA THR G 21 -10.59 2.05 -22.96
C THR G 21 -10.25 1.28 -21.68
N LEU G 22 -9.73 1.97 -20.65
CA LEU G 22 -9.31 1.30 -19.43
C LEU G 22 -10.50 0.67 -18.75
N ALA G 23 -11.64 1.37 -18.76
CA ALA G 23 -12.81 0.89 -18.05
C ALA G 23 -13.23 -0.44 -18.66
N ALA G 24 -13.26 -0.48 -19.99
CA ALA G 24 -13.61 -1.70 -20.71
C ALA G 24 -12.58 -2.80 -20.43
N CYS G 25 -11.29 -2.49 -20.54
CA CYS G 25 -10.26 -3.47 -20.22
C CYS G 25 -10.41 -4.00 -18.79
N TYR G 26 -10.67 -3.10 -17.83
CA TYR G 26 -10.73 -3.50 -16.44
C TYR G 26 -11.87 -4.50 -16.26
N LEU G 27 -13.04 -4.24 -16.86
CA LEU G 27 -14.12 -5.20 -16.73
C LEU G 27 -13.71 -6.55 -17.36
N MET G 28 -13.05 -6.52 -18.51
CA MET G 28 -12.73 -7.74 -19.23
C MET G 28 -11.70 -8.57 -18.44
N LEU G 29 -10.75 -7.89 -17.77
CA LEU G 29 -9.78 -8.56 -16.94
C LEU G 29 -10.48 -9.42 -15.90
N GLN G 30 -11.68 -9.03 -15.50
CA GLN G 30 -12.40 -9.79 -14.49
C GLN G 30 -13.25 -10.87 -15.11
N GLY G 31 -13.22 -10.98 -16.45
CA GLY G 31 -14.06 -11.97 -17.12
C GLY G 31 -15.49 -11.47 -17.40
N ILE G 32 -15.69 -10.13 -17.44
CA ILE G 32 -16.98 -9.56 -17.77
C ILE G 32 -16.97 -9.15 -19.24
N PRO G 33 -17.78 -9.80 -20.10
CA PRO G 33 -17.82 -9.43 -21.50
C PRO G 33 -18.42 -8.03 -21.66
N VAL G 34 -17.85 -7.22 -22.55
CA VAL G 34 -18.37 -5.88 -22.73
C VAL G 34 -18.81 -5.70 -24.19
N HIS G 35 -19.97 -5.06 -24.32
CA HIS G 35 -20.44 -4.46 -25.56
C HIS G 35 -19.95 -3.03 -25.59
N LEU G 36 -19.05 -2.68 -26.52
CA LEU G 36 -18.55 -1.33 -26.64
C LEU G 36 -19.56 -0.51 -27.42
N TRP G 37 -20.01 0.65 -26.87
CA TRP G 37 -21.00 1.49 -27.51
C TRP G 37 -20.46 2.89 -27.72
N SER G 38 -20.41 3.35 -28.99
CA SER G 38 -19.98 4.68 -29.37
C SER G 38 -21.14 5.43 -30.04
N GLY G 39 -21.34 6.69 -29.63
CA GLY G 39 -22.34 7.57 -30.19
C GLY G 39 -21.69 8.48 -31.22
N ASN G 40 -22.25 8.56 -32.42
CA ASN G 40 -21.81 9.51 -33.43
C ASN G 40 -22.90 10.56 -33.59
N SER G 41 -22.54 11.81 -33.27
CA SER G 41 -23.48 12.89 -33.05
C SER G 41 -23.54 13.75 -34.30
N GLY G 42 -22.67 13.46 -35.25
CA GLY G 42 -22.70 14.08 -36.57
C GLY G 42 -21.78 15.29 -36.68
N CYS G 43 -21.19 15.71 -35.56
CA CYS G 43 -20.30 16.86 -35.54
C CYS G 43 -18.92 16.49 -34.98
N SER G 44 -18.54 15.20 -35.03
CA SER G 44 -17.22 14.77 -34.64
C SER G 44 -16.33 14.67 -35.85
N LEU G 45 -15.07 15.11 -35.73
CA LEU G 45 -14.16 15.08 -36.85
C LEU G 45 -13.10 14.00 -36.60
N HIS G 46 -12.59 13.44 -37.70
CA HIS G 46 -11.44 12.53 -37.72
C HIS G 46 -11.66 11.36 -36.77
N ARG G 47 -12.75 10.62 -37.02
CA ARG G 47 -13.17 9.51 -36.17
C ARG G 47 -12.54 8.19 -36.57
N GLY G 48 -11.85 8.12 -37.72
CA GLY G 48 -11.38 6.85 -38.24
C GLY G 48 -10.51 6.07 -37.25
N ILE G 49 -9.68 6.81 -36.47
CA ILE G 49 -8.67 6.19 -35.63
C ILE G 49 -9.32 5.38 -34.50
N LEU G 50 -10.62 5.54 -34.30
CA LEU G 50 -11.33 4.72 -33.31
C LEU G 50 -11.14 3.22 -33.58
N SER G 51 -11.19 2.79 -34.84
CA SER G 51 -11.13 1.38 -35.16
C SER G 51 -9.77 0.77 -34.80
N HIS G 52 -8.68 1.55 -34.89
CA HIS G 52 -7.38 1.10 -34.43
C HIS G 52 -7.48 0.68 -32.95
N ARG G 53 -8.20 1.45 -32.14
CA ARG G 53 -8.30 1.17 -30.72
C ARG G 53 -9.13 -0.08 -30.48
N VAL G 54 -10.22 -0.25 -31.22
CA VAL G 54 -11.07 -1.42 -31.08
C VAL G 54 -10.25 -2.67 -31.41
N GLU G 55 -9.36 -2.58 -32.40
CA GLU G 55 -8.58 -3.71 -32.85
C GLU G 55 -7.61 -4.15 -31.73
N GLU G 56 -6.87 -3.20 -31.14
CA GLU G 56 -6.04 -3.49 -29.99
C GLU G 56 -6.78 -4.31 -28.94
N MET G 57 -8.06 -3.96 -28.68
CA MET G 57 -8.79 -4.55 -27.58
C MET G 57 -9.21 -5.97 -27.94
N LYS G 58 -9.65 -6.18 -29.19
CA LYS G 58 -9.95 -7.52 -29.70
C LYS G 58 -8.70 -8.41 -29.58
N ASN G 59 -7.56 -7.88 -30.04
CA ASN G 59 -6.28 -8.56 -29.97
C ASN G 59 -6.00 -9.00 -28.53
N ARG G 60 -6.26 -8.12 -27.53
CA ARG G 60 -5.84 -8.39 -26.17
C ARG G 60 -6.86 -9.23 -25.41
N PHE G 61 -8.16 -9.15 -25.73
CA PHE G 61 -9.19 -9.80 -24.91
C PHE G 61 -10.04 -10.82 -25.66
N GLY G 62 -10.05 -10.73 -26.99
CA GLY G 62 -10.80 -11.70 -27.81
C GLY G 62 -12.29 -11.76 -27.58
N ASP G 63 -12.81 -12.94 -27.21
CA ASP G 63 -14.27 -13.17 -27.04
C ASP G 63 -14.89 -12.15 -26.09
N LEU G 64 -14.15 -11.62 -25.12
CA LEU G 64 -14.73 -10.73 -24.10
C LEU G 64 -15.31 -9.49 -24.80
N VAL G 65 -14.66 -8.96 -25.82
CA VAL G 65 -15.26 -7.90 -26.63
C VAL G 65 -16.38 -8.53 -27.46
N VAL G 66 -17.62 -8.40 -27.01
CA VAL G 66 -18.74 -9.03 -27.67
C VAL G 66 -19.19 -8.22 -28.88
N GLY G 67 -18.86 -6.93 -28.96
CA GLY G 67 -19.14 -6.14 -30.14
C GLY G 67 -18.78 -4.66 -29.92
N HIS G 68 -18.81 -3.93 -31.04
CA HIS G 68 -18.70 -2.48 -31.07
C HIS G 68 -19.86 -1.94 -31.91
N THR G 69 -20.77 -1.19 -31.25
CA THR G 69 -21.87 -0.50 -31.91
C THR G 69 -21.53 1.00 -31.99
N VAL G 70 -21.60 1.53 -33.23
CA VAL G 70 -21.55 2.96 -33.47
C VAL G 70 -22.97 3.39 -33.81
N ALA G 71 -23.61 4.19 -32.96
CA ALA G 71 -24.97 4.62 -33.24
C ALA G 71 -25.02 6.05 -33.79
N ASP G 72 -25.83 6.26 -34.83
CA ASP G 72 -26.13 7.60 -35.31
C ASP G 72 -27.09 8.23 -34.29
N ILE G 73 -26.62 9.23 -33.53
CA ILE G 73 -27.46 9.88 -32.56
C ILE G 73 -27.64 11.32 -32.96
N SER G 74 -27.24 11.68 -34.18
CA SER G 74 -27.29 13.06 -34.62
C SER G 74 -28.69 13.68 -34.52
N GLY G 75 -29.77 12.87 -34.63
CA GLY G 75 -31.11 13.40 -34.61
C GLY G 75 -31.56 13.84 -33.21
N ALA G 76 -31.28 13.00 -32.22
CA ALA G 76 -31.58 13.34 -30.82
C ALA G 76 -30.68 14.48 -30.35
N PHE G 77 -29.44 14.50 -30.84
CA PHE G 77 -28.49 15.58 -30.47
C PHE G 77 -29.07 16.89 -30.97
N ARG G 78 -29.54 16.88 -32.22
CA ARG G 78 -30.09 18.12 -32.82
C ARG G 78 -31.36 18.52 -32.05
N SER G 79 -32.19 17.56 -31.70
CA SER G 79 -33.44 17.96 -31.08
C SER G 79 -33.19 18.54 -29.67
N ILE G 80 -32.21 17.98 -28.96
CA ILE G 80 -32.03 18.29 -27.56
C ILE G 80 -31.20 19.56 -27.41
N ALA G 81 -30.19 19.72 -28.27
CA ALA G 81 -29.10 20.63 -27.96
C ALA G 81 -28.82 21.66 -29.05
N ILE G 82 -29.30 21.42 -30.28
CA ILE G 82 -28.96 22.35 -31.35
C ILE G 82 -30.15 23.19 -31.76
N GLU G 83 -31.34 22.62 -31.84
CA GLU G 83 -32.53 23.33 -32.38
C GLU G 83 -32.77 24.67 -31.69
N ALA G 84 -32.70 24.67 -30.38
CA ALA G 84 -32.97 25.86 -29.57
C ALA G 84 -31.67 26.48 -29.03
N LEU G 85 -30.61 26.50 -29.86
CA LEU G 85 -29.30 26.91 -29.41
C LEU G 85 -29.29 28.38 -29.00
N GLU G 86 -29.98 29.25 -29.72
CA GLU G 86 -30.10 30.65 -29.33
C GLU G 86 -30.71 30.75 -27.93
N GLN G 87 -31.93 30.20 -27.79
CA GLN G 87 -32.66 30.29 -26.55
C GLN G 87 -31.81 29.71 -25.41
N ASP G 88 -31.17 28.56 -25.67
CA ASP G 88 -30.39 27.87 -24.65
C ASP G 88 -29.28 28.76 -24.14
N ILE G 89 -28.55 29.42 -25.06
CA ILE G 89 -27.36 30.14 -24.68
C ILE G 89 -27.75 31.47 -24.03
N LEU G 90 -28.76 32.13 -24.60
CA LEU G 90 -29.24 33.39 -24.04
C LEU G 90 -29.80 33.14 -22.63
N LYS G 91 -30.38 31.97 -22.38
CA LYS G 91 -30.97 31.72 -21.08
C LYS G 91 -29.85 31.43 -20.07
N TYR G 92 -29.01 30.40 -20.36
CA TYR G 92 -28.07 29.94 -19.37
C TYR G 92 -26.76 30.72 -19.42
N ARG G 93 -26.52 31.50 -20.50
CA ARG G 93 -25.27 32.23 -20.66
C ARG G 93 -24.08 31.26 -20.81
N LYS G 94 -24.37 30.02 -21.21
CA LYS G 94 -23.36 29.02 -21.39
C LYS G 94 -23.71 28.09 -22.55
N ASN G 95 -22.69 27.80 -23.36
CA ASN G 95 -22.82 26.81 -24.41
C ASN G 95 -22.75 25.44 -23.80
N LEU G 96 -23.93 24.82 -23.59
CA LEU G 96 -24.01 23.51 -22.98
C LEU G 96 -24.32 22.44 -24.03
N VAL G 97 -24.00 22.69 -25.30
CA VAL G 97 -24.21 21.70 -26.34
C VAL G 97 -23.72 20.28 -25.97
N LEU G 98 -22.52 20.17 -25.39
CA LEU G 98 -21.94 18.86 -25.13
C LEU G 98 -22.61 18.19 -23.95
N LEU G 99 -23.31 18.95 -23.10
CA LEU G 99 -24.10 18.33 -22.05
C LEU G 99 -25.37 17.74 -22.67
N GLY G 100 -25.96 18.47 -23.59
CA GLY G 100 -27.03 17.95 -24.44
C GLY G 100 -26.64 16.67 -25.17
N GLU G 101 -25.44 16.66 -25.77
CA GLU G 101 -24.99 15.44 -26.43
C GLU G 101 -25.08 14.27 -25.46
N LYS G 102 -24.70 14.47 -24.21
CA LYS G 102 -24.62 13.37 -23.26
C LYS G 102 -26.02 12.91 -22.89
N LEU G 103 -26.99 13.82 -22.86
CA LEU G 103 -28.36 13.42 -22.63
C LEU G 103 -28.90 12.63 -23.84
N ALA G 104 -28.58 13.08 -25.07
CA ALA G 104 -28.88 12.31 -26.27
C ALA G 104 -28.28 10.89 -26.21
N ILE G 105 -27.03 10.79 -25.72
CA ILE G 105 -26.38 9.50 -25.57
C ILE G 105 -27.21 8.61 -24.68
N HIS G 106 -27.64 9.13 -23.54
CA HIS G 106 -28.35 8.33 -22.54
C HIS G 106 -29.75 7.92 -23.00
N ALA G 107 -30.42 8.78 -23.79
CA ALA G 107 -31.71 8.42 -24.38
C ALA G 107 -31.53 7.21 -25.32
N HIS G 108 -30.57 7.31 -26.21
CA HIS G 108 -30.27 6.19 -27.09
C HIS G 108 -29.86 4.92 -26.33
N LEU G 109 -29.21 5.05 -25.16
CA LEU G 109 -28.74 3.84 -24.47
C LEU G 109 -29.91 3.12 -23.81
N VAL G 110 -30.96 3.88 -23.39
CA VAL G 110 -32.14 3.22 -22.85
C VAL G 110 -32.68 2.29 -23.96
N ASP G 111 -32.83 2.83 -25.17
CA ASP G 111 -33.40 2.06 -26.25
C ASP G 111 -32.51 0.85 -26.56
N PHE G 112 -31.19 1.11 -26.67
CA PHE G 112 -30.25 0.05 -26.95
C PHE G 112 -30.31 -1.03 -25.88
N CYS G 113 -30.23 -0.66 -24.62
CA CYS G 113 -30.13 -1.67 -23.54
C CYS G 113 -31.44 -2.47 -23.45
N ARG G 114 -32.57 -1.83 -23.68
CA ARG G 114 -33.88 -2.50 -23.53
C ARG G 114 -34.10 -3.47 -24.70
N ARG G 115 -33.51 -3.17 -25.86
CA ARG G 115 -33.68 -4.03 -27.05
C ARG G 115 -32.58 -5.11 -27.12
N ASN G 116 -31.45 -4.95 -26.41
CA ASN G 116 -30.42 -5.98 -26.44
C ASN G 116 -30.16 -6.61 -25.08
N ASP G 117 -31.12 -6.53 -24.17
CA ASP G 117 -31.05 -7.24 -22.91
C ASP G 117 -29.77 -6.91 -22.14
N ILE G 118 -29.45 -5.62 -22.02
CA ILE G 118 -28.35 -5.13 -21.21
C ILE G 118 -28.97 -4.30 -20.10
N ASN G 119 -28.55 -4.53 -18.86
CA ASN G 119 -29.06 -3.69 -17.80
C ASN G 119 -27.94 -3.12 -16.92
N THR G 120 -26.67 -3.21 -17.36
CA THR G 120 -25.58 -2.52 -16.68
C THR G 120 -24.79 -1.75 -17.74
N ILE G 121 -24.67 -0.42 -17.60
CA ILE G 121 -23.80 0.38 -18.44
C ILE G 121 -22.66 0.96 -17.59
N ASN G 122 -21.54 1.29 -18.25
CA ASN G 122 -20.34 1.71 -17.54
C ASN G 122 -19.73 2.84 -18.35
N ASP G 123 -19.19 3.84 -17.59
CA ASP G 123 -18.42 4.91 -18.17
C ASP G 123 -16.97 4.82 -17.72
N GLY G 124 -16.15 5.72 -18.27
CA GLY G 124 -14.75 5.79 -17.96
C GLY G 124 -14.36 6.98 -17.10
N ILE G 125 -15.19 7.33 -16.11
CA ILE G 125 -14.71 8.27 -15.10
C ILE G 125 -13.55 7.60 -14.37
N THR G 126 -12.42 8.32 -14.28
CA THR G 126 -11.25 7.85 -13.55
C THR G 126 -10.91 8.78 -12.38
N HIS G 127 -9.99 9.72 -12.67
CA HIS G 127 -9.56 10.82 -11.82
C HIS G 127 -10.32 12.11 -12.13
N TYR G 128 -10.25 13.11 -11.22
CA TYR G 128 -10.80 14.44 -11.45
C TYR G 128 -10.36 15.14 -12.75
N GLN G 129 -11.31 15.26 -13.69
CA GLN G 129 -11.13 15.99 -14.95
C GLN G 129 -12.04 17.23 -15.01
N MET G 130 -11.44 18.42 -14.91
CA MET G 130 -12.19 19.68 -14.85
C MET G 130 -13.05 19.96 -16.09
N GLU G 131 -12.66 19.46 -17.29
CA GLU G 131 -13.29 19.92 -18.54
C GLU G 131 -14.76 19.45 -18.62
N PHE G 132 -15.11 18.34 -17.93
CA PHE G 132 -16.20 17.49 -18.33
C PHE G 132 -17.26 17.75 -17.27
N PRO G 133 -18.24 18.65 -17.59
CA PRO G 133 -19.43 18.90 -16.78
C PRO G 133 -20.16 17.63 -16.34
N GLU G 134 -20.27 16.66 -17.24
CA GLU G 134 -21.02 15.43 -17.00
C GLU G 134 -20.37 14.61 -15.91
N GLN G 135 -19.13 14.94 -15.45
CA GLN G 135 -18.51 14.15 -14.41
C GLN G 135 -18.58 14.75 -13.01
N ARG G 136 -19.24 15.92 -12.90
CA ARG G 136 -19.57 16.45 -11.58
C ARG G 136 -20.73 15.68 -10.97
N LEU G 137 -20.71 15.56 -9.65
CA LEU G 137 -21.66 14.73 -8.92
C LEU G 137 -23.08 15.03 -9.35
N VAL G 138 -23.39 16.33 -9.58
CA VAL G 138 -24.80 16.65 -9.77
C VAL G 138 -25.28 16.05 -11.12
N ALA G 139 -24.44 16.11 -12.15
CA ALA G 139 -24.77 15.56 -13.46
C ALA G 139 -24.80 14.03 -13.39
N LYS G 140 -23.83 13.47 -12.68
CA LYS G 140 -23.72 12.02 -12.56
C LYS G 140 -24.98 11.49 -11.88
N THR G 141 -25.38 12.15 -10.78
CA THR G 141 -26.53 11.71 -10.00
C THR G 141 -27.80 11.80 -10.85
N PHE G 142 -27.92 12.84 -11.66
CA PHE G 142 -29.05 13.00 -12.54
C PHE G 142 -29.11 11.81 -13.52
N LEU G 143 -27.96 11.50 -14.13
CA LEU G 143 -27.94 10.49 -15.18
C LEU G 143 -28.15 9.06 -14.62
N MET G 144 -27.73 8.86 -13.36
CA MET G 144 -27.98 7.56 -12.75
C MET G 144 -29.47 7.39 -12.50
N GLU G 145 -30.14 8.47 -12.11
CA GLU G 145 -31.56 8.46 -11.80
C GLU G 145 -32.28 8.19 -13.10
N MET G 146 -31.93 8.90 -14.16
CA MET G 146 -32.57 8.63 -15.46
C MET G 146 -32.42 7.16 -15.82
N MET G 147 -31.22 6.60 -15.70
CA MET G 147 -31.06 5.23 -16.15
C MET G 147 -31.80 4.28 -15.23
N ALA G 148 -31.90 4.61 -13.96
CA ALA G 148 -32.57 3.76 -12.99
C ALA G 148 -34.08 3.75 -13.20
N GLN G 149 -34.62 4.79 -13.82
CA GLN G 149 -36.05 4.83 -14.11
C GLN G 149 -36.40 3.69 -15.09
N TYR G 150 -35.42 3.28 -15.91
CA TYR G 150 -35.58 2.19 -16.85
C TYR G 150 -34.91 0.91 -16.37
N ASP G 151 -34.68 0.80 -15.04
CA ASP G 151 -34.08 -0.35 -14.42
C ASP G 151 -32.71 -0.66 -15.07
N ILE G 152 -31.97 0.39 -15.41
CA ILE G 152 -30.62 0.24 -15.91
C ILE G 152 -29.62 0.78 -14.88
N ASN G 153 -28.67 -0.09 -14.52
CA ASN G 153 -27.63 0.28 -13.53
C ASN G 153 -26.50 1.03 -14.24
N TYR G 154 -26.11 2.17 -13.68
CA TYR G 154 -25.01 2.98 -14.24
C TYR G 154 -23.83 2.82 -13.29
N GLN G 155 -22.71 2.33 -13.81
CA GLN G 155 -21.54 2.05 -12.96
C GLN G 155 -20.32 2.78 -13.50
N SER G 156 -19.34 3.02 -12.64
CA SER G 156 -18.12 3.70 -12.96
C SER G 156 -16.96 2.85 -12.46
N PRO G 157 -16.60 1.78 -13.20
CA PRO G 157 -15.85 0.68 -12.59
C PRO G 157 -14.42 1.04 -12.11
N VAL G 158 -13.85 2.05 -12.75
CA VAL G 158 -12.47 2.47 -12.63
C VAL G 158 -12.40 3.89 -12.07
N TYR G 159 -13.45 4.34 -11.40
CA TYR G 159 -13.52 5.57 -10.62
C TYR G 159 -12.46 5.57 -9.52
N GLU G 160 -11.52 6.48 -9.68
CA GLU G 160 -10.42 6.67 -8.72
C GLU G 160 -9.45 5.49 -8.75
N PHE G 161 -9.35 4.81 -9.88
CA PHE G 161 -8.61 3.58 -9.95
C PHE G 161 -7.16 3.91 -10.24
N ALA G 162 -7.00 4.89 -11.14
CA ALA G 162 -5.83 5.75 -11.36
C ALA G 162 -6.01 7.23 -11.00
N GLN G 163 -4.96 7.80 -10.43
CA GLN G 163 -5.01 9.07 -9.72
C GLN G 163 -4.75 10.21 -10.72
N SER G 164 -4.20 9.91 -11.91
CA SER G 164 -3.79 10.94 -12.85
C SER G 164 -3.89 10.45 -14.30
N ALA G 165 -3.74 11.32 -15.28
CA ALA G 165 -3.71 10.91 -16.66
C ALA G 165 -2.58 9.92 -16.93
N ASP G 166 -1.38 10.21 -16.38
CA ASP G 166 -0.23 9.32 -16.61
C ASP G 166 -0.54 7.92 -16.08
N ASP G 167 -1.24 7.85 -14.98
CA ASP G 167 -1.57 6.58 -14.34
C ASP G 167 -2.44 5.78 -15.27
N VAL G 168 -3.43 6.37 -15.97
CA VAL G 168 -4.31 5.63 -16.86
C VAL G 168 -3.50 5.11 -18.05
N LYS G 169 -2.72 5.99 -18.67
CA LYS G 169 -1.86 5.60 -19.78
C LYS G 169 -1.04 4.36 -19.45
N TYR G 170 -0.31 4.37 -18.34
CA TYR G 170 0.66 3.28 -18.08
C TYR G 170 -0.07 2.02 -17.60
N ARG G 171 -1.33 2.14 -17.19
CA ARG G 171 -2.09 0.91 -16.86
C ARG G 171 -2.48 0.27 -18.20
N LEU G 172 -2.66 1.10 -19.21
CA LEU G 172 -2.98 0.58 -20.52
C LEU G 172 -1.72 -0.08 -21.10
N LEU G 173 -0.60 0.56 -20.90
CA LEU G 173 0.67 0.10 -21.41
C LEU G 173 0.98 -1.28 -20.82
N GLN G 174 0.64 -1.50 -19.55
CA GLN G 174 0.88 -2.77 -18.92
C GLN G 174 0.01 -3.86 -19.52
N LEU G 175 -1.03 -3.48 -20.26
CA LEU G 175 -1.92 -4.44 -20.91
C LEU G 175 -1.51 -4.63 -22.36
N GLY G 176 -0.50 -3.91 -22.81
CA GLY G 176 -0.04 -4.02 -24.18
C GLY G 176 -0.92 -3.25 -25.15
N ILE G 177 -1.67 -2.27 -24.61
CA ILE G 177 -2.48 -1.35 -25.39
C ILE G 177 -1.83 0.01 -25.38
N SER G 178 -1.92 0.73 -26.49
CA SER G 178 -1.33 2.06 -26.67
C SER G 178 -2.00 3.06 -25.71
N THR G 179 -1.30 4.17 -25.50
CA THR G 179 -1.57 5.10 -24.44
C THR G 179 -2.32 6.31 -24.98
N LYS G 180 -2.50 6.38 -26.30
CA LYS G 180 -3.01 7.56 -26.97
C LYS G 180 -4.52 7.60 -26.87
N SER G 181 -5.12 8.81 -26.90
CA SER G 181 -6.57 8.93 -26.95
C SER G 181 -6.98 8.94 -28.41
N LEU G 182 -7.50 7.82 -28.89
CA LEU G 182 -7.75 7.66 -30.30
C LEU G 182 -9.24 7.80 -30.52
N GLU G 183 -9.71 9.04 -30.39
CA GLU G 183 -11.13 9.36 -30.48
C GLU G 183 -11.25 10.52 -31.46
N GLY G 184 -12.45 10.71 -32.00
CA GLY G 184 -12.70 11.86 -32.88
C GLY G 184 -12.84 13.11 -32.01
N ILE G 185 -12.65 14.26 -32.64
CA ILE G 185 -12.74 15.55 -31.98
C ILE G 185 -14.09 16.18 -32.31
N SER G 186 -14.83 16.62 -31.29
CA SER G 186 -16.05 17.37 -31.49
C SER G 186 -15.67 18.72 -32.05
N ILE G 187 -16.45 19.21 -33.02
CA ILE G 187 -16.27 20.54 -33.54
C ILE G 187 -16.56 21.55 -32.42
N PHE G 188 -17.29 21.12 -31.39
CA PHE G 188 -17.61 22.00 -30.28
C PHE G 188 -16.59 21.99 -29.15
N ALA G 189 -15.48 21.24 -29.30
CA ALA G 189 -14.48 21.18 -28.24
C ALA G 189 -13.91 22.58 -28.00
N ASP G 190 -13.88 23.02 -26.76
CA ASP G 190 -13.34 24.32 -26.37
C ASP G 190 -14.13 25.43 -27.08
N SER G 191 -15.46 25.27 -27.05
CA SER G 191 -16.39 26.28 -27.55
C SER G 191 -17.28 26.82 -26.44
N PHE G 192 -16.91 26.54 -25.19
CA PHE G 192 -17.72 26.88 -24.03
C PHE G 192 -16.84 27.44 -22.92
N SER G 193 -17.45 28.21 -22.01
CA SER G 193 -16.83 28.52 -20.73
C SER G 193 -17.42 27.60 -19.67
N THR G 194 -16.83 27.60 -18.48
CA THR G 194 -17.21 26.69 -17.41
C THR G 194 -18.53 27.13 -16.78
N PRO G 195 -19.48 26.18 -16.66
CA PRO G 195 -20.78 26.46 -16.06
C PRO G 195 -20.83 26.12 -14.59
N SER G 196 -21.97 26.45 -13.99
CA SER G 196 -22.19 26.19 -12.55
C SER G 196 -23.00 24.91 -12.44
N ASP G 197 -22.94 24.27 -11.29
CA ASP G 197 -23.74 23.05 -11.05
C ASP G 197 -25.22 23.40 -11.14
N ASP G 198 -25.59 24.62 -10.75
CA ASP G 198 -27.02 25.06 -10.79
C ASP G 198 -27.46 25.15 -12.25
N VAL G 199 -26.58 25.68 -13.09
CA VAL G 199 -26.88 25.82 -14.51
C VAL G 199 -26.89 24.45 -15.19
N VAL G 200 -25.97 23.58 -14.80
CA VAL G 200 -25.88 22.25 -15.36
C VAL G 200 -27.15 21.49 -15.02
N LEU G 201 -27.59 21.56 -13.76
CA LEU G 201 -28.75 20.80 -13.34
C LEU G 201 -30.03 21.34 -13.96
N ALA G 202 -30.08 22.66 -14.19
CA ALA G 202 -31.29 23.28 -14.70
C ALA G 202 -31.46 22.90 -16.17
N TYR G 203 -30.35 22.87 -16.93
CA TYR G 203 -30.34 22.49 -18.33
C TYR G 203 -30.81 21.05 -18.48
N LEU G 204 -30.21 20.16 -17.68
CA LEU G 204 -30.57 18.75 -17.68
C LEU G 204 -32.08 18.62 -17.44
N ARG G 205 -32.60 19.30 -16.40
CA ARG G 205 -34.00 19.15 -16.02
C ARG G 205 -34.94 19.73 -17.07
N GLU G 206 -34.50 20.77 -17.79
CA GLU G 206 -35.27 21.36 -18.87
C GLU G 206 -35.29 20.47 -20.13
N LYS G 207 -34.19 19.78 -20.45
CA LYS G 207 -34.12 18.93 -21.63
C LYS G 207 -34.61 17.51 -21.34
N ALA G 208 -34.76 17.14 -20.07
CA ALA G 208 -35.13 15.78 -19.76
C ALA G 208 -36.43 15.37 -20.48
N PRO G 209 -37.52 16.15 -20.45
CA PRO G 209 -38.76 15.75 -21.12
C PRO G 209 -38.55 15.38 -22.58
N LEU G 210 -37.76 16.18 -23.30
CA LEU G 210 -37.36 15.84 -24.66
C LEU G 210 -36.64 14.48 -24.72
N ALA G 211 -35.74 14.22 -23.76
CA ALA G 211 -34.96 13.01 -23.78
C ALA G 211 -35.89 11.83 -23.60
N HIS G 212 -36.80 11.92 -22.64
CA HIS G 212 -37.70 10.81 -22.35
C HIS G 212 -38.66 10.57 -23.51
N ASN G 213 -38.98 11.65 -24.22
CA ASN G 213 -39.90 11.58 -25.33
C ASN G 213 -39.24 10.79 -26.45
N ILE G 214 -37.95 11.10 -26.71
CA ILE G 214 -37.17 10.42 -27.71
C ILE G 214 -37.05 8.94 -27.37
N VAL G 215 -36.92 8.61 -26.08
CA VAL G 215 -36.95 7.22 -25.67
C VAL G 215 -38.27 6.56 -26.07
N ASN G 216 -39.37 7.25 -25.79
CA ASN G 216 -40.71 6.74 -26.07
C ASN G 216 -40.90 6.52 -27.58
N PHE G 217 -40.43 7.46 -28.40
CA PHE G 217 -40.47 7.32 -29.84
C PHE G 217 -39.65 6.09 -30.29
N LEU G 218 -38.39 5.98 -29.86
CA LEU G 218 -37.51 4.92 -30.28
C LEU G 218 -38.07 3.56 -29.88
N ALA G 219 -38.94 3.51 -28.84
CA ALA G 219 -39.55 2.26 -28.44
C ALA G 219 -40.87 2.00 -29.17
N GLY G 220 -41.24 2.91 -30.07
CA GLY G 220 -42.50 2.81 -30.79
C GLY G 220 -43.75 3.02 -29.94
N GLU G 221 -43.69 3.86 -28.91
CA GLU G 221 -44.79 4.08 -27.98
C GLU G 221 -45.54 5.38 -28.26
N THR G 222 -44.90 6.38 -28.87
CA THR G 222 -45.62 7.59 -29.30
C THR G 222 -44.90 8.22 -30.50
N LEU G 223 -45.65 9.08 -31.21
CA LEU G 223 -45.12 9.99 -32.21
C LEU G 223 -45.12 11.43 -31.72
N ASN G 224 -45.93 11.72 -30.68
CA ASN G 224 -46.21 13.11 -30.35
C ASN G 224 -45.08 13.72 -29.54
N PRO G 225 -44.84 15.05 -29.68
CA PRO G 225 -43.88 15.76 -28.84
C PRO G 225 -44.24 15.72 -27.35
N PRO G 226 -43.42 16.26 -26.43
CA PRO G 226 -43.80 16.31 -25.01
C PRO G 226 -45.28 16.61 -24.78
N VAL H 7 -47.33 -9.55 -34.77
CA VAL H 7 -46.26 -10.26 -35.52
C VAL H 7 -46.71 -10.42 -36.97
N LYS H 8 -48.01 -10.35 -37.23
CA LYS H 8 -48.54 -10.45 -38.59
C LYS H 8 -48.04 -9.28 -39.45
N PRO H 9 -47.36 -9.53 -40.60
CA PRO H 9 -46.89 -8.41 -41.41
C PRO H 9 -48.05 -7.58 -41.95
N GLN H 10 -47.77 -6.31 -42.20
CA GLN H 10 -48.77 -5.37 -42.71
C GLN H 10 -48.12 -4.65 -43.88
N LEU H 11 -48.94 -4.11 -44.77
CA LEU H 11 -48.41 -3.47 -45.95
C LEU H 11 -48.41 -1.97 -45.73
N VAL H 12 -47.47 -1.29 -46.39
CA VAL H 12 -47.41 0.15 -46.38
C VAL H 12 -47.30 0.62 -47.81
N MET H 13 -48.17 1.58 -48.18
CA MET H 13 -48.11 2.22 -49.48
C MET H 13 -46.92 3.16 -49.45
N PHE H 14 -45.83 2.73 -50.06
CA PHE H 14 -44.56 3.37 -49.86
C PHE H 14 -44.07 4.00 -51.15
N THR H 15 -43.83 5.31 -51.12
CA THR H 15 -43.44 6.06 -52.29
C THR H 15 -41.98 6.48 -52.23
N GLY H 16 -41.35 6.36 -51.05
CA GLY H 16 -40.07 7.01 -50.82
C GLY H 16 -40.22 8.40 -50.19
N GLY H 17 -41.42 8.93 -50.14
CA GLY H 17 -41.62 10.23 -49.48
C GLY H 17 -41.41 10.16 -47.98
N ARG H 18 -41.21 11.31 -47.35
CA ARG H 18 -41.01 11.36 -45.89
C ARG H 18 -42.19 10.73 -45.16
N ASP H 19 -43.40 11.03 -45.60
CA ASP H 19 -44.60 10.60 -44.84
C ASP H 19 -44.75 9.09 -44.84
N SER H 20 -44.59 8.47 -46.00
CA SER H 20 -44.82 7.02 -46.01
C SER H 20 -43.59 6.33 -45.43
N THR H 21 -42.40 6.92 -45.60
CA THR H 21 -41.23 6.45 -44.87
C THR H 21 -41.51 6.41 -43.37
N LEU H 22 -42.03 7.50 -42.80
CA LEU H 22 -42.24 7.59 -41.35
C LEU H 22 -43.28 6.57 -40.93
N ALA H 23 -44.32 6.40 -41.75
CA ALA H 23 -45.40 5.50 -41.39
C ALA H 23 -44.83 4.09 -41.25
N ALA H 24 -44.03 3.70 -42.23
CA ALA H 24 -43.40 2.38 -42.21
C ALA H 24 -42.47 2.25 -41.01
N CYS H 25 -41.58 3.25 -40.80
CA CYS H 25 -40.69 3.21 -39.64
C CYS H 25 -41.47 3.09 -38.33
N TYR H 26 -42.56 3.87 -38.20
CA TYR H 26 -43.29 3.89 -36.95
C TYR H 26 -43.86 2.50 -36.68
N LEU H 27 -44.42 1.83 -37.70
CA LEU H 27 -44.93 0.50 -37.48
C LEU H 27 -43.81 -0.47 -37.06
N MET H 28 -42.64 -0.33 -37.69
CA MET H 28 -41.53 -1.24 -37.41
C MET H 28 -41.02 -1.05 -35.98
N LEU H 29 -40.98 0.21 -35.51
CA LEU H 29 -40.56 0.51 -34.15
C LEU H 29 -41.42 -0.28 -33.18
N GLN H 30 -42.67 -0.59 -33.56
CA GLN H 30 -43.56 -1.30 -32.66
C GLN H 30 -43.38 -2.80 -32.80
N GLY H 31 -42.50 -3.24 -33.70
CA GLY H 31 -42.29 -4.66 -33.90
C GLY H 31 -43.26 -5.25 -34.92
N ILE H 32 -43.85 -4.40 -35.80
CA ILE H 32 -44.74 -4.86 -36.84
C ILE H 32 -43.95 -4.93 -38.14
N PRO H 33 -43.76 -6.13 -38.72
CA PRO H 33 -43.06 -6.24 -39.98
C PRO H 33 -43.86 -5.59 -41.11
N VAL H 34 -43.20 -4.84 -42.00
CA VAL H 34 -43.93 -4.20 -43.05
C VAL H 34 -43.42 -4.67 -44.42
N HIS H 35 -44.39 -4.95 -45.27
CA HIS H 35 -44.20 -5.19 -46.69
C HIS H 35 -44.37 -3.86 -47.40
N LEU H 36 -43.30 -3.33 -47.97
CA LEU H 36 -43.34 -2.04 -48.65
C LEU H 36 -43.89 -2.28 -50.06
N TRP H 37 -44.92 -1.51 -50.45
CA TRP H 37 -45.58 -1.69 -51.74
C TRP H 37 -45.57 -0.35 -52.48
N SER H 38 -44.92 -0.34 -53.65
CA SER H 38 -44.85 0.82 -54.55
C SER H 38 -45.60 0.52 -55.85
N GLY H 39 -46.49 1.44 -56.23
CA GLY H 39 -47.23 1.36 -57.47
C GLY H 39 -46.57 2.22 -58.53
N ASN H 40 -46.31 1.63 -59.69
CA ASN H 40 -45.76 2.35 -60.83
C ASN H 40 -46.85 2.43 -61.90
N SER H 41 -47.25 3.67 -62.19
CA SER H 41 -48.46 3.98 -62.92
C SER H 41 -48.08 4.27 -64.38
N GLY H 42 -46.78 4.27 -64.66
CA GLY H 42 -46.27 4.41 -66.00
C GLY H 42 -45.89 5.84 -66.34
N CYS H 43 -46.20 6.80 -65.44
CA CYS H 43 -45.98 8.20 -65.74
C CYS H 43 -45.05 8.89 -64.73
N SER H 44 -44.20 8.11 -64.03
CA SER H 44 -43.31 8.68 -63.02
C SER H 44 -41.94 8.95 -63.59
N LEU H 45 -41.34 10.08 -63.20
CA LEU H 45 -39.99 10.39 -63.67
C LEU H 45 -39.02 10.25 -62.49
N HIS H 46 -37.79 9.88 -62.80
CA HIS H 46 -36.65 9.88 -61.88
C HIS H 46 -36.97 9.12 -60.61
N ARG H 47 -37.29 7.83 -60.74
CA ARG H 47 -37.65 6.96 -59.63
C ARG H 47 -36.42 6.31 -59.00
N GLY H 48 -35.23 6.43 -59.58
CA GLY H 48 -34.07 5.69 -59.12
C GLY H 48 -33.76 5.92 -57.64
N ILE H 49 -33.93 7.16 -57.19
CA ILE H 49 -33.51 7.60 -55.86
C ILE H 49 -34.30 6.86 -54.76
N LEU H 50 -35.40 6.22 -55.15
CA LEU H 50 -36.18 5.43 -54.20
C LEU H 50 -35.33 4.36 -53.52
N SER H 51 -34.44 3.70 -54.25
CA SER H 51 -33.67 2.59 -53.68
C SER H 51 -32.73 3.06 -52.57
N HIS H 52 -32.20 4.31 -52.66
CA HIS H 52 -31.43 4.88 -51.57
C HIS H 52 -32.28 4.86 -50.29
N ARG H 53 -33.57 5.20 -50.41
CA ARG H 53 -34.44 5.29 -49.24
C ARG H 53 -34.71 3.89 -48.68
N VAL H 54 -34.94 2.91 -49.55
CA VAL H 54 -35.20 1.54 -49.11
C VAL H 54 -33.99 1.04 -48.34
N GLU H 55 -32.77 1.40 -48.79
CA GLU H 55 -31.54 0.94 -48.15
C GLU H 55 -31.46 1.48 -46.72
N GLU H 56 -31.65 2.79 -46.54
CA GLU H 56 -31.72 3.40 -45.22
C GLU H 56 -32.59 2.57 -44.27
N MET H 57 -33.76 2.12 -44.78
CA MET H 57 -34.75 1.49 -43.91
C MET H 57 -34.32 0.08 -43.55
N LYS H 58 -33.76 -0.67 -44.52
CA LYS H 58 -33.20 -1.98 -44.23
C LYS H 58 -32.09 -1.87 -43.19
N ASN H 59 -31.18 -0.89 -43.37
CA ASN H 59 -30.09 -0.61 -42.45
C ASN H 59 -30.65 -0.41 -41.05
N ARG H 60 -31.75 0.36 -40.93
CA ARG H 60 -32.23 0.77 -39.61
C ARG H 60 -33.11 -0.29 -38.94
N PHE H 61 -33.85 -1.11 -39.73
CA PHE H 61 -34.83 -2.01 -39.15
C PHE H 61 -34.57 -3.50 -39.45
N GLY H 62 -33.72 -3.81 -40.43
CA GLY H 62 -33.34 -5.19 -40.73
C GLY H 62 -34.52 -6.07 -41.16
N ASP H 63 -34.74 -7.18 -40.44
CA ASP H 63 -35.72 -8.21 -40.78
C ASP H 63 -37.16 -7.69 -40.87
N LEU H 64 -37.41 -6.53 -40.26
CA LEU H 64 -38.76 -6.04 -40.10
C LEU H 64 -39.25 -5.49 -41.43
N VAL H 65 -38.34 -5.06 -42.31
CA VAL H 65 -38.63 -4.88 -43.73
C VAL H 65 -38.72 -6.26 -44.37
N VAL H 66 -39.94 -6.78 -44.55
CA VAL H 66 -40.14 -8.11 -45.06
C VAL H 66 -40.01 -8.13 -46.59
N GLY H 67 -40.17 -6.99 -47.27
CA GLY H 67 -39.99 -6.95 -48.71
C GLY H 67 -40.41 -5.62 -49.32
N HIS H 68 -40.02 -5.44 -50.59
CA HIS H 68 -40.43 -4.30 -51.39
C HIS H 68 -40.97 -4.80 -52.72
N THR H 69 -42.29 -4.60 -52.96
CA THR H 69 -42.95 -4.91 -54.23
C THR H 69 -43.16 -3.62 -55.04
N VAL H 70 -42.65 -3.61 -56.28
CA VAL H 70 -42.96 -2.55 -57.24
C VAL H 70 -43.95 -3.11 -58.26
N ALA H 71 -45.19 -2.64 -58.26
CA ALA H 71 -46.20 -3.22 -59.13
C ALA H 71 -46.48 -2.31 -60.32
N ASP H 72 -46.57 -2.90 -61.51
CA ASP H 72 -47.06 -2.21 -62.69
C ASP H 72 -48.57 -2.04 -62.55
N ILE H 73 -49.04 -0.81 -62.35
CA ILE H 73 -50.47 -0.57 -62.22
C ILE H 73 -50.93 0.29 -63.40
N SER H 74 -50.07 0.48 -64.39
CA SER H 74 -50.34 1.39 -65.48
C SER H 74 -51.64 1.07 -66.22
N GLY H 75 -52.07 -0.21 -66.25
CA GLY H 75 -53.27 -0.61 -66.96
C GLY H 75 -54.56 -0.18 -66.26
N ALA H 76 -54.65 -0.50 -64.97
CA ALA H 76 -55.74 -0.03 -64.13
C ALA H 76 -55.82 1.50 -64.09
N PHE H 77 -54.65 2.14 -64.05
CA PHE H 77 -54.59 3.59 -64.02
C PHE H 77 -55.16 4.15 -65.31
N ARG H 78 -54.68 3.61 -66.44
CA ARG H 78 -55.17 3.98 -67.75
C ARG H 78 -56.69 3.82 -67.81
N SER H 79 -57.21 2.69 -67.37
CA SER H 79 -58.63 2.41 -67.53
C SER H 79 -59.50 3.37 -66.72
N ILE H 80 -59.01 3.75 -65.54
CA ILE H 80 -59.81 4.47 -64.58
C ILE H 80 -59.74 5.96 -64.89
N ALA H 81 -58.57 6.46 -65.30
CA ALA H 81 -58.26 7.87 -65.19
C ALA H 81 -57.80 8.50 -66.51
N ILE H 82 -57.32 7.70 -67.46
CA ILE H 82 -56.75 8.30 -68.65
C ILE H 82 -57.66 8.10 -69.87
N GLU H 83 -58.34 6.96 -69.93
CA GLU H 83 -59.08 6.57 -71.12
C GLU H 83 -60.16 7.62 -71.44
N ALA H 84 -60.85 8.07 -70.40
CA ALA H 84 -61.93 9.05 -70.52
C ALA H 84 -61.49 10.44 -70.03
N LEU H 85 -60.28 10.85 -70.37
CA LEU H 85 -59.68 12.06 -69.80
C LEU H 85 -60.45 13.30 -70.26
N GLU H 86 -60.86 13.36 -71.53
CA GLU H 86 -61.68 14.45 -72.02
C GLU H 86 -62.98 14.52 -71.22
N GLN H 87 -63.75 13.45 -71.22
CA GLN H 87 -65.04 13.43 -70.55
C GLN H 87 -64.85 13.83 -69.09
N ASP H 88 -63.82 13.27 -68.44
CA ASP H 88 -63.59 13.50 -67.02
C ASP H 88 -63.38 14.99 -66.75
N ILE H 89 -62.55 15.65 -67.58
CA ILE H 89 -62.15 17.01 -67.30
C ILE H 89 -63.28 17.95 -67.69
N LEU H 90 -63.94 17.69 -68.82
CA LEU H 90 -65.08 18.49 -69.23
C LEU H 90 -66.20 18.41 -68.22
N LYS H 91 -66.36 17.27 -67.55
CA LYS H 91 -67.43 17.12 -66.59
C LYS H 91 -67.07 17.85 -65.31
N TYR H 92 -65.97 17.45 -64.67
CA TYR H 92 -65.62 18.02 -63.34
C TYR H 92 -64.69 19.24 -63.46
N ARG H 93 -64.30 19.63 -64.67
CA ARG H 93 -63.49 20.86 -64.86
C ARG H 93 -62.21 20.80 -64.01
N LYS H 94 -61.81 19.60 -63.62
CA LYS H 94 -60.60 19.40 -62.84
C LYS H 94 -59.84 18.18 -63.34
N ASN H 95 -58.51 18.33 -63.41
CA ASN H 95 -57.62 17.20 -63.62
C ASN H 95 -57.54 16.42 -62.32
N LEU H 96 -58.30 15.33 -62.26
CA LEU H 96 -58.33 14.44 -61.13
C LEU H 96 -57.59 13.15 -61.42
N VAL H 97 -56.64 13.18 -62.35
CA VAL H 97 -55.90 11.97 -62.71
C VAL H 97 -55.25 11.31 -61.49
N LEU H 98 -54.69 12.11 -60.55
CA LEU H 98 -53.98 11.52 -59.43
C LEU H 98 -54.95 10.94 -58.41
N LEU H 99 -56.22 11.35 -58.46
CA LEU H 99 -57.21 10.71 -57.61
C LEU H 99 -57.58 9.34 -58.17
N GLY H 100 -57.73 9.30 -59.51
CA GLY H 100 -57.82 8.04 -60.23
C GLY H 100 -56.66 7.09 -59.90
N GLU H 101 -55.43 7.61 -59.94
CA GLU H 101 -54.28 6.78 -59.63
C GLU H 101 -54.49 6.10 -58.29
N LYS H 102 -55.01 6.83 -57.31
CA LYS H 102 -55.10 6.29 -55.96
C LYS H 102 -56.18 5.21 -55.90
N LEU H 103 -57.24 5.37 -56.69
CA LEU H 103 -58.24 4.32 -56.78
C LEU H 103 -57.66 3.07 -57.48
N ALA H 104 -56.87 3.26 -58.55
CA ALA H 104 -56.13 2.16 -59.17
C ALA H 104 -55.23 1.45 -58.16
N ILE H 105 -54.54 2.22 -57.30
CA ILE H 105 -53.67 1.66 -56.29
C ILE H 105 -54.47 0.74 -55.39
N HIS H 106 -55.62 1.21 -54.93
CA HIS H 106 -56.44 0.45 -53.98
C HIS H 106 -57.08 -0.81 -54.61
N ALA H 107 -57.43 -0.74 -55.88
CA ALA H 107 -57.92 -1.92 -56.61
C ALA H 107 -56.83 -2.98 -56.63
N HIS H 108 -55.63 -2.61 -57.05
CA HIS H 108 -54.49 -3.52 -56.99
C HIS H 108 -54.22 -4.06 -55.60
N LEU H 109 -54.45 -3.27 -54.55
CA LEU H 109 -54.10 -3.73 -53.20
C LEU H 109 -55.10 -4.76 -52.69
N VAL H 110 -56.36 -4.70 -53.14
CA VAL H 110 -57.31 -5.76 -52.82
C VAL H 110 -56.75 -7.08 -53.32
N ASP H 111 -56.35 -7.07 -54.59
CA ASP H 111 -55.82 -8.30 -55.19
C ASP H 111 -54.55 -8.75 -54.45
N PHE H 112 -53.65 -7.81 -54.23
CA PHE H 112 -52.37 -8.11 -53.57
C PHE H 112 -52.63 -8.66 -52.18
N CYS H 113 -53.53 -8.03 -51.41
CA CYS H 113 -53.76 -8.46 -50.04
C CYS H 113 -54.37 -9.85 -50.02
N ARG H 114 -55.34 -10.12 -50.90
CA ARG H 114 -56.00 -11.42 -50.88
C ARG H 114 -55.00 -12.50 -51.27
N ARG H 115 -54.09 -12.19 -52.20
CA ARG H 115 -53.18 -13.23 -52.68
C ARG H 115 -51.97 -13.39 -51.75
N ASN H 116 -51.64 -12.45 -50.87
CA ASN H 116 -50.50 -12.62 -49.98
C ASN H 116 -50.87 -12.59 -48.50
N ASP H 117 -52.13 -12.83 -48.16
CA ASP H 117 -52.53 -12.95 -46.76
C ASP H 117 -52.11 -11.71 -45.95
N ILE H 118 -52.44 -10.53 -46.47
CA ILE H 118 -52.29 -9.27 -45.75
C ILE H 118 -53.70 -8.74 -45.56
N ASN H 119 -54.06 -8.27 -44.38
CA ASN H 119 -55.37 -7.64 -44.26
C ASN H 119 -55.30 -6.29 -43.56
N THR H 120 -54.10 -5.71 -43.41
CA THR H 120 -53.96 -4.34 -42.95
C THR H 120 -53.03 -3.59 -43.90
N ILE H 121 -53.51 -2.50 -44.51
CA ILE H 121 -52.68 -1.64 -45.35
C ILE H 121 -52.58 -0.27 -44.69
N ASN H 122 -51.49 0.44 -44.97
CA ASN H 122 -51.19 1.69 -44.30
C ASN H 122 -50.59 2.64 -45.32
N ASP H 123 -50.91 3.92 -45.26
CA ASP H 123 -50.18 4.88 -46.09
C ASP H 123 -49.64 6.00 -45.23
N GLY H 124 -49.03 7.00 -45.85
CA GLY H 124 -48.61 8.19 -45.16
C GLY H 124 -49.40 9.42 -45.60
N ILE H 125 -50.72 9.30 -45.65
CA ILE H 125 -51.54 10.49 -45.77
C ILE H 125 -51.32 11.34 -44.53
N THR H 126 -51.00 12.62 -44.75
CA THR H 126 -50.81 13.55 -43.65
C THR H 126 -51.82 14.69 -43.75
N HIS H 127 -52.27 15.13 -42.56
CA HIS H 127 -53.09 16.32 -42.38
C HIS H 127 -52.58 17.50 -43.21
N TYR H 128 -51.27 17.77 -43.18
CA TYR H 128 -50.71 18.99 -43.77
C TYR H 128 -50.76 18.96 -45.29
N GLN H 129 -51.15 17.82 -45.90
CA GLN H 129 -51.28 17.71 -47.36
C GLN H 129 -52.73 17.55 -47.87
N MET H 130 -53.68 18.03 -47.07
CA MET H 130 -55.11 18.05 -47.34
C MET H 130 -55.52 18.64 -48.70
N GLU H 131 -54.76 19.61 -49.26
CA GLU H 131 -55.09 20.23 -50.53
C GLU H 131 -55.10 19.23 -51.71
N PHE H 132 -54.47 18.07 -51.55
CA PHE H 132 -54.40 17.07 -52.62
C PHE H 132 -55.55 16.07 -52.48
N PRO H 133 -56.35 15.82 -53.54
CA PRO H 133 -57.53 14.96 -53.44
C PRO H 133 -57.29 13.61 -52.79
N GLU H 134 -56.16 12.98 -53.15
CA GLU H 134 -55.83 11.66 -52.67
C GLU H 134 -55.60 11.64 -51.16
N GLN H 135 -55.41 12.82 -50.54
CA GLN H 135 -55.07 12.92 -49.13
C GLN H 135 -56.20 13.51 -48.31
N ARG H 136 -57.28 13.88 -48.99
CA ARG H 136 -58.37 14.55 -48.23
C ARG H 136 -59.11 13.50 -47.39
N LEU H 137 -59.70 13.94 -46.29
CA LEU H 137 -60.51 13.06 -45.46
C LEU H 137 -61.63 12.40 -46.29
N VAL H 138 -62.20 13.14 -47.23
CA VAL H 138 -63.37 12.61 -47.93
C VAL H 138 -62.94 11.41 -48.77
N ALA H 139 -61.77 11.50 -49.45
CA ALA H 139 -61.25 10.41 -50.23
C ALA H 139 -60.84 9.24 -49.35
N LYS H 140 -60.18 9.55 -48.24
CA LYS H 140 -59.72 8.54 -47.31
C LYS H 140 -60.93 7.77 -46.78
N THR H 141 -61.99 8.48 -46.39
CA THR H 141 -63.17 7.84 -45.81
C THR H 141 -63.83 6.92 -46.86
N PHE H 142 -63.86 7.36 -48.10
CA PHE H 142 -64.40 6.54 -49.17
C PHE H 142 -63.56 5.25 -49.33
N LEU H 143 -62.24 5.40 -49.33
CA LEU H 143 -61.35 4.29 -49.56
C LEU H 143 -61.31 3.35 -48.38
N MET H 144 -61.58 3.82 -47.16
CA MET H 144 -61.65 2.92 -46.01
C MET H 144 -62.85 2.01 -46.16
N GLU H 145 -63.95 2.59 -46.67
CA GLU H 145 -65.19 1.87 -46.85
C GLU H 145 -64.92 0.82 -47.93
N MET H 146 -64.32 1.25 -49.05
CA MET H 146 -64.00 0.34 -50.12
C MET H 146 -63.18 -0.82 -49.59
N MET H 147 -62.12 -0.55 -48.82
CA MET H 147 -61.23 -1.62 -48.39
C MET H 147 -61.95 -2.52 -47.39
N ALA H 148 -62.85 -1.94 -46.60
CA ALA H 148 -63.56 -2.74 -45.60
C ALA H 148 -64.55 -3.70 -46.26
N GLN H 149 -65.02 -3.37 -47.47
CA GLN H 149 -65.93 -4.27 -48.17
C GLN H 149 -65.21 -5.59 -48.49
N TYR H 150 -63.88 -5.58 -48.58
CA TYR H 150 -63.09 -6.79 -48.78
C TYR H 150 -62.39 -7.24 -47.49
N ASP H 151 -62.92 -6.81 -46.34
CA ASP H 151 -62.38 -7.20 -45.04
C ASP H 151 -60.90 -6.81 -44.94
N ILE H 152 -60.53 -5.66 -45.53
CA ILE H 152 -59.18 -5.15 -45.44
C ILE H 152 -59.21 -3.86 -44.61
N ASN H 153 -58.32 -3.80 -43.61
CA ASN H 153 -58.21 -2.66 -42.72
C ASN H 153 -57.27 -1.63 -43.34
N TYR H 154 -57.78 -0.41 -43.58
CA TYR H 154 -56.98 0.66 -44.18
C TYR H 154 -56.73 1.72 -43.09
N GLN H 155 -55.45 1.95 -42.75
CA GLN H 155 -55.05 2.84 -41.67
C GLN H 155 -54.06 3.87 -42.22
N SER H 156 -53.96 4.98 -41.53
CA SER H 156 -53.05 6.05 -41.88
C SER H 156 -52.27 6.46 -40.64
N PRO H 157 -51.22 5.70 -40.27
CA PRO H 157 -50.65 5.79 -38.93
C PRO H 157 -50.01 7.12 -38.55
N VAL H 158 -49.69 7.98 -39.52
CA VAL H 158 -49.08 9.27 -39.23
C VAL H 158 -50.01 10.44 -39.59
N TYR H 159 -51.31 10.17 -39.75
CA TYR H 159 -52.28 11.16 -40.24
C TYR H 159 -52.53 12.25 -39.21
N GLU H 160 -52.89 11.84 -37.99
CA GLU H 160 -53.16 12.74 -36.87
C GLU H 160 -51.91 13.48 -36.43
N PHE H 161 -50.73 12.89 -36.60
CA PHE H 161 -49.54 13.39 -35.96
C PHE H 161 -48.96 14.52 -36.82
N ALA H 162 -48.98 14.32 -38.13
CA ALA H 162 -48.21 15.17 -39.02
C ALA H 162 -49.00 16.44 -39.34
N GLN H 163 -48.86 17.46 -38.49
CA GLN H 163 -49.53 18.73 -38.70
C GLN H 163 -48.69 19.63 -39.60
N SER H 164 -47.41 19.28 -39.81
CA SER H 164 -46.52 20.03 -40.68
C SER H 164 -45.45 19.10 -41.24
N ALA H 165 -44.75 19.55 -42.29
CA ALA H 165 -43.65 18.76 -42.83
C ALA H 165 -42.56 18.59 -41.77
N ASP H 166 -42.26 19.67 -41.03
CA ASP H 166 -41.16 19.67 -40.07
C ASP H 166 -41.35 18.57 -39.03
N ASP H 167 -42.61 18.30 -38.65
CA ASP H 167 -42.84 17.27 -37.65
C ASP H 167 -42.26 15.92 -38.11
N VAL H 168 -42.59 15.56 -39.36
CA VAL H 168 -42.21 14.27 -39.91
C VAL H 168 -40.69 14.22 -40.09
N LYS H 169 -40.12 15.27 -40.68
CA LYS H 169 -38.71 15.36 -40.92
C LYS H 169 -37.91 15.04 -39.65
N TYR H 170 -38.14 15.74 -38.55
CA TYR H 170 -37.24 15.58 -37.38
C TYR H 170 -37.45 14.25 -36.67
N ARG H 171 -38.60 13.63 -36.83
CA ARG H 171 -38.77 12.28 -36.25
C ARG H 171 -37.93 11.32 -37.12
N LEU H 172 -37.82 11.60 -38.42
CA LEU H 172 -37.02 10.72 -39.27
C LEU H 172 -35.55 10.90 -38.89
N LEU H 173 -35.18 12.14 -38.65
CA LEU H 173 -33.80 12.47 -38.32
C LEU H 173 -33.41 11.74 -37.03
N GLN H 174 -34.33 11.64 -36.08
CA GLN H 174 -34.04 10.96 -34.83
C GLN H 174 -33.84 9.46 -35.05
N LEU H 175 -34.26 8.95 -36.21
CA LEU H 175 -34.12 7.53 -36.52
C LEU H 175 -32.86 7.31 -37.35
N GLY H 176 -32.16 8.38 -37.71
CA GLY H 176 -30.97 8.27 -38.52
C GLY H 176 -31.31 8.07 -40.00
N ILE H 177 -32.54 8.46 -40.38
CA ILE H 177 -32.99 8.46 -41.77
C ILE H 177 -33.05 9.91 -42.26
N SER H 178 -32.65 10.12 -43.52
CA SER H 178 -32.68 11.41 -44.16
C SER H 178 -34.11 11.98 -44.24
N THR H 179 -34.20 13.31 -44.39
CA THR H 179 -35.45 14.01 -44.19
C THR H 179 -36.11 14.34 -45.51
N LYS H 180 -35.41 14.04 -46.61
CA LYS H 180 -35.81 14.41 -47.94
C LYS H 180 -36.86 13.41 -48.44
N SER H 181 -37.69 13.88 -49.39
CA SER H 181 -38.64 13.03 -50.09
C SER H 181 -37.93 12.45 -51.31
N LEU H 182 -37.50 11.20 -51.22
CA LEU H 182 -36.68 10.61 -52.26
C LEU H 182 -37.57 9.68 -53.07
N GLU H 183 -38.47 10.31 -53.84
CA GLU H 183 -39.51 9.64 -54.58
C GLU H 183 -39.45 10.13 -56.01
N GLY H 184 -40.07 9.40 -56.92
CA GLY H 184 -40.20 9.85 -58.30
C GLY H 184 -41.24 10.94 -58.40
N ILE H 185 -41.20 11.73 -59.47
CA ILE H 185 -42.20 12.74 -59.70
C ILE H 185 -43.16 12.25 -60.78
N SER H 186 -44.46 12.39 -60.51
CA SER H 186 -45.49 12.21 -61.52
C SER H 186 -45.34 13.30 -62.56
N ILE H 187 -45.54 12.93 -63.83
CA ILE H 187 -45.58 13.90 -64.90
C ILE H 187 -46.79 14.82 -64.70
N PHE H 188 -47.76 14.38 -63.90
CA PHE H 188 -48.94 15.16 -63.63
C PHE H 188 -48.79 16.08 -62.39
N ALA H 189 -47.61 16.12 -61.77
CA ALA H 189 -47.37 17.03 -60.66
C ALA H 189 -47.55 18.46 -61.14
N ASP H 190 -48.33 19.24 -60.36
CA ASP H 190 -48.54 20.65 -60.63
C ASP H 190 -49.20 20.79 -62.00
N SER H 191 -50.17 19.91 -62.29
CA SER H 191 -50.93 19.99 -63.53
C SER H 191 -52.42 20.14 -63.24
N PHE H 192 -52.76 20.46 -61.99
CA PHE H 192 -54.16 20.54 -61.59
C PHE H 192 -54.35 21.77 -60.72
N SER H 193 -55.58 22.26 -60.68
CA SER H 193 -56.04 23.21 -59.69
C SER H 193 -56.79 22.43 -58.61
N THR H 194 -57.10 23.09 -57.50
CA THR H 194 -57.72 22.45 -56.35
C THR H 194 -59.20 22.16 -56.60
N PRO H 195 -59.65 20.91 -56.40
CA PRO H 195 -61.05 20.57 -56.50
C PRO H 195 -61.80 20.64 -55.18
N SER H 196 -63.13 20.79 -55.25
CA SER H 196 -63.97 20.68 -54.09
C SER H 196 -64.12 19.22 -53.65
N ASP H 197 -64.46 19.03 -52.39
CA ASP H 197 -64.84 17.74 -51.84
C ASP H 197 -66.01 17.13 -52.63
N ASP H 198 -66.99 17.92 -53.05
CA ASP H 198 -68.15 17.37 -53.74
C ASP H 198 -67.66 16.63 -54.98
N VAL H 199 -66.72 17.27 -55.69
CA VAL H 199 -66.18 16.80 -56.94
C VAL H 199 -65.31 15.58 -56.71
N VAL H 200 -64.54 15.57 -55.62
CA VAL H 200 -63.68 14.46 -55.29
C VAL H 200 -64.53 13.22 -55.08
N LEU H 201 -65.62 13.34 -54.32
CA LEU H 201 -66.38 12.11 -53.98
C LEU H 201 -67.28 11.70 -55.15
N ALA H 202 -67.60 12.63 -56.04
CA ALA H 202 -68.42 12.27 -57.19
C ALA H 202 -67.56 11.48 -58.19
N TYR H 203 -66.30 11.87 -58.37
CA TYR H 203 -65.35 11.20 -59.25
C TYR H 203 -65.10 9.78 -58.73
N LEU H 204 -64.81 9.68 -57.44
CA LEU H 204 -64.61 8.40 -56.81
C LEU H 204 -65.83 7.50 -57.02
N ARG H 205 -67.04 8.02 -56.78
CA ARG H 205 -68.26 7.23 -56.90
C ARG H 205 -68.52 6.79 -58.34
N GLU H 206 -68.13 7.62 -59.31
CA GLU H 206 -68.27 7.33 -60.73
C GLU H 206 -67.26 6.28 -61.20
N LYS H 207 -66.02 6.30 -60.68
CA LYS H 207 -64.98 5.37 -61.07
C LYS H 207 -65.04 4.09 -60.24
N ALA H 208 -65.75 4.07 -59.13
CA ALA H 208 -65.75 2.90 -58.26
C ALA H 208 -66.14 1.65 -59.03
N PRO H 209 -67.24 1.61 -59.82
CA PRO H 209 -67.62 0.40 -60.56
C PRO H 209 -66.47 -0.17 -61.38
N LEU H 210 -65.74 0.68 -62.07
CA LEU H 210 -64.55 0.31 -62.82
C LEU H 210 -63.50 -0.32 -61.87
N ALA H 211 -63.32 0.28 -60.68
CA ALA H 211 -62.30 -0.20 -59.75
C ALA H 211 -62.67 -1.60 -59.30
N HIS H 212 -63.92 -1.80 -58.95
CA HIS H 212 -64.37 -3.09 -58.43
C HIS H 212 -64.30 -4.15 -59.51
N ASN H 213 -64.50 -3.70 -60.76
CA ASN H 213 -64.50 -4.62 -61.90
C ASN H 213 -63.07 -5.13 -62.10
N ILE H 214 -62.11 -4.20 -62.01
CA ILE H 214 -60.69 -4.52 -62.10
C ILE H 214 -60.29 -5.49 -61.00
N VAL H 215 -60.86 -5.32 -59.80
CA VAL H 215 -60.61 -6.29 -58.74
C VAL H 215 -61.09 -7.69 -59.15
N ASN H 216 -62.30 -7.73 -59.70
CA ASN H 216 -62.91 -8.99 -60.13
C ASN H 216 -62.07 -9.66 -61.22
N PHE H 217 -61.57 -8.89 -62.19
CA PHE H 217 -60.71 -9.39 -63.23
C PHE H 217 -59.42 -9.94 -62.64
N LEU H 218 -58.73 -9.17 -61.79
CA LEU H 218 -57.45 -9.59 -61.20
C LEU H 218 -57.62 -10.85 -60.38
N ALA H 219 -58.83 -11.12 -59.89
CA ALA H 219 -59.06 -12.37 -59.16
C ALA H 219 -59.46 -13.53 -60.09
N GLY H 220 -59.53 -13.27 -61.38
CA GLY H 220 -59.98 -14.24 -62.38
C GLY H 220 -61.46 -14.62 -62.24
N GLU H 221 -62.32 -13.69 -61.86
CA GLU H 221 -63.73 -13.98 -61.63
C GLU H 221 -64.62 -13.50 -62.78
N THR H 222 -64.18 -12.52 -63.58
CA THR H 222 -64.83 -12.18 -64.84
C THR H 222 -63.81 -11.60 -65.82
N LEU H 223 -64.21 -11.58 -67.08
CA LEU H 223 -63.60 -10.78 -68.14
C LEU H 223 -64.49 -9.62 -68.56
N ASN H 224 -65.79 -9.68 -68.23
CA ASN H 224 -66.75 -8.72 -68.70
C ASN H 224 -66.63 -7.37 -68.01
N PRO H 225 -66.94 -6.29 -68.76
CA PRO H 225 -66.96 -4.94 -68.20
C PRO H 225 -68.01 -4.76 -67.11
N PRO H 226 -67.95 -3.64 -66.37
CA PRO H 226 -68.91 -3.35 -65.32
C PRO H 226 -70.30 -3.22 -65.93
N VAL H 227 -71.25 -4.08 -65.50
CA VAL H 227 -72.51 -4.19 -66.23
C VAL H 227 -73.65 -3.39 -65.55
N SER I 6 35.34 2.37 74.14
CA SER I 6 36.04 3.66 74.32
C SER I 6 36.69 3.71 75.69
N VAL I 7 37.87 4.31 75.73
CA VAL I 7 38.72 4.28 76.91
C VAL I 7 38.57 5.62 77.61
N LYS I 8 38.71 5.61 78.95
CA LYS I 8 38.53 6.79 79.77
C LYS I 8 39.56 7.87 79.41
N PRO I 9 39.14 9.10 79.06
CA PRO I 9 40.11 10.15 78.75
C PRO I 9 41.00 10.48 79.92
N GLN I 10 42.21 10.95 79.62
CA GLN I 10 43.20 11.29 80.63
C GLN I 10 43.71 12.67 80.27
N LEU I 11 44.26 13.38 81.26
CA LEU I 11 44.72 14.73 81.01
C LEU I 11 46.23 14.69 80.80
N VAL I 12 46.71 15.65 80.02
CA VAL I 12 48.12 15.83 79.80
C VAL I 12 48.43 17.30 80.05
N MET I 13 49.46 17.54 80.87
CA MET I 13 49.95 18.88 81.11
C MET I 13 50.74 19.28 79.90
N PHE I 14 50.12 20.10 79.05
CA PHE I 14 50.61 20.34 77.72
C PHE I 14 51.04 21.78 77.55
N THR I 15 52.30 21.98 77.19
CA THR I 15 52.86 23.31 77.05
C THR I 15 53.06 23.69 75.59
N GLY I 16 52.99 22.71 74.69
CA GLY I 16 53.44 22.93 73.33
C GLY I 16 54.90 22.47 73.14
N GLY I 17 55.55 22.09 74.23
CA GLY I 17 56.93 21.58 74.13
C GLY I 17 56.97 20.20 73.53
N ARG I 18 58.12 19.83 72.98
CA ARG I 18 58.26 18.54 72.29
C ARG I 18 57.99 17.42 73.27
N ASP I 19 58.30 17.64 74.54
CA ASP I 19 58.23 16.57 75.49
C ASP I 19 56.77 16.26 75.78
N SER I 20 55.98 17.30 76.07
CA SER I 20 54.59 17.06 76.44
C SER I 20 53.79 16.76 75.19
N THR I 21 54.19 17.32 74.04
CA THR I 21 53.64 16.88 72.76
C THR I 21 53.78 15.37 72.61
N LEU I 22 55.00 14.85 72.83
CA LEU I 22 55.24 13.42 72.60
C LEU I 22 54.42 12.61 73.59
N ALA I 23 54.32 13.09 74.83
CA ALA I 23 53.61 12.35 75.86
C ALA I 23 52.17 12.16 75.44
N ALA I 24 51.56 13.26 74.98
CA ALA I 24 50.17 13.22 74.53
C ALA I 24 50.05 12.32 73.30
N CYS I 25 50.94 12.48 72.30
CA CYS I 25 50.90 11.62 71.11
C CYS I 25 51.03 10.15 71.50
N TYR I 26 51.96 9.84 72.42
CA TYR I 26 52.22 8.45 72.76
C TYR I 26 50.97 7.86 73.38
N LEU I 27 50.30 8.58 74.27
CA LEU I 27 49.07 8.05 74.85
C LEU I 27 48.02 7.82 73.76
N MET I 28 47.91 8.75 72.80
CA MET I 28 46.89 8.64 71.76
C MET I 28 47.16 7.44 70.85
N LEU I 29 48.44 7.18 70.56
CA LEU I 29 48.84 6.01 69.77
C LEU I 29 48.31 4.74 70.41
N GLN I 30 48.12 4.75 71.74
CA GLN I 30 47.62 3.56 72.42
C GLN I 30 46.11 3.56 72.45
N GLY I 31 45.47 4.59 71.90
CA GLY I 31 44.02 4.66 71.91
C GLY I 31 43.47 5.33 73.18
N ILE I 32 44.29 6.13 73.87
CA ILE I 32 43.87 6.84 75.06
C ILE I 32 43.55 8.28 74.67
N PRO I 33 42.28 8.71 74.76
CA PRO I 33 41.96 10.08 74.47
C PRO I 33 42.57 11.03 75.51
N VAL I 34 43.09 12.16 75.06
CA VAL I 34 43.71 13.07 75.99
C VAL I 34 43.01 14.42 75.95
N HIS I 35 42.78 14.95 77.15
CA HIS I 35 42.41 16.33 77.38
C HIS I 35 43.69 17.11 77.59
N LEU I 36 44.02 18.02 76.66
CA LEU I 36 45.21 18.82 76.75
C LEU I 36 44.92 19.99 77.70
N TRP I 37 45.76 20.18 78.74
CA TRP I 37 45.57 21.23 79.73
C TRP I 37 46.82 22.11 79.78
N SER I 38 46.67 23.41 79.50
CA SER I 38 47.71 24.42 79.56
C SER I 38 47.41 25.42 80.67
N GLY I 39 48.41 25.68 81.53
CA GLY I 39 48.31 26.67 82.59
C GLY I 39 48.94 27.99 82.12
N ASN I 40 48.20 29.09 82.24
CA ASN I 40 48.73 30.41 81.96
C ASN I 40 48.84 31.16 83.28
N SER I 41 50.09 31.49 83.63
CA SER I 41 50.45 31.92 84.99
C SER I 41 50.56 33.43 84.99
N GLY I 42 50.38 34.06 83.85
CA GLY I 42 50.28 35.49 83.72
C GLY I 42 51.59 36.12 83.30
N CYS I 43 52.70 35.36 83.34
CA CYS I 43 54.01 35.91 83.03
C CYS I 43 54.69 35.17 81.89
N SER I 44 53.90 34.58 80.98
CA SER I 44 54.42 33.88 79.81
C SER I 44 54.46 34.81 78.61
N LEU I 45 55.54 34.75 77.82
CA LEU I 45 55.64 35.58 76.64
C LEU I 45 55.49 34.72 75.38
N HIS I 46 54.89 35.32 74.34
CA HIS I 46 54.82 34.78 73.00
C HIS I 46 54.25 33.36 72.99
N ARG I 47 53.01 33.24 73.47
CA ARG I 47 52.31 31.97 73.57
C ARG I 47 51.58 31.59 72.28
N GLY I 48 51.47 32.49 71.29
CA GLY I 48 50.51 32.28 70.20
C GLY I 48 50.79 30.98 69.43
N ILE I 49 52.07 30.66 69.26
CA ILE I 49 52.52 29.56 68.41
C ILE I 49 52.07 28.22 68.98
N LEU I 50 51.58 28.19 70.21
CA LEU I 50 50.98 26.98 70.78
C LEU I 50 49.88 26.41 69.86
N SER I 51 49.03 27.26 69.29
CA SER I 51 47.90 26.78 68.52
C SER I 51 48.35 26.05 67.24
N HIS I 52 49.59 26.28 66.79
CA HIS I 52 50.10 25.50 65.64
C HIS I 52 50.29 24.03 66.03
N ARG I 53 50.92 23.78 67.19
CA ARG I 53 51.16 22.40 67.67
C ARG I 53 49.80 21.71 67.83
N VAL I 54 48.86 22.38 68.46
CA VAL I 54 47.53 21.77 68.70
C VAL I 54 46.96 21.37 67.33
N GLU I 55 47.14 22.21 66.30
CA GLU I 55 46.59 21.89 65.00
C GLU I 55 47.24 20.62 64.44
N GLU I 56 48.58 20.57 64.43
CA GLU I 56 49.32 19.38 64.04
C GLU I 56 48.74 18.12 64.71
N MET I 57 48.41 18.21 66.00
CA MET I 57 48.02 17.03 66.76
C MET I 57 46.60 16.62 66.40
N LYS I 58 45.69 17.59 66.20
CA LYS I 58 44.34 17.33 65.71
C LYS I 58 44.41 16.64 64.34
N ASN I 59 45.25 17.19 63.45
CA ASN I 59 45.49 16.64 62.13
C ASN I 59 45.89 15.17 62.25
N ARG I 60 46.79 14.85 63.21
CA ARG I 60 47.37 13.52 63.26
C ARG I 60 46.49 12.52 64.02
N PHE I 61 45.71 12.97 65.00
CA PHE I 61 44.99 12.05 65.90
C PHE I 61 43.48 12.23 65.91
N GLY I 62 42.96 13.35 65.38
CA GLY I 62 41.54 13.61 65.29
C GLY I 62 40.84 13.64 66.67
N ASP I 63 39.81 12.80 66.79
CA ASP I 63 38.90 12.72 67.94
C ASP I 63 39.61 12.38 69.24
N LEU I 64 40.84 11.90 69.19
CA LEU I 64 41.52 11.43 70.39
C LEU I 64 42.01 12.64 71.20
N VAL I 65 42.22 13.78 70.54
CA VAL I 65 42.29 15.07 71.23
C VAL I 65 40.86 15.47 71.60
N VAL I 66 40.48 15.23 72.86
CA VAL I 66 39.12 15.49 73.28
C VAL I 66 38.93 16.97 73.63
N GLY I 67 40.01 17.72 73.88
CA GLY I 67 39.89 19.14 74.17
C GLY I 67 41.24 19.79 74.51
N HIS I 68 41.26 21.13 74.46
CA HIS I 68 42.36 21.93 74.94
C HIS I 68 41.81 23.00 75.90
N THR I 69 42.16 22.92 77.20
CA THR I 69 41.85 23.93 78.21
C THR I 69 43.09 24.79 78.49
N VAL I 70 42.95 26.11 78.34
CA VAL I 70 43.93 27.06 78.82
C VAL I 70 43.37 27.69 80.09
N ALA I 71 43.99 27.43 81.25
CA ALA I 71 43.46 27.95 82.49
C ALA I 71 44.28 29.15 82.97
N ASP I 72 43.56 30.18 83.45
CA ASP I 72 44.19 31.29 84.14
C ASP I 72 44.57 30.80 85.53
N ILE I 73 45.86 30.65 85.81
CA ILE I 73 46.30 30.20 87.13
C ILE I 73 47.09 31.34 87.79
N SER I 74 47.06 32.52 87.20
CA SER I 74 47.88 33.64 87.68
C SER I 74 47.64 33.98 89.15
N GLY I 75 46.45 33.72 89.69
CA GLY I 75 46.14 34.06 91.07
C GLY I 75 46.80 33.13 92.08
N ALA I 76 46.62 31.81 91.86
CA ALA I 76 47.29 30.79 92.65
C ALA I 76 48.82 30.94 92.55
N PHE I 77 49.32 31.28 91.36
CA PHE I 77 50.73 31.44 91.14
C PHE I 77 51.24 32.61 91.98
N ARG I 78 50.54 33.75 91.86
CA ARG I 78 50.84 34.93 92.66
C ARG I 78 50.88 34.57 94.14
N SER I 79 49.86 33.86 94.65
CA SER I 79 49.75 33.62 96.08
C SER I 79 50.89 32.74 96.58
N ILE I 80 51.30 31.77 95.76
CA ILE I 80 52.22 30.74 96.20
C ILE I 80 53.65 31.23 96.06
N ALA I 81 53.95 31.97 95.00
CA ALA I 81 55.33 32.14 94.57
C ALA I 81 55.75 33.59 94.39
N ILE I 82 54.83 34.53 94.27
CA ILE I 82 55.22 35.93 94.02
C ILE I 82 55.02 36.80 95.26
N GLU I 83 53.99 36.52 96.04
CA GLU I 83 53.56 37.43 97.09
C GLU I 83 54.67 37.61 98.11
N ALA I 84 55.32 36.49 98.47
CA ALA I 84 56.40 36.45 99.44
C ALA I 84 57.76 36.30 98.78
N LEU I 85 57.99 36.98 97.66
CA LEU I 85 59.18 36.73 96.85
C LEU I 85 60.45 37.15 97.58
N GLU I 86 60.41 38.28 98.28
CA GLU I 86 61.51 38.72 99.12
C GLU I 86 61.84 37.65 100.15
N GLN I 87 60.87 37.31 100.99
CA GLN I 87 61.06 36.35 102.06
C GLN I 87 61.59 35.05 101.46
N ASP I 88 61.01 34.59 100.35
CA ASP I 88 61.36 33.32 99.73
C ASP I 88 62.83 33.31 99.36
N ILE I 89 63.30 34.39 98.73
CA ILE I 89 64.64 34.41 98.17
C ILE I 89 65.65 34.63 99.31
N LEU I 90 65.34 35.52 100.23
CA LEU I 90 66.20 35.75 101.39
C LEU I 90 66.33 34.47 102.23
N LYS I 91 65.29 33.65 102.28
CA LYS I 91 65.34 32.44 103.09
C LYS I 91 66.18 31.40 102.36
N TYR I 92 65.75 30.97 101.17
CA TYR I 92 66.42 29.83 100.49
C TYR I 92 67.60 30.26 99.60
N ARG I 93 67.79 31.55 99.43
CA ARG I 93 68.93 32.07 98.63
C ARG I 93 68.75 31.65 97.16
N LYS I 94 67.52 31.31 96.76
CA LYS I 94 67.27 30.86 95.40
C LYS I 94 65.88 31.36 94.94
N ASN I 95 65.84 31.82 93.70
CA ASN I 95 64.61 32.08 93.00
C ASN I 95 63.99 30.75 92.60
N LEU I 96 63.00 30.31 93.38
CA LEU I 96 62.28 29.07 93.14
C LEU I 96 60.88 29.35 92.57
N VAL I 97 60.69 30.51 91.94
CA VAL I 97 59.39 30.86 91.40
C VAL I 97 58.78 29.75 90.54
N LEU I 98 59.58 29.10 89.68
CA LEU I 98 59.06 28.11 88.75
C LEU I 98 58.69 26.82 89.46
N LEU I 99 59.23 26.60 90.65
CA LEU I 99 58.77 25.46 91.43
C LEU I 99 57.40 25.75 92.04
N GLY I 100 57.24 26.98 92.53
CA GLY I 100 55.95 27.50 92.90
C GLY I 100 54.92 27.38 91.78
N GLU I 101 55.29 27.79 90.56
CA GLU I 101 54.39 27.66 89.43
C GLU I 101 53.84 26.25 89.34
N LYS I 102 54.71 25.26 89.54
CA LYS I 102 54.31 23.88 89.30
C LYS I 102 53.35 23.45 90.43
N LEU I 103 53.55 23.96 91.64
CA LEU I 103 52.61 23.69 92.71
C LEU I 103 51.25 24.35 92.42
N ALA I 104 51.25 25.60 91.93
CA ALA I 104 50.03 26.25 91.47
C ALA I 104 49.32 25.41 90.39
N ILE I 105 50.09 24.85 89.44
CA ILE I 105 49.52 24.03 88.39
C ILE I 105 48.78 22.86 89.01
N HIS I 106 49.42 22.20 89.96
CA HIS I 106 48.85 20.99 90.56
C HIS I 106 47.63 21.27 91.46
N ALA I 107 47.60 22.42 92.13
CA ALA I 107 46.42 22.85 92.89
C ALA I 107 45.24 22.98 91.96
N HIS I 108 45.43 23.73 90.86
CA HIS I 108 44.39 23.84 89.86
C HIS I 108 43.97 22.50 89.29
N LEU I 109 44.89 21.53 89.15
CA LEU I 109 44.54 20.29 88.49
C LEU I 109 43.69 19.41 89.41
N VAL I 110 43.88 19.52 90.75
CA VAL I 110 43.00 18.80 91.66
C VAL I 110 41.56 19.26 91.39
N ASP I 111 41.37 20.58 91.35
CA ASP I 111 40.04 21.11 91.14
C ASP I 111 39.50 20.69 89.76
N PHE I 112 40.33 20.84 88.73
CA PHE I 112 39.96 20.47 87.37
C PHE I 112 39.59 19.00 87.30
N CYS I 113 40.39 18.12 87.90
CA CYS I 113 40.15 16.69 87.80
C CYS I 113 38.85 16.33 88.52
N ARG I 114 38.63 16.89 89.71
CA ARG I 114 37.44 16.54 90.44
C ARG I 114 36.20 17.04 89.71
N ARG I 115 36.28 18.18 89.04
CA ARG I 115 35.10 18.74 88.39
C ARG I 115 34.87 18.14 87.01
N ASN I 116 35.87 17.48 86.38
CA ASN I 116 35.64 16.89 85.07
C ASN I 116 35.85 15.38 85.03
N ASP I 117 35.81 14.72 86.18
CA ASP I 117 35.85 13.26 86.23
C ASP I 117 37.10 12.73 85.52
N ILE I 118 38.27 13.30 85.84
CA ILE I 118 39.55 12.81 85.37
C ILE I 118 40.31 12.36 86.60
N ASN I 119 40.94 11.17 86.54
CA ASN I 119 41.74 10.76 87.67
C ASN I 119 43.12 10.27 87.24
N THR I 120 43.53 10.53 85.99
CA THR I 120 44.90 10.26 85.58
C THR I 120 45.41 11.51 84.86
N ILE I 121 46.51 12.10 85.37
CA ILE I 121 47.14 13.23 84.71
C ILE I 121 48.54 12.79 84.30
N ASN I 122 49.09 13.45 83.26
CA ASN I 122 50.34 13.06 82.66
C ASN I 122 51.09 14.33 82.31
N ASP I 123 52.41 14.35 82.49
CA ASP I 123 53.19 15.44 81.92
C ASP I 123 54.27 14.88 81.00
N GLY I 124 55.11 15.77 80.48
CA GLY I 124 56.26 15.34 79.69
C GLY I 124 57.58 15.58 80.41
N ILE I 125 57.67 15.23 81.71
CA ILE I 125 58.96 15.32 82.36
C ILE I 125 59.89 14.31 81.70
N THR I 126 61.09 14.78 81.29
CA THR I 126 62.09 13.93 80.72
C THR I 126 63.36 13.89 81.57
N HIS I 127 63.98 12.71 81.60
CA HIS I 127 65.29 12.47 82.20
C HIS I 127 66.30 13.54 81.83
N TYR I 128 66.40 13.89 80.54
CA TYR I 128 67.44 14.77 80.02
C TYR I 128 67.23 16.22 80.49
N GLN I 129 66.13 16.53 81.18
CA GLN I 129 65.87 17.88 81.67
C GLN I 129 65.91 17.99 83.21
N MET I 130 66.61 17.04 83.85
CA MET I 130 66.71 16.95 85.31
C MET I 130 67.28 18.19 86.00
N GLU I 131 68.12 19.00 85.32
CA GLU I 131 68.77 20.16 85.89
C GLU I 131 67.82 21.22 86.45
N PHE I 132 66.55 21.23 86.03
CA PHE I 132 65.59 22.22 86.48
C PHE I 132 64.79 21.68 87.66
N PRO I 133 64.69 22.47 88.78
CA PRO I 133 64.07 21.99 90.02
C PRO I 133 62.69 21.37 89.83
N GLU I 134 61.87 21.98 88.98
CA GLU I 134 60.51 21.53 88.74
C GLU I 134 60.47 20.12 88.12
N GLN I 135 61.61 19.63 87.60
CA GLN I 135 61.67 18.36 86.89
C GLN I 135 62.48 17.33 87.66
N ARG I 136 63.03 17.69 88.84
CA ARG I 136 63.79 16.75 89.64
C ARG I 136 62.87 15.70 90.25
N LEU I 137 63.41 14.49 90.41
CA LEU I 137 62.67 13.39 91.00
C LEU I 137 62.08 13.81 92.34
N VAL I 138 62.78 14.64 93.12
CA VAL I 138 62.29 14.95 94.44
C VAL I 138 60.98 15.75 94.32
N ALA I 139 60.89 16.70 93.40
CA ALA I 139 59.68 17.48 93.18
C ALA I 139 58.57 16.61 92.59
N LYS I 140 58.95 15.75 91.65
CA LYS I 140 57.99 14.85 91.02
C LYS I 140 57.37 13.95 92.08
N THR I 141 58.20 13.37 92.94
CA THR I 141 57.76 12.44 93.98
C THR I 141 56.84 13.16 94.96
N PHE I 142 57.16 14.40 95.29
CA PHE I 142 56.31 15.20 96.18
C PHE I 142 54.94 15.38 95.53
N LEU I 143 54.92 15.74 94.23
CA LEU I 143 53.69 16.05 93.54
C LEU I 143 52.88 14.78 93.29
N MET I 144 53.50 13.61 93.17
CA MET I 144 52.74 12.38 93.05
C MET I 144 52.00 12.11 94.35
N GLU I 145 52.60 12.44 95.48
CA GLU I 145 51.96 12.13 96.78
C GLU I 145 50.79 13.11 97.00
N MET I 146 50.99 14.38 96.68
CA MET I 146 49.90 15.38 96.78
C MET I 146 48.74 14.93 95.90
N MET I 147 49.03 14.51 94.67
CA MET I 147 47.94 14.13 93.75
C MET I 147 47.29 12.86 94.27
N ALA I 148 48.07 11.96 94.84
CA ALA I 148 47.49 10.71 95.33
C ALA I 148 46.60 10.96 96.54
N GLN I 149 46.84 12.04 97.28
CA GLN I 149 46.00 12.34 98.42
C GLN I 149 44.56 12.64 97.95
N TYR I 150 44.40 13.09 96.68
CA TYR I 150 43.10 13.31 96.09
C TYR I 150 42.72 12.21 95.10
N ASP I 151 43.31 11.02 95.26
CA ASP I 151 43.03 9.86 94.43
C ASP I 151 43.27 10.18 92.96
N ILE I 152 44.28 10.99 92.66
CA ILE I 152 44.65 11.30 91.29
C ILE I 152 45.99 10.67 90.97
N ASN I 153 46.01 9.89 89.87
CA ASN I 153 47.20 9.17 89.43
C ASN I 153 48.01 10.11 88.54
N TYR I 154 49.28 10.34 88.91
CA TYR I 154 50.16 11.27 88.23
C TYR I 154 51.27 10.45 87.58
N GLN I 155 51.35 10.50 86.23
CA GLN I 155 52.26 9.67 85.45
C GLN I 155 53.11 10.58 84.57
N SER I 156 54.27 10.06 84.15
CA SER I 156 55.15 10.80 83.26
C SER I 156 55.57 9.88 82.11
N PRO I 157 54.70 9.68 81.11
CA PRO I 157 54.81 8.55 80.21
C PRO I 157 56.04 8.51 79.31
N VAL I 158 56.78 9.63 79.16
CA VAL I 158 57.97 9.66 78.32
C VAL I 158 59.26 9.85 79.12
N TYR I 159 59.19 9.61 80.45
CA TYR I 159 60.26 9.97 81.35
C TYR I 159 61.50 9.09 81.14
N GLU I 160 61.29 7.76 81.19
CA GLU I 160 62.31 6.76 81.03
C GLU I 160 62.92 6.78 79.64
N PHE I 161 62.15 7.19 78.62
CA PHE I 161 62.57 6.93 77.24
C PHE I 161 63.52 8.06 76.83
N ALA I 162 63.19 9.28 77.24
CA ALA I 162 63.87 10.45 76.71
C ALA I 162 65.22 10.65 77.40
N GLN I 163 66.26 10.04 76.85
CA GLN I 163 67.63 10.23 77.36
C GLN I 163 68.27 11.48 76.76
N SER I 164 67.68 12.01 75.67
CA SER I 164 68.19 13.20 75.02
C SER I 164 67.04 13.93 74.30
N ALA I 165 67.26 15.18 73.91
CA ALA I 165 66.27 15.90 73.14
C ALA I 165 66.05 15.20 71.79
N ASP I 166 67.13 14.77 71.17
CA ASP I 166 67.09 14.16 69.83
C ASP I 166 66.14 12.96 69.83
N ASP I 167 66.10 12.18 70.92
CA ASP I 167 65.24 11.03 70.95
C ASP I 167 63.78 11.42 70.71
N VAL I 168 63.34 12.48 71.43
CA VAL I 168 61.95 12.93 71.40
C VAL I 168 61.67 13.52 70.00
N LYS I 169 62.55 14.38 69.52
CA LYS I 169 62.44 14.97 68.21
C LYS I 169 62.15 13.93 67.11
N TYR I 170 62.88 12.82 67.09
CA TYR I 170 62.88 11.98 65.90
C TYR I 170 61.61 11.12 65.97
N ARG I 171 61.12 10.89 67.19
CA ARG I 171 59.86 10.18 67.35
C ARG I 171 58.71 11.07 66.86
N LEU I 172 58.83 12.39 67.07
CA LEU I 172 57.79 13.30 66.65
C LEU I 172 57.78 13.33 65.13
N LEU I 173 58.99 13.34 64.55
CA LEU I 173 59.14 13.42 63.12
C LEU I 173 58.48 12.20 62.48
N GLN I 174 58.59 11.03 63.11
CA GLN I 174 58.00 9.84 62.57
C GLN I 174 56.49 9.90 62.58
N LEU I 175 55.92 10.85 63.36
CA LEU I 175 54.48 10.99 63.45
C LEU I 175 54.02 12.06 62.46
N GLY I 176 54.94 12.74 61.79
CA GLY I 176 54.60 13.80 60.89
C GLY I 176 54.27 15.10 61.64
N ILE I 177 54.77 15.19 62.90
CA ILE I 177 54.71 16.41 63.69
C ILE I 177 56.09 17.04 63.74
N SER I 178 56.14 18.37 63.72
CA SER I 178 57.38 19.14 63.79
C SER I 178 58.09 18.88 65.13
N THR I 179 59.39 19.17 65.14
CA THR I 179 60.27 18.74 66.21
C THR I 179 60.52 19.89 67.19
N LYS I 180 59.99 21.07 66.88
CA LYS I 180 60.30 22.28 67.59
C LYS I 180 59.47 22.36 68.88
N SER I 181 59.99 23.10 69.86
CA SER I 181 59.23 23.42 71.07
C SER I 181 58.45 24.70 70.82
N LEU I 182 57.16 24.58 70.56
CA LEU I 182 56.35 25.72 70.17
C LEU I 182 55.54 26.14 71.38
N GLU I 183 56.23 26.68 72.37
CA GLU I 183 55.65 27.02 73.66
C GLU I 183 56.02 28.46 73.98
N GLY I 184 55.29 29.07 74.91
CA GLY I 184 55.65 30.41 75.38
C GLY I 184 56.84 30.32 76.32
N ILE I 185 57.48 31.45 76.51
CA ILE I 185 58.61 31.59 77.44
C ILE I 185 58.13 32.24 78.73
N SER I 186 58.47 31.67 79.87
CA SER I 186 58.37 32.36 81.16
C SER I 186 59.31 33.55 81.18
N ILE I 187 58.83 34.65 81.74
CA ILE I 187 59.68 35.82 81.94
C ILE I 187 60.78 35.47 82.94
N PHE I 188 60.54 34.47 83.78
CA PHE I 188 61.53 34.04 84.79
C PHE I 188 62.39 32.92 84.20
N ALA I 189 63.61 33.25 83.83
CA ALA I 189 64.52 32.24 83.22
C ALA I 189 65.78 32.19 84.07
N ASP I 190 65.74 31.39 85.14
CA ASP I 190 66.88 31.38 86.11
C ASP I 190 67.27 29.93 86.38
N SER I 191 66.75 29.38 87.48
CA SER I 191 67.05 27.97 87.83
C SER I 191 68.57 27.79 87.88
N PHE I 192 69.33 28.80 87.43
CA PHE I 192 70.80 28.76 87.54
C PHE I 192 71.03 28.58 88.98
N SER I 193 70.04 29.01 89.74
CA SER I 193 70.09 28.81 91.20
C SER I 193 70.97 27.61 91.51
N THR I 194 70.79 26.50 90.83
CA THR I 194 71.50 25.28 91.24
C THR I 194 71.12 25.10 92.68
N PRO I 195 69.82 25.03 93.00
CA PRO I 195 69.35 24.77 94.36
C PRO I 195 69.50 23.31 94.73
N SER I 196 69.77 23.06 96.01
CA SER I 196 69.89 21.72 96.51
C SER I 196 68.51 21.07 96.61
N ASP I 197 68.49 19.74 96.63
CA ASP I 197 67.31 18.98 96.96
C ASP I 197 66.71 19.39 98.30
N ASP I 198 67.52 19.63 99.31
CA ASP I 198 67.00 19.95 100.64
C ASP I 198 66.12 21.19 100.52
N VAL I 199 66.59 22.17 99.73
CA VAL I 199 65.96 23.46 99.55
C VAL I 199 64.68 23.31 98.74
N VAL I 200 64.72 22.44 97.72
CA VAL I 200 63.56 22.21 96.87
C VAL I 200 62.44 21.63 97.72
N LEU I 201 62.78 20.63 98.54
CA LEU I 201 61.76 19.96 99.33
C LEU I 201 61.21 20.88 100.43
N ALA I 202 62.05 21.77 100.97
CA ALA I 202 61.65 22.63 102.06
C ALA I 202 60.69 23.69 101.54
N TYR I 203 60.93 24.22 100.34
CA TYR I 203 60.07 25.20 99.69
C TYR I 203 58.70 24.58 99.43
N LEU I 204 58.66 23.41 98.84
CA LEU I 204 57.38 22.75 98.56
C LEU I 204 56.59 22.53 99.86
N ARG I 205 57.23 22.06 100.91
CA ARG I 205 56.50 21.72 102.16
C ARG I 205 56.00 23.00 102.84
N GLU I 206 56.68 24.13 102.66
CA GLU I 206 56.23 25.42 103.23
C GLU I 206 55.03 25.95 102.43
N LYS I 207 55.07 25.82 101.11
CA LYS I 207 54.00 26.34 100.25
C LYS I 207 52.85 25.31 100.18
N ALA I 208 53.08 24.08 100.60
CA ALA I 208 52.03 23.08 100.45
C ALA I 208 50.75 23.56 101.13
N PRO I 209 50.76 24.01 102.42
CA PRO I 209 49.52 24.46 103.07
C PRO I 209 48.73 25.46 102.25
N LEU I 210 49.43 26.39 101.62
CA LEU I 210 48.77 27.38 100.75
C LEU I 210 48.16 26.66 99.54
N ALA I 211 48.89 25.70 98.99
CA ALA I 211 48.39 25.01 97.81
C ALA I 211 47.10 24.30 98.15
N HIS I 212 47.11 23.57 99.27
CA HIS I 212 45.96 22.79 99.66
C HIS I 212 44.77 23.70 100.01
N ASN I 213 45.10 24.89 100.49
CA ASN I 213 44.08 25.85 100.88
C ASN I 213 43.37 26.35 99.63
N ILE I 214 44.16 26.65 98.60
CA ILE I 214 43.66 27.07 97.29
C ILE I 214 42.77 25.98 96.69
N VAL I 215 43.14 24.72 96.89
CA VAL I 215 42.28 23.63 96.46
C VAL I 215 40.92 23.70 97.16
N ASN I 216 40.97 23.91 98.47
CA ASN I 216 39.77 23.97 99.30
C ASN I 216 38.88 25.13 98.87
N PHE I 217 39.47 26.28 98.58
CA PHE I 217 38.74 27.44 98.09
C PHE I 217 38.07 27.13 96.74
N LEU I 218 38.83 26.60 95.78
CA LEU I 218 38.31 26.32 94.45
C LEU I 218 37.18 25.30 94.52
N ALA I 219 37.13 24.48 95.58
CA ALA I 219 36.05 23.52 95.73
C ALA I 219 34.86 24.11 96.49
N GLY I 220 34.97 25.39 96.87
CA GLY I 220 33.93 26.05 97.65
C GLY I 220 33.79 25.53 99.08
N GLU I 221 34.89 25.08 99.71
CA GLU I 221 34.84 24.50 101.05
C GLU I 221 35.27 25.49 102.14
N THR I 222 36.11 26.49 101.80
CA THR I 222 36.48 27.51 102.78
C THR I 222 36.87 28.81 102.06
N LEU I 223 36.80 29.92 102.84
CA LEU I 223 37.40 31.19 102.48
C LEU I 223 38.62 31.51 103.33
N ASN I 224 38.79 30.81 104.46
CA ASN I 224 39.82 31.19 105.40
C ASN I 224 41.20 30.73 104.95
N PRO I 225 42.27 31.45 105.34
CA PRO I 225 43.64 30.99 105.14
C PRO I 225 43.96 29.69 105.87
N PRO I 226 45.17 29.12 105.75
CA PRO I 226 45.68 28.28 106.84
C PRO I 226 45.95 29.16 108.05
N SER J 6 -41.53 -51.73 -68.88
CA SER J 6 -40.70 -51.80 -70.10
C SER J 6 -41.25 -52.86 -71.08
N VAL J 7 -41.00 -52.61 -72.36
CA VAL J 7 -41.08 -53.65 -73.39
C VAL J 7 -39.65 -54.07 -73.69
N LYS J 8 -39.48 -55.36 -74.07
CA LYS J 8 -38.19 -55.90 -74.43
C LYS J 8 -37.61 -55.18 -75.65
N PRO J 9 -36.39 -54.60 -75.58
CA PRO J 9 -35.84 -53.93 -76.74
C PRO J 9 -35.62 -54.89 -77.91
N GLN J 10 -35.65 -54.31 -79.11
CA GLN J 10 -35.44 -55.07 -80.34
C GLN J 10 -34.39 -54.32 -81.14
N LEU J 11 -33.74 -55.03 -82.05
CA LEU J 11 -32.69 -54.44 -82.85
C LEU J 11 -33.27 -54.04 -84.20
N VAL J 12 -32.70 -53.01 -84.80
CA VAL J 12 -33.04 -52.61 -86.14
C VAL J 12 -31.74 -52.49 -86.94
N MET J 13 -31.71 -53.12 -88.11
CA MET J 13 -30.61 -52.98 -89.04
C MET J 13 -30.74 -51.62 -89.68
N PHE J 14 -29.92 -50.69 -89.20
CA PHE J 14 -30.13 -49.29 -89.48
C PHE J 14 -28.98 -48.75 -90.30
N THR J 15 -29.28 -48.22 -91.48
CA THR J 15 -28.27 -47.73 -92.39
C THR J 15 -28.25 -46.21 -92.44
N GLY J 16 -29.29 -45.55 -91.91
CA GLY J 16 -29.50 -44.15 -92.17
C GLY J 16 -30.45 -43.91 -93.34
N GLY J 17 -30.81 -44.99 -94.04
CA GLY J 17 -31.76 -44.85 -95.15
C GLY J 17 -33.14 -44.50 -94.68
N ARG J 18 -34.01 -44.09 -95.60
CA ARG J 18 -35.40 -43.72 -95.27
C ARG J 18 -36.15 -44.92 -94.75
N ASP J 19 -35.92 -46.09 -95.35
CA ASP J 19 -36.70 -47.29 -95.00
C ASP J 19 -36.34 -47.80 -93.60
N SER J 20 -35.06 -47.85 -93.27
CA SER J 20 -34.73 -48.42 -91.97
C SER J 20 -34.96 -47.37 -90.89
N THR J 21 -34.78 -46.09 -91.24
CA THR J 21 -35.23 -45.01 -90.34
C THR J 21 -36.71 -45.21 -89.97
N LEU J 22 -37.56 -45.40 -90.98
CA LEU J 22 -38.99 -45.51 -90.72
C LEU J 22 -39.29 -46.75 -89.88
N ALA J 23 -38.59 -47.83 -90.17
CA ALA J 23 -38.85 -49.08 -89.47
C ALA J 23 -38.59 -48.88 -87.98
N ALA J 24 -37.44 -48.26 -87.68
CA ALA J 24 -37.10 -47.95 -86.30
C ALA J 24 -38.12 -47.00 -85.67
N CYS J 25 -38.46 -45.91 -86.36
CA CYS J 25 -39.46 -44.98 -85.83
C CYS J 25 -40.79 -45.68 -85.57
N TYR J 26 -41.22 -46.54 -86.51
CA TYR J 26 -42.51 -47.19 -86.38
C TYR J 26 -42.52 -48.04 -85.12
N LEU J 27 -41.44 -48.79 -84.86
CA LEU J 27 -41.41 -49.61 -83.66
C LEU J 27 -41.48 -48.70 -82.42
N MET J 28 -40.76 -47.58 -82.44
CA MET J 28 -40.68 -46.73 -81.27
C MET J 28 -42.04 -46.07 -80.99
N LEU J 29 -42.78 -45.71 -82.04
CA LEU J 29 -44.10 -45.15 -81.88
C LEU J 29 -44.99 -46.10 -81.09
N GLN J 30 -44.70 -47.40 -81.16
CA GLN J 30 -45.52 -48.36 -80.45
C GLN J 30 -44.99 -48.59 -79.04
N GLY J 31 -43.91 -47.91 -78.68
CA GLY J 31 -43.35 -48.05 -77.35
C GLY J 31 -42.32 -49.17 -77.26
N ILE J 32 -41.75 -49.58 -78.42
CA ILE J 32 -40.77 -50.65 -78.44
C ILE J 32 -39.40 -49.99 -78.54
N PRO J 33 -38.53 -50.13 -77.52
CA PRO J 33 -37.19 -49.56 -77.59
C PRO J 33 -36.37 -50.28 -78.66
N VAL J 34 -35.59 -49.51 -79.43
CA VAL J 34 -34.78 -50.15 -80.44
C VAL J 34 -33.30 -49.86 -80.17
N HIS J 35 -32.50 -50.92 -80.33
CA HIS J 35 -31.06 -50.83 -80.46
C HIS J 35 -30.75 -50.69 -81.96
N LEU J 36 -30.22 -49.53 -82.38
CA LEU J 36 -29.88 -49.32 -83.78
C LEU J 36 -28.52 -49.97 -84.04
N TRP J 37 -28.43 -50.81 -85.09
CA TRP J 37 -27.20 -51.54 -85.41
C TRP J 37 -26.82 -51.25 -86.85
N SER J 38 -25.62 -50.67 -87.04
CA SER J 38 -25.03 -50.38 -88.34
C SER J 38 -23.77 -51.23 -88.54
N GLY J 39 -23.67 -51.86 -89.70
CA GLY J 39 -22.51 -52.65 -90.10
C GLY J 39 -21.61 -51.81 -90.99
N ASN J 40 -20.33 -51.76 -90.62
CA ASN J 40 -19.33 -51.11 -91.45
C ASN J 40 -18.43 -52.20 -92.03
N SER J 41 -18.45 -52.32 -93.36
CA SER J 41 -17.93 -53.48 -94.07
C SER J 41 -16.55 -53.12 -94.63
N GLY J 42 -16.16 -51.86 -94.45
CA GLY J 42 -14.83 -51.41 -94.81
C GLY J 42 -14.76 -50.81 -96.22
N CYS J 43 -15.85 -50.89 -96.97
CA CYS J 43 -15.88 -50.41 -98.33
C CYS J 43 -17.00 -49.39 -98.55
N SER J 44 -17.50 -48.83 -97.46
CA SER J 44 -18.62 -47.86 -97.54
C SER J 44 -18.03 -46.45 -97.57
N LEU J 45 -18.58 -45.61 -98.43
CA LEU J 45 -18.00 -44.26 -98.62
C LEU J 45 -18.95 -43.19 -98.09
N HIS J 46 -18.39 -42.08 -97.61
CA HIS J 46 -19.20 -40.91 -97.15
C HIS J 46 -20.26 -41.33 -96.13
N ARG J 47 -19.82 -41.85 -94.98
CA ARG J 47 -20.72 -42.33 -93.96
C ARG J 47 -21.04 -41.27 -92.91
N GLY J 48 -20.37 -40.12 -92.93
CA GLY J 48 -20.47 -39.17 -91.84
C GLY J 48 -21.92 -38.73 -91.55
N ILE J 49 -22.70 -38.54 -92.64
CA ILE J 49 -24.02 -37.96 -92.56
C ILE J 49 -24.97 -38.86 -91.76
N LEU J 50 -24.59 -40.11 -91.50
CA LEU J 50 -25.37 -41.01 -90.69
C LEU J 50 -25.67 -40.40 -89.32
N SER J 51 -24.70 -39.73 -88.69
CA SER J 51 -24.89 -39.23 -87.33
C SER J 51 -25.97 -38.13 -87.28
N HIS J 52 -26.09 -37.34 -88.35
CA HIS J 52 -27.19 -36.37 -88.44
C HIS J 52 -28.53 -37.09 -88.28
N ARG J 53 -28.67 -38.26 -88.92
CA ARG J 53 -29.91 -39.00 -88.91
C ARG J 53 -30.17 -39.56 -87.51
N VAL J 54 -29.14 -40.10 -86.86
CA VAL J 54 -29.27 -40.65 -85.52
C VAL J 54 -29.74 -39.55 -84.58
N GLU J 55 -29.25 -38.32 -84.78
CA GLU J 55 -29.59 -37.20 -83.91
C GLU J 55 -31.08 -36.88 -84.02
N GLU J 56 -31.59 -36.73 -85.25
CA GLU J 56 -33.02 -36.56 -85.48
C GLU J 56 -33.85 -37.55 -84.67
N MET J 57 -33.41 -38.82 -84.63
CA MET J 57 -34.22 -39.88 -84.03
C MET J 57 -34.16 -39.78 -82.50
N LYS J 58 -32.98 -39.48 -81.94
CA LYS J 58 -32.85 -39.22 -80.51
C LYS J 58 -33.74 -38.06 -80.10
N ASN J 59 -33.68 -36.96 -80.88
CA ASN J 59 -34.51 -35.79 -80.66
C ASN J 59 -35.98 -36.19 -80.59
N ARG J 60 -36.43 -37.08 -81.50
CA ARG J 60 -37.86 -37.35 -81.64
C ARG J 60 -38.32 -38.42 -80.64
N PHE J 61 -37.45 -39.37 -80.25
CA PHE J 61 -37.91 -40.52 -79.46
C PHE J 61 -37.22 -40.66 -78.11
N GLY J 62 -36.09 -39.96 -77.88
CA GLY J 62 -35.43 -39.96 -76.58
C GLY J 62 -34.96 -41.34 -76.11
N ASP J 63 -35.42 -41.79 -74.94
CA ASP J 63 -35.01 -43.02 -74.28
C ASP J 63 -35.23 -44.29 -75.11
N LEU J 64 -36.10 -44.18 -76.10
CA LEU J 64 -36.55 -45.37 -76.82
C LEU J 64 -35.46 -45.80 -77.81
N VAL J 65 -34.59 -44.86 -78.22
CA VAL J 65 -33.31 -45.20 -78.82
C VAL J 65 -32.38 -45.66 -77.70
N VAL J 66 -32.24 -46.97 -77.52
CA VAL J 66 -31.45 -47.49 -76.43
C VAL J 66 -29.95 -47.50 -76.79
N GLY J 67 -29.61 -47.45 -78.07
CA GLY J 67 -28.22 -47.26 -78.49
C GLY J 67 -28.07 -47.26 -80.01
N HIS J 68 -26.90 -46.85 -80.47
CA HIS J 68 -26.45 -47.03 -81.83
C HIS J 68 -25.07 -47.70 -81.80
N THR J 69 -25.01 -48.95 -82.31
CA THR J 69 -23.77 -49.69 -82.48
C THR J 69 -23.35 -49.67 -83.95
N VAL J 70 -22.11 -49.21 -84.21
CA VAL J 70 -21.47 -49.36 -85.51
C VAL J 70 -20.44 -50.49 -85.39
N ALA J 71 -20.67 -51.62 -86.06
CA ALA J 71 -19.80 -52.77 -85.90
C ALA J 71 -18.87 -52.90 -87.09
N ASP J 72 -17.59 -53.17 -86.80
CA ASP J 72 -16.62 -53.45 -87.85
C ASP J 72 -16.88 -54.88 -88.30
N ILE J 73 -17.41 -55.07 -89.52
CA ILE J 73 -17.69 -56.42 -90.00
C ILE J 73 -16.79 -56.67 -91.20
N SER J 74 -15.81 -55.81 -91.44
CA SER J 74 -14.95 -55.93 -92.60
C SER J 74 -14.25 -57.28 -92.72
N GLY J 75 -14.00 -57.97 -91.61
CA GLY J 75 -13.30 -59.24 -91.63
C GLY J 75 -14.16 -60.39 -92.12
N ALA J 76 -15.35 -60.51 -91.55
CA ALA J 76 -16.35 -61.48 -92.02
C ALA J 76 -16.71 -61.23 -93.48
N PHE J 77 -16.82 -59.95 -93.86
CA PHE J 77 -17.15 -59.60 -95.22
C PHE J 77 -16.05 -60.08 -96.16
N ARG J 78 -14.81 -59.75 -95.80
CA ARG J 78 -13.62 -60.19 -96.53
C ARG J 78 -13.65 -61.72 -96.70
N SER J 79 -13.88 -62.45 -95.60
CA SER J 79 -13.77 -63.89 -95.64
C SER J 79 -14.84 -64.51 -96.54
N ILE J 80 -16.04 -63.92 -96.55
CA ILE J 80 -17.18 -64.53 -97.18
C ILE J 80 -17.18 -64.19 -98.67
N ALA J 81 -16.82 -62.95 -99.01
CA ALA J 81 -17.22 -62.36 -100.27
C ALA J 81 -16.06 -61.81 -101.08
N ILE J 82 -14.92 -61.50 -100.45
CA ILE J 82 -13.85 -60.84 -101.19
C ILE J 82 -12.69 -61.80 -101.46
N GLU J 83 -12.38 -62.66 -100.50
CA GLU J 83 -11.17 -63.52 -100.59
C GLU J 83 -11.16 -64.31 -101.90
N ALA J 84 -12.31 -64.80 -102.33
CA ALA J 84 -12.39 -65.62 -103.56
C ALA J 84 -13.23 -64.95 -104.63
N LEU J 85 -13.08 -63.63 -104.81
CA LEU J 85 -13.91 -62.90 -105.79
C LEU J 85 -13.69 -63.50 -107.20
N GLU J 86 -12.47 -63.85 -107.57
CA GLU J 86 -12.21 -64.49 -108.89
C GLU J 86 -13.01 -65.79 -109.01
N GLN J 87 -12.80 -66.72 -108.10
CA GLN J 87 -13.49 -67.99 -108.18
C GLN J 87 -15.00 -67.74 -108.17
N ASP J 88 -15.45 -66.85 -107.27
CA ASP J 88 -16.87 -66.60 -107.10
C ASP J 88 -17.48 -66.10 -108.41
N ILE J 89 -16.82 -65.15 -109.07
CA ILE J 89 -17.40 -64.48 -110.21
C ILE J 89 -17.30 -65.39 -111.44
N LEU J 90 -16.16 -66.06 -111.61
CA LEU J 90 -15.99 -67.00 -112.70
C LEU J 90 -17.00 -68.13 -112.60
N LYS J 91 -17.37 -68.54 -111.39
CA LYS J 91 -18.31 -69.63 -111.24
C LYS J 91 -19.73 -69.14 -111.54
N TYR J 92 -20.26 -68.26 -110.70
CA TYR J 92 -21.69 -67.86 -110.83
C TYR J 92 -21.87 -66.79 -111.89
N ARG J 93 -20.80 -66.37 -112.53
CA ARG J 93 -20.91 -65.38 -113.63
C ARG J 93 -21.53 -64.09 -113.10
N LYS J 94 -21.31 -63.78 -111.83
CA LYS J 94 -21.97 -62.59 -111.26
C LYS J 94 -21.25 -61.98 -110.05
N ASN J 95 -21.19 -60.65 -109.97
CA ASN J 95 -20.70 -59.96 -108.78
C ASN J 95 -21.79 -60.02 -107.72
N LEU J 96 -21.66 -60.96 -106.79
CA LEU J 96 -22.58 -61.13 -105.69
C LEU J 96 -21.97 -60.65 -104.37
N VAL J 97 -21.00 -59.73 -104.46
CA VAL J 97 -20.33 -59.25 -103.25
C VAL J 97 -21.32 -58.75 -102.19
N LEU J 98 -22.35 -58.02 -102.62
CA LEU J 98 -23.28 -57.38 -101.69
C LEU J 98 -24.22 -58.42 -101.07
N LEU J 99 -24.37 -59.57 -101.72
CA LEU J 99 -25.12 -60.63 -101.09
C LEU J 99 -24.30 -61.28 -99.97
N GLY J 100 -23.01 -61.48 -100.26
CA GLY J 100 -22.05 -61.84 -99.24
C GLY J 100 -22.07 -60.87 -98.05
N GLU J 101 -22.04 -59.56 -98.33
CA GLU J 101 -22.08 -58.58 -97.26
C GLU J 101 -23.24 -58.87 -96.32
N LYS J 102 -24.40 -59.21 -96.90
CA LYS J 102 -25.59 -59.33 -96.09
C LYS J 102 -25.49 -60.61 -95.24
N LEU J 103 -24.86 -61.64 -95.75
CA LEU J 103 -24.60 -62.82 -94.94
C LEU J 103 -23.61 -62.52 -93.81
N ALA J 104 -22.55 -61.74 -94.09
CA ALA J 104 -21.65 -61.25 -93.04
C ALA J 104 -22.43 -60.48 -91.96
N ILE J 105 -23.38 -59.62 -92.38
CA ILE J 105 -24.17 -58.85 -91.46
C ILE J 105 -24.90 -59.79 -90.51
N HIS J 106 -25.54 -60.81 -91.07
CA HIS J 106 -26.35 -61.73 -90.30
C HIS J 106 -25.54 -62.62 -89.34
N ALA J 107 -24.32 -62.99 -89.75
CA ALA J 107 -23.43 -63.74 -88.88
C ALA J 107 -23.13 -62.89 -87.63
N HIS J 108 -22.70 -61.65 -87.86
CA HIS J 108 -22.45 -60.74 -86.76
C HIS J 108 -23.68 -60.50 -85.89
N LEU J 109 -24.89 -60.53 -86.46
CA LEU J 109 -26.06 -60.21 -85.66
C LEU J 109 -26.42 -61.37 -84.74
N VAL J 110 -26.11 -62.62 -85.14
CA VAL J 110 -26.33 -63.74 -84.24
C VAL J 110 -25.48 -63.50 -82.99
N ASP J 111 -24.20 -63.16 -83.18
CA ASP J 111 -23.32 -62.96 -82.06
C ASP J 111 -23.82 -61.79 -81.21
N PHE J 112 -24.15 -60.69 -81.87
CA PHE J 112 -24.62 -59.50 -81.17
C PHE J 112 -25.88 -59.81 -80.37
N CYS J 113 -26.85 -60.51 -80.98
CA CYS J 113 -28.10 -60.78 -80.31
C CYS J 113 -27.86 -61.70 -79.10
N ARG J 114 -27.05 -62.73 -79.25
CA ARG J 114 -26.84 -63.65 -78.15
C ARG J 114 -26.13 -62.94 -77.00
N ARG J 115 -25.23 -62.01 -77.31
CA ARG J 115 -24.46 -61.37 -76.25
C ARG J 115 -25.22 -60.19 -75.64
N ASN J 116 -26.27 -59.65 -76.28
CA ASN J 116 -27.00 -58.54 -75.68
C ASN J 116 -28.48 -58.87 -75.43
N ASP J 117 -28.84 -60.15 -75.37
CA ASP J 117 -30.17 -60.56 -74.99
C ASP J 117 -31.24 -59.89 -75.88
N ILE J 118 -31.03 -59.95 -77.19
CA ILE J 118 -32.00 -59.51 -78.19
C ILE J 118 -32.40 -60.77 -78.96
N ASN J 119 -33.68 -60.96 -79.19
CA ASN J 119 -34.07 -62.09 -80.03
C ASN J 119 -35.05 -61.67 -81.12
N THR J 120 -35.21 -60.36 -81.38
CA THR J 120 -35.97 -59.88 -82.51
C THR J 120 -35.13 -58.84 -83.23
N ILE J 121 -34.86 -59.06 -84.53
CA ILE J 121 -34.16 -58.09 -85.37
C ILE J 121 -35.12 -57.62 -86.45
N ASN J 122 -34.89 -56.41 -86.96
CA ASN J 122 -35.79 -55.78 -87.91
C ASN J 122 -34.96 -55.07 -88.95
N ASP J 123 -35.37 -55.08 -90.21
CA ASP J 123 -34.73 -54.20 -91.16
C ASP J 123 -35.79 -53.35 -91.86
N GLY J 124 -35.36 -52.55 -92.84
CA GLY J 124 -36.25 -51.77 -93.66
C GLY J 124 -36.35 -52.29 -95.10
N ILE J 125 -36.47 -53.61 -95.29
CA ILE J 125 -36.75 -54.09 -96.64
C ILE J 125 -38.13 -53.55 -97.04
N THR J 126 -38.16 -52.93 -98.23
CA THR J 126 -39.38 -52.44 -98.84
C THR J 126 -39.62 -53.13 -100.18
N HIS J 127 -40.89 -53.42 -100.45
CA HIS J 127 -41.37 -53.92 -101.75
C HIS J 127 -40.75 -53.17 -102.94
N TYR J 128 -40.71 -51.84 -102.87
CA TYR J 128 -40.31 -51.00 -104.00
C TYR J 128 -38.80 -51.14 -104.29
N GLN J 129 -38.05 -51.85 -103.45
CA GLN J 129 -36.61 -52.05 -103.65
C GLN J 129 -36.23 -53.50 -103.95
N MET J 130 -37.17 -54.29 -104.45
CA MET J 130 -36.87 -55.74 -104.67
C MET J 130 -35.71 -55.94 -105.67
N GLU J 131 -35.54 -55.06 -106.66
CA GLU J 131 -34.47 -55.20 -107.63
C GLU J 131 -33.12 -55.51 -106.99
N PHE J 132 -32.93 -55.24 -105.70
CA PHE J 132 -31.65 -55.51 -105.03
C PHE J 132 -31.64 -56.89 -104.40
N PRO J 133 -30.60 -57.73 -104.68
CA PRO J 133 -30.57 -59.13 -104.25
C PRO J 133 -30.86 -59.34 -102.77
N GLU J 134 -30.30 -58.46 -101.93
CA GLU J 134 -30.44 -58.58 -100.48
C GLU J 134 -31.89 -58.39 -100.04
N GLN J 135 -32.75 -57.85 -100.91
CA GLN J 135 -34.13 -57.54 -100.57
C GLN J 135 -35.11 -58.45 -101.30
N ARG J 136 -34.63 -59.34 -102.17
CA ARG J 136 -35.50 -60.29 -102.84
C ARG J 136 -36.00 -61.34 -101.85
N LEU J 137 -37.24 -61.79 -102.08
CA LEU J 137 -37.85 -62.72 -101.17
C LEU J 137 -36.95 -63.95 -100.97
N VAL J 138 -36.25 -64.39 -102.01
CA VAL J 138 -35.49 -65.62 -101.88
C VAL J 138 -34.37 -65.45 -100.84
N ALA J 139 -33.67 -64.29 -100.87
CA ALA J 139 -32.60 -64.01 -99.92
C ALA J 139 -33.20 -63.79 -98.52
N LYS J 140 -34.31 -63.07 -98.47
CA LYS J 140 -34.96 -62.78 -97.20
C LYS J 140 -35.39 -64.08 -96.53
N THR J 141 -35.99 -64.97 -97.30
CA THR J 141 -36.47 -66.26 -96.78
C THR J 141 -35.32 -67.10 -96.27
N PHE J 142 -34.20 -67.07 -96.99
CA PHE J 142 -33.00 -67.80 -96.56
C PHE J 142 -32.54 -67.23 -95.22
N LEU J 143 -32.48 -65.90 -95.10
CA LEU J 143 -31.94 -65.25 -93.93
C LEU J 143 -32.89 -65.38 -92.73
N MET J 144 -34.20 -65.51 -92.95
CA MET J 144 -35.11 -65.75 -91.85
C MET J 144 -34.85 -67.14 -91.27
N GLU J 145 -34.59 -68.10 -92.17
CA GLU J 145 -34.34 -69.48 -91.76
C GLU J 145 -33.04 -69.48 -90.97
N MET J 146 -32.01 -68.83 -91.50
CA MET J 146 -30.74 -68.75 -90.82
C MET J 146 -30.94 -68.17 -89.42
N MET J 147 -31.67 -67.08 -89.29
CA MET J 147 -31.80 -66.43 -87.99
C MET J 147 -32.65 -67.29 -87.06
N ALA J 148 -33.61 -68.02 -87.62
CA ALA J 148 -34.47 -68.85 -86.79
C ALA J 148 -33.71 -70.06 -86.25
N GLN J 149 -32.63 -70.48 -86.91
CA GLN J 149 -31.82 -71.58 -86.40
C GLN J 149 -31.19 -71.19 -85.07
N TYR J 150 -31.00 -69.89 -84.82
CA TYR J 150 -30.50 -69.39 -83.55
C TYR J 150 -31.59 -68.78 -82.69
N ASP J 151 -32.85 -69.17 -82.95
CA ASP J 151 -33.99 -68.71 -82.18
C ASP J 151 -34.07 -67.18 -82.22
N ILE J 152 -33.71 -66.58 -83.38
CA ILE J 152 -33.82 -65.15 -83.56
C ILE J 152 -34.92 -64.85 -84.59
N ASN J 153 -35.84 -63.98 -84.18
CA ASN J 153 -37.01 -63.60 -84.99
C ASN J 153 -36.62 -62.43 -85.87
N TYR J 154 -36.77 -62.61 -87.18
CA TYR J 154 -36.38 -61.62 -88.18
C TYR J 154 -37.64 -61.06 -88.82
N GLN J 155 -37.88 -59.75 -88.65
CA GLN J 155 -39.06 -59.05 -89.12
C GLN J 155 -38.69 -57.90 -90.01
N SER J 156 -39.65 -57.50 -90.84
CA SER J 156 -39.45 -56.38 -91.77
C SER J 156 -40.64 -55.43 -91.64
N PRO J 157 -40.69 -54.58 -90.60
CA PRO J 157 -41.94 -53.96 -90.18
C PRO J 157 -42.59 -52.99 -91.16
N VAL J 158 -41.82 -52.49 -92.15
CA VAL J 158 -42.30 -51.52 -93.13
C VAL J 158 -42.41 -52.12 -94.53
N TYR J 159 -42.36 -53.46 -94.63
CA TYR J 159 -42.37 -54.18 -95.90
C TYR J 159 -43.75 -54.08 -96.53
N GLU J 160 -44.79 -54.43 -95.76
CA GLU J 160 -46.18 -54.48 -96.23
C GLU J 160 -46.69 -53.07 -96.54
N PHE J 161 -46.14 -52.03 -95.87
CA PHE J 161 -46.73 -50.71 -96.05
C PHE J 161 -46.09 -50.06 -97.28
N ALA J 162 -46.82 -49.22 -97.97
CA ALA J 162 -46.19 -48.19 -98.78
C ALA J 162 -46.10 -48.71 -100.19
N GLN J 163 -44.95 -49.23 -100.60
CA GLN J 163 -44.86 -49.78 -101.97
C GLN J 163 -44.28 -48.65 -102.88
N SER J 164 -43.86 -47.51 -102.34
CA SER J 164 -43.08 -46.54 -103.11
C SER J 164 -42.17 -45.75 -102.15
N ALA J 165 -41.19 -45.03 -102.71
CA ALA J 165 -40.34 -44.21 -101.85
C ALA J 165 -41.17 -43.11 -101.17
N ASP J 166 -42.08 -42.50 -101.94
CA ASP J 166 -42.87 -41.37 -101.46
C ASP J 166 -43.64 -41.75 -100.21
N ASP J 167 -44.12 -43.00 -100.12
CA ASP J 167 -44.89 -43.39 -98.96
C ASP J 167 -44.05 -43.21 -97.67
N VAL J 168 -42.81 -43.69 -97.72
CA VAL J 168 -41.91 -43.70 -96.59
C VAL J 168 -41.53 -42.26 -96.24
N LYS J 169 -41.15 -41.49 -97.24
CA LYS J 169 -40.79 -40.10 -97.08
C LYS J 169 -41.82 -39.33 -96.26
N TYR J 170 -43.09 -39.40 -96.64
CA TYR J 170 -44.13 -38.54 -96.00
C TYR J 170 -44.36 -38.95 -94.57
N ARG J 171 -44.22 -40.24 -94.29
CA ARG J 171 -44.52 -40.69 -92.92
C ARG J 171 -43.41 -40.17 -91.99
N LEU J 172 -42.20 -40.03 -92.51
CA LEU J 172 -41.10 -39.49 -91.69
C LEU J 172 -41.30 -37.99 -91.59
N LEU J 173 -41.75 -37.35 -92.67
CA LEU J 173 -41.98 -35.92 -92.57
C LEU J 173 -43.00 -35.65 -91.45
N GLN J 174 -43.99 -36.52 -91.31
CA GLN J 174 -45.00 -36.35 -90.28
C GLN J 174 -44.40 -36.54 -88.89
N LEU J 175 -43.20 -37.12 -88.81
CA LEU J 175 -42.54 -37.34 -87.54
C LEU J 175 -41.55 -36.21 -87.26
N GLY J 176 -41.39 -35.30 -88.21
CA GLY J 176 -40.47 -34.20 -88.08
C GLY J 176 -39.04 -34.63 -88.34
N ILE J 177 -38.89 -35.76 -89.07
CA ILE J 177 -37.60 -36.26 -89.52
C ILE J 177 -37.49 -36.02 -91.03
N SER J 178 -36.30 -35.67 -91.49
CA SER J 178 -36.01 -35.42 -92.89
C SER J 178 -36.24 -36.68 -93.75
N THR J 179 -36.42 -36.47 -95.05
CA THR J 179 -36.95 -37.51 -95.92
C THR J 179 -35.82 -38.20 -96.69
N LYS J 180 -34.60 -37.64 -96.55
CA LYS J 180 -33.47 -38.05 -97.38
C LYS J 180 -32.86 -39.31 -96.83
N SER J 181 -32.17 -40.06 -97.70
CA SER J 181 -31.40 -41.23 -97.32
C SER J 181 -29.99 -40.76 -96.94
N LEU J 182 -29.72 -40.68 -95.65
CA LEU J 182 -28.47 -40.15 -95.17
C LEU J 182 -27.60 -41.31 -94.75
N GLU J 183 -27.15 -42.07 -95.75
CA GLU J 183 -26.41 -43.29 -95.54
C GLU J 183 -25.16 -43.21 -96.42
N GLY J 184 -24.16 -44.02 -96.09
CA GLY J 184 -22.98 -44.10 -96.91
C GLY J 184 -23.28 -44.92 -98.17
N ILE J 185 -22.42 -44.77 -99.18
CA ILE J 185 -22.53 -45.57 -100.38
C ILE J 185 -21.47 -46.65 -100.38
N SER J 186 -21.88 -47.90 -100.69
CA SER J 186 -20.94 -48.97 -101.00
C SER J 186 -20.17 -48.61 -102.26
N ILE J 187 -18.86 -48.90 -102.25
CA ILE J 187 -18.05 -48.73 -103.44
C ILE J 187 -18.55 -49.71 -104.51
N PHE J 188 -19.26 -50.75 -104.09
CA PHE J 188 -19.78 -51.74 -105.03
C PHE J 188 -21.17 -51.38 -105.58
N ALA J 189 -21.73 -50.22 -105.22
CA ALA J 189 -23.04 -49.85 -105.73
C ALA J 189 -22.97 -49.72 -107.25
N ASP J 190 -23.92 -50.36 -107.93
CA ASP J 190 -24.03 -50.31 -109.38
C ASP J 190 -22.75 -50.85 -110.00
N SER J 191 -22.25 -51.96 -109.45
CA SER J 191 -21.11 -52.68 -109.98
C SER J 191 -21.51 -54.11 -110.36
N PHE J 192 -22.81 -54.37 -110.42
CA PHE J 192 -23.31 -55.70 -110.68
C PHE J 192 -24.47 -55.58 -111.68
N SER J 193 -24.70 -56.68 -112.39
CA SER J 193 -25.93 -56.89 -113.14
C SER J 193 -26.83 -57.77 -112.29
N THR J 194 -28.09 -57.92 -112.73
CA THR J 194 -29.09 -58.64 -111.96
C THR J 194 -28.88 -60.14 -112.09
N PRO J 195 -28.79 -60.88 -110.96
CA PRO J 195 -28.66 -62.33 -111.00
C PRO J 195 -30.00 -63.04 -110.89
N SER J 196 -30.05 -64.31 -111.33
CA SER J 196 -31.22 -65.13 -111.14
C SER J 196 -31.34 -65.57 -109.70
N ASP J 197 -32.58 -65.92 -109.31
CA ASP J 197 -32.84 -66.51 -108.02
C ASP J 197 -32.02 -67.79 -107.81
N ASP J 198 -31.88 -68.63 -108.85
CA ASP J 198 -31.17 -69.89 -108.67
C ASP J 198 -29.75 -69.59 -108.17
N VAL J 199 -29.15 -68.56 -108.77
CA VAL J 199 -27.78 -68.16 -108.51
C VAL J 199 -27.65 -67.54 -107.13
N VAL J 200 -28.65 -66.75 -106.74
CA VAL J 200 -28.66 -66.10 -105.43
C VAL J 200 -28.68 -67.18 -104.36
N LEU J 201 -29.55 -68.17 -104.52
CA LEU J 201 -29.72 -69.20 -103.51
C LEU J 201 -28.50 -70.10 -103.43
N ALA J 202 -27.85 -70.34 -104.57
CA ALA J 202 -26.72 -71.25 -104.62
C ALA J 202 -25.52 -70.61 -103.93
N TYR J 203 -25.33 -69.30 -104.12
CA TYR J 203 -24.24 -68.53 -103.51
C TYR J 203 -24.41 -68.54 -101.99
N LEU J 204 -25.64 -68.23 -101.55
CA LEU J 204 -25.95 -68.23 -100.14
C LEU J 204 -25.64 -69.60 -99.54
N ARG J 205 -26.10 -70.68 -100.20
CA ARG J 205 -25.92 -72.02 -99.65
C ARG J 205 -24.45 -72.44 -99.61
N GLU J 206 -23.66 -71.97 -100.57
CA GLU J 206 -22.23 -72.25 -100.64
C GLU J 206 -21.45 -71.47 -99.57
N LYS J 207 -21.83 -70.22 -99.26
CA LYS J 207 -21.13 -69.41 -98.28
C LYS J 207 -21.67 -69.63 -96.87
N ALA J 208 -22.83 -70.28 -96.72
CA ALA J 208 -23.42 -70.42 -95.41
C ALA J 208 -22.45 -71.10 -94.44
N PRO J 209 -21.78 -72.23 -94.77
CA PRO J 209 -20.85 -72.87 -93.85
C PRO J 209 -19.82 -71.91 -93.27
N LEU J 210 -19.26 -71.05 -94.11
CA LEU J 210 -18.36 -69.99 -93.67
C LEU J 210 -19.04 -69.06 -92.68
N ALA J 211 -20.30 -68.70 -92.95
CA ALA J 211 -21.02 -67.76 -92.10
C ALA J 211 -21.20 -68.38 -90.73
N HIS J 212 -21.63 -69.64 -90.70
CA HIS J 212 -21.90 -70.31 -89.44
C HIS J 212 -20.62 -70.52 -88.65
N ASN J 213 -19.52 -70.66 -89.37
CA ASN J 213 -18.22 -70.88 -88.75
C ASN J 213 -17.80 -69.60 -88.03
N ILE J 214 -17.99 -68.47 -88.70
CA ILE J 214 -17.71 -67.15 -88.16
C ILE J 214 -18.56 -66.90 -86.91
N VAL J 215 -19.81 -67.39 -86.91
CA VAL J 215 -20.62 -67.31 -85.71
C VAL J 215 -19.97 -68.09 -84.57
N ASN J 216 -19.52 -69.29 -84.87
CA ASN J 216 -18.91 -70.18 -83.89
C ASN J 216 -17.63 -69.55 -83.32
N PHE J 217 -16.81 -68.94 -84.17
CA PHE J 217 -15.62 -68.23 -83.76
C PHE J 217 -15.98 -67.08 -82.81
N LEU J 218 -16.93 -66.22 -83.22
CA LEU J 218 -17.26 -65.03 -82.44
C LEU J 218 -17.84 -65.44 -81.10
N ALA J 219 -18.36 -66.66 -80.98
CA ALA J 219 -18.86 -67.13 -79.68
C ALA J 219 -17.77 -67.81 -78.86
N GLY J 220 -16.56 -67.85 -79.38
CA GLY J 220 -15.43 -68.51 -78.74
C GLY J 220 -15.55 -70.03 -78.65
N GLU J 221 -16.19 -70.67 -79.65
CA GLU J 221 -16.41 -72.11 -79.61
C GLU J 221 -15.39 -72.87 -80.46
N THR J 222 -14.78 -72.23 -81.47
CA THR J 222 -13.75 -72.86 -82.26
C THR J 222 -12.86 -71.78 -82.89
N LEU J 223 -11.66 -72.21 -83.33
CA LEU J 223 -10.80 -71.44 -84.23
C LEU J 223 -10.77 -72.06 -85.62
N ASN J 224 -11.17 -73.34 -85.73
CA ASN J 224 -10.90 -74.10 -86.95
C ASN J 224 -11.89 -73.76 -88.05
N PRO J 225 -11.46 -73.84 -89.33
CA PRO J 225 -12.35 -73.60 -90.47
C PRO J 225 -13.50 -74.61 -90.55
N PRO J 226 -14.45 -74.46 -91.50
CA PRO J 226 -15.48 -75.46 -91.69
C PRO J 226 -15.01 -76.91 -91.52
N VAL K 7 -16.09 15.35 34.76
CA VAL K 7 -16.43 15.38 33.30
C VAL K 7 -15.17 15.29 32.45
N LYS K 8 -15.13 14.19 31.69
CA LYS K 8 -14.03 13.89 30.79
C LYS K 8 -13.70 15.11 29.91
N PRO K 9 -12.45 15.67 30.03
CA PRO K 9 -12.04 16.70 29.10
C PRO K 9 -12.23 16.28 27.65
N GLN K 10 -12.49 17.28 26.82
CA GLN K 10 -12.51 17.18 25.41
C GLN K 10 -11.51 18.17 24.84
N LEU K 11 -11.23 17.94 23.54
CA LEU K 11 -10.19 18.67 22.85
C LEU K 11 -10.91 19.71 21.99
N VAL K 12 -10.19 20.83 21.78
CA VAL K 12 -10.67 21.83 20.89
C VAL K 12 -9.51 22.36 20.05
N MET K 13 -9.76 22.41 18.76
CA MET K 13 -8.77 22.96 17.82
C MET K 13 -8.88 24.47 17.93
N PHE K 14 -7.92 25.08 18.60
CA PHE K 14 -7.96 26.52 18.88
C PHE K 14 -6.98 27.28 18.05
N THR K 15 -7.46 28.29 17.36
CA THR K 15 -6.61 29.14 16.54
C THR K 15 -6.49 30.49 17.21
N GLY K 16 -7.31 30.74 18.23
CA GLY K 16 -7.32 32.07 18.84
C GLY K 16 -8.37 32.88 18.12
N GLY K 17 -8.96 32.29 17.09
CA GLY K 17 -10.02 32.97 16.36
C GLY K 17 -11.27 32.98 17.20
N ARG K 18 -12.20 33.84 16.83
CA ARG K 18 -13.45 34.02 17.61
C ARG K 18 -14.29 32.73 17.63
N ASP K 19 -14.43 32.07 16.49
CA ASP K 19 -15.28 30.86 16.38
C ASP K 19 -14.76 29.78 17.31
N SER K 20 -13.46 29.52 17.29
CA SER K 20 -12.97 28.43 18.12
C SER K 20 -12.81 28.87 19.60
N THR K 21 -12.49 30.14 19.86
CA THR K 21 -12.75 30.68 21.20
C THR K 21 -14.21 30.37 21.64
N LEU K 22 -15.23 30.78 20.87
CA LEU K 22 -16.60 30.60 21.35
C LEU K 22 -16.93 29.12 21.58
N ALA K 23 -16.56 28.27 20.62
CA ALA K 23 -16.79 26.86 20.77
C ALA K 23 -16.25 26.34 22.08
N ALA K 24 -14.96 26.55 22.31
CA ALA K 24 -14.32 26.12 23.57
C ALA K 24 -14.99 26.77 24.79
N CYS K 25 -15.36 28.05 24.69
CA CYS K 25 -16.06 28.70 25.82
C CYS K 25 -17.41 28.06 26.09
N TYR K 26 -18.09 27.66 25.03
CA TYR K 26 -19.43 27.14 25.19
C TYR K 26 -19.26 25.80 25.88
N LEU K 27 -18.22 25.06 25.56
CA LEU K 27 -18.16 23.74 26.21
C LEU K 27 -17.94 23.92 27.73
N MET K 28 -17.00 24.78 28.09
CA MET K 28 -16.67 25.02 29.52
C MET K 28 -17.92 25.54 30.27
N LEU K 29 -18.74 26.38 29.60
CA LEU K 29 -20.00 26.84 30.22
C LEU K 29 -20.86 25.63 30.61
N GLN K 30 -20.63 24.46 30.01
CA GLN K 30 -21.50 23.31 30.24
C GLN K 30 -20.89 22.47 31.33
N GLY K 31 -19.79 22.98 31.90
CA GLY K 31 -19.01 22.21 32.86
C GLY K 31 -18.07 21.17 32.23
N ILE K 32 -17.64 21.36 30.98
CA ILE K 32 -16.84 20.39 30.24
C ILE K 32 -15.46 20.99 30.10
N PRO K 33 -14.47 20.33 30.65
CA PRO K 33 -13.12 20.79 30.55
C PRO K 33 -12.58 20.62 29.14
N VAL K 34 -11.78 21.60 28.74
CA VAL K 34 -11.27 21.69 27.41
C VAL K 34 -9.74 21.69 27.42
N HIS K 35 -9.12 20.77 26.62
CA HIS K 35 -7.69 20.78 26.37
C HIS K 35 -7.56 21.51 25.08
N LEU K 36 -6.85 22.62 25.07
CA LEU K 36 -6.79 23.47 23.91
C LEU K 36 -5.66 22.91 23.05
N TRP K 37 -5.82 22.79 21.73
CA TRP K 37 -4.74 22.33 20.86
C TRP K 37 -4.62 23.23 19.62
N SER K 38 -3.41 23.77 19.34
CA SER K 38 -3.05 24.63 18.22
C SER K 38 -1.89 24.00 17.40
N GLY K 39 -2.17 23.75 16.12
CA GLY K 39 -1.32 23.16 15.12
C GLY K 39 -0.51 24.25 14.46
N ASN K 40 0.84 24.13 14.48
CA ASN K 40 1.76 25.05 13.83
C ASN K 40 2.33 24.32 12.61
N SER K 41 1.81 24.73 11.45
CA SER K 41 2.06 24.01 10.21
C SER K 41 3.35 24.56 9.61
N GLY K 42 3.94 25.57 10.25
CA GLY K 42 5.26 26.03 9.89
C GLY K 42 5.22 27.27 9.01
N CYS K 43 4.05 27.60 8.46
CA CYS K 43 3.87 28.81 7.65
C CYS K 43 2.82 29.78 8.27
N SER K 44 2.81 29.93 9.58
CA SER K 44 1.85 30.81 10.21
C SER K 44 2.55 32.09 10.55
N LEU K 45 1.89 33.25 10.40
CA LEU K 45 2.58 34.49 10.67
C LEU K 45 1.84 35.19 11.80
N HIS K 46 2.68 35.96 12.58
CA HIS K 46 2.33 36.76 13.75
C HIS K 46 1.34 36.01 14.65
N ARG K 47 1.82 34.89 15.23
CA ARG K 47 1.03 34.08 16.16
C ARG K 47 1.11 34.55 17.64
N GLY K 48 1.82 35.63 17.97
CA GLY K 48 1.95 35.98 19.37
C GLY K 48 0.65 36.40 20.09
N ILE K 49 -0.39 36.78 19.32
CA ILE K 49 -1.59 37.41 19.88
C ILE K 49 -2.48 36.30 20.41
N LEU K 50 -2.11 35.08 20.05
CA LEU K 50 -2.76 33.92 20.60
C LEU K 50 -2.69 33.97 22.12
N SER K 51 -1.48 34.12 22.68
CA SER K 51 -1.23 34.06 24.11
C SER K 51 -2.18 34.97 24.91
N HIS K 52 -2.51 36.13 24.33
CA HIS K 52 -3.47 37.07 24.97
C HIS K 52 -4.88 36.50 25.00
N ARG K 53 -5.22 35.65 24.02
CA ARG K 53 -6.58 35.05 23.96
C ARG K 53 -6.66 33.95 25.02
N VAL K 54 -5.63 33.13 25.12
CA VAL K 54 -5.64 32.05 26.09
C VAL K 54 -5.86 32.64 27.47
N GLU K 55 -5.28 33.80 27.74
CA GLU K 55 -5.27 34.25 29.10
C GLU K 55 -6.67 34.77 29.46
N GLU K 56 -7.34 35.47 28.49
CA GLU K 56 -8.73 35.87 28.62
C GLU K 56 -9.61 34.65 28.94
N MET K 57 -9.33 33.47 28.35
CA MET K 57 -10.10 32.27 28.62
C MET K 57 -9.78 31.61 29.97
N LYS K 58 -8.50 31.50 30.34
CA LYS K 58 -8.14 31.07 31.70
C LYS K 58 -8.76 31.98 32.79
N ASN K 59 -8.66 33.29 32.58
CA ASN K 59 -9.34 34.29 33.39
C ASN K 59 -10.89 34.12 33.46
N ARG K 60 -11.56 33.56 32.42
CA ARG K 60 -13.02 33.49 32.50
C ARG K 60 -13.52 32.12 32.98
N PHE K 61 -12.71 31.07 32.81
CA PHE K 61 -13.11 29.69 33.06
C PHE K 61 -12.19 28.93 34.01
N GLY K 62 -11.05 29.54 34.43
CA GLY K 62 -10.13 28.96 35.42
C GLY K 62 -9.60 27.56 35.01
N ASP K 63 -9.99 26.56 35.85
CA ASP K 63 -9.51 25.18 35.86
C ASP K 63 -10.21 24.34 34.79
N LEU K 64 -11.24 24.95 34.17
CA LEU K 64 -11.90 24.25 33.10
C LEU K 64 -11.02 24.28 31.82
N VAL K 65 -10.17 25.30 31.63
CA VAL K 65 -9.14 25.20 30.61
C VAL K 65 -8.00 24.31 31.10
N VAL K 66 -7.89 23.07 30.60
CA VAL K 66 -7.03 22.09 31.26
C VAL K 66 -5.64 22.02 30.65
N GLY K 67 -5.33 22.81 29.64
CA GLY K 67 -4.02 22.69 29.02
C GLY K 67 -4.01 23.40 27.68
N HIS K 68 -2.81 23.79 27.22
CA HIS K 68 -2.67 24.34 25.90
C HIS K 68 -1.49 23.66 25.18
N THR K 69 -1.77 22.79 24.21
CA THR K 69 -0.69 22.19 23.42
C THR K 69 -0.53 22.93 22.10
N VAL K 70 0.69 23.36 21.76
CA VAL K 70 1.09 23.82 20.44
C VAL K 70 1.85 22.66 19.79
N ALA K 71 1.43 22.18 18.62
CA ALA K 71 2.07 21.01 18.01
C ALA K 71 2.83 21.37 16.75
N ASP K 72 3.99 20.74 16.53
CA ASP K 72 4.69 20.93 15.28
C ASP K 72 4.00 19.97 14.31
N ILE K 73 3.16 20.46 13.41
CA ILE K 73 2.55 19.56 12.46
C ILE K 73 3.12 19.79 11.06
N SER K 74 4.19 20.59 10.99
CA SER K 74 4.76 21.05 9.75
C SER K 74 5.13 19.89 8.82
N GLY K 75 5.47 18.75 9.37
CA GLY K 75 6.01 17.66 8.56
C GLY K 75 4.92 16.91 7.80
N ALA K 76 3.89 16.53 8.52
CA ALA K 76 2.65 16.03 7.97
C ALA K 76 1.99 17.02 7.00
N PHE K 77 2.02 18.28 7.29
CA PHE K 77 1.45 19.24 6.37
C PHE K 77 2.21 19.15 5.07
N ARG K 78 3.54 19.31 5.12
CA ARG K 78 4.45 19.22 3.96
C ARG K 78 4.22 17.96 3.08
N SER K 79 3.98 16.81 3.74
CA SER K 79 3.83 15.58 2.99
C SER K 79 2.47 15.56 2.30
N ILE K 80 1.46 16.21 2.90
CA ILE K 80 0.12 16.04 2.42
C ILE K 80 -0.17 17.09 1.36
N ALA K 81 0.31 18.30 1.63
CA ALA K 81 -0.23 19.44 0.96
C ALA K 81 0.86 20.18 0.23
N ILE K 82 2.16 19.94 0.49
CA ILE K 82 3.19 20.75 -0.17
C ILE K 82 4.01 19.90 -1.14
N GLU K 83 4.44 18.73 -0.66
CA GLU K 83 5.33 17.89 -1.44
C GLU K 83 4.84 17.83 -2.89
N ALA K 84 3.55 17.54 -3.17
CA ALA K 84 3.13 17.42 -4.58
C ALA K 84 2.25 18.61 -5.04
N LEU K 85 2.74 19.85 -4.89
CA LEU K 85 1.94 21.03 -5.11
C LEU K 85 1.71 21.29 -6.59
N GLU K 86 2.70 20.93 -7.38
CA GLU K 86 2.59 20.99 -8.84
C GLU K 86 1.42 20.09 -9.26
N GLN K 87 1.49 18.79 -8.99
CA GLN K 87 0.44 17.87 -9.44
C GLN K 87 -0.95 18.28 -8.88
N ASP K 88 -0.96 18.84 -7.67
CA ASP K 88 -2.19 19.18 -6.99
C ASP K 88 -2.84 20.34 -7.79
N ILE K 89 -2.10 21.44 -8.04
CA ILE K 89 -2.71 22.63 -8.62
C ILE K 89 -3.06 22.25 -10.07
N LEU K 90 -2.06 21.62 -10.78
CA LEU K 90 -2.25 21.25 -12.19
C LEU K 90 -3.50 20.42 -12.36
N LYS K 91 -3.83 19.55 -11.43
CA LYS K 91 -5.00 18.68 -11.59
C LYS K 91 -6.28 19.36 -11.05
N TYR K 92 -6.14 20.03 -9.90
CA TYR K 92 -7.36 20.47 -9.24
C TYR K 92 -7.70 21.86 -9.76
N ARG K 93 -6.72 22.55 -10.33
CA ARG K 93 -6.92 23.94 -10.70
C ARG K 93 -7.08 24.81 -9.41
N LYS K 94 -6.87 24.26 -8.25
CA LYS K 94 -7.22 25.00 -7.05
C LYS K 94 -6.12 24.78 -6.02
N ASN K 95 -5.61 25.86 -5.43
CA ASN K 95 -4.82 25.77 -4.22
C ASN K 95 -5.71 25.23 -3.10
N LEU K 96 -5.43 23.99 -2.71
CA LEU K 96 -6.06 23.31 -1.61
C LEU K 96 -5.08 23.09 -0.44
N VAL K 97 -4.00 23.82 -0.41
CA VAL K 97 -3.11 23.72 0.75
C VAL K 97 -3.74 23.87 2.16
N LEU K 98 -4.79 24.64 2.39
CA LEU K 98 -5.36 24.73 3.74
C LEU K 98 -6.36 23.62 4.06
N LEU K 99 -6.81 22.90 3.02
CA LEU K 99 -7.58 21.67 3.18
C LEU K 99 -6.66 20.52 3.53
N GLY K 100 -5.54 20.34 2.88
CA GLY K 100 -4.59 19.34 3.36
C GLY K 100 -4.15 19.59 4.83
N GLU K 101 -4.01 20.89 5.20
CA GLU K 101 -3.65 21.29 6.58
C GLU K 101 -4.68 20.77 7.53
N LYS K 102 -5.95 20.82 7.13
CA LYS K 102 -7.03 20.34 7.95
C LYS K 102 -6.90 18.85 8.12
N LEU K 103 -6.55 18.13 7.05
CA LEU K 103 -6.34 16.70 7.16
C LEU K 103 -5.11 16.36 8.01
N ALA K 104 -4.01 17.05 7.79
CA ALA K 104 -2.86 16.76 8.65
C ALA K 104 -3.19 16.94 10.14
N ILE K 105 -3.94 17.99 10.47
CA ILE K 105 -4.39 18.31 11.82
C ILE K 105 -5.13 17.13 12.43
N HIS K 106 -6.00 16.50 11.64
CA HIS K 106 -6.83 15.40 12.11
C HIS K 106 -5.99 14.13 12.29
N ALA K 107 -4.94 13.96 11.46
CA ALA K 107 -4.09 12.76 11.49
C ALA K 107 -3.26 12.85 12.77
N HIS K 108 -2.59 13.97 12.97
CA HIS K 108 -1.99 14.19 14.28
C HIS K 108 -2.96 14.01 15.44
N LEU K 109 -4.18 14.51 15.33
CA LEU K 109 -5.14 14.38 16.42
C LEU K 109 -5.53 12.94 16.80
N VAL K 110 -5.44 11.96 15.89
CA VAL K 110 -5.75 10.55 16.16
C VAL K 110 -4.67 10.09 17.11
N ASP K 111 -3.47 10.61 16.87
CA ASP K 111 -2.31 10.18 17.64
C ASP K 111 -2.41 10.80 19.03
N PHE K 112 -2.74 12.10 19.03
CA PHE K 112 -2.82 12.86 20.27
C PHE K 112 -3.93 12.27 21.13
N CYS K 113 -5.08 12.00 20.54
CA CYS K 113 -6.23 11.54 21.37
C CYS K 113 -5.96 10.13 21.92
N ARG K 114 -5.36 9.24 21.14
CA ARG K 114 -5.07 7.86 21.58
C ARG K 114 -3.98 7.82 22.65
N ARG K 115 -2.99 8.69 22.53
CA ARG K 115 -1.89 8.75 23.52
C ARG K 115 -2.32 9.57 24.77
N ASN K 116 -3.30 10.47 24.63
CA ASN K 116 -3.79 11.20 25.81
C ASN K 116 -5.22 10.90 26.29
N ASP K 117 -5.83 9.74 26.02
CA ASP K 117 -7.16 9.34 26.52
C ASP K 117 -8.26 10.40 26.31
N ILE K 118 -8.34 10.95 25.08
CA ILE K 118 -9.39 11.88 24.64
C ILE K 118 -10.26 11.18 23.58
N ASN K 119 -11.57 11.21 23.68
CA ASN K 119 -12.36 10.52 22.67
C ASN K 119 -13.23 11.51 21.89
N THR K 120 -13.09 12.84 22.17
CA THR K 120 -13.95 13.91 21.61
C THR K 120 -13.11 15.13 21.26
N ILE K 121 -13.23 15.62 20.02
CA ILE K 121 -12.39 16.71 19.52
C ILE K 121 -13.36 17.73 18.94
N ASN K 122 -13.00 19.01 18.89
CA ASN K 122 -14.04 20.00 18.63
C ASN K 122 -13.38 21.15 17.89
N ASP K 123 -14.05 21.75 16.89
CA ASP K 123 -13.46 22.92 16.25
C ASP K 123 -14.51 23.99 16.10
N GLY K 124 -14.17 25.11 15.47
CA GLY K 124 -15.13 26.18 15.34
C GLY K 124 -15.44 26.52 13.89
N ILE K 125 -15.56 25.51 13.06
CA ILE K 125 -16.06 25.75 11.72
C ILE K 125 -17.45 26.31 11.93
N THR K 126 -17.80 27.23 11.03
CA THR K 126 -19.08 27.92 11.03
C THR K 126 -19.72 27.94 9.64
N HIS K 127 -21.07 27.76 9.58
CA HIS K 127 -21.88 28.05 8.40
C HIS K 127 -21.39 29.28 7.66
N TYR K 128 -21.23 30.41 8.35
CA TYR K 128 -20.99 31.68 7.67
C TYR K 128 -19.67 31.63 6.90
N GLN K 129 -18.82 30.62 7.13
CA GLN K 129 -17.54 30.61 6.45
C GLN K 129 -17.35 29.48 5.43
N MET K 130 -18.47 29.11 4.80
CA MET K 130 -18.62 27.87 4.04
C MET K 130 -17.82 27.91 2.73
N GLU K 131 -17.52 29.11 2.21
CA GLU K 131 -16.67 29.25 1.02
C GLU K 131 -15.35 28.43 1.11
N PHE K 132 -14.93 28.13 2.35
CA PHE K 132 -13.59 27.69 2.66
C PHE K 132 -13.74 26.19 2.79
N PRO K 133 -12.91 25.41 2.06
CA PRO K 133 -13.02 23.96 2.01
C PRO K 133 -12.94 23.25 3.36
N GLU K 134 -12.05 23.70 4.26
CA GLU K 134 -11.95 23.13 5.60
C GLU K 134 -13.23 23.35 6.40
N GLN K 135 -14.22 24.13 5.88
CA GLN K 135 -15.44 24.47 6.63
C GLN K 135 -16.74 24.08 5.92
N ARG K 136 -16.66 23.51 4.70
CA ARG K 136 -17.84 22.97 4.02
C ARG K 136 -18.29 21.68 4.66
N LEU K 137 -19.59 21.38 4.48
CA LEU K 137 -20.24 20.22 5.07
C LEU K 137 -19.62 18.95 4.47
N VAL K 138 -19.17 19.06 3.21
CA VAL K 138 -18.57 17.91 2.53
C VAL K 138 -17.24 17.58 3.24
N ALA K 139 -16.34 18.55 3.49
CA ALA K 139 -15.12 18.24 4.25
C ALA K 139 -15.41 17.68 5.65
N LYS K 140 -16.40 18.27 6.33
CA LYS K 140 -16.71 18.00 7.71
C LYS K 140 -17.20 16.56 7.84
N THR K 141 -18.06 16.15 6.90
CA THR K 141 -18.69 14.84 6.96
C THR K 141 -17.60 13.77 6.78
N PHE K 142 -16.67 14.03 5.88
CA PHE K 142 -15.55 13.11 5.70
C PHE K 142 -14.70 13.02 6.98
N LEU K 143 -14.31 14.21 7.50
CA LEU K 143 -13.48 14.22 8.68
C LEU K 143 -14.26 13.55 9.80
N MET K 144 -15.58 13.62 9.73
CA MET K 144 -16.35 12.94 10.75
C MET K 144 -16.11 11.45 10.66
N GLU K 145 -16.41 10.92 9.47
CA GLU K 145 -16.23 9.54 9.11
C GLU K 145 -14.82 9.05 9.48
N MET K 146 -13.80 9.82 9.10
CA MET K 146 -12.40 9.44 9.31
C MET K 146 -12.09 9.33 10.81
N MET K 147 -12.55 10.32 11.63
CA MET K 147 -12.35 10.33 13.07
C MET K 147 -13.05 9.14 13.69
N ALA K 148 -14.20 8.80 13.18
CA ALA K 148 -14.98 7.72 13.78
C ALA K 148 -14.30 6.39 13.60
N GLN K 149 -13.47 6.29 12.54
CA GLN K 149 -12.79 5.05 12.20
C GLN K 149 -11.86 4.70 13.35
N TYR K 150 -11.40 5.72 14.10
CA TYR K 150 -10.51 5.48 15.22
C TYR K 150 -11.25 5.68 16.55
N ASP K 151 -12.59 5.57 16.54
CA ASP K 151 -13.37 5.68 17.76
C ASP K 151 -13.30 7.10 18.35
N ILE K 152 -13.10 8.10 17.47
CA ILE K 152 -13.02 9.48 17.91
C ILE K 152 -14.19 10.28 17.34
N ASN K 153 -14.74 11.12 18.23
CA ASN K 153 -15.96 11.84 17.96
C ASN K 153 -15.56 13.27 17.68
N TYR K 154 -15.78 13.69 16.44
CA TYR K 154 -15.48 15.08 16.00
C TYR K 154 -16.78 15.85 16.02
N GLN K 155 -16.75 17.01 16.66
CA GLN K 155 -17.97 17.84 16.78
C GLN K 155 -17.60 19.29 16.52
N SER K 156 -18.52 20.03 15.96
CA SER K 156 -18.30 21.46 15.68
C SER K 156 -19.35 22.24 16.49
N PRO K 157 -19.10 22.54 17.77
CA PRO K 157 -20.13 23.14 18.71
C PRO K 157 -20.84 24.41 18.24
N VAL K 158 -20.30 25.20 17.32
CA VAL K 158 -20.91 26.45 16.93
C VAL K 158 -21.29 26.57 15.46
N TYR K 159 -21.17 25.47 14.70
CA TYR K 159 -21.31 25.37 13.27
C TYR K 159 -22.73 25.74 12.93
N GLU K 160 -23.72 25.13 13.59
CA GLU K 160 -25.14 25.42 13.35
C GLU K 160 -25.56 26.85 13.70
N PHE K 161 -25.12 27.37 14.88
CA PHE K 161 -25.56 28.66 15.44
C PHE K 161 -24.89 29.83 14.70
N ALA K 162 -23.67 29.64 14.20
CA ALA K 162 -22.96 30.79 13.70
C ALA K 162 -23.40 31.05 12.28
N GLN K 163 -24.45 31.85 12.13
CA GLN K 163 -24.99 32.20 10.80
C GLN K 163 -24.41 33.52 10.29
N SER K 164 -23.47 34.11 11.01
CA SER K 164 -22.76 35.31 10.57
C SER K 164 -21.62 35.52 11.57
N ALA K 165 -20.65 36.39 11.30
CA ALA K 165 -19.60 36.69 12.26
C ALA K 165 -20.20 37.36 13.52
N ASP K 166 -21.27 38.13 13.30
CA ASP K 166 -21.95 38.88 14.34
C ASP K 166 -22.50 37.97 15.44
N ASP K 167 -23.00 36.79 15.07
CA ASP K 167 -23.54 35.90 16.07
C ASP K 167 -22.42 35.47 17.05
N VAL K 168 -21.29 35.11 16.50
CA VAL K 168 -20.22 34.77 17.39
C VAL K 168 -19.84 35.95 18.27
N LYS K 169 -19.67 37.13 17.71
CA LYS K 169 -19.07 38.22 18.48
C LYS K 169 -19.88 38.52 19.75
N TYR K 170 -21.22 38.48 19.67
CA TYR K 170 -22.07 39.09 20.68
C TYR K 170 -22.00 38.12 21.84
N ARG K 171 -21.97 36.84 21.51
CA ARG K 171 -21.97 35.84 22.54
C ARG K 171 -20.63 35.94 23.25
N LEU K 172 -19.62 36.38 22.48
CA LEU K 172 -18.32 36.50 23.09
C LEU K 172 -18.23 37.71 24.05
N LEU K 173 -18.79 38.88 23.69
CA LEU K 173 -18.93 40.01 24.57
C LEU K 173 -19.72 39.66 25.82
N GLN K 174 -20.72 38.79 25.71
CA GLN K 174 -21.42 38.38 26.91
C GLN K 174 -20.54 37.62 27.91
N LEU K 175 -19.32 37.21 27.51
CA LEU K 175 -18.46 36.36 28.31
C LEU K 175 -17.27 37.16 28.85
N GLY K 176 -17.10 38.40 28.37
CA GLY K 176 -16.04 39.28 28.82
C GLY K 176 -14.78 39.16 27.97
N ILE K 177 -14.93 38.54 26.80
CA ILE K 177 -13.82 38.19 25.94
C ILE K 177 -13.88 39.06 24.71
N SER K 178 -12.80 39.72 24.35
CA SER K 178 -12.79 40.47 23.10
C SER K 178 -13.38 39.60 21.96
N THR K 179 -13.71 40.31 20.91
CA THR K 179 -14.66 39.89 19.92
C THR K 179 -13.90 39.65 18.62
N LYS K 180 -12.66 40.14 18.55
CA LYS K 180 -11.82 40.16 17.37
C LYS K 180 -11.05 38.85 17.30
N SER K 181 -10.42 38.57 16.15
CA SER K 181 -9.79 37.27 15.92
C SER K 181 -8.30 37.36 16.24
N LEU K 182 -7.88 36.86 17.40
CA LEU K 182 -6.52 37.06 17.84
C LEU K 182 -5.79 35.76 17.52
N GLU K 183 -5.49 35.61 16.21
CA GLU K 183 -5.04 34.38 15.62
C GLU K 183 -3.86 34.72 14.70
N GLY K 184 -3.01 33.71 14.43
CA GLY K 184 -1.97 33.92 13.46
C GLY K 184 -2.56 33.79 12.06
N ILE K 185 -1.87 34.40 11.10
CA ILE K 185 -2.38 34.27 9.74
C ILE K 185 -1.56 33.19 9.02
N SER K 186 -2.21 32.39 8.14
CA SER K 186 -1.43 31.64 7.14
C SER K 186 -0.86 32.57 6.07
N ILE K 187 0.34 32.23 5.67
CA ILE K 187 0.97 32.94 4.55
C ILE K 187 0.16 32.64 3.28
N PHE K 188 -0.66 31.58 3.33
CA PHE K 188 -1.44 31.12 2.15
C PHE K 188 -2.82 31.68 2.22
N ALA K 189 -3.01 32.75 3.00
CA ALA K 189 -4.32 33.43 3.09
C ALA K 189 -4.51 34.35 1.89
N ASP K 190 -5.68 34.28 1.28
CA ASP K 190 -5.97 35.08 0.06
C ASP K 190 -5.01 34.64 -1.05
N SER K 191 -4.69 33.34 -1.10
CA SER K 191 -3.74 32.79 -2.07
C SER K 191 -4.48 31.81 -2.99
N PHE K 192 -5.79 31.69 -2.83
CA PHE K 192 -6.54 30.69 -3.61
C PHE K 192 -7.84 31.23 -4.15
N SER K 193 -8.49 30.47 -5.03
CA SER K 193 -9.85 30.79 -5.47
C SER K 193 -10.87 29.78 -4.91
N THR K 194 -12.15 29.97 -5.14
CA THR K 194 -13.07 29.03 -4.54
C THR K 194 -13.17 27.73 -5.36
N PRO K 195 -13.01 26.59 -4.65
CA PRO K 195 -13.15 25.25 -5.23
C PRO K 195 -14.53 24.70 -5.02
N SER K 196 -14.87 23.69 -5.83
CA SER K 196 -16.19 23.07 -5.82
C SER K 196 -16.24 22.01 -4.74
N ASP K 197 -17.44 21.50 -4.45
CA ASP K 197 -17.55 20.34 -3.59
C ASP K 197 -16.76 19.14 -4.17
N ASP K 198 -16.99 18.91 -5.49
CA ASP K 198 -16.31 17.85 -6.19
C ASP K 198 -14.81 17.91 -5.96
N VAL K 199 -14.20 19.07 -6.17
CA VAL K 199 -12.76 19.18 -5.95
C VAL K 199 -12.36 18.89 -4.50
N VAL K 200 -13.21 19.22 -3.54
CA VAL K 200 -12.83 19.17 -2.14
C VAL K 200 -12.94 17.74 -1.67
N LEU K 201 -13.96 17.04 -2.15
CA LEU K 201 -14.10 15.64 -1.76
C LEU K 201 -13.00 14.79 -2.40
N ALA K 202 -12.54 15.23 -3.56
CA ALA K 202 -11.69 14.38 -4.36
C ALA K 202 -10.28 14.53 -3.77
N TYR K 203 -9.87 15.74 -3.44
CA TYR K 203 -8.53 15.97 -2.83
C TYR K 203 -8.38 15.19 -1.54
N LEU K 204 -9.46 15.08 -0.78
CA LEU K 204 -9.39 14.42 0.55
C LEU K 204 -9.31 12.91 0.40
N ARG K 205 -10.08 12.35 -0.53
CA ARG K 205 -10.06 10.88 -0.76
C ARG K 205 -8.68 10.45 -1.29
N GLU K 206 -8.00 11.33 -2.02
CA GLU K 206 -6.66 11.03 -2.56
C GLU K 206 -5.59 11.14 -1.47
N LYS K 207 -5.63 12.19 -0.67
CA LYS K 207 -4.64 12.48 0.37
C LYS K 207 -4.84 11.57 1.59
N ALA K 208 -6.04 11.01 1.72
CA ALA K 208 -6.38 10.31 2.92
C ALA K 208 -5.37 9.21 3.18
N PRO K 209 -5.16 8.28 2.24
CA PRO K 209 -4.24 7.20 2.51
C PRO K 209 -2.95 7.72 3.07
N LEU K 210 -2.42 8.78 2.52
CA LEU K 210 -1.21 9.34 3.09
C LEU K 210 -1.44 9.85 4.53
N ALA K 211 -2.63 10.36 4.81
CA ALA K 211 -2.97 10.76 6.16
C ALA K 211 -2.94 9.55 7.08
N HIS K 212 -3.54 8.43 6.70
CA HIS K 212 -3.63 7.24 7.59
C HIS K 212 -2.27 6.55 7.76
N ASN K 213 -1.37 6.73 6.80
CA ASN K 213 -0.02 6.14 6.93
C ASN K 213 0.72 6.90 8.02
N ILE K 214 0.50 8.20 8.04
CA ILE K 214 1.12 9.03 9.08
C ILE K 214 0.51 8.72 10.45
N VAL K 215 -0.77 8.44 10.48
CA VAL K 215 -1.36 8.00 11.72
C VAL K 215 -0.64 6.80 12.22
N ASN K 216 -0.60 5.80 11.35
CA ASN K 216 0.10 4.55 11.60
C ASN K 216 1.56 4.71 12.06
N PHE K 217 2.32 5.57 11.38
CA PHE K 217 3.69 5.88 11.78
C PHE K 217 3.74 6.52 13.19
N LEU K 218 2.97 7.61 13.39
CA LEU K 218 3.03 8.32 14.68
C LEU K 218 2.78 7.33 15.80
N ALA K 219 1.97 6.27 15.51
CA ALA K 219 1.58 5.25 16.49
C ALA K 219 2.68 4.21 16.73
N GLY K 220 3.76 4.26 15.96
CA GLY K 220 4.60 3.07 15.92
C GLY K 220 3.91 1.83 15.31
N GLU K 221 3.82 1.81 13.99
CA GLU K 221 3.14 0.72 13.23
C GLU K 221 3.31 1.12 11.77
N THR K 222 4.50 1.61 11.41
CA THR K 222 4.80 2.01 10.02
C THR K 222 3.98 3.20 9.62
N VAL L 7 -56.20 -27.20 -60.03
CA VAL L 7 -54.85 -27.83 -59.90
C VAL L 7 -54.42 -28.42 -61.24
N LYS L 8 -55.24 -29.22 -61.93
CA LYS L 8 -54.78 -29.96 -63.09
C LYS L 8 -54.38 -29.01 -64.22
N PRO L 9 -53.14 -29.09 -64.75
CA PRO L 9 -52.77 -28.20 -65.86
C PRO L 9 -53.63 -28.42 -67.10
N GLN L 10 -53.77 -27.37 -67.91
CA GLN L 10 -54.52 -27.42 -69.14
C GLN L 10 -53.64 -26.82 -70.22
N LEU L 11 -53.90 -27.15 -71.48
CA LEU L 11 -53.09 -26.64 -72.57
C LEU L 11 -53.80 -25.45 -73.21
N VAL L 12 -53.01 -24.55 -73.77
CA VAL L 12 -53.51 -23.43 -74.52
C VAL L 12 -52.76 -23.40 -75.86
N MET L 13 -53.54 -23.30 -76.95
CA MET L 13 -52.98 -23.13 -78.27
C MET L 13 -52.51 -21.71 -78.39
N PHE L 14 -51.20 -21.53 -78.26
CA PHE L 14 -50.63 -20.22 -78.02
C PHE L 14 -49.77 -19.81 -79.19
N THR L 15 -50.12 -18.67 -79.79
CA THR L 15 -49.42 -18.18 -80.96
C THR L 15 -48.54 -16.99 -80.63
N GLY L 16 -48.72 -16.39 -79.45
CA GLY L 16 -48.15 -15.08 -79.18
C GLY L 16 -49.14 -13.95 -79.48
N GLY L 17 -50.28 -14.25 -80.12
CA GLY L 17 -51.27 -13.22 -80.39
C GLY L 17 -51.95 -12.73 -79.11
N ARG L 18 -52.55 -11.56 -79.16
CA ARG L 18 -53.20 -10.99 -77.96
C ARG L 18 -54.33 -11.90 -77.49
N ASP L 19 -54.95 -12.63 -78.39
CA ASP L 19 -56.14 -13.38 -78.06
C ASP L 19 -55.73 -14.60 -77.24
N SER L 20 -54.74 -15.35 -77.72
CA SER L 20 -54.36 -16.58 -77.04
C SER L 20 -53.53 -16.21 -75.81
N THR L 21 -52.78 -15.12 -75.86
CA THR L 21 -52.16 -14.57 -74.65
C THR L 21 -53.22 -14.37 -73.56
N LEU L 22 -54.34 -13.69 -73.89
CA LEU L 22 -55.36 -13.39 -72.89
C LEU L 22 -55.97 -14.67 -72.38
N ALA L 23 -56.19 -15.63 -73.27
CA ALA L 23 -56.84 -16.88 -72.87
C ALA L 23 -56.00 -17.57 -71.82
N ALA L 24 -54.70 -17.63 -72.08
CA ALA L 24 -53.77 -18.25 -71.14
C ALA L 24 -53.75 -17.45 -69.83
N CYS L 25 -53.60 -16.12 -69.90
CA CYS L 25 -53.61 -15.29 -68.69
C CYS L 25 -54.90 -15.50 -67.89
N TYR L 26 -56.04 -15.52 -68.59
CA TYR L 26 -57.32 -15.62 -67.91
C TYR L 26 -57.38 -16.92 -67.14
N LEU L 27 -56.95 -18.03 -67.73
CA LEU L 27 -56.95 -19.30 -67.02
C LEU L 27 -56.04 -19.21 -65.80
N MET L 28 -54.87 -18.59 -65.95
CA MET L 28 -53.90 -18.53 -64.85
C MET L 28 -54.45 -17.69 -63.69
N LEU L 29 -55.16 -16.60 -64.00
CA LEU L 29 -55.81 -15.76 -63.00
C LEU L 29 -56.74 -16.61 -62.13
N GLN L 30 -57.27 -17.69 -62.68
CA GLN L 30 -58.18 -18.52 -61.90
C GLN L 30 -57.41 -19.58 -61.13
N GLY L 31 -56.09 -19.62 -61.29
CA GLY L 31 -55.30 -20.64 -60.61
C GLY L 31 -55.17 -21.94 -61.43
N ILE L 32 -55.38 -21.87 -62.74
CA ILE L 32 -55.22 -23.02 -63.61
C ILE L 32 -53.85 -22.94 -64.29
N PRO L 33 -52.93 -23.87 -64.00
CA PRO L 33 -51.64 -23.88 -64.69
C PRO L 33 -51.82 -24.18 -66.17
N VAL L 34 -51.07 -23.51 -67.04
CA VAL L 34 -51.23 -23.74 -68.46
C VAL L 34 -49.90 -24.19 -69.06
N HIS L 35 -50.02 -25.20 -69.91
CA HIS L 35 -48.98 -25.64 -70.84
C HIS L 35 -49.21 -24.89 -72.14
N LEU L 36 -48.29 -24.01 -72.51
CA LEU L 36 -48.39 -23.25 -73.75
C LEU L 36 -47.90 -24.13 -74.90
N TRP L 37 -48.72 -24.29 -75.95
CA TRP L 37 -48.40 -25.14 -77.10
C TRP L 37 -48.45 -24.32 -78.38
N SER L 38 -47.30 -24.24 -79.09
CA SER L 38 -47.18 -23.58 -80.38
C SER L 38 -46.86 -24.61 -81.46
N GLY L 39 -47.61 -24.54 -82.57
CA GLY L 39 -47.39 -25.37 -83.74
C GLY L 39 -46.59 -24.59 -84.76
N ASN L 40 -45.51 -25.20 -85.24
CA ASN L 40 -44.72 -24.62 -86.31
C ASN L 40 -44.93 -25.45 -87.56
N SER L 41 -45.54 -24.83 -88.59
CA SER L 41 -46.10 -25.51 -89.72
C SER L 41 -45.12 -25.44 -90.88
N GLY L 42 -44.00 -24.76 -90.66
CA GLY L 42 -42.88 -24.71 -91.58
C GLY L 42 -42.97 -23.50 -92.51
N CYS L 43 -44.07 -22.75 -92.48
CA CYS L 43 -44.26 -21.63 -93.38
C CYS L 43 -44.53 -20.33 -92.61
N SER L 44 -44.08 -20.24 -91.37
CA SER L 44 -44.26 -19.04 -90.56
C SER L 44 -43.00 -18.18 -90.64
N LEU L 45 -43.16 -16.86 -90.75
CA LEU L 45 -42.00 -15.98 -90.85
C LEU L 45 -41.90 -15.16 -89.56
N HIS L 46 -40.68 -14.83 -89.16
CA HIS L 46 -40.38 -13.92 -88.07
C HIS L 46 -41.08 -14.32 -86.78
N ARG L 47 -40.77 -15.54 -86.32
CA ARG L 47 -41.37 -16.10 -85.12
C ARG L 47 -40.60 -15.74 -83.86
N GLY L 48 -39.42 -15.11 -83.97
CA GLY L 48 -38.56 -14.94 -82.82
C GLY L 48 -39.23 -14.15 -81.69
N ILE L 49 -40.05 -13.15 -82.07
CA ILE L 49 -40.65 -12.19 -81.16
C ILE L 49 -41.59 -12.90 -80.17
N LEU L 50 -41.97 -14.14 -80.46
CA LEU L 50 -42.77 -14.93 -79.55
C LEU L 50 -42.15 -15.00 -78.15
N SER L 51 -40.83 -15.16 -78.05
CA SER L 51 -40.17 -15.36 -76.77
C SER L 51 -40.31 -14.13 -75.87
N HIS L 52 -40.34 -12.92 -76.45
CA HIS L 52 -40.61 -11.72 -75.68
C HIS L 52 -41.95 -11.88 -74.95
N ARG L 53 -42.95 -12.42 -75.64
CA ARG L 53 -44.29 -12.55 -75.08
C ARG L 53 -44.28 -13.61 -73.97
N VAL L 54 -43.59 -14.73 -74.19
CA VAL L 54 -43.53 -15.79 -73.19
C VAL L 54 -42.89 -15.23 -71.92
N GLU L 55 -41.91 -14.35 -72.06
CA GLU L 55 -41.18 -13.78 -70.91
C GLU L 55 -42.15 -12.95 -70.07
N GLU L 56 -42.88 -12.02 -70.70
CA GLU L 56 -43.91 -11.25 -70.02
C GLU L 56 -44.81 -12.13 -69.15
N MET L 57 -45.21 -13.30 -69.69
CA MET L 57 -46.21 -14.11 -69.02
C MET L 57 -45.58 -14.84 -67.83
N LYS L 58 -44.33 -15.34 -67.98
CA LYS L 58 -43.61 -15.93 -66.87
C LYS L 58 -43.44 -14.89 -65.75
N ASN L 59 -43.03 -13.67 -66.12
CA ASN L 59 -42.90 -12.56 -65.19
C ASN L 59 -44.18 -12.36 -64.42
N ARG L 60 -45.34 -12.42 -65.10
CA ARG L 60 -46.60 -12.05 -64.47
C ARG L 60 -47.22 -13.20 -63.69
N PHE L 61 -47.00 -14.46 -64.10
CA PHE L 61 -47.72 -15.59 -63.50
C PHE L 61 -46.81 -16.65 -62.85
N GLY L 62 -45.50 -16.62 -63.15
CA GLY L 62 -44.54 -17.53 -62.51
C GLY L 62 -44.81 -18.99 -62.84
N ASP L 63 -44.93 -19.82 -61.78
CA ASP L 63 -45.04 -21.27 -61.89
C ASP L 63 -46.28 -21.75 -62.63
N LEU L 64 -47.24 -20.86 -62.85
CA LEU L 64 -48.51 -21.25 -63.44
C LEU L 64 -48.31 -21.46 -64.94
N VAL L 65 -47.29 -20.82 -65.55
CA VAL L 65 -46.79 -21.21 -66.85
C VAL L 65 -45.93 -22.47 -66.64
N VAL L 66 -46.50 -23.65 -66.90
CA VAL L 66 -45.81 -24.88 -66.62
C VAL L 66 -44.82 -25.23 -67.75
N GLY L 67 -45.00 -24.66 -68.95
CA GLY L 67 -44.14 -25.02 -70.05
C GLY L 67 -44.56 -24.37 -71.37
N HIS L 68 -43.62 -24.29 -72.32
CA HIS L 68 -43.89 -23.88 -73.69
C HIS L 68 -43.31 -24.94 -74.64
N THR L 69 -44.19 -25.65 -75.37
CA THR L 69 -43.82 -26.62 -76.39
C THR L 69 -43.99 -26.01 -77.80
N VAL L 70 -42.92 -26.06 -78.59
CA VAL L 70 -42.99 -25.76 -80.00
C VAL L 70 -42.94 -27.08 -80.78
N ALA L 71 -44.02 -27.46 -81.46
CA ALA L 71 -44.02 -28.71 -82.19
C ALA L 71 -43.84 -28.47 -83.69
N ASP L 72 -42.99 -29.30 -84.31
CA ASP L 72 -42.89 -29.34 -85.76
C ASP L 72 -44.13 -30.06 -86.30
N ILE L 73 -45.04 -29.36 -86.95
CA ILE L 73 -46.24 -29.99 -87.50
C ILE L 73 -46.21 -29.86 -89.01
N SER L 74 -45.07 -29.48 -89.57
CA SER L 74 -44.95 -29.25 -91.00
C SER L 74 -45.36 -30.44 -91.84
N GLY L 75 -45.17 -31.67 -91.32
CA GLY L 75 -45.48 -32.86 -92.10
C GLY L 75 -46.96 -33.13 -92.23
N ALA L 76 -47.68 -33.09 -91.10
CA ALA L 76 -49.13 -33.20 -91.08
C ALA L 76 -49.76 -32.07 -91.90
N PHE L 77 -49.23 -30.85 -91.83
CA PHE L 77 -49.79 -29.72 -92.60
C PHE L 77 -49.66 -29.96 -94.09
N ARG L 78 -48.48 -30.39 -94.54
CA ARG L 78 -48.26 -30.68 -95.98
C ARG L 78 -49.23 -31.76 -96.45
N SER L 79 -49.32 -32.84 -95.71
CA SER L 79 -50.15 -33.97 -96.14
C SER L 79 -51.62 -33.55 -96.19
N ILE L 80 -52.06 -32.66 -95.30
CA ILE L 80 -53.46 -32.36 -95.23
C ILE L 80 -53.80 -31.26 -96.23
N ALA L 81 -52.91 -30.29 -96.40
CA ALA L 81 -53.30 -29.01 -96.99
C ALA L 81 -52.43 -28.59 -98.18
N ILE L 82 -51.23 -29.14 -98.33
CA ILE L 82 -50.35 -28.66 -99.38
C ILE L 82 -50.24 -29.69 -100.51
N GLU L 83 -50.26 -30.97 -100.19
CA GLU L 83 -49.91 -32.01 -101.14
C GLU L 83 -50.86 -31.97 -102.34
N ALA L 84 -52.16 -31.81 -102.04
CA ALA L 84 -53.23 -31.75 -103.04
C ALA L 84 -53.72 -30.32 -103.28
N LEU L 85 -52.81 -29.34 -103.32
CA LEU L 85 -53.20 -27.93 -103.33
C LEU L 85 -53.92 -27.58 -104.62
N GLU L 86 -53.47 -28.11 -105.76
CA GLU L 86 -54.14 -27.91 -107.02
C GLU L 86 -55.57 -28.42 -106.92
N GLN L 87 -55.73 -29.71 -106.61
CA GLN L 87 -57.04 -30.34 -106.55
C GLN L 87 -57.92 -29.56 -105.59
N ASP L 88 -57.38 -29.20 -104.42
CA ASP L 88 -58.14 -28.54 -103.38
C ASP L 88 -58.72 -27.23 -103.90
N ILE L 89 -57.89 -26.43 -104.58
CA ILE L 89 -58.29 -25.08 -104.95
C ILE L 89 -59.21 -25.16 -106.18
N LEU L 90 -58.90 -26.03 -107.13
CA LEU L 90 -59.75 -26.23 -108.29
C LEU L 90 -61.12 -26.73 -107.87
N LYS L 91 -61.20 -27.44 -106.75
CA LYS L 91 -62.50 -28.03 -106.34
C LYS L 91 -63.32 -27.00 -105.56
N TYR L 92 -62.68 -26.23 -104.67
CA TYR L 92 -63.46 -25.30 -103.80
C TYR L 92 -63.34 -23.88 -104.34
N ARG L 93 -62.40 -23.66 -105.25
CA ARG L 93 -62.16 -22.30 -105.77
C ARG L 93 -61.76 -21.41 -104.57
N LYS L 94 -61.12 -22.00 -103.57
CA LYS L 94 -60.78 -21.24 -102.35
C LYS L 94 -59.52 -21.78 -101.66
N ASN L 95 -58.54 -20.94 -101.41
CA ASN L 95 -57.35 -21.27 -100.64
C ASN L 95 -57.78 -21.47 -99.19
N LEU L 96 -57.93 -22.72 -98.80
CA LEU L 96 -58.31 -23.11 -97.46
C LEU L 96 -57.11 -23.68 -96.70
N VAL L 97 -55.89 -23.32 -97.12
CA VAL L 97 -54.69 -23.87 -96.50
C VAL L 97 -54.69 -23.70 -94.98
N LEU L 98 -55.14 -22.53 -94.48
CA LEU L 98 -55.05 -22.25 -93.05
C LEU L 98 -56.11 -23.02 -92.29
N LEU L 99 -57.16 -23.49 -92.96
CA LEU L 99 -58.12 -24.37 -92.29
C LEU L 99 -57.50 -25.76 -92.14
N GLY L 100 -56.83 -26.22 -93.20
CA GLY L 100 -55.99 -27.40 -93.11
C GLY L 100 -54.97 -27.32 -91.96
N GLU L 101 -54.27 -26.19 -91.86
CA GLU L 101 -53.31 -26.04 -90.78
C GLU L 101 -53.95 -26.34 -89.44
N LYS L 102 -55.18 -25.88 -89.26
CA LYS L 102 -55.81 -25.98 -87.95
C LYS L 102 -56.20 -27.44 -87.70
N LEU L 103 -56.57 -28.16 -88.74
CA LEU L 103 -56.83 -29.59 -88.59
C LEU L 103 -55.52 -30.36 -88.27
N ALA L 104 -54.41 -30.00 -88.94
CA ALA L 104 -53.11 -30.53 -88.56
C ALA L 104 -52.77 -30.26 -87.09
N ILE L 105 -53.06 -29.03 -86.61
CA ILE L 105 -52.81 -28.66 -85.24
C ILE L 105 -53.55 -29.63 -84.32
N HIS L 106 -54.83 -29.87 -84.61
CA HIS L 106 -55.67 -30.67 -83.74
C HIS L 106 -55.30 -32.17 -83.76
N ALA L 107 -54.82 -32.66 -84.91
CA ALA L 107 -54.32 -34.02 -84.99
C ALA L 107 -53.13 -34.19 -84.04
N HIS L 108 -52.16 -33.28 -84.17
CA HIS L 108 -51.04 -33.29 -83.25
C HIS L 108 -51.44 -33.15 -81.79
N LEU L 109 -52.52 -32.41 -81.48
CA LEU L 109 -52.87 -32.18 -80.08
C LEU L 109 -53.49 -33.42 -79.46
N VAL L 110 -54.17 -34.26 -80.26
CA VAL L 110 -54.66 -35.53 -79.75
C VAL L 110 -53.44 -36.33 -79.25
N ASP L 111 -52.43 -36.43 -80.09
CA ASP L 111 -51.25 -37.18 -79.73
C ASP L 111 -50.57 -36.58 -78.49
N PHE L 112 -50.39 -35.27 -78.52
CA PHE L 112 -49.76 -34.54 -77.42
C PHE L 112 -50.55 -34.74 -76.13
N CYS L 113 -51.87 -34.61 -76.18
CA CYS L 113 -52.66 -34.72 -74.96
C CYS L 113 -52.60 -36.12 -74.40
N ARG L 114 -52.71 -37.15 -75.27
CA ARG L 114 -52.68 -38.51 -74.77
C ARG L 114 -51.33 -38.82 -74.16
N ARG L 115 -50.26 -38.28 -74.73
CA ARG L 115 -48.93 -38.65 -74.24
C ARG L 115 -48.53 -37.80 -73.02
N ASN L 116 -49.17 -36.65 -72.74
CA ASN L 116 -48.78 -35.86 -71.59
C ASN L 116 -49.91 -35.66 -70.59
N ASP L 117 -50.94 -36.53 -70.61
CA ASP L 117 -51.97 -36.50 -69.57
C ASP L 117 -52.61 -35.10 -69.49
N ILE L 118 -53.01 -34.56 -70.63
CA ILE L 118 -53.79 -33.33 -70.72
C ILE L 118 -55.12 -33.73 -71.32
N ASN L 119 -56.24 -33.28 -70.78
CA ASN L 119 -57.50 -33.56 -71.45
C ASN L 119 -58.37 -32.31 -71.60
N THR L 120 -57.81 -31.11 -71.39
CA THR L 120 -58.51 -29.87 -71.70
C THR L 120 -57.56 -29.00 -72.51
N ILE L 121 -57.97 -28.60 -73.72
CA ILE L 121 -57.21 -27.67 -74.54
C ILE L 121 -58.05 -26.41 -74.73
N ASN L 122 -57.36 -25.29 -74.97
CA ASN L 122 -58.00 -23.99 -75.03
C ASN L 122 -57.34 -23.20 -76.14
N ASP L 123 -58.10 -22.42 -76.91
CA ASP L 123 -57.46 -21.48 -77.81
C ASP L 123 -57.98 -20.07 -77.52
N GLY L 124 -57.53 -19.11 -78.33
CA GLY L 124 -58.04 -17.76 -78.26
C GLY L 124 -58.86 -17.39 -79.49
N ILE L 125 -59.77 -18.25 -79.90
CA ILE L 125 -60.76 -17.84 -80.90
C ILE L 125 -61.60 -16.74 -80.25
N THR L 126 -61.74 -15.65 -81.01
CA THR L 126 -62.56 -14.51 -80.59
C THR L 126 -63.56 -14.25 -81.69
N HIS L 127 -64.77 -13.85 -81.32
CA HIS L 127 -65.87 -13.57 -82.29
C HIS L 127 -65.47 -12.44 -83.24
N TYR L 128 -64.66 -11.50 -82.79
CA TYR L 128 -64.34 -10.34 -83.65
C TYR L 128 -63.55 -10.84 -84.83
N GLN L 129 -63.00 -12.06 -84.77
CA GLN L 129 -62.19 -12.45 -85.95
C GLN L 129 -62.92 -13.53 -86.77
N MET L 130 -64.23 -13.37 -86.97
CA MET L 130 -65.01 -14.43 -87.66
C MET L 130 -64.79 -14.28 -89.17
N GLU L 131 -63.87 -13.40 -89.58
CA GLU L 131 -63.52 -13.23 -91.00
C GLU L 131 -62.67 -14.40 -91.48
N PHE L 132 -62.16 -15.23 -90.57
CA PHE L 132 -61.23 -16.31 -90.96
C PHE L 132 -61.87 -17.69 -90.77
N PRO L 133 -61.81 -18.58 -91.79
CA PRO L 133 -62.46 -19.89 -91.72
C PRO L 133 -62.16 -20.69 -90.46
N GLU L 134 -60.89 -20.65 -90.03
CA GLU L 134 -60.46 -21.42 -88.86
C GLU L 134 -61.14 -20.94 -87.57
N GLN L 135 -61.78 -19.78 -87.60
CA GLN L 135 -62.38 -19.17 -86.41
C GLN L 135 -63.90 -19.14 -86.49
N ARG L 136 -64.47 -19.60 -87.60
CA ARG L 136 -65.92 -19.66 -87.72
C ARG L 136 -66.49 -20.75 -86.82
N LEU L 137 -67.70 -20.51 -86.31
CA LEU L 137 -68.36 -21.45 -85.43
C LEU L 137 -68.43 -22.82 -86.11
N VAL L 138 -68.60 -22.89 -87.42
CA VAL L 138 -68.80 -24.17 -88.05
C VAL L 138 -67.50 -25.01 -87.92
N ALA L 139 -66.33 -24.39 -88.10
CA ALA L 139 -65.05 -25.06 -87.93
C ALA L 139 -64.81 -25.42 -86.48
N LYS L 140 -65.13 -24.49 -85.58
CA LYS L 140 -64.95 -24.71 -84.16
C LYS L 140 -65.79 -25.90 -83.72
N THR L 141 -67.06 -25.95 -84.15
CA THR L 141 -67.98 -27.00 -83.76
C THR L 141 -67.47 -28.35 -84.27
N PHE L 142 -66.95 -28.37 -85.48
CA PHE L 142 -66.38 -29.60 -86.06
C PHE L 142 -65.21 -30.07 -85.18
N LEU L 143 -64.33 -29.13 -84.82
CA LEU L 143 -63.12 -29.48 -84.09
C LEU L 143 -63.43 -29.87 -82.64
N MET L 144 -64.51 -29.36 -82.06
CA MET L 144 -64.91 -29.78 -80.72
C MET L 144 -65.34 -31.23 -80.77
N GLU L 145 -66.06 -31.59 -81.83
CA GLU L 145 -66.56 -32.95 -82.01
C GLU L 145 -65.36 -33.86 -82.19
N MET L 146 -64.44 -33.46 -83.06
CA MET L 146 -63.22 -34.23 -83.27
C MET L 146 -62.52 -34.45 -81.93
N MET L 147 -62.32 -33.41 -81.12
CA MET L 147 -61.55 -33.56 -79.90
C MET L 147 -62.33 -34.40 -78.89
N ALA L 148 -63.65 -34.31 -78.92
CA ALA L 148 -64.46 -35.08 -77.98
C ALA L 148 -64.42 -36.58 -78.32
N GLN L 149 -64.15 -36.93 -79.59
CA GLN L 149 -64.06 -38.33 -79.96
C GLN L 149 -62.88 -38.99 -79.22
N TYR L 150 -61.88 -38.19 -78.84
CA TYR L 150 -60.74 -38.66 -78.08
C TYR L 150 -60.81 -38.25 -76.61
N ASP L 151 -62.02 -37.95 -76.13
CA ASP L 151 -62.26 -37.58 -74.75
C ASP L 151 -61.40 -36.38 -74.36
N ILE L 152 -61.20 -35.44 -75.30
CA ILE L 152 -60.50 -34.21 -75.02
C ILE L 152 -61.49 -33.03 -75.07
N ASN L 153 -61.48 -32.22 -74.00
CA ASN L 153 -62.35 -31.07 -73.87
C ASN L 153 -61.70 -29.87 -74.55
N TYR L 154 -62.39 -29.29 -75.53
CA TYR L 154 -61.89 -28.16 -76.31
C TYR L 154 -62.73 -26.93 -75.94
N GLN L 155 -62.08 -25.90 -75.36
CA GLN L 155 -62.74 -24.72 -74.87
C GLN L 155 -62.12 -23.49 -75.54
N SER L 156 -62.90 -22.40 -75.56
CA SER L 156 -62.42 -21.15 -76.11
C SER L 156 -62.70 -20.02 -75.11
N PRO L 157 -61.86 -19.89 -74.07
CA PRO L 157 -62.24 -19.14 -72.88
C PRO L 157 -62.48 -17.65 -73.05
N VAL L 158 -62.03 -17.04 -74.15
CA VAL L 158 -62.22 -15.61 -74.37
C VAL L 158 -63.16 -15.33 -75.55
N TYR L 159 -63.92 -16.33 -75.97
CA TYR L 159 -64.71 -16.27 -77.20
C TYR L 159 -65.88 -15.33 -77.06
N GLU L 160 -66.70 -15.51 -76.02
CA GLU L 160 -67.88 -14.70 -75.75
C GLU L 160 -67.51 -13.26 -75.41
N PHE L 161 -66.31 -13.06 -74.82
CA PHE L 161 -66.02 -11.78 -74.17
C PHE L 161 -65.50 -10.83 -75.23
N ALA L 162 -64.67 -11.35 -76.14
CA ALA L 162 -63.95 -10.48 -77.05
C ALA L 162 -64.85 -10.08 -78.23
N GLN L 163 -65.57 -8.96 -78.05
CA GLN L 163 -66.40 -8.39 -79.09
C GLN L 163 -65.57 -7.49 -80.01
N SER L 164 -64.37 -7.10 -79.55
CA SER L 164 -63.50 -6.25 -80.35
C SER L 164 -62.04 -6.51 -79.93
N ALA L 165 -61.09 -6.03 -80.74
CA ALA L 165 -59.70 -6.13 -80.41
C ALA L 165 -59.41 -5.33 -79.12
N ASP L 166 -60.00 -4.14 -79.02
CA ASP L 166 -59.74 -3.24 -77.92
C ASP L 166 -60.06 -3.92 -76.60
N ASP L 167 -61.10 -4.76 -76.55
CA ASP L 167 -61.45 -5.40 -75.30
C ASP L 167 -60.27 -6.24 -74.76
N VAL L 168 -59.66 -7.03 -75.65
CA VAL L 168 -58.59 -7.93 -75.28
C VAL L 168 -57.35 -7.12 -74.90
N LYS L 169 -56.99 -6.15 -75.72
CA LYS L 169 -55.88 -5.27 -75.45
C LYS L 169 -55.90 -4.70 -74.03
N TYR L 170 -57.05 -4.19 -73.57
CA TYR L 170 -57.03 -3.33 -72.40
C TYR L 170 -56.99 -4.27 -71.19
N ARG L 171 -57.47 -5.49 -71.38
CA ARG L 171 -57.41 -6.48 -70.28
C ARG L 171 -55.95 -6.93 -70.13
N LEU L 172 -55.20 -6.98 -71.24
CA LEU L 172 -53.81 -7.39 -71.16
C LEU L 172 -53.04 -6.28 -70.44
N LEU L 173 -53.39 -5.03 -70.78
CA LEU L 173 -52.70 -3.89 -70.23
C LEU L 173 -52.90 -3.86 -68.71
N GLN L 174 -54.06 -4.25 -68.23
CA GLN L 174 -54.33 -4.27 -66.82
C GLN L 174 -53.50 -5.32 -66.11
N LEU L 175 -52.91 -6.24 -66.86
CA LEU L 175 -52.08 -7.30 -66.29
C LEU L 175 -50.62 -6.88 -66.37
N GLY L 176 -50.31 -5.74 -66.99
CA GLY L 176 -48.96 -5.28 -67.17
C GLY L 176 -48.26 -6.05 -68.32
N ILE L 177 -49.06 -6.63 -69.23
CA ILE L 177 -48.58 -7.26 -70.44
C ILE L 177 -48.91 -6.36 -71.62
N SER L 178 -48.00 -6.32 -72.58
CA SER L 178 -48.15 -5.54 -73.80
C SER L 178 -49.35 -6.02 -74.63
N THR L 179 -49.84 -5.14 -75.49
CA THR L 179 -51.14 -5.31 -76.12
C THR L 179 -50.96 -5.82 -77.55
N LYS L 180 -49.70 -5.94 -78.00
CA LYS L 180 -49.38 -6.23 -79.37
C LYS L 180 -49.52 -7.72 -79.64
N SER L 181 -49.76 -8.08 -80.90
CA SER L 181 -49.73 -9.47 -81.35
C SER L 181 -48.29 -9.81 -81.74
N LEU L 182 -47.57 -10.51 -80.88
CA LEU L 182 -46.17 -10.76 -81.11
C LEU L 182 -46.05 -12.21 -81.54
N GLU L 183 -46.51 -12.45 -82.76
CA GLU L 183 -46.61 -13.78 -83.34
C GLU L 183 -45.92 -13.74 -84.69
N GLY L 184 -45.59 -14.94 -85.20
CA GLY L 184 -45.04 -15.02 -86.55
C GLY L 184 -46.15 -14.80 -87.56
N ILE L 185 -45.76 -14.47 -88.79
CA ILE L 185 -46.70 -14.34 -89.89
C ILE L 185 -46.64 -15.60 -90.76
N SER L 186 -47.80 -16.16 -91.08
CA SER L 186 -47.91 -17.18 -92.10
C SER L 186 -47.58 -16.54 -93.44
N ILE L 187 -46.96 -17.33 -94.32
CA ILE L 187 -46.67 -16.82 -95.69
C ILE L 187 -48.01 -16.78 -96.44
N PHE L 188 -49.01 -17.48 -95.94
CA PHE L 188 -50.33 -17.52 -96.60
C PHE L 188 -51.27 -16.50 -95.93
N ALA L 189 -50.70 -15.53 -95.21
CA ALA L 189 -51.50 -14.53 -94.47
C ALA L 189 -52.64 -14.04 -95.34
N ASP L 190 -52.38 -13.86 -96.64
CA ASP L 190 -53.45 -13.46 -97.56
C ASP L 190 -54.38 -14.66 -97.79
N SER L 191 -55.23 -14.99 -96.81
CA SER L 191 -56.36 -15.91 -97.03
C SER L 191 -57.05 -15.58 -98.36
N PHE L 192 -57.46 -14.32 -98.54
CA PHE L 192 -58.22 -13.88 -99.74
C PHE L 192 -59.57 -14.57 -99.72
N SER L 193 -59.58 -15.82 -99.28
CA SER L 193 -60.82 -16.63 -99.34
C SER L 193 -62.00 -15.99 -98.61
N THR L 194 -63.16 -16.08 -99.24
CA THR L 194 -64.41 -15.66 -98.61
C THR L 194 -65.23 -16.91 -98.73
N PRO L 195 -64.89 -18.00 -98.01
CA PRO L 195 -65.52 -19.31 -98.23
C PRO L 195 -66.90 -19.44 -97.63
N SER L 196 -67.75 -20.22 -98.30
CA SER L 196 -69.12 -20.47 -97.79
C SER L 196 -69.09 -21.53 -96.72
N ASP L 197 -69.69 -21.28 -95.56
CA ASP L 197 -69.77 -22.34 -94.58
C ASP L 197 -69.87 -23.72 -95.24
N ASP L 198 -70.64 -23.87 -96.31
CA ASP L 198 -70.81 -25.18 -96.91
C ASP L 198 -69.43 -25.72 -97.30
N VAL L 199 -68.61 -24.83 -97.87
CA VAL L 199 -67.30 -25.15 -98.40
C VAL L 199 -66.32 -25.46 -97.26
N VAL L 200 -66.43 -24.70 -96.17
CA VAL L 200 -65.57 -24.91 -95.01
C VAL L 200 -65.83 -26.30 -94.46
N LEU L 201 -67.10 -26.66 -94.30
CA LEU L 201 -67.45 -27.94 -93.72
C LEU L 201 -67.09 -29.10 -94.65
N ALA L 202 -67.17 -28.90 -95.96
CA ALA L 202 -66.92 -29.95 -96.92
C ALA L 202 -65.42 -30.26 -96.95
N TYR L 203 -64.57 -29.22 -96.85
CA TYR L 203 -63.12 -29.35 -96.81
C TYR L 203 -62.71 -30.14 -95.58
N LEU L 204 -63.25 -29.72 -94.43
CA LEU L 204 -62.92 -30.40 -93.16
C LEU L 204 -63.30 -31.88 -93.24
N ARG L 205 -64.51 -32.19 -93.71
CA ARG L 205 -64.97 -33.59 -93.75
C ARG L 205 -64.19 -34.41 -94.79
N GLU L 206 -63.65 -33.75 -95.81
CA GLU L 206 -62.82 -34.46 -96.81
C GLU L 206 -61.44 -34.76 -96.21
N LYS L 207 -60.87 -33.81 -95.47
CA LYS L 207 -59.54 -33.97 -94.92
C LYS L 207 -59.57 -34.73 -93.60
N ALA L 208 -60.73 -34.90 -92.98
CA ALA L 208 -60.80 -35.53 -91.66
C ALA L 208 -60.15 -36.91 -91.69
N PRO L 209 -60.47 -37.81 -92.65
CA PRO L 209 -59.85 -39.15 -92.69
C PRO L 209 -58.33 -39.10 -92.61
N LEU L 210 -57.71 -38.20 -93.38
CA LEU L 210 -56.28 -37.96 -93.30
C LEU L 210 -55.86 -37.55 -91.88
N ALA L 211 -56.63 -36.67 -91.24
CA ALA L 211 -56.27 -36.17 -89.93
C ALA L 211 -56.27 -37.32 -88.93
N HIS L 212 -57.33 -38.13 -88.99
CA HIS L 212 -57.48 -39.22 -88.03
C HIS L 212 -56.43 -40.29 -88.27
N ASN L 213 -55.99 -40.41 -89.52
CA ASN L 213 -55.00 -41.40 -89.90
C ASN L 213 -53.66 -41.00 -89.28
N ILE L 214 -53.34 -39.69 -89.37
CA ILE L 214 -52.13 -39.14 -88.80
C ILE L 214 -52.15 -39.33 -87.28
N VAL L 215 -53.31 -39.22 -86.65
CA VAL L 215 -53.43 -39.50 -85.23
C VAL L 215 -53.05 -40.94 -84.95
N ASN L 216 -53.59 -41.85 -85.75
CA ASN L 216 -53.36 -43.27 -85.59
C ASN L 216 -51.86 -43.60 -85.76
N PHE L 217 -51.21 -43.00 -86.75
CA PHE L 217 -49.78 -43.17 -86.97
C PHE L 217 -48.99 -42.69 -85.75
N LEU L 218 -49.26 -41.45 -85.28
CA LEU L 218 -48.52 -40.86 -84.18
C LEU L 218 -48.69 -41.70 -82.92
N ALA L 219 -49.79 -42.46 -82.81
CA ALA L 219 -49.99 -43.31 -81.64
C ALA L 219 -49.39 -44.71 -81.84
N GLY L 220 -48.74 -44.94 -82.98
CA GLY L 220 -48.19 -46.24 -83.30
C GLY L 220 -49.23 -47.35 -83.54
N GLU L 221 -50.37 -46.99 -84.12
CA GLU L 221 -51.45 -47.96 -84.38
C GLU L 221 -51.48 -48.43 -85.84
N THR L 222 -51.01 -47.61 -86.81
CA THR L 222 -50.97 -48.05 -88.20
C THR L 222 -49.88 -47.28 -88.97
N LEU L 223 -49.45 -47.88 -90.09
CA LEU L 223 -48.62 -47.26 -91.10
C LEU L 223 -49.41 -46.98 -92.37
N ASN L 224 -50.57 -47.65 -92.55
CA ASN L 224 -51.27 -47.56 -93.82
C ASN L 224 -52.04 -46.25 -93.95
N PRO L 225 -52.20 -45.74 -95.20
CA PRO L 225 -53.07 -44.61 -95.47
C PRO L 225 -54.55 -44.87 -95.12
N PRO L 226 -55.54 -43.95 -95.26
CA PRO L 226 -56.94 -44.39 -95.29
C PRO L 226 -57.41 -44.86 -96.67
N VAL M 7 -15.40 -65.84 -64.07
CA VAL M 7 -14.39 -66.88 -64.37
C VAL M 7 -13.05 -66.34 -63.89
N LYS M 8 -12.21 -67.27 -63.41
CA LYS M 8 -10.91 -66.93 -62.85
C LYS M 8 -10.01 -66.33 -63.93
N PRO M 9 -9.45 -65.12 -63.74
CA PRO M 9 -8.57 -64.54 -64.74
C PRO M 9 -7.33 -65.40 -64.99
N GLN M 10 -6.79 -65.31 -66.20
CA GLN M 10 -5.63 -66.08 -66.61
C GLN M 10 -4.67 -65.11 -67.25
N LEU M 11 -3.39 -65.47 -67.26
CA LEU M 11 -2.37 -64.57 -67.81
C LEU M 11 -2.06 -64.99 -69.24
N VAL M 12 -1.64 -64.03 -70.05
CA VAL M 12 -1.22 -64.26 -71.40
C VAL M 12 0.12 -63.57 -71.59
N MET M 13 1.11 -64.31 -72.11
CA MET M 13 2.40 -63.77 -72.45
C MET M 13 2.22 -62.97 -73.74
N PHE M 14 2.17 -61.66 -73.61
CA PHE M 14 1.69 -60.79 -74.67
C PHE M 14 2.82 -59.90 -75.17
N THR M 15 3.11 -59.98 -76.46
CA THR M 15 4.18 -59.19 -77.04
C THR M 15 3.66 -58.07 -77.93
N GLY M 16 2.39 -58.09 -78.26
CA GLY M 16 1.86 -57.24 -79.34
C GLY M 16 1.81 -57.97 -80.68
N GLY M 17 2.33 -59.19 -80.72
CA GLY M 17 2.31 -59.94 -81.96
C GLY M 17 0.94 -60.50 -82.26
N ARG M 18 0.69 -60.80 -83.52
CA ARG M 18 -0.63 -61.31 -83.95
C ARG M 18 -0.95 -62.60 -83.21
N ASP M 19 0.06 -63.40 -82.97
CA ASP M 19 -0.16 -64.74 -82.35
C ASP M 19 -0.60 -64.57 -80.89
N SER M 20 0.09 -63.72 -80.14
CA SER M 20 -0.28 -63.59 -78.73
C SER M 20 -1.51 -62.72 -78.61
N THR M 21 -1.66 -61.74 -79.52
CA THR M 21 -2.91 -61.00 -79.61
C THR M 21 -4.08 -61.99 -79.80
N LEU M 22 -3.98 -62.92 -80.76
CA LEU M 22 -5.09 -63.82 -81.04
C LEU M 22 -5.35 -64.71 -79.85
N ALA M 23 -4.29 -65.16 -79.19
CA ALA M 23 -4.46 -66.08 -78.07
C ALA M 23 -5.26 -65.39 -76.98
N ALA M 24 -4.91 -64.15 -76.69
CA ALA M 24 -5.63 -63.37 -75.69
C ALA M 24 -7.08 -63.13 -76.13
N CYS M 25 -7.28 -62.69 -77.38
CA CYS M 25 -8.64 -62.47 -77.87
C CYS M 25 -9.47 -63.76 -77.80
N TYR M 26 -8.85 -64.91 -78.18
CA TYR M 26 -9.59 -66.15 -78.21
C TYR M 26 -10.06 -66.49 -76.79
N LEU M 27 -9.19 -66.34 -75.79
CA LEU M 27 -9.63 -66.60 -74.43
C LEU M 27 -10.78 -65.66 -74.03
N MET M 28 -10.68 -64.38 -74.41
CA MET M 28 -11.69 -63.42 -74.02
C MET M 28 -13.05 -63.74 -74.65
N LEU M 29 -13.04 -64.19 -75.92
CA LEU M 29 -14.24 -64.60 -76.61
C LEU M 29 -14.97 -65.67 -75.80
N GLN M 30 -14.24 -66.46 -75.02
CA GLN M 30 -14.84 -67.52 -74.25
C GLN M 30 -15.32 -66.99 -72.90
N GLY M 31 -15.07 -65.72 -72.61
CA GLY M 31 -15.45 -65.17 -71.33
C GLY M 31 -14.38 -65.36 -70.25
N ILE M 32 -13.13 -65.56 -70.66
CA ILE M 32 -12.02 -65.69 -69.74
C ILE M 32 -11.30 -64.35 -69.65
N PRO M 33 -11.29 -63.70 -68.48
CA PRO M 33 -10.54 -62.46 -68.36
C PRO M 33 -9.05 -62.71 -68.45
N VAL M 34 -8.31 -61.85 -69.15
CA VAL M 34 -6.89 -62.06 -69.25
C VAL M 34 -6.13 -60.86 -68.68
N HIS M 35 -5.10 -61.20 -67.91
CA HIS M 35 -4.05 -60.29 -67.51
C HIS M 35 -2.94 -60.38 -68.56
N LEU M 36 -2.71 -59.29 -69.29
CA LEU M 36 -1.67 -59.24 -70.30
C LEU M 36 -0.33 -59.00 -69.61
N TRP M 37 0.67 -59.84 -69.90
CA TRP M 37 1.99 -59.75 -69.28
C TRP M 37 3.05 -59.65 -70.37
N SER M 38 3.83 -58.56 -70.39
CA SER M 38 4.94 -58.33 -71.29
C SER M 38 6.26 -58.30 -70.50
N GLY M 39 7.23 -59.07 -70.97
CA GLY M 39 8.56 -59.13 -70.44
C GLY M 39 9.47 -58.21 -71.25
N ASN M 40 10.16 -57.26 -70.61
CA ASN M 40 11.15 -56.43 -71.24
C ASN M 40 12.54 -56.88 -70.78
N SER M 41 13.32 -57.36 -71.76
CA SER M 41 14.50 -58.16 -71.53
C SER M 41 15.71 -57.25 -71.67
N GLY M 42 15.48 -55.99 -72.05
CA GLY M 42 16.52 -55.00 -72.08
C GLY M 42 17.11 -54.82 -73.48
N CYS M 43 16.77 -55.70 -74.42
CA CYS M 43 17.40 -55.65 -75.74
C CYS M 43 16.38 -55.49 -76.87
N SER M 44 15.22 -54.94 -76.60
CA SER M 44 14.15 -54.80 -77.60
C SER M 44 14.17 -53.43 -78.22
N LEU M 45 13.95 -53.33 -79.54
CA LEU M 45 13.95 -52.04 -80.21
C LEU M 45 12.52 -51.69 -80.64
N HIS M 46 12.21 -50.39 -80.71
CA HIS M 46 10.97 -49.86 -81.26
C HIS M 46 9.75 -50.52 -80.65
N ARG M 47 9.60 -50.43 -79.33
CA ARG M 47 8.51 -51.07 -78.61
C ARG M 47 7.23 -50.20 -78.55
N GLY M 48 7.29 -48.95 -78.96
CA GLY M 48 6.23 -48.01 -78.63
C GLY M 48 4.85 -48.45 -79.16
N ILE M 49 4.87 -49.03 -80.37
CA ILE M 49 3.67 -49.37 -81.12
C ILE M 49 2.86 -50.42 -80.38
N LEU M 50 3.42 -51.07 -79.35
CA LEU M 50 2.69 -52.00 -78.51
C LEU M 50 1.38 -51.38 -77.99
N SER M 51 1.43 -50.11 -77.55
CA SER M 51 0.27 -49.49 -76.91
C SER M 51 -0.93 -49.35 -77.89
N HIS M 52 -0.65 -49.14 -79.19
CA HIS M 52 -1.71 -49.14 -80.20
C HIS M 52 -2.44 -50.48 -80.14
N ARG M 53 -1.71 -51.58 -79.98
CA ARG M 53 -2.31 -52.90 -80.02
C ARG M 53 -3.13 -53.13 -78.74
N VAL M 54 -2.62 -52.69 -77.59
CA VAL M 54 -3.35 -52.83 -76.34
C VAL M 54 -4.68 -52.08 -76.45
N GLU M 55 -4.68 -50.91 -77.11
CA GLU M 55 -5.86 -50.08 -77.24
C GLU M 55 -6.94 -50.84 -78.04
N GLU M 56 -6.57 -51.36 -79.21
CA GLU M 56 -7.47 -52.18 -80.02
C GLU M 56 -8.18 -53.21 -79.15
N MET M 57 -7.45 -53.86 -78.24
CA MET M 57 -7.98 -54.99 -77.51
C MET M 57 -8.96 -54.53 -76.43
N LYS M 58 -8.61 -53.43 -75.75
CA LYS M 58 -9.53 -52.81 -74.79
C LYS M 58 -10.83 -52.40 -75.50
N ASN M 59 -10.69 -51.74 -76.66
CA ASN M 59 -11.81 -51.33 -77.49
C ASN M 59 -12.72 -52.52 -77.76
N ARG M 60 -12.13 -53.69 -78.11
CA ARG M 60 -12.93 -54.80 -78.60
C ARG M 60 -13.49 -55.65 -77.44
N PHE M 61 -12.80 -55.74 -76.30
CA PHE M 61 -13.18 -56.68 -75.25
C PHE M 61 -13.49 -56.03 -73.90
N GLY M 62 -12.88 -54.87 -73.65
CA GLY M 62 -13.10 -54.09 -72.42
C GLY M 62 -12.79 -54.77 -71.11
N ASP M 63 -13.82 -55.06 -70.31
CA ASP M 63 -13.66 -55.61 -68.94
C ASP M 63 -12.76 -56.83 -68.91
N LEU M 64 -12.81 -57.66 -69.96
CA LEU M 64 -12.04 -58.92 -69.95
C LEU M 64 -10.54 -58.60 -69.92
N VAL M 65 -10.08 -57.53 -70.57
CA VAL M 65 -8.69 -57.14 -70.36
C VAL M 65 -8.58 -56.57 -68.95
N VAL M 66 -8.11 -57.37 -68.01
CA VAL M 66 -8.08 -56.95 -66.61
C VAL M 66 -6.83 -56.11 -66.33
N GLY M 67 -5.79 -56.18 -67.17
CA GLY M 67 -4.60 -55.37 -66.95
C GLY M 67 -3.45 -55.70 -67.89
N HIS M 68 -2.46 -54.81 -67.92
CA HIS M 68 -1.24 -55.00 -68.68
C HIS M 68 -0.03 -54.73 -67.78
N THR M 69 0.77 -55.77 -67.46
CA THR M 69 2.02 -55.64 -66.72
C THR M 69 3.23 -55.73 -67.65
N VAL M 70 4.10 -54.72 -67.57
CA VAL M 70 5.40 -54.75 -68.24
C VAL M 70 6.48 -55.03 -67.18
N ALA M 71 7.13 -56.19 -67.21
CA ALA M 71 8.13 -56.50 -66.21
C ALA M 71 9.54 -56.35 -66.78
N ASP M 72 10.43 -55.74 -65.97
CA ASP M 72 11.86 -55.74 -66.24
C ASP M 72 12.38 -57.16 -65.95
N ILE M 73 12.77 -57.91 -66.97
CA ILE M 73 13.29 -59.25 -66.78
C ILE M 73 14.76 -59.27 -67.23
N SER M 74 15.32 -58.11 -67.50
CA SER M 74 16.66 -58.03 -68.06
C SER M 74 17.72 -58.73 -67.21
N GLY M 75 17.52 -58.83 -65.89
CA GLY M 75 18.49 -59.43 -64.99
C GLY M 75 18.53 -60.96 -65.12
N ALA M 76 17.35 -61.58 -65.02
CA ALA M 76 17.20 -63.00 -65.22
C ALA M 76 17.67 -63.41 -66.63
N PHE M 77 17.36 -62.58 -67.63
CA PHE M 77 17.75 -62.83 -68.98
C PHE M 77 19.27 -62.85 -69.08
N ARG M 78 19.91 -61.82 -68.55
CA ARG M 78 21.38 -61.77 -68.59
C ARG M 78 21.96 -62.97 -67.85
N SER M 79 21.41 -63.34 -66.69
CA SER M 79 22.05 -64.41 -65.94
C SER M 79 21.95 -65.74 -66.70
N ILE M 80 20.84 -65.95 -67.40
CA ILE M 80 20.56 -67.24 -67.99
C ILE M 80 21.26 -67.37 -69.33
N ALA M 81 21.32 -66.29 -70.11
CA ALA M 81 21.55 -66.37 -71.52
C ALA M 81 22.71 -65.52 -72.00
N ILE M 82 23.13 -64.50 -71.26
CA ILE M 82 24.14 -63.59 -71.76
C ILE M 82 25.47 -63.80 -71.05
N GLU M 83 25.41 -64.13 -69.76
CA GLU M 83 26.61 -64.09 -68.91
C GLU M 83 27.66 -65.08 -69.46
N ALA M 84 27.21 -66.27 -69.84
CA ALA M 84 28.05 -67.34 -70.35
C ALA M 84 27.92 -67.50 -71.88
N LEU M 85 27.88 -66.36 -72.59
CA LEU M 85 27.57 -66.37 -74.01
C LEU M 85 28.67 -67.08 -74.81
N GLU M 86 29.93 -66.86 -74.46
CA GLU M 86 31.03 -67.57 -75.08
C GLU M 86 30.85 -69.08 -74.93
N GLN M 87 30.79 -69.53 -73.68
CA GLN M 87 30.70 -70.96 -73.39
C GLN M 87 29.49 -71.53 -74.12
N ASP M 88 28.36 -70.82 -74.07
CA ASP M 88 27.11 -71.31 -74.64
C ASP M 88 27.28 -71.55 -76.14
N ILE M 89 27.89 -70.61 -76.85
CA ILE M 89 27.93 -70.65 -78.29
C ILE M 89 28.99 -71.67 -78.73
N LEU M 90 30.15 -71.66 -78.04
CA LEU M 90 31.18 -72.64 -78.32
C LEU M 90 30.67 -74.06 -78.09
N LYS M 91 29.72 -74.26 -77.19
CA LYS M 91 29.29 -75.64 -76.90
C LYS M 91 28.16 -76.05 -77.85
N TYR M 92 27.19 -75.18 -78.07
CA TYR M 92 25.99 -75.58 -78.85
C TYR M 92 26.17 -75.21 -80.31
N ARG M 93 27.07 -74.28 -80.58
CA ARG M 93 27.35 -73.81 -81.96
C ARG M 93 26.14 -73.01 -82.46
N LYS M 94 25.27 -72.62 -81.52
CA LYS M 94 24.05 -71.87 -81.87
C LYS M 94 23.74 -70.76 -80.87
N ASN M 95 23.60 -69.52 -81.32
CA ASN M 95 23.09 -68.43 -80.50
C ASN M 95 21.65 -68.80 -80.11
N LEU M 96 21.50 -69.28 -78.87
CA LEU M 96 20.24 -69.66 -78.31
C LEU M 96 19.75 -68.62 -77.29
N VAL M 97 20.20 -67.38 -77.43
CA VAL M 97 19.80 -66.33 -76.49
C VAL M 97 18.28 -66.22 -76.33
N LEU M 98 17.50 -66.37 -77.41
CA LEU M 98 16.06 -66.16 -77.34
C LEU M 98 15.39 -67.36 -76.67
N LEU M 99 16.06 -68.51 -76.64
CA LEU M 99 15.54 -69.62 -75.87
C LEU M 99 15.74 -69.36 -74.37
N GLY M 100 16.91 -68.84 -74.04
CA GLY M 100 17.18 -68.33 -72.72
C GLY M 100 16.13 -67.29 -72.27
N GLU M 101 15.83 -66.33 -73.15
CA GLU M 101 14.84 -65.32 -72.83
C GLU M 101 13.55 -65.99 -72.37
N LYS M 102 13.16 -67.07 -73.05
CA LYS M 102 11.86 -67.66 -72.76
C LYS M 102 11.92 -68.39 -71.41
N LEU M 103 13.08 -68.95 -71.08
CA LEU M 103 13.24 -69.53 -69.75
C LEU M 103 13.20 -68.45 -68.65
N ALA M 104 13.85 -67.30 -68.90
CA ALA M 104 13.76 -66.16 -68.00
C ALA M 104 12.31 -65.71 -67.82
N ILE M 105 11.53 -65.69 -68.92
CA ILE M 105 10.13 -65.30 -68.86
C ILE M 105 9.39 -66.22 -67.89
N HIS M 106 9.61 -67.53 -68.04
CA HIS M 106 8.87 -68.50 -67.23
C HIS M 106 9.28 -68.49 -65.74
N ALA M 107 10.57 -68.19 -65.46
CA ALA M 107 11.02 -68.05 -64.09
C ALA M 107 10.28 -66.88 -63.43
N HIS M 108 10.28 -65.73 -64.09
CA HIS M 108 9.52 -64.59 -63.61
C HIS M 108 8.03 -64.89 -63.44
N LEU M 109 7.44 -65.76 -64.28
CA LEU M 109 6.01 -66.00 -64.22
C LEU M 109 5.66 -66.90 -63.03
N VAL M 110 6.58 -67.77 -62.61
CA VAL M 110 6.36 -68.53 -61.38
C VAL M 110 6.16 -67.52 -60.23
N ASP M 111 7.10 -66.59 -60.13
CA ASP M 111 7.01 -65.59 -59.07
C ASP M 111 5.73 -64.76 -59.19
N PHE M 112 5.45 -64.28 -60.39
CA PHE M 112 4.28 -63.46 -60.66
C PHE M 112 3.01 -64.24 -60.32
N CYS M 113 2.90 -65.49 -60.72
CA CYS M 113 1.73 -66.29 -60.47
C CYS M 113 1.50 -66.52 -58.98
N ARG M 114 2.58 -66.84 -58.27
CA ARG M 114 2.43 -67.11 -56.84
C ARG M 114 2.05 -65.84 -56.12
N ARG M 115 2.55 -64.70 -56.56
CA ARG M 115 2.27 -63.44 -55.85
C ARG M 115 0.93 -62.84 -56.26
N ASN M 116 0.31 -63.23 -57.39
CA ASN M 116 -0.98 -62.67 -57.77
C ASN M 116 -2.09 -63.69 -57.91
N ASP M 117 -1.94 -64.87 -57.30
CA ASP M 117 -3.01 -65.87 -57.35
C ASP M 117 -3.49 -66.16 -58.80
N ILE M 118 -2.53 -66.37 -59.72
CA ILE M 118 -2.81 -66.82 -61.07
C ILE M 118 -2.23 -68.22 -61.20
N ASN M 119 -2.97 -69.17 -61.75
CA ASN M 119 -2.40 -70.49 -61.90
C ASN M 119 -2.57 -71.03 -63.33
N THR M 120 -2.94 -70.20 -64.29
CA THR M 120 -2.95 -70.57 -65.69
C THR M 120 -2.27 -69.47 -66.50
N ILE M 121 -1.19 -69.80 -67.23
CA ILE M 121 -0.54 -68.86 -68.14
C ILE M 121 -0.71 -69.39 -69.57
N ASN M 122 -0.67 -68.47 -70.54
CA ASN M 122 -0.93 -68.79 -71.93
C ASN M 122 0.04 -67.99 -72.79
N ASP M 123 0.53 -68.55 -73.88
CA ASP M 123 1.28 -67.73 -74.83
C ASP M 123 0.66 -67.88 -76.21
N GLY M 124 1.28 -67.25 -77.21
CA GLY M 124 0.85 -67.45 -78.58
C GLY M 124 1.89 -68.18 -79.43
N ILE M 125 2.50 -69.22 -78.88
CA ILE M 125 3.36 -70.05 -79.69
C ILE M 125 2.50 -70.72 -80.75
N THR M 126 2.93 -70.64 -82.00
CA THR M 126 2.24 -71.25 -83.15
C THR M 126 3.08 -72.32 -83.86
N HIS M 127 2.41 -73.34 -84.36
CA HIS M 127 3.08 -74.44 -85.12
C HIS M 127 3.86 -73.88 -86.31
N TYR M 128 3.40 -72.80 -86.92
CA TYR M 128 4.05 -72.27 -88.14
C TYR M 128 5.37 -71.59 -87.79
N GLN M 129 5.66 -71.43 -86.50
CA GLN M 129 6.89 -70.78 -86.05
C GLN M 129 7.78 -71.76 -85.27
N MET M 130 7.61 -73.06 -85.45
CA MET M 130 8.37 -74.12 -84.79
C MET M 130 9.87 -74.06 -85.09
N GLU M 131 10.33 -73.43 -86.20
CA GLU M 131 11.74 -73.19 -86.45
C GLU M 131 12.45 -72.35 -85.38
N PHE M 132 11.69 -71.63 -84.55
CA PHE M 132 12.24 -70.86 -83.42
C PHE M 132 12.24 -71.72 -82.15
N PRO M 133 13.39 -71.83 -81.44
CA PRO M 133 13.56 -72.76 -80.34
C PRO M 133 12.43 -72.74 -79.31
N GLU M 134 12.02 -71.51 -78.94
CA GLU M 134 11.03 -71.33 -77.91
C GLU M 134 9.67 -71.92 -78.30
N GLN M 135 9.48 -72.20 -79.60
CA GLN M 135 8.18 -72.62 -80.11
C GLN M 135 8.19 -74.08 -80.55
N ARG M 136 9.31 -74.75 -80.33
CA ARG M 136 9.40 -76.18 -80.69
C ARG M 136 8.73 -77.02 -79.61
N LEU M 137 8.05 -78.08 -80.02
CA LEU M 137 7.33 -78.95 -79.11
C LEU M 137 8.23 -79.31 -77.92
N VAL M 138 9.52 -79.52 -78.21
CA VAL M 138 10.39 -80.03 -77.18
C VAL M 138 10.54 -78.97 -76.05
N ALA M 139 10.67 -77.70 -76.42
CA ALA M 139 10.74 -76.59 -75.51
C ALA M 139 9.43 -76.40 -74.75
N LYS M 140 8.34 -76.48 -75.48
CA LYS M 140 7.02 -76.31 -74.91
C LYS M 140 6.79 -77.39 -73.85
N THR M 141 7.11 -78.64 -74.19
CA THR M 141 6.89 -79.79 -73.30
C THR M 141 7.74 -79.61 -72.04
N PHE M 142 8.97 -79.13 -72.20
CA PHE M 142 9.85 -78.92 -71.06
C PHE M 142 9.22 -77.87 -70.14
N LEU M 143 8.74 -76.76 -70.73
CA LEU M 143 8.25 -75.65 -69.96
C LEU M 143 6.91 -75.99 -69.31
N MET M 144 6.12 -76.89 -69.86
CA MET M 144 4.89 -77.31 -69.21
C MET M 144 5.25 -78.07 -67.94
N GLU M 145 6.28 -78.90 -68.02
CA GLU M 145 6.71 -79.71 -66.91
C GLU M 145 7.22 -78.75 -65.82
N MET M 146 8.06 -77.81 -66.23
CA MET M 146 8.60 -76.84 -65.30
C MET M 146 7.45 -76.12 -64.59
N MET M 147 6.45 -75.64 -65.34
CA MET M 147 5.40 -74.85 -64.72
C MET M 147 4.52 -75.74 -63.84
N ALA M 148 4.38 -77.02 -64.21
CA ALA M 148 3.56 -77.92 -63.43
C ALA M 148 4.21 -78.26 -62.09
N GLN M 149 5.55 -78.15 -62.01
CA GLN M 149 6.22 -78.40 -60.74
C GLN M 149 5.77 -77.36 -59.70
N TYR M 150 5.32 -76.17 -60.15
CA TYR M 150 4.80 -75.14 -59.28
C TYR M 150 3.28 -75.05 -59.32
N ASP M 151 2.62 -76.13 -59.77
CA ASP M 151 1.16 -76.17 -59.87
C ASP M 151 0.63 -75.02 -60.74
N ILE M 152 1.38 -74.67 -61.79
CA ILE M 152 0.95 -73.68 -62.75
C ILE M 152 0.65 -74.36 -64.10
N ASN M 153 -0.52 -74.10 -64.64
CA ASN M 153 -0.97 -74.65 -65.91
C ASN M 153 -0.48 -73.76 -67.04
N TYR M 154 0.34 -74.32 -67.96
CA TYR M 154 0.89 -73.59 -69.08
C TYR M 154 0.21 -74.10 -70.35
N GLN M 155 -0.51 -73.20 -71.07
CA GLN M 155 -1.29 -73.57 -72.23
C GLN M 155 -0.86 -72.68 -73.38
N SER M 156 -1.12 -73.18 -74.59
CA SER M 156 -0.80 -72.45 -75.81
C SER M 156 -2.03 -72.50 -76.70
N PRO M 157 -3.02 -71.61 -76.46
CA PRO M 157 -4.34 -71.81 -77.01
C PRO M 157 -4.46 -71.75 -78.53
N VAL M 158 -3.46 -71.16 -79.22
CA VAL M 158 -3.50 -71.03 -80.67
C VAL M 158 -2.44 -71.92 -81.37
N TYR M 159 -1.87 -72.89 -80.64
CA TYR M 159 -0.73 -73.65 -81.10
C TYR M 159 -1.11 -74.62 -82.22
N GLU M 160 -2.11 -75.45 -81.99
CA GLU M 160 -2.59 -76.42 -82.96
C GLU M 160 -3.27 -75.74 -84.15
N PHE M 161 -3.84 -74.54 -83.94
CA PHE M 161 -4.75 -73.99 -84.95
C PHE M 161 -3.93 -73.27 -85.99
N ALA M 162 -2.86 -72.57 -85.55
CA ALA M 162 -2.15 -71.70 -86.47
C ALA M 162 -1.14 -72.52 -87.28
N GLN M 163 -1.56 -73.05 -88.43
CA GLN M 163 -0.69 -73.77 -89.33
C GLN M 163 0.03 -72.81 -90.26
N SER M 164 -0.43 -71.55 -90.36
CA SER M 164 0.20 -70.54 -91.19
C SER M 164 -0.05 -69.15 -90.62
N ALA M 165 0.71 -68.14 -91.04
CA ALA M 165 0.47 -66.79 -90.58
C ALA M 165 -0.94 -66.31 -90.95
N ASP M 166 -1.34 -66.62 -92.18
CA ASP M 166 -2.63 -66.22 -92.72
C ASP M 166 -3.77 -66.67 -91.82
N ASP M 167 -3.68 -67.83 -91.22
CA ASP M 167 -4.77 -68.31 -90.38
C ASP M 167 -5.03 -67.33 -89.23
N VAL M 168 -3.95 -66.90 -88.57
CA VAL M 168 -4.05 -66.01 -87.42
C VAL M 168 -4.56 -64.64 -87.89
N LYS M 169 -3.96 -64.11 -88.93
CA LYS M 169 -4.34 -62.83 -89.50
C LYS M 169 -5.84 -62.73 -89.72
N TYR M 170 -6.48 -63.75 -90.33
CA TYR M 170 -7.81 -63.55 -90.86
C TYR M 170 -8.78 -63.67 -89.69
N ARG M 171 -8.38 -64.40 -88.66
CA ARG M 171 -9.23 -64.48 -87.44
C ARG M 171 -9.13 -63.13 -86.70
N LEU M 172 -7.99 -62.45 -86.76
CA LEU M 172 -7.88 -61.16 -86.11
C LEU M 172 -8.75 -60.16 -86.84
N LEU M 173 -8.70 -60.23 -88.16
CA LEU M 173 -9.50 -59.31 -89.01
C LEU M 173 -10.98 -59.48 -88.66
N GLN M 174 -11.42 -60.71 -88.43
CA GLN M 174 -12.83 -60.93 -88.13
C GLN M 174 -13.20 -60.33 -86.80
N LEU M 175 -12.20 -59.98 -85.98
CA LEU M 175 -12.45 -59.36 -84.69
C LEU M 175 -12.39 -57.85 -84.80
N GLY M 176 -12.00 -57.33 -85.96
CA GLY M 176 -11.84 -55.92 -86.16
C GLY M 176 -10.53 -55.41 -85.56
N ILE M 177 -9.57 -56.33 -85.39
CA ILE M 177 -8.21 -56.02 -84.96
C ILE M 177 -7.28 -56.15 -86.14
N SER M 178 -6.32 -55.22 -86.20
CA SER M 178 -5.33 -55.18 -87.28
C SER M 178 -4.49 -56.47 -87.32
N THR M 179 -3.91 -56.74 -88.50
CA THR M 179 -3.32 -58.06 -88.75
C THR M 179 -1.80 -57.98 -88.62
N LYS M 180 -1.29 -56.79 -88.38
CA LYS M 180 0.14 -56.53 -88.28
C LYS M 180 0.64 -56.94 -86.88
N SER M 181 1.93 -57.29 -86.82
CA SER M 181 2.59 -57.59 -85.56
C SER M 181 3.15 -56.28 -85.03
N LEU M 182 2.48 -55.72 -84.01
CA LEU M 182 2.87 -54.41 -83.53
C LEU M 182 3.65 -54.61 -82.22
N GLU M 183 4.84 -55.16 -82.37
CA GLU M 183 5.69 -55.59 -81.29
C GLU M 183 7.07 -55.01 -81.56
N GLY M 184 7.88 -54.95 -80.51
CA GLY M 184 9.26 -54.52 -80.69
C GLY M 184 10.07 -55.64 -81.31
N ILE M 185 11.23 -55.28 -81.87
CA ILE M 185 12.15 -56.30 -82.38
C ILE M 185 13.29 -56.48 -81.40
N SER M 186 13.62 -57.75 -81.12
CA SER M 186 14.85 -58.10 -80.45
C SER M 186 16.05 -57.67 -81.30
N ILE M 187 17.08 -57.16 -80.63
CA ILE M 187 18.34 -56.85 -81.29
C ILE M 187 18.94 -58.17 -81.81
N PHE M 188 18.51 -59.31 -81.26
CA PHE M 188 19.00 -60.60 -81.65
C PHE M 188 18.20 -61.21 -82.84
N ALA M 189 17.22 -60.49 -83.41
CA ALA M 189 16.46 -61.02 -84.52
C ALA M 189 17.38 -61.30 -85.71
N ASP M 190 17.28 -62.51 -86.26
CA ASP M 190 18.09 -62.93 -87.41
C ASP M 190 19.57 -62.85 -87.05
N SER M 191 19.92 -63.29 -85.85
CA SER M 191 21.30 -63.38 -85.38
C SER M 191 21.65 -64.83 -85.02
N PHE M 192 20.79 -65.78 -85.44
CA PHE M 192 20.97 -67.16 -85.10
C PHE M 192 20.67 -67.99 -86.35
N SER M 193 21.24 -69.19 -86.37
CA SER M 193 20.80 -70.24 -87.27
C SER M 193 19.88 -71.16 -86.48
N THR M 194 19.18 -72.03 -87.19
CA THR M 194 18.19 -72.92 -86.61
C THR M 194 18.91 -74.06 -85.87
N PRO M 195 18.53 -74.32 -84.62
CA PRO M 195 19.08 -75.43 -83.85
C PRO M 195 18.26 -76.69 -83.93
N SER M 196 18.89 -77.83 -83.67
CA SER M 196 18.16 -79.09 -83.57
C SER M 196 17.42 -79.14 -82.24
N ASP M 197 16.39 -79.99 -82.19
CA ASP M 197 15.65 -80.32 -80.99
C ASP M 197 16.60 -80.82 -79.89
N ASP M 198 17.59 -81.65 -80.22
CA ASP M 198 18.45 -82.21 -79.21
C ASP M 198 19.11 -81.05 -78.45
N VAL M 199 19.57 -80.07 -79.22
CA VAL M 199 20.32 -78.92 -78.74
C VAL M 199 19.40 -78.00 -77.92
N VAL M 200 18.16 -77.83 -78.35
CA VAL M 200 17.19 -77.02 -77.65
C VAL M 200 16.94 -77.61 -76.28
N LEU M 201 16.73 -78.91 -76.21
CA LEU M 201 16.43 -79.58 -74.96
C LEU M 201 17.64 -79.57 -74.00
N ALA M 202 18.84 -79.66 -74.57
CA ALA M 202 20.04 -79.76 -73.75
C ALA M 202 20.33 -78.40 -73.12
N TYR M 203 20.09 -77.31 -73.86
CA TYR M 203 20.29 -75.94 -73.39
C TYR M 203 19.33 -75.67 -72.24
N LEU M 204 18.06 -76.00 -72.45
CA LEU M 204 17.06 -75.83 -71.44
C LEU M 204 17.44 -76.59 -70.17
N ARG M 205 17.87 -77.86 -70.32
CA ARG M 205 18.19 -78.68 -69.15
C ARG M 205 19.41 -78.17 -68.41
N GLU M 206 20.37 -77.57 -69.15
CA GLU M 206 21.56 -76.98 -68.56
C GLU M 206 21.25 -75.67 -67.83
N LYS M 207 20.33 -74.84 -68.33
CA LYS M 207 20.01 -73.56 -67.73
C LYS M 207 18.93 -73.70 -66.66
N ALA M 208 18.22 -74.82 -66.62
CA ALA M 208 17.10 -74.94 -65.72
C ALA M 208 17.53 -74.68 -64.27
N PRO M 209 18.61 -75.29 -63.72
CA PRO M 209 19.00 -75.03 -62.33
C PRO M 209 19.11 -73.54 -62.02
N LEU M 210 19.73 -72.77 -62.91
CA LEU M 210 19.76 -71.32 -62.78
C LEU M 210 18.35 -70.71 -62.77
N ALA M 211 17.46 -71.21 -63.60
CA ALA M 211 16.11 -70.68 -63.68
C ALA M 211 15.40 -70.90 -62.35
N HIS M 212 15.51 -72.11 -61.81
CA HIS M 212 14.83 -72.44 -60.58
C HIS M 212 15.43 -71.67 -59.41
N ASN M 213 16.71 -71.34 -59.52
CA ASN M 213 17.40 -70.61 -58.48
C ASN M 213 16.88 -69.18 -58.44
N ILE M 214 16.69 -68.59 -59.62
CA ILE M 214 16.12 -67.26 -59.77
C ILE M 214 14.70 -67.24 -59.21
N VAL M 215 13.93 -68.33 -59.40
CA VAL M 215 12.62 -68.41 -58.79
C VAL M 215 12.75 -68.34 -57.26
N ASN M 216 13.70 -69.11 -56.71
CA ASN M 216 13.92 -69.18 -55.29
C ASN M 216 14.30 -67.81 -54.73
N PHE M 217 15.18 -67.09 -55.43
CA PHE M 217 15.58 -65.76 -55.03
C PHE M 217 14.37 -64.83 -55.01
N LEU M 218 13.61 -64.78 -56.12
CA LEU M 218 12.46 -63.88 -56.21
C LEU M 218 11.43 -64.18 -55.15
N ALA M 219 11.40 -65.39 -54.62
CA ALA M 219 10.47 -65.73 -53.55
C ALA M 219 11.06 -65.45 -52.16
N GLY M 220 12.27 -64.91 -52.11
CA GLY M 220 12.98 -64.68 -50.86
C GLY M 220 13.37 -65.94 -50.10
N GLU M 221 13.68 -67.04 -50.79
CA GLU M 221 14.02 -68.30 -50.13
C GLU M 221 15.53 -68.58 -50.11
N THR M 222 16.32 -67.99 -51.03
CA THR M 222 17.77 -68.08 -50.95
C THR M 222 18.43 -66.87 -51.63
N LEU M 223 19.73 -66.72 -51.39
CA LEU M 223 20.55 -65.69 -52.10
C LEU M 223 21.70 -66.46 -52.73
N ASN M 224 21.97 -67.68 -52.23
CA ASN M 224 23.15 -68.45 -52.70
C ASN M 224 22.94 -69.00 -54.11
N PRO M 225 24.01 -69.17 -54.90
CA PRO M 225 23.96 -69.70 -56.30
C PRO M 225 23.37 -71.10 -56.42
N PRO M 226 23.00 -71.53 -57.65
CA PRO M 226 22.37 -72.86 -57.90
C PRO M 226 23.31 -74.01 -57.56
N TYR N 5 1.70 -42.07 -21.12
CA TYR N 5 0.66 -41.25 -21.81
C TYR N 5 1.03 -39.77 -21.88
N SER N 6 0.06 -38.96 -22.35
CA SER N 6 0.24 -37.52 -22.44
C SER N 6 0.67 -36.94 -21.09
N VAL N 7 1.77 -36.18 -21.09
CA VAL N 7 2.33 -35.59 -19.88
C VAL N 7 1.97 -34.12 -19.92
N LYS N 8 1.80 -33.53 -18.73
CA LYS N 8 1.36 -32.16 -18.59
C LYS N 8 2.41 -31.20 -19.16
N PRO N 9 2.05 -30.32 -20.11
CA PRO N 9 3.01 -29.38 -20.65
C PRO N 9 3.57 -28.44 -19.60
N GLN N 10 4.78 -27.95 -19.85
CA GLN N 10 5.45 -27.01 -18.98
C GLN N 10 5.95 -25.87 -19.84
N LEU N 11 6.15 -24.70 -19.22
CA LEU N 11 6.60 -23.55 -19.98
C LEU N 11 8.10 -23.39 -19.87
N VAL N 12 8.71 -22.80 -20.91
CA VAL N 12 10.12 -22.50 -20.90
C VAL N 12 10.28 -21.06 -21.32
N MET N 13 11.05 -20.30 -20.55
CA MET N 13 11.41 -18.94 -20.90
C MET N 13 12.46 -19.00 -21.98
N PHE N 14 12.03 -18.77 -23.21
CA PHE N 14 12.83 -19.11 -24.37
C PHE N 14 13.22 -17.84 -25.11
N THR N 15 14.52 -17.60 -25.26
CA THR N 15 15.01 -16.41 -25.91
C THR N 15 15.59 -16.70 -27.29
N GLY N 16 15.81 -17.99 -27.61
CA GLY N 16 16.61 -18.33 -28.76
C GLY N 16 18.08 -18.60 -28.42
N GLY N 17 18.48 -18.30 -27.21
CA GLY N 17 19.87 -18.57 -26.82
C GLY N 17 20.11 -20.05 -26.65
N ARG N 18 21.39 -20.42 -26.67
CA ARG N 18 21.76 -21.84 -26.55
C ARG N 18 21.31 -22.42 -25.23
N ASP N 19 21.23 -21.58 -24.19
CA ASP N 19 20.98 -22.08 -22.86
C ASP N 19 19.52 -22.46 -22.76
N SER N 20 18.62 -21.58 -23.20
CA SER N 20 17.20 -21.83 -23.05
C SER N 20 16.75 -22.82 -24.12
N THR N 21 17.41 -22.79 -25.29
CA THR N 21 17.20 -23.85 -26.27
C THR N 21 17.47 -25.22 -25.63
N LEU N 22 18.63 -25.38 -24.95
CA LEU N 22 18.98 -26.68 -24.42
C LEU N 22 17.99 -27.08 -23.33
N ALA N 23 17.55 -26.11 -22.52
CA ALA N 23 16.66 -26.44 -21.43
C ALA N 23 15.38 -27.02 -21.96
N ALA N 24 14.85 -26.36 -22.99
CA ALA N 24 13.62 -26.84 -23.65
C ALA N 24 13.86 -28.21 -24.26
N CYS N 25 14.95 -28.38 -25.01
CA CYS N 25 15.24 -29.68 -25.64
C CYS N 25 15.37 -30.77 -24.57
N TYR N 26 16.05 -30.47 -23.46
CA TYR N 26 16.28 -31.49 -22.45
C TYR N 26 14.92 -31.96 -21.90
N LEU N 27 14.00 -31.02 -21.62
CA LEU N 27 12.69 -31.42 -21.14
C LEU N 27 11.99 -32.30 -22.19
N MET N 28 12.08 -31.93 -23.48
CA MET N 28 11.37 -32.65 -24.52
C MET N 28 11.93 -34.07 -24.68
N LEU N 29 13.26 -34.22 -24.53
CA LEU N 29 13.87 -35.53 -24.58
C LEU N 29 13.25 -36.46 -23.56
N GLN N 30 12.73 -35.90 -22.47
CA GLN N 30 12.14 -36.72 -21.42
C GLN N 30 10.68 -36.96 -21.70
N GLY N 31 10.16 -36.40 -22.79
CA GLY N 31 8.76 -36.57 -23.12
C GLY N 31 7.88 -35.53 -22.43
N ILE N 32 8.46 -34.38 -22.04
CA ILE N 32 7.69 -33.30 -21.47
C ILE N 32 7.42 -32.26 -22.55
N PRO N 33 6.15 -32.04 -22.95
CA PRO N 33 5.84 -31.03 -23.94
C PRO N 33 6.12 -29.64 -23.39
N VAL N 34 6.69 -28.75 -24.21
CA VAL N 34 7.00 -27.43 -23.73
C VAL N 34 6.26 -26.38 -24.54
N HIS N 35 5.68 -25.43 -23.79
CA HIS N 35 5.20 -24.18 -24.32
C HIS N 35 6.36 -23.18 -24.26
N LEU N 36 6.84 -22.73 -25.40
CA LEU N 36 7.92 -21.77 -25.49
C LEU N 36 7.32 -20.39 -25.28
N TRP N 37 7.89 -19.60 -24.35
CA TRP N 37 7.40 -18.27 -24.03
C TRP N 37 8.54 -17.27 -24.17
N SER N 38 8.38 -16.29 -25.07
CA SER N 38 9.32 -15.21 -25.30
C SER N 38 8.67 -13.88 -24.90
N GLY N 39 9.43 -13.10 -24.09
CA GLY N 39 9.02 -11.79 -23.67
C GLY N 39 9.65 -10.75 -24.60
N ASN N 40 8.82 -9.85 -25.11
CA ASN N 40 9.30 -8.73 -25.88
C ASN N 40 9.07 -7.47 -25.04
N SER N 41 10.18 -6.82 -24.66
CA SER N 41 10.24 -5.82 -23.63
C SER N 41 10.29 -4.46 -24.30
N GLY N 42 10.34 -4.46 -25.65
CA GLY N 42 10.27 -3.25 -26.44
C GLY N 42 11.63 -2.70 -26.80
N CYS N 43 12.70 -3.27 -26.25
CA CYS N 43 14.04 -2.74 -26.49
C CYS N 43 15.01 -3.75 -27.14
N SER N 44 14.46 -4.79 -27.76
CA SER N 44 15.32 -5.87 -28.31
C SER N 44 15.57 -5.66 -29.78
N LEU N 45 16.78 -5.87 -30.26
CA LEU N 45 17.12 -5.58 -31.65
C LEU N 45 17.38 -6.90 -32.37
N HIS N 46 17.08 -6.91 -33.68
CA HIS N 46 17.39 -7.97 -34.60
C HIS N 46 16.89 -9.31 -34.08
N ARG N 47 15.56 -9.38 -33.86
CA ARG N 47 14.92 -10.55 -33.29
C ARG N 47 14.55 -11.59 -34.35
N GLY N 48 14.66 -11.29 -35.65
CA GLY N 48 14.13 -12.17 -36.67
C GLY N 48 14.73 -13.57 -36.60
N ILE N 49 16.04 -13.68 -36.25
CA ILE N 49 16.73 -14.95 -36.33
C ILE N 49 16.17 -15.96 -35.33
N LEU N 50 15.37 -15.50 -34.40
CA LEU N 50 14.69 -16.38 -33.45
C LEU N 50 13.92 -17.48 -34.16
N SER N 51 13.20 -17.14 -35.25
CA SER N 51 12.35 -18.11 -35.90
C SER N 51 13.15 -19.26 -36.53
N HIS N 52 14.37 -18.98 -37.00
CA HIS N 52 15.27 -20.06 -37.44
C HIS N 52 15.44 -21.09 -36.32
N ARG N 53 15.60 -20.63 -35.08
CA ARG N 53 15.85 -21.53 -33.96
C ARG N 53 14.58 -22.30 -33.62
N VAL N 54 13.42 -21.66 -33.67
CA VAL N 54 12.15 -22.34 -33.39
C VAL N 54 11.96 -23.45 -34.40
N GLU N 55 12.35 -23.22 -35.67
CA GLU N 55 12.17 -24.22 -36.73
C GLU N 55 13.03 -25.45 -36.41
N GLU N 56 14.32 -25.27 -36.11
CA GLU N 56 15.20 -26.35 -35.70
C GLU N 56 14.51 -27.24 -34.65
N MET N 57 13.83 -26.62 -33.67
CA MET N 57 13.31 -27.37 -32.54
C MET N 57 12.06 -28.15 -32.97
N LYS N 58 11.20 -27.53 -33.79
CA LYS N 58 10.05 -28.24 -34.36
C LYS N 58 10.52 -29.44 -35.18
N ASN N 59 11.53 -29.21 -36.02
CA ASN N 59 12.16 -30.27 -36.83
C ASN N 59 12.58 -31.42 -35.94
N ARG N 60 13.23 -31.15 -34.81
CA ARG N 60 13.78 -32.25 -33.96
C ARG N 60 12.78 -32.84 -32.97
N PHE N 61 11.76 -32.10 -32.56
CA PHE N 61 10.88 -32.61 -31.50
C PHE N 61 9.41 -32.71 -31.90
N GLY N 62 9.00 -32.07 -33.00
CA GLY N 62 7.64 -32.17 -33.51
C GLY N 62 6.59 -31.69 -32.51
N ASP N 63 5.64 -32.59 -32.18
CA ASP N 63 4.47 -32.33 -31.35
C ASP N 63 4.80 -31.79 -29.97
N LEU N 64 6.03 -32.05 -29.52
CA LEU N 64 6.38 -31.81 -28.13
C LEU N 64 6.59 -30.29 -27.94
N VAL N 65 6.92 -29.56 -29.01
CA VAL N 65 6.79 -28.11 -29.04
C VAL N 65 5.30 -27.80 -29.21
N VAL N 66 4.62 -27.48 -28.10
CA VAL N 66 3.18 -27.30 -28.14
C VAL N 66 2.83 -25.89 -28.63
N GLY N 67 3.77 -24.94 -28.56
CA GLY N 67 3.49 -23.60 -29.05
C GLY N 67 4.56 -22.60 -28.60
N HIS N 68 4.46 -21.42 -29.23
CA HIS N 68 5.40 -20.33 -29.02
C HIS N 68 4.56 -19.07 -28.81
N THR N 69 4.60 -18.49 -27.58
CA THR N 69 3.99 -17.21 -27.27
C THR N 69 5.04 -16.11 -27.23
N VAL N 70 4.87 -15.04 -28.03
CA VAL N 70 5.64 -13.82 -27.93
C VAL N 70 4.78 -12.77 -27.23
N ALA N 71 5.12 -12.38 -26.01
CA ALA N 71 4.25 -11.49 -25.25
C ALA N 71 4.84 -10.09 -25.20
N ASP N 72 4.01 -9.07 -25.41
CA ASP N 72 4.37 -7.69 -25.16
C ASP N 72 4.45 -7.48 -23.63
N ILE N 73 5.65 -7.30 -23.09
CA ILE N 73 5.82 -7.06 -21.67
C ILE N 73 6.37 -5.66 -21.46
N SER N 74 6.41 -4.86 -22.53
CA SER N 74 7.06 -3.57 -22.47
C SER N 74 6.49 -2.65 -21.37
N GLY N 75 5.22 -2.82 -20.99
CA GLY N 75 4.59 -1.97 -20.00
C GLY N 75 5.05 -2.26 -18.57
N ALA N 76 5.00 -3.53 -18.19
CA ALA N 76 5.53 -4.00 -16.92
C ALA N 76 7.03 -3.68 -16.81
N PHE N 77 7.76 -3.84 -17.91
CA PHE N 77 9.18 -3.58 -17.92
C PHE N 77 9.42 -2.10 -17.65
N ARG N 78 8.70 -1.25 -18.37
CA ARG N 78 8.82 0.21 -18.17
C ARG N 78 8.48 0.58 -16.71
N SER N 79 7.41 -0.01 -16.15
CA SER N 79 7.00 0.41 -14.81
C SER N 79 8.06 -0.01 -13.77
N ILE N 80 8.71 -1.17 -13.99
CA ILE N 80 9.55 -1.74 -12.97
C ILE N 80 10.95 -1.14 -13.07
N ALA N 81 11.42 -0.91 -14.29
CA ALA N 81 12.84 -0.77 -14.54
C ALA N 81 13.23 0.49 -15.26
N ILE N 82 12.30 1.17 -15.93
CA ILE N 82 12.67 2.37 -16.66
C ILE N 82 12.14 3.62 -15.93
N GLU N 83 10.96 3.55 -15.32
CA GLU N 83 10.27 4.78 -14.92
C GLU N 83 11.10 5.54 -13.89
N ALA N 84 11.69 4.81 -12.94
CA ALA N 84 12.54 5.37 -11.89
C ALA N 84 14.03 5.18 -12.15
N LEU N 85 14.46 5.26 -13.40
CA LEU N 85 15.81 4.89 -13.80
C LEU N 85 16.84 5.82 -13.16
N GLU N 86 16.54 7.11 -13.04
CA GLU N 86 17.42 8.04 -12.34
C GLU N 86 17.60 7.59 -10.90
N GLN N 87 16.52 7.50 -10.16
CA GLN N 87 16.55 7.14 -8.75
C GLN N 87 17.27 5.80 -8.59
N ASP N 88 16.96 4.83 -9.47
CA ASP N 88 17.51 3.49 -9.38
C ASP N 88 19.03 3.55 -9.48
N ILE N 89 19.55 4.30 -10.44
CA ILE N 89 20.97 4.27 -10.75
C ILE N 89 21.70 5.11 -9.71
N LEU N 90 21.16 6.28 -9.36
CA LEU N 90 21.76 7.10 -8.30
C LEU N 90 21.83 6.33 -6.97
N LYS N 91 20.84 5.48 -6.70
CA LYS N 91 20.86 4.77 -5.43
C LYS N 91 21.86 3.62 -5.49
N TYR N 92 21.69 2.68 -6.42
CA TYR N 92 22.54 1.46 -6.45
C TYR N 92 23.79 1.68 -7.26
N ARG N 93 23.86 2.79 -7.96
CA ARG N 93 25.08 3.12 -8.75
C ARG N 93 25.29 2.03 -9.84
N LYS N 94 24.23 1.33 -10.19
CA LYS N 94 24.33 0.22 -11.16
C LYS N 94 23.09 0.13 -12.06
N ASN N 95 23.26 0.14 -13.38
CA ASN N 95 22.20 -0.12 -14.33
C ASN N 95 21.76 -1.56 -14.17
N LEU N 96 20.64 -1.76 -13.46
CA LEU N 96 20.06 -3.07 -13.25
C LEU N 96 18.82 -3.31 -14.10
N VAL N 97 18.70 -2.55 -15.18
CA VAL N 97 17.51 -2.68 -16.04
C VAL N 97 17.18 -4.13 -16.43
N LEU N 98 18.17 -4.97 -16.71
CA LEU N 98 17.93 -6.34 -17.16
C LEU N 98 17.48 -7.22 -16.00
N LEU N 99 17.77 -6.82 -14.77
CA LEU N 99 17.24 -7.55 -13.63
C LEU N 99 15.76 -7.20 -13.46
N GLY N 100 15.44 -5.92 -13.63
CA GLY N 100 14.07 -5.50 -13.73
C GLY N 100 13.29 -6.25 -14.81
N GLU N 101 13.89 -6.36 -16.02
CA GLU N 101 13.23 -7.11 -17.09
C GLU N 101 12.83 -8.48 -16.58
N LYS N 102 13.70 -9.13 -15.82
CA LYS N 102 13.43 -10.51 -15.47
C LYS N 102 12.30 -10.56 -14.41
N LEU N 103 12.22 -9.54 -13.56
CA LEU N 103 11.09 -9.46 -12.64
C LEU N 103 9.79 -9.21 -13.42
N ALA N 104 9.81 -8.31 -14.43
CA ALA N 104 8.67 -8.11 -15.31
C ALA N 104 8.24 -9.41 -15.98
N ILE N 105 9.23 -10.22 -16.44
CA ILE N 105 8.93 -11.50 -17.06
C ILE N 105 8.15 -12.36 -16.09
N HIS N 106 8.61 -12.45 -14.85
CA HIS N 106 8.01 -13.35 -13.85
C HIS N 106 6.62 -12.88 -13.41
N ALA N 107 6.38 -11.54 -13.36
CA ALA N 107 5.06 -11.01 -13.08
C ALA N 107 4.09 -11.46 -14.16
N HIS N 108 4.47 -11.23 -15.43
CA HIS N 108 3.66 -11.71 -16.53
C HIS N 108 3.43 -13.22 -16.50
N LEU N 109 4.40 -14.01 -16.01
CA LEU N 109 4.26 -15.46 -16.09
C LEU N 109 3.29 -15.95 -15.04
N VAL N 110 3.15 -15.24 -13.90
CA VAL N 110 2.12 -15.62 -12.94
C VAL N 110 0.77 -15.53 -13.64
N ASP N 111 0.53 -14.41 -14.31
CA ASP N 111 -0.75 -14.22 -15.00
C ASP N 111 -0.93 -15.27 -16.10
N PHE N 112 0.12 -15.46 -16.91
CA PHE N 112 0.06 -16.41 -18.02
C PHE N 112 -0.20 -17.80 -17.49
N CYS N 113 0.55 -18.24 -16.48
CA CYS N 113 0.43 -19.64 -16.01
C CYS N 113 -0.95 -19.86 -15.36
N ARG N 114 -1.50 -18.84 -14.69
CA ARG N 114 -2.83 -18.97 -14.05
C ARG N 114 -3.93 -18.99 -15.13
N ARG N 115 -3.74 -18.24 -16.20
CA ARG N 115 -4.78 -18.18 -17.24
C ARG N 115 -4.63 -19.33 -18.28
N ASN N 116 -3.52 -20.09 -18.29
CA ASN N 116 -3.42 -21.19 -19.23
C ASN N 116 -3.10 -22.53 -18.55
N ASP N 117 -3.38 -22.67 -17.26
CA ASP N 117 -3.23 -23.96 -16.60
C ASP N 117 -1.82 -24.52 -16.73
N ILE N 118 -0.81 -23.70 -16.47
CA ILE N 118 0.58 -24.16 -16.40
C ILE N 118 1.03 -23.93 -14.96
N ASN N 119 1.69 -24.90 -14.35
CA ASN N 119 2.22 -24.61 -13.02
C ASN N 119 3.69 -24.99 -12.87
N THR N 120 4.39 -25.24 -14.00
CA THR N 120 5.84 -25.38 -13.96
C THR N 120 6.43 -24.50 -15.05
N ILE N 121 7.32 -23.57 -14.68
CA ILE N 121 8.05 -22.76 -15.64
C ILE N 121 9.54 -23.09 -15.52
N ASN N 122 10.30 -22.87 -16.60
CA ASN N 122 11.68 -23.28 -16.69
C ASN N 122 12.42 -22.20 -17.46
N ASP N 123 13.65 -21.89 -17.07
CA ASP N 123 14.48 -21.02 -17.92
C ASP N 123 15.79 -21.74 -18.21
N GLY N 124 16.71 -21.07 -18.90
CA GLY N 124 18.04 -21.57 -19.11
C GLY N 124 19.11 -20.77 -18.40
N ILE N 125 18.86 -20.43 -17.15
CA ILE N 125 19.93 -19.85 -16.33
C ILE N 125 21.04 -20.87 -16.20
N THR N 126 22.27 -20.45 -16.49
CA THR N 126 23.46 -21.28 -16.37
C THR N 126 24.46 -20.71 -15.37
N HIS N 127 25.10 -21.62 -14.63
CA HIS N 127 26.18 -21.31 -13.70
C HIS N 127 27.22 -20.38 -14.30
N TYR N 128 27.64 -20.64 -15.55
CA TYR N 128 28.74 -19.91 -16.19
C TYR N 128 28.35 -18.47 -16.52
N GLN N 129 27.09 -18.10 -16.36
CA GLN N 129 26.63 -16.73 -16.71
C GLN N 129 26.30 -15.97 -15.41
N MET N 130 26.94 -16.32 -14.29
CA MET N 130 26.60 -15.76 -12.96
C MET N 130 26.88 -14.26 -12.84
N GLU N 131 27.84 -13.73 -13.57
CA GLU N 131 28.11 -12.30 -13.53
C GLU N 131 26.89 -11.43 -13.88
N PHE N 132 25.87 -12.00 -14.50
CA PHE N 132 24.66 -11.26 -14.84
C PHE N 132 23.60 -11.46 -13.77
N PRO N 133 23.06 -10.35 -13.19
CA PRO N 133 22.08 -10.41 -12.08
C PRO N 133 20.97 -11.41 -12.28
N GLU N 134 20.41 -11.47 -13.49
CA GLU N 134 19.25 -12.34 -13.77
C GLU N 134 19.60 -13.82 -13.59
N GLN N 135 20.88 -14.16 -13.54
CA GLN N 135 21.28 -15.59 -13.50
C GLN N 135 21.94 -15.96 -12.16
N ARG N 136 22.14 -15.00 -11.26
CA ARG N 136 22.80 -15.31 -10.00
C ARG N 136 21.91 -16.12 -9.09
N LEU N 137 22.51 -16.97 -8.27
CA LEU N 137 21.78 -17.75 -7.28
C LEU N 137 20.85 -16.85 -6.45
N VAL N 138 21.31 -15.66 -6.10
CA VAL N 138 20.50 -14.84 -5.20
C VAL N 138 19.19 -14.42 -5.88
N ALA N 139 19.24 -14.07 -7.16
CA ALA N 139 18.07 -13.71 -7.96
C ALA N 139 17.19 -14.93 -8.17
N LYS N 140 17.81 -16.07 -8.47
CA LYS N 140 17.08 -17.29 -8.74
C LYS N 140 16.30 -17.67 -7.49
N THR N 141 16.98 -17.63 -6.32
CA THR N 141 16.34 -18.02 -5.07
C THR N 141 15.15 -17.09 -4.77
N PHE N 142 15.32 -15.79 -5.05
CA PHE N 142 14.26 -14.84 -4.81
C PHE N 142 13.06 -15.19 -5.70
N LEU N 143 13.33 -15.46 -7.00
CA LEU N 143 12.27 -15.67 -7.96
C LEU N 143 11.59 -17.01 -7.74
N MET N 144 12.27 -18.00 -7.16
CA MET N 144 11.62 -19.26 -6.84
C MET N 144 10.60 -19.03 -5.76
N GLU N 145 10.97 -18.18 -4.77
CA GLU N 145 10.11 -17.89 -3.65
C GLU N 145 8.88 -17.16 -4.22
N MET N 146 9.13 -16.14 -5.03
CA MET N 146 8.05 -15.38 -5.61
C MET N 146 7.11 -16.32 -6.36
N MET N 147 7.64 -17.25 -7.21
CA MET N 147 6.74 -18.07 -8.00
C MET N 147 6.00 -19.06 -7.11
N ALA N 148 6.65 -19.51 -6.03
CA ALA N 148 6.00 -20.46 -5.14
C ALA N 148 4.85 -19.81 -4.36
N GLN N 149 4.89 -18.48 -4.19
CA GLN N 149 3.80 -17.80 -3.49
C GLN N 149 2.50 -17.94 -4.29
N TYR N 150 2.61 -18.14 -5.63
CA TYR N 150 1.47 -18.37 -6.48
C TYR N 150 1.32 -19.83 -6.88
N ASP N 151 1.93 -20.73 -6.11
CA ASP N 151 1.85 -22.17 -6.36
C ASP N 151 2.35 -22.49 -7.76
N ILE N 152 3.39 -21.78 -8.22
CA ILE N 152 4.04 -22.08 -9.48
C ILE N 152 5.46 -22.59 -9.20
N ASN N 153 5.81 -23.69 -9.84
CA ASN N 153 7.13 -24.31 -9.70
C ASN N 153 8.07 -23.68 -10.74
N TYR N 154 9.16 -23.07 -10.28
CA TYR N 154 10.15 -22.43 -11.12
C TYR N 154 11.43 -23.26 -11.07
N GLN N 155 11.84 -23.81 -12.23
CA GLN N 155 12.99 -24.70 -12.34
C GLN N 155 13.97 -24.14 -13.35
N SER N 156 15.21 -24.55 -13.23
CA SER N 156 16.27 -24.16 -14.15
C SER N 156 17.03 -25.41 -14.56
N PRO N 157 16.49 -26.16 -15.56
CA PRO N 157 16.91 -27.54 -15.75
C PRO N 157 18.35 -27.72 -16.20
N VAL N 158 19.03 -26.66 -16.68
CA VAL N 158 20.41 -26.78 -17.16
C VAL N 158 21.38 -25.98 -16.27
N TYR N 159 20.93 -25.60 -15.05
CA TYR N 159 21.68 -24.68 -14.20
C TYR N 159 22.93 -25.35 -13.65
N GLU N 160 22.75 -26.52 -13.01
CA GLU N 160 23.84 -27.27 -12.42
C GLU N 160 24.82 -27.79 -13.47
N PHE N 161 24.33 -28.06 -14.70
CA PHE N 161 25.13 -28.86 -15.62
C PHE N 161 26.04 -27.90 -16.39
N ALA N 162 25.56 -26.71 -16.70
CA ALA N 162 26.30 -25.83 -17.60
C ALA N 162 27.38 -25.07 -16.84
N GLN N 163 28.57 -25.67 -16.73
CA GLN N 163 29.70 -25.03 -16.07
C GLN N 163 30.45 -24.14 -17.06
N SER N 164 30.17 -24.30 -18.36
CA SER N 164 30.79 -23.49 -19.39
C SER N 164 29.86 -23.41 -20.60
N ALA N 165 30.15 -22.49 -21.53
CA ALA N 165 29.35 -22.40 -22.74
C ALA N 165 29.52 -23.70 -23.56
N ASP N 166 30.72 -24.23 -23.60
CA ASP N 166 31.06 -25.40 -24.41
C ASP N 166 30.19 -26.58 -24.00
N ASP N 167 29.85 -26.70 -22.72
CA ASP N 167 29.05 -27.83 -22.30
C ASP N 167 27.69 -27.83 -23.02
N VAL N 168 27.05 -26.63 -23.05
CA VAL N 168 25.75 -26.48 -23.66
C VAL N 168 25.83 -26.72 -25.17
N LYS N 169 26.80 -26.07 -25.81
CA LYS N 169 27.02 -26.20 -27.22
C LYS N 169 27.06 -27.66 -27.68
N TYR N 170 27.81 -28.53 -27.01
CA TYR N 170 28.06 -29.91 -27.51
C TYR N 170 26.87 -30.82 -27.35
N ARG N 171 26.02 -30.51 -26.40
CA ARG N 171 24.82 -31.34 -26.18
C ARG N 171 23.79 -30.92 -27.24
N LEU N 172 23.93 -29.69 -27.71
CA LEU N 172 22.99 -29.16 -28.73
C LEU N 172 23.42 -29.75 -30.07
N LEU N 173 24.73 -29.86 -30.24
CA LEU N 173 25.25 -30.43 -31.46
C LEU N 173 24.82 -31.89 -31.55
N GLN N 174 24.80 -32.60 -30.43
CA GLN N 174 24.42 -34.01 -30.44
C GLN N 174 22.93 -34.15 -30.77
N LEU N 175 22.15 -33.05 -30.67
CA LEU N 175 20.75 -33.10 -31.01
C LEU N 175 20.51 -32.69 -32.47
N GLY N 176 21.58 -32.25 -33.15
CA GLY N 176 21.45 -31.80 -34.50
C GLY N 176 20.90 -30.39 -34.58
N ILE N 177 21.04 -29.63 -33.46
CA ILE N 177 20.70 -28.24 -33.38
C ILE N 177 22.00 -27.43 -33.36
N SER N 178 22.00 -26.29 -34.03
CA SER N 178 23.15 -25.38 -34.02
C SER N 178 23.44 -24.83 -32.61
N THR N 179 24.63 -24.29 -32.44
CA THR N 179 25.35 -24.13 -31.18
C THR N 179 25.35 -22.66 -30.89
N LYS N 180 24.90 -21.93 -31.89
CA LYS N 180 24.93 -20.47 -31.91
C LYS N 180 23.71 -19.92 -31.15
N SER N 181 23.86 -18.75 -30.53
CA SER N 181 22.75 -18.07 -29.85
C SER N 181 22.01 -17.25 -30.89
N LEU N 182 20.85 -17.76 -31.31
CA LEU N 182 20.10 -17.10 -32.37
C LEU N 182 18.96 -16.32 -31.76
N GLU N 183 19.32 -15.27 -31.04
CA GLU N 183 18.42 -14.48 -30.23
C GLU N 183 18.64 -13.02 -30.63
N GLY N 184 17.70 -12.16 -30.28
CA GLY N 184 17.89 -10.73 -30.44
C GLY N 184 18.87 -10.22 -29.39
N ILE N 185 19.37 -9.01 -29.60
CA ILE N 185 20.14 -8.34 -28.55
C ILE N 185 19.27 -7.27 -27.89
N SER N 186 19.30 -7.20 -26.57
CA SER N 186 18.85 -6.03 -25.84
C SER N 186 19.73 -4.84 -26.20
N ILE N 187 19.09 -3.67 -26.33
CA ILE N 187 19.83 -2.42 -26.51
C ILE N 187 20.66 -2.15 -25.26
N PHE N 188 20.32 -2.80 -24.14
CA PHE N 188 21.04 -2.63 -22.90
C PHE N 188 22.22 -3.61 -22.73
N ALA N 189 22.49 -4.45 -23.74
CA ALA N 189 23.66 -5.29 -23.72
C ALA N 189 24.93 -4.45 -23.57
N ASP N 190 25.76 -4.88 -22.62
CA ASP N 190 27.05 -4.24 -22.36
C ASP N 190 26.84 -2.76 -21.99
N SER N 191 25.80 -2.48 -21.19
CA SER N 191 25.51 -1.11 -20.77
C SER N 191 25.61 -0.96 -19.24
N PHE N 192 26.16 -1.97 -18.58
CA PHE N 192 26.21 -2.01 -17.13
C PHE N 192 27.60 -2.50 -16.71
N SER N 193 27.98 -2.14 -15.47
CA SER N 193 29.08 -2.77 -14.76
C SER N 193 28.52 -3.81 -13.81
N THR N 194 29.38 -4.63 -13.22
CA THR N 194 28.95 -5.77 -12.40
C THR N 194 28.44 -5.30 -11.04
N PRO N 195 27.22 -5.71 -10.64
CA PRO N 195 26.71 -5.37 -9.32
C PRO N 195 26.97 -6.44 -8.29
N SER N 196 26.99 -6.04 -7.02
CA SER N 196 27.10 -7.01 -5.92
C SER N 196 25.77 -7.71 -5.72
N ASP N 197 25.84 -8.87 -5.07
CA ASP N 197 24.68 -9.60 -4.58
C ASP N 197 23.83 -8.72 -3.68
N ASP N 198 24.41 -7.90 -2.80
CA ASP N 198 23.62 -7.12 -1.88
C ASP N 198 22.68 -6.23 -2.67
N VAL N 199 23.23 -5.64 -3.74
CA VAL N 199 22.54 -4.69 -4.59
C VAL N 199 21.47 -5.40 -5.42
N VAL N 200 21.75 -6.61 -5.89
CA VAL N 200 20.82 -7.37 -6.68
C VAL N 200 19.60 -7.68 -5.83
N LEU N 201 19.84 -8.15 -4.60
CA LEU N 201 18.74 -8.57 -3.73
C LEU N 201 17.90 -7.35 -3.29
N ALA N 202 18.55 -6.19 -3.11
CA ALA N 202 17.87 -5.04 -2.59
C ALA N 202 16.99 -4.45 -3.69
N TYR N 203 17.44 -4.46 -4.95
CA TYR N 203 16.67 -3.99 -6.10
C TYR N 203 15.43 -4.85 -6.28
N LEU N 204 15.57 -6.14 -6.20
CA LEU N 204 14.41 -7.02 -6.40
C LEU N 204 13.38 -6.81 -5.30
N ARG N 205 13.84 -6.54 -4.08
CA ARG N 205 12.94 -6.34 -2.91
C ARG N 205 12.29 -4.97 -3.03
N GLU N 206 13.02 -3.99 -3.55
CA GLU N 206 12.42 -2.64 -3.77
C GLU N 206 11.35 -2.72 -4.86
N LYS N 207 11.58 -3.51 -5.91
CA LYS N 207 10.67 -3.53 -7.03
C LYS N 207 9.56 -4.57 -6.84
N ALA N 208 9.72 -5.49 -5.90
CA ALA N 208 8.76 -6.58 -5.79
C ALA N 208 7.35 -6.03 -5.59
N PRO N 209 7.06 -5.09 -4.66
CA PRO N 209 5.69 -4.62 -4.50
C PRO N 209 5.03 -4.17 -5.81
N LEU N 210 5.77 -3.44 -6.63
CA LEU N 210 5.31 -3.09 -7.96
C LEU N 210 5.03 -4.33 -8.83
N ALA N 211 5.87 -5.34 -8.73
CA ALA N 211 5.70 -6.56 -9.52
C ALA N 211 4.40 -7.24 -9.10
N HIS N 212 4.18 -7.36 -7.81
CA HIS N 212 3.02 -8.06 -7.30
C HIS N 212 1.75 -7.28 -7.62
N ASN N 213 1.88 -5.95 -7.72
CA ASN N 213 0.77 -5.09 -8.02
C ASN N 213 0.33 -5.33 -9.46
N ILE N 214 1.33 -5.41 -10.35
CA ILE N 214 1.12 -5.70 -11.77
C ILE N 214 0.45 -7.07 -11.94
N VAL N 215 0.83 -8.03 -11.10
CA VAL N 215 0.16 -9.32 -11.10
C VAL N 215 -1.32 -9.15 -10.79
N ASN N 216 -1.60 -8.38 -9.74
CA ASN N 216 -2.95 -8.18 -9.27
C ASN N 216 -3.79 -7.52 -10.34
N PHE N 217 -3.22 -6.52 -11.01
CA PHE N 217 -3.93 -5.83 -12.07
C PHE N 217 -4.24 -6.78 -13.22
N LEU N 218 -3.21 -7.51 -13.71
CA LEU N 218 -3.38 -8.42 -14.84
C LEU N 218 -4.42 -9.47 -14.51
N ALA N 219 -4.69 -9.77 -13.26
CA ALA N 219 -5.63 -10.85 -12.90
C ALA N 219 -7.08 -10.37 -12.73
N GLY N 220 -7.33 -9.07 -12.84
CA GLY N 220 -8.67 -8.52 -12.56
C GLY N 220 -9.00 -8.52 -11.09
N GLU N 221 -7.98 -8.49 -10.23
CA GLU N 221 -8.19 -8.58 -8.78
C GLU N 221 -7.60 -7.32 -8.14
N THR N 222 -7.36 -6.30 -8.95
CA THR N 222 -6.70 -5.08 -8.47
C THR N 222 -7.64 -4.31 -7.60
#